data_8WON
#
_entry.id   8WON
#
_cell.length_a   1.00
_cell.length_b   1.00
_cell.length_c   1.00
_cell.angle_alpha   90.00
_cell.angle_beta   90.00
_cell.angle_gamma   90.00
#
_symmetry.space_group_name_H-M   'P 1'
#
_entity_poly.entity_id   1
_entity_poly.type   'polypeptide(L)'
_entity_poly.pdbx_seq_one_letter_code
;ANATKTVPQLSTITPRFLLHLLSWVPVEAGIYRVNRVVNPDRVAIHSEAGAGTEEPLPETYVDYETHPREYTLRSISTLL
DVHTRVSDLYSSPHDQVTQQLRLTIETIKERQEYELVNNPEYGLLAQATPEQTIQTLAGAPTPDDLDALITKVWKTPAFF
LTHPLGVAAFGRECTYRGVPPPTVSMYGAQFITWRGIPIVPSDKVPVEDGTTKFVLVRTGEERQGVVGLFQPGLVGEQAP
GLSVRFTGINRSAIASYLVTLYTSLAVLTDDALAVLDGVAVDQFHEYQ
;
_entity_poly.pdbx_strand_id   A,B,C,D,E,F,G,H,I,J
#
# COMPACT_ATOMS: atom_id res chain seq x y z
N ALA A 1 10.82 47.48 -19.08
CA ALA A 1 10.79 46.48 -20.13
C ALA A 1 9.51 45.66 -20.08
N ASN A 2 9.68 44.33 -20.04
CA ASN A 2 8.53 43.44 -19.97
C ASN A 2 7.92 43.47 -18.58
N ALA A 3 6.62 43.23 -18.52
CA ALA A 3 5.89 43.04 -17.27
C ALA A 3 5.18 41.70 -17.31
N THR A 4 5.29 40.94 -16.22
CA THR A 4 4.54 39.69 -16.12
C THR A 4 3.07 40.02 -15.91
N LYS A 5 2.22 39.45 -16.76
CA LYS A 5 0.80 39.75 -16.77
C LYS A 5 0.00 38.57 -16.23
N THR A 6 -1.30 38.80 -16.07
CA THR A 6 -2.25 37.77 -15.71
C THR A 6 -3.35 37.70 -16.74
N VAL A 7 -4.02 36.54 -16.81
CA VAL A 7 -5.27 36.44 -17.54
C VAL A 7 -6.28 37.27 -16.77
N PRO A 8 -7.33 37.81 -17.40
CA PRO A 8 -8.26 38.68 -16.68
C PRO A 8 -8.91 37.96 -15.51
N GLN A 9 -9.19 38.72 -14.46
CA GLN A 9 -9.77 38.19 -13.23
C GLN A 9 -11.23 38.62 -13.13
N LEU A 10 -12.11 37.65 -12.94
CA LEU A 10 -13.54 37.87 -12.81
C LEU A 10 -13.95 37.59 -11.37
N SER A 11 -14.57 38.57 -10.73
CA SER A 11 -14.93 38.43 -9.32
C SER A 11 -16.18 37.58 -9.11
N THR A 12 -16.95 37.33 -10.15
CA THR A 12 -18.18 36.56 -10.04
C THR A 12 -17.98 35.07 -10.27
N ILE A 13 -16.74 34.62 -10.45
CA ILE A 13 -16.48 33.19 -10.59
C ILE A 13 -16.61 32.54 -9.21
N THR A 14 -17.56 31.64 -9.08
CA THR A 14 -17.79 30.88 -7.87
C THR A 14 -17.37 29.44 -8.07
N PRO A 15 -17.08 28.70 -6.99
CA PRO A 15 -16.66 27.30 -7.14
C PRO A 15 -17.68 26.42 -7.83
N ARG A 16 -18.97 26.76 -7.77
CA ARG A 16 -20.04 26.03 -8.45
C ARG A 16 -20.03 24.55 -8.05
N PHE A 17 -20.17 24.33 -6.75
CA PHE A 17 -20.17 22.96 -6.23
C PHE A 17 -21.37 22.17 -6.69
N LEU A 18 -22.50 22.85 -6.94
CA LEU A 18 -23.73 22.17 -7.35
C LEU A 18 -23.57 21.50 -8.71
N LEU A 19 -22.79 22.09 -9.61
CA LEU A 19 -22.56 21.48 -10.91
C LEU A 19 -21.72 20.21 -10.81
N HIS A 20 -21.02 20.01 -9.70
CA HIS A 20 -20.25 18.80 -9.47
C HIS A 20 -20.95 17.80 -8.58
N LEU A 21 -21.85 18.27 -7.72
CA LEU A 21 -22.61 17.40 -6.84
C LEU A 21 -23.74 16.68 -7.54
N LEU A 22 -24.27 17.27 -8.61
CA LEU A 22 -25.36 16.68 -9.35
C LEU A 22 -24.86 15.58 -10.28
N SER A 23 -25.77 14.69 -10.65
CA SER A 23 -25.52 13.67 -11.66
C SER A 23 -26.12 14.13 -12.97
N TRP A 24 -25.38 13.98 -14.06
CA TRP A 24 -25.75 14.54 -15.36
C TRP A 24 -26.08 13.43 -16.34
N VAL A 25 -27.27 13.49 -16.90
CA VAL A 25 -27.78 12.49 -17.85
C VAL A 25 -27.83 13.14 -19.23
N PRO A 26 -27.28 12.49 -20.26
CA PRO A 26 -27.40 13.04 -21.61
C PRO A 26 -28.76 12.77 -22.23
N VAL A 27 -29.28 13.77 -22.91
CA VAL A 27 -30.57 13.69 -23.60
C VAL A 27 -30.29 13.90 -25.08
N GLU A 28 -30.49 12.86 -25.89
CA GLU A 28 -30.04 12.90 -27.27
C GLU A 28 -30.99 13.65 -28.20
N ALA A 29 -32.17 14.06 -27.73
CA ALA A 29 -33.04 14.85 -28.58
C ALA A 29 -33.74 15.97 -27.82
N GLY A 30 -33.27 16.32 -26.62
CA GLY A 30 -33.80 17.43 -25.87
C GLY A 30 -35.06 17.15 -25.10
N ILE A 31 -35.55 15.91 -25.09
CA ILE A 31 -36.77 15.53 -24.39
C ILE A 31 -36.44 14.40 -23.44
N TYR A 32 -36.88 14.54 -22.18
CA TYR A 32 -36.70 13.53 -21.16
C TYR A 32 -38.06 13.19 -20.58
N ARG A 33 -38.39 11.91 -20.52
CA ARG A 33 -39.65 11.45 -19.98
C ARG A 33 -39.39 10.65 -18.71
N VAL A 34 -40.11 10.98 -17.66
CA VAL A 34 -40.04 10.27 -16.38
C VAL A 34 -41.38 9.59 -16.15
N ASN A 35 -41.30 8.25 -16.07
CA ASN A 35 -42.46 7.43 -15.88
C ASN A 35 -42.57 6.98 -14.49
N ARG A 36 -43.56 7.45 -13.84
CA ARG A 36 -43.70 7.19 -12.50
C ARG A 36 -44.93 6.40 -12.19
N VAL A 37 -44.88 5.35 -11.37
CA VAL A 37 -46.00 4.51 -11.08
C VAL A 37 -47.02 5.21 -10.27
N VAL A 38 -48.21 5.37 -10.79
CA VAL A 38 -49.30 6.13 -10.20
C VAL A 38 -49.91 5.64 -8.96
N ASN A 39 -50.09 4.35 -8.83
CA ASN A 39 -50.57 3.87 -7.59
C ASN A 39 -49.43 3.08 -7.16
N PRO A 40 -48.84 3.48 -6.07
CA PRO A 40 -47.64 2.72 -5.79
C PRO A 40 -47.82 1.56 -4.85
N TYR A 64 -49.01 -2.25 -13.16
CA TYR A 64 -48.56 -0.92 -12.76
C TYR A 64 -48.78 0.11 -13.86
N GLU A 65 -49.73 1.02 -13.65
CA GLU A 65 -49.96 2.11 -14.58
C GLU A 65 -49.02 3.28 -14.25
N THR A 66 -48.66 4.03 -15.29
CA THR A 66 -47.67 5.08 -15.14
C THR A 66 -48.19 6.38 -15.75
N HIS A 67 -47.80 7.51 -15.16
CA HIS A 67 -48.10 8.83 -15.69
C HIS A 67 -46.79 9.52 -16.05
N PRO A 68 -46.59 9.94 -17.30
CA PRO A 68 -45.31 10.54 -17.68
C PRO A 68 -45.23 12.04 -17.41
N ARG A 69 -44.05 12.47 -16.99
CA ARG A 69 -43.69 13.87 -16.85
C ARG A 69 -42.56 14.18 -17.80
N GLU A 70 -42.69 15.22 -18.60
CA GLU A 70 -41.76 15.54 -19.67
C GLU A 70 -40.88 16.72 -19.29
N TYR A 71 -39.58 16.58 -19.58
CA TYR A 71 -38.59 17.63 -19.37
C TYR A 71 -37.94 17.95 -20.71
N THR A 72 -38.14 19.17 -21.20
CA THR A 72 -37.49 19.63 -22.42
C THR A 72 -36.42 20.65 -22.07
N LEU A 73 -35.23 20.46 -22.63
CA LEU A 73 -34.09 21.30 -22.30
C LEU A 73 -34.30 22.73 -22.77
N ARG A 74 -33.91 23.68 -21.94
CA ARG A 74 -34.04 25.10 -22.23
C ARG A 74 -32.66 25.70 -22.46
N SER A 75 -32.62 26.76 -23.26
CA SER A 75 -31.36 27.34 -23.72
C SER A 75 -30.88 28.46 -22.80
N ILE A 76 -29.63 28.36 -22.37
CA ILE A 76 -28.89 29.47 -21.79
C ILE A 76 -27.88 29.91 -22.84
N SER A 77 -28.01 31.15 -23.31
CA SER A 77 -27.28 31.60 -24.48
C SER A 77 -26.74 32.99 -24.29
N THR A 78 -25.66 33.30 -25.01
CA THR A 78 -25.10 34.65 -25.04
C THR A 78 -24.35 34.84 -26.35
N LEU A 79 -24.46 36.03 -26.92
CA LEU A 79 -23.76 36.38 -28.15
C LEU A 79 -22.54 37.22 -27.80
N LEU A 80 -21.37 36.76 -28.23
CA LEU A 80 -20.10 37.42 -27.94
C LEU A 80 -19.57 38.05 -29.21
N ASP A 81 -19.34 39.36 -29.18
CA ASP A 81 -18.81 40.10 -30.32
C ASP A 81 -17.36 40.48 -30.00
N VAL A 82 -16.42 39.89 -30.72
CA VAL A 82 -15.01 40.22 -30.59
C VAL A 82 -14.66 41.26 -31.64
N HIS A 83 -13.98 42.32 -31.22
CA HIS A 83 -13.71 43.46 -32.07
C HIS A 83 -12.28 43.41 -32.60
N THR A 84 -12.07 44.14 -33.69
CA THR A 84 -10.72 44.43 -34.18
C THR A 84 -10.21 45.73 -33.56
N ARG A 85 -10.31 45.79 -32.24
CA ARG A 85 -9.99 46.98 -31.47
C ARG A 85 -8.66 46.78 -30.76
N VAL A 86 -8.26 47.77 -29.96
CA VAL A 86 -6.91 47.81 -29.41
C VAL A 86 -6.77 46.84 -28.23
N SER A 87 -7.50 47.10 -27.13
CA SER A 87 -7.47 46.24 -25.94
C SER A 87 -6.03 45.97 -25.48
N ASP A 88 -5.40 47.01 -24.94
CA ASP A 88 -3.97 46.94 -24.64
C ASP A 88 -3.70 46.11 -23.39
N LEU A 89 -4.17 44.86 -23.39
CA LEU A 89 -3.80 43.91 -22.35
C LEU A 89 -3.62 42.51 -22.92
N TYR A 90 -3.63 42.36 -24.24
CA TYR A 90 -3.73 41.06 -24.88
C TYR A 90 -2.60 40.72 -25.83
N SER A 91 -2.02 41.72 -26.50
CA SER A 91 -0.83 41.55 -27.33
C SER A 91 -1.09 40.77 -28.61
N SER A 92 -2.30 40.24 -28.80
CA SER A 92 -2.64 39.56 -30.04
C SER A 92 -4.15 39.46 -30.13
N PRO A 93 -4.71 39.53 -31.34
CA PRO A 93 -6.13 39.19 -31.50
C PRO A 93 -6.46 37.77 -31.07
N HIS A 94 -5.50 36.86 -31.16
CA HIS A 94 -5.75 35.48 -30.74
C HIS A 94 -5.90 35.37 -29.23
N ASP A 95 -5.09 36.11 -28.47
CA ASP A 95 -5.22 36.07 -27.02
C ASP A 95 -6.47 36.77 -26.54
N GLN A 96 -6.90 37.82 -27.25
CA GLN A 96 -8.13 38.50 -26.89
C GLN A 96 -9.33 37.57 -27.03
N VAL A 97 -9.42 36.86 -28.16
CA VAL A 97 -10.54 35.94 -28.38
C VAL A 97 -10.50 34.80 -27.38
N THR A 98 -9.31 34.26 -27.10
CA THR A 98 -9.20 33.16 -26.15
C THR A 98 -9.71 33.56 -24.76
N GLN A 99 -9.26 34.72 -24.27
CA GLN A 99 -9.66 35.15 -22.94
C GLN A 99 -11.14 35.51 -22.89
N GLN A 100 -11.65 36.18 -23.93
CA GLN A 100 -13.05 36.54 -23.92
C GLN A 100 -13.97 35.34 -24.04
N LEU A 101 -13.57 34.32 -24.81
CA LEU A 101 -14.32 33.06 -24.82
C LEU A 101 -14.30 32.39 -23.45
N ARG A 102 -13.14 32.39 -22.78
CA ARG A 102 -13.06 31.78 -21.46
C ARG A 102 -13.98 32.47 -20.47
N LEU A 103 -13.98 33.81 -20.46
CA LEU A 103 -14.83 34.55 -19.55
C LEU A 103 -16.31 34.34 -19.88
N THR A 104 -16.65 34.29 -21.18
CA THR A 104 -18.02 34.04 -21.57
C THR A 104 -18.50 32.67 -21.11
N ILE A 105 -17.63 31.67 -21.19
CA ILE A 105 -18.01 30.34 -20.75
C ILE A 105 -18.18 30.28 -19.24
N GLU A 106 -17.31 30.97 -18.49
CA GLU A 106 -17.49 31.00 -17.04
C GLU A 106 -18.82 31.66 -16.67
N THR A 107 -19.16 32.77 -17.34
CA THR A 107 -20.44 33.42 -17.07
C THR A 107 -21.61 32.52 -17.43
N ILE A 108 -21.51 31.78 -18.52
CA ILE A 108 -22.61 30.89 -18.92
C ILE A 108 -22.80 29.79 -17.88
N LYS A 109 -21.71 29.29 -17.29
CA LYS A 109 -21.84 28.23 -16.30
C LYS A 109 -22.38 28.77 -14.97
N GLU A 110 -22.02 30.00 -14.61
CA GLU A 110 -22.63 30.62 -13.44
C GLU A 110 -24.14 30.79 -13.64
N ARG A 111 -24.54 31.20 -14.84
CA ARG A 111 -25.96 31.32 -15.14
C ARG A 111 -26.66 29.97 -15.09
N GLN A 112 -25.96 28.92 -15.54
CA GLN A 112 -26.54 27.58 -15.47
C GLN A 112 -26.78 27.15 -14.02
N GLU A 113 -25.84 27.42 -13.14
CA GLU A 113 -26.04 27.09 -11.73
C GLU A 113 -27.22 27.87 -11.14
N TYR A 114 -27.28 29.18 -11.44
CA TYR A 114 -28.39 29.98 -10.96
C TYR A 114 -29.73 29.41 -11.44
N GLU A 115 -29.81 29.04 -12.72
CA GLU A 115 -31.05 28.51 -13.27
C GLU A 115 -31.40 27.17 -12.64
N LEU A 116 -30.40 26.32 -12.39
CA LEU A 116 -30.67 25.04 -11.75
C LEU A 116 -31.28 25.22 -10.36
N VAL A 117 -30.88 26.28 -9.65
CA VAL A 117 -31.51 26.52 -8.36
C VAL A 117 -32.84 27.25 -8.52
N ASN A 118 -32.92 28.21 -9.44
CA ASN A 118 -33.94 29.25 -9.38
C ASN A 118 -34.95 29.27 -10.52
N ASN A 119 -34.87 28.36 -11.48
CA ASN A 119 -35.77 28.43 -12.61
C ASN A 119 -37.21 28.16 -12.17
N PRO A 120 -38.18 28.93 -12.68
CA PRO A 120 -39.58 28.71 -12.28
C PRO A 120 -40.16 27.40 -12.78
N GLU A 121 -39.53 26.76 -13.76
CA GLU A 121 -40.04 25.51 -14.32
C GLU A 121 -39.30 24.28 -13.82
N TYR A 122 -37.98 24.26 -13.90
CA TYR A 122 -37.21 23.09 -13.49
C TYR A 122 -36.24 23.36 -12.35
N GLY A 123 -36.38 24.47 -11.64
CA GLY A 123 -35.52 24.72 -10.51
C GLY A 123 -35.84 23.83 -9.32
N LEU A 124 -34.83 23.65 -8.46
CA LEU A 124 -35.03 22.84 -7.26
C LEU A 124 -36.08 23.44 -6.35
N LEU A 125 -36.09 24.76 -6.21
CA LEU A 125 -37.05 25.41 -5.32
C LEU A 125 -38.47 25.32 -5.86
N ALA A 126 -38.62 25.23 -7.18
CA ALA A 126 -39.94 25.16 -7.79
C ALA A 126 -40.49 23.76 -7.86
N GLN A 127 -39.63 22.75 -8.00
CA GLN A 127 -40.06 21.38 -8.19
C GLN A 127 -40.35 20.66 -6.87
N ALA A 128 -40.14 21.31 -5.74
CA ALA A 128 -40.50 20.72 -4.46
C ALA A 128 -41.99 20.87 -4.19
N THR A 129 -42.58 19.83 -3.62
CA THR A 129 -44.00 19.73 -3.36
C THR A 129 -44.35 20.27 -1.99
N PRO A 130 -45.60 20.70 -1.78
CA PRO A 130 -45.99 21.20 -0.45
C PRO A 130 -45.83 20.18 0.66
N GLU A 131 -45.98 18.89 0.37
CA GLU A 131 -45.79 17.87 1.38
C GLU A 131 -44.33 17.67 1.75
N GLN A 132 -43.41 18.09 0.88
CA GLN A 132 -41.98 17.98 1.13
C GLN A 132 -41.36 19.26 1.65
N THR A 133 -42.16 20.27 1.96
CA THR A 133 -41.67 21.58 2.39
C THR A 133 -42.11 21.82 3.82
N ILE A 134 -41.15 22.17 4.68
CA ILE A 134 -41.39 22.41 6.09
C ILE A 134 -40.84 23.77 6.47
N GLN A 135 -41.25 24.27 7.64
CA GLN A 135 -40.85 25.57 8.14
C GLN A 135 -40.02 25.41 9.40
N THR A 136 -39.21 26.42 9.69
CA THR A 136 -38.42 26.42 10.92
C THR A 136 -39.34 26.54 12.13
N LEU A 137 -38.93 25.88 13.23
CA LEU A 137 -39.72 25.91 14.45
C LEU A 137 -39.75 27.32 15.05
N ALA A 138 -38.61 28.01 15.06
CA ALA A 138 -38.55 29.33 15.67
C ALA A 138 -37.70 30.32 14.86
N GLY A 139 -37.67 30.18 13.54
CA GLY A 139 -36.94 31.11 12.70
C GLY A 139 -35.52 30.71 12.35
N ALA A 140 -34.65 30.63 13.33
CA ALA A 140 -33.27 30.31 13.05
C ALA A 140 -33.10 28.82 12.74
N PRO A 141 -32.16 28.46 11.87
CA PRO A 141 -31.96 27.04 11.52
C PRO A 141 -31.24 26.29 12.64
N THR A 142 -31.97 25.46 13.34
CA THR A 142 -31.45 24.67 14.44
C THR A 142 -31.24 23.24 14.02
N PRO A 143 -30.51 22.45 14.82
CA PRO A 143 -30.39 21.02 14.53
C PRO A 143 -31.70 20.26 14.43
N ASP A 144 -32.74 20.67 15.16
CA ASP A 144 -34.04 20.01 15.03
C ASP A 144 -34.63 20.17 13.64
N ASP A 145 -34.51 21.36 13.06
CA ASP A 145 -35.04 21.60 11.71
C ASP A 145 -34.31 20.76 10.68
N LEU A 146 -32.98 20.65 10.79
CA LEU A 146 -32.24 19.81 9.87
C LEU A 146 -32.57 18.34 10.07
N ASP A 147 -32.85 17.94 11.31
CA ASP A 147 -33.31 16.57 11.57
C ASP A 147 -34.65 16.28 10.89
N ALA A 148 -35.58 17.23 10.96
CA ALA A 148 -36.86 17.08 10.27
C ALA A 148 -36.66 16.98 8.76
N LEU A 149 -35.80 17.83 8.22
CA LEU A 149 -35.48 17.73 6.81
C LEU A 149 -34.96 16.36 6.45
N ILE A 150 -34.11 15.78 7.32
CA ILE A 150 -33.59 14.44 7.06
C ILE A 150 -34.71 13.41 7.11
N THR A 151 -35.68 13.59 8.01
CA THR A 151 -36.82 12.68 8.01
C THR A 151 -37.57 12.71 6.70
N LYS A 152 -37.62 13.87 6.03
CA LYS A 152 -38.34 13.93 4.76
C LYS A 152 -37.56 13.27 3.61
N VAL A 153 -36.23 13.24 3.68
CA VAL A 153 -35.40 12.64 2.63
C VAL A 153 -34.53 11.52 3.21
N TRP A 154 -35.08 10.75 4.14
CA TRP A 154 -34.28 9.77 4.88
C TRP A 154 -33.62 8.71 3.99
N LYS A 155 -34.12 8.47 2.78
CA LYS A 155 -33.47 7.52 1.89
C LYS A 155 -32.29 8.21 1.21
N THR A 156 -31.12 8.07 1.81
CA THR A 156 -29.82 8.49 1.29
C THR A 156 -29.86 9.94 0.84
N PRO A 157 -29.85 10.90 1.78
CA PRO A 157 -29.63 12.29 1.38
C PRO A 157 -28.17 12.51 1.01
N ALA A 158 -27.96 13.35 0.00
CA ALA A 158 -26.62 13.57 -0.55
C ALA A 158 -25.96 14.84 -0.01
N PHE A 159 -26.66 15.97 -0.04
CA PHE A 159 -26.07 17.20 0.46
C PHE A 159 -27.16 18.18 0.85
N PHE A 160 -26.79 19.13 1.71
CA PHE A 160 -27.59 20.31 1.99
C PHE A 160 -27.11 21.45 1.09
N LEU A 161 -28.04 22.27 0.64
CA LEU A 161 -27.71 23.42 -0.20
C LEU A 161 -28.31 24.67 0.42
N THR A 162 -27.48 25.68 0.64
CA THR A 162 -27.94 26.92 1.24
C THR A 162 -26.92 28.02 0.92
N HIS A 163 -27.29 29.24 1.26
CA HIS A 163 -26.44 30.41 1.17
C HIS A 163 -25.38 30.38 2.26
N PRO A 164 -24.21 30.97 2.02
CA PRO A 164 -23.18 31.01 3.09
C PRO A 164 -23.65 31.68 4.37
N LEU A 165 -24.54 32.67 4.28
CA LEU A 165 -25.14 33.25 5.48
C LEU A 165 -25.91 32.21 6.27
N GLY A 166 -26.62 31.32 5.57
CA GLY A 166 -27.33 30.24 6.24
C GLY A 166 -26.39 29.26 6.91
N VAL A 167 -25.23 29.00 6.29
CA VAL A 167 -24.22 28.15 6.92
C VAL A 167 -23.74 28.78 8.22
N ALA A 168 -23.48 30.09 8.20
CA ALA A 168 -23.07 30.77 9.42
C ALA A 168 -24.15 30.72 10.49
N ALA A 169 -25.41 30.92 10.11
CA ALA A 169 -26.49 30.89 11.09
C ALA A 169 -26.65 29.50 11.71
N PHE A 170 -26.55 28.45 10.90
CA PHE A 170 -26.59 27.10 11.44
C PHE A 170 -25.42 26.85 12.38
N GLY A 171 -24.22 27.30 12.00
CA GLY A 171 -23.07 27.13 12.88
C GLY A 171 -23.25 27.83 14.21
N ARG A 172 -23.82 29.03 14.19
CA ARG A 172 -24.09 29.74 15.44
C ARG A 172 -25.06 28.96 16.32
N GLU A 173 -26.14 28.46 15.73
CA GLU A 173 -27.13 27.73 16.51
C GLU A 173 -26.54 26.44 17.06
N CYS A 174 -25.66 25.79 16.30
CA CYS A 174 -24.99 24.59 16.79
C CYS A 174 -24.03 24.91 17.94
N THR A 175 -23.32 26.04 17.86
CA THR A 175 -22.40 26.42 18.93
C THR A 175 -23.15 26.75 20.21
N TYR A 176 -24.30 27.42 20.10
CA TYR A 176 -25.07 27.73 21.31
C TYR A 176 -25.54 26.47 22.02
N ARG A 177 -25.83 25.41 21.25
CA ARG A 177 -26.28 24.15 21.83
C ARG A 177 -25.14 23.28 22.30
N GLY A 178 -23.90 23.72 22.13
CA GLY A 178 -22.76 22.94 22.58
C GLY A 178 -22.40 21.79 21.70
N VAL A 179 -22.81 21.80 20.43
CA VAL A 179 -22.56 20.70 19.51
C VAL A 179 -21.68 21.17 18.36
N PRO A 180 -20.43 20.74 18.29
CA PRO A 180 -19.60 21.07 17.13
C PRO A 180 -19.76 20.05 16.01
N PRO A 181 -20.23 20.46 14.85
CA PRO A 181 -20.33 19.53 13.71
C PRO A 181 -19.00 19.33 13.03
N PRO A 182 -18.70 18.10 12.60
CA PRO A 182 -17.43 17.86 11.89
C PRO A 182 -17.46 18.43 10.50
N THR A 183 -16.31 18.37 9.83
CA THR A 183 -16.20 18.83 8.45
C THR A 183 -15.64 17.71 7.58
N VAL A 184 -15.88 17.84 6.28
CA VAL A 184 -15.40 16.88 5.30
C VAL A 184 -14.66 17.66 4.21
N SER A 185 -13.74 16.99 3.53
CA SER A 185 -12.96 17.59 2.46
C SER A 185 -13.48 17.10 1.12
N MET A 186 -13.77 18.03 0.21
CA MET A 186 -14.37 17.68 -1.07
C MET A 186 -14.23 18.85 -2.03
N TYR A 187 -13.69 18.57 -3.23
CA TYR A 187 -13.47 19.58 -4.29
C TYR A 187 -12.60 20.73 -3.82
N GLY A 188 -11.60 20.43 -3.00
CA GLY A 188 -10.74 21.48 -2.49
C GLY A 188 -11.40 22.40 -1.49
N ALA A 189 -12.45 21.95 -0.81
CA ALA A 189 -13.19 22.77 0.13
C ALA A 189 -13.45 21.98 1.40
N GLN A 190 -13.84 22.70 2.45
CA GLN A 190 -14.22 22.11 3.72
C GLN A 190 -15.70 22.36 3.97
N PHE A 191 -16.45 21.28 4.21
CA PHE A 191 -17.90 21.35 4.35
C PHE A 191 -18.32 20.88 5.74
N ILE A 192 -19.17 21.68 6.39
CA ILE A 192 -19.85 21.25 7.59
C ILE A 192 -20.81 20.13 7.25
N THR A 193 -20.81 19.08 8.05
CA THR A 193 -21.73 17.96 7.89
C THR A 193 -22.66 17.87 9.09
N TRP A 194 -23.94 17.64 8.82
CA TRP A 194 -24.90 17.28 9.87
C TRP A 194 -25.38 15.86 9.61
N ARG A 195 -25.18 14.98 10.59
CA ARG A 195 -25.47 13.56 10.44
C ARG A 195 -24.77 12.96 9.22
N GLY A 196 -23.54 13.42 8.98
CA GLY A 196 -22.75 12.92 7.88
C GLY A 196 -23.06 13.49 6.52
N ILE A 197 -23.99 14.44 6.43
CA ILE A 197 -24.42 15.00 5.15
C ILE A 197 -23.78 16.38 5.00
N PRO A 198 -23.01 16.62 3.94
CA PRO A 198 -22.38 17.94 3.77
C PRO A 198 -23.39 19.05 3.61
N ILE A 199 -23.04 20.22 4.15
CA ILE A 199 -23.80 21.44 3.96
C ILE A 199 -22.99 22.32 3.02
N VAL A 200 -23.49 22.52 1.82
CA VAL A 200 -22.74 23.09 0.71
C VAL A 200 -23.21 24.53 0.50
N PRO A 201 -22.31 25.51 0.47
CA PRO A 201 -22.73 26.89 0.27
C PRO A 201 -22.91 27.24 -1.20
N SER A 202 -23.93 28.05 -1.47
CA SER A 202 -24.21 28.50 -2.83
C SER A 202 -24.80 29.89 -2.75
N ASP A 203 -24.21 30.84 -3.46
CA ASP A 203 -24.71 32.21 -3.46
C ASP A 203 -25.91 32.39 -4.37
N LYS A 204 -26.26 31.39 -5.17
CA LYS A 204 -27.45 31.46 -5.99
C LYS A 204 -28.72 31.14 -5.22
N VAL A 205 -28.61 30.66 -3.99
CA VAL A 205 -29.75 30.43 -3.11
C VAL A 205 -30.19 31.79 -2.58
N PRO A 206 -31.44 32.19 -2.79
CA PRO A 206 -31.85 33.56 -2.49
C PRO A 206 -31.90 33.85 -0.99
N VAL A 207 -31.62 35.10 -0.65
CA VAL A 207 -31.79 35.63 0.71
C VAL A 207 -32.61 36.91 0.58
N GLU A 208 -33.89 36.84 0.94
CA GLU A 208 -34.78 37.99 0.89
C GLU A 208 -35.33 38.27 2.27
N ASP A 209 -35.29 39.55 2.67
CA ASP A 209 -35.80 39.99 3.96
C ASP A 209 -35.09 39.29 5.13
N GLY A 210 -33.84 38.89 4.91
CA GLY A 210 -33.10 38.18 5.93
C GLY A 210 -33.43 36.71 6.08
N THR A 211 -34.18 36.13 5.14
CA THR A 211 -34.57 34.73 5.19
C THR A 211 -34.03 34.01 3.96
N THR A 212 -33.46 32.83 4.17
CA THR A 212 -32.98 31.98 3.10
C THR A 212 -33.69 30.62 3.19
N LYS A 213 -33.22 29.66 2.39
CA LYS A 213 -33.78 28.32 2.37
C LYS A 213 -32.67 27.30 2.57
N PHE A 214 -33.05 26.13 3.09
CA PHE A 214 -32.21 24.95 3.12
C PHE A 214 -32.85 23.91 2.23
N VAL A 215 -32.04 23.25 1.39
CA VAL A 215 -32.52 22.26 0.45
C VAL A 215 -31.77 20.95 0.69
N LEU A 216 -32.51 19.87 0.90
CA LEU A 216 -31.95 18.54 1.02
C LEU A 216 -32.26 17.75 -0.25
N VAL A 217 -31.23 17.14 -0.84
CA VAL A 217 -31.32 16.56 -2.18
C VAL A 217 -30.65 15.19 -2.18
N ARG A 218 -31.31 14.21 -2.79
CA ARG A 218 -30.69 12.95 -3.17
C ARG A 218 -30.50 12.94 -4.68
N THR A 219 -29.28 12.70 -5.14
CA THR A 219 -28.96 12.71 -6.56
C THR A 219 -28.71 11.30 -7.06
N GLY A 220 -29.04 11.08 -8.34
CA GLY A 220 -28.78 9.81 -8.99
C GLY A 220 -29.97 9.29 -9.76
N GLU A 221 -29.70 8.65 -10.89
CA GLU A 221 -30.76 8.06 -11.69
C GLU A 221 -31.06 6.63 -11.29
N GLU A 222 -30.06 5.89 -10.80
CA GLU A 222 -30.24 4.51 -10.39
C GLU A 222 -30.73 4.39 -8.95
N ARG A 223 -30.93 5.51 -8.26
CA ARG A 223 -31.56 5.51 -6.94
C ARG A 223 -32.78 6.41 -6.91
N GLN A 224 -33.34 6.73 -8.08
CA GLN A 224 -34.56 7.53 -8.20
C GLN A 224 -34.40 8.89 -7.53
N GLY A 225 -33.32 9.59 -7.85
CA GLY A 225 -33.03 10.87 -7.25
C GLY A 225 -33.22 12.05 -8.17
N VAL A 226 -32.27 12.99 -8.16
CA VAL A 226 -32.31 14.20 -8.97
C VAL A 226 -31.14 14.16 -9.93
N VAL A 227 -31.42 14.40 -11.20
CA VAL A 227 -30.41 14.38 -12.26
C VAL A 227 -30.53 15.65 -13.08
N GLY A 228 -29.38 16.22 -13.44
CA GLY A 228 -29.35 17.26 -14.45
C GLY A 228 -29.28 16.69 -15.85
N LEU A 229 -29.76 17.48 -16.81
CA LEU A 229 -29.89 17.05 -18.19
C LEU A 229 -29.10 17.96 -19.12
N PHE A 230 -28.41 17.35 -20.09
CA PHE A 230 -27.66 18.09 -21.10
C PHE A 230 -27.78 17.37 -22.43
N GLN A 231 -27.51 18.12 -23.51
CA GLN A 231 -27.63 17.61 -24.86
C GLN A 231 -26.25 17.35 -25.44
N PRO A 232 -25.92 16.15 -25.87
CA PRO A 232 -24.61 15.88 -26.45
C PRO A 232 -24.63 16.04 -27.97
N GLY A 233 -23.43 15.98 -28.55
CA GLY A 233 -23.27 16.01 -29.99
C GLY A 233 -23.71 17.30 -30.66
N LEU A 234 -23.30 18.44 -30.12
CA LEU A 234 -23.64 19.74 -30.68
C LEU A 234 -22.48 20.28 -31.53
N VAL A 235 -22.79 21.34 -32.27
CA VAL A 235 -21.79 22.01 -33.10
C VAL A 235 -20.89 22.84 -32.20
N GLY A 236 -19.58 22.66 -32.36
CA GLY A 236 -18.61 23.38 -31.56
C GLY A 236 -18.65 23.05 -30.08
N GLU A 237 -18.79 21.77 -29.75
CA GLU A 237 -18.90 21.38 -28.35
C GLU A 237 -17.54 21.47 -27.66
N GLN A 238 -17.55 22.05 -26.46
CA GLN A 238 -16.37 22.12 -25.61
C GLN A 238 -16.57 21.40 -24.29
N ALA A 239 -17.67 21.67 -23.59
CA ALA A 239 -18.07 21.01 -22.37
C ALA A 239 -19.41 20.33 -22.58
N PRO A 240 -19.79 19.37 -21.72
CA PRO A 240 -21.11 18.74 -21.85
C PRO A 240 -22.25 19.74 -22.00
N GLY A 241 -22.91 19.71 -23.15
CA GLY A 241 -24.02 20.59 -23.42
C GLY A 241 -23.62 21.99 -23.87
N LEU A 242 -22.33 22.30 -23.92
CA LEU A 242 -21.84 23.65 -24.19
C LEU A 242 -21.35 23.72 -25.63
N SER A 243 -21.89 24.67 -26.38
CA SER A 243 -21.61 24.81 -27.81
C SER A 243 -21.10 26.22 -28.08
N VAL A 244 -19.99 26.32 -28.81
CA VAL A 244 -19.47 27.60 -29.30
C VAL A 244 -19.49 27.54 -30.82
N ARG A 245 -20.16 28.52 -31.43
CA ARG A 245 -20.26 28.55 -32.89
C ARG A 245 -20.02 29.96 -33.40
N PHE A 246 -19.43 30.05 -34.57
CA PHE A 246 -18.99 31.32 -35.15
C PHE A 246 -20.09 31.80 -36.09
N THR A 247 -20.72 32.92 -35.73
CA THR A 247 -21.84 33.45 -36.49
C THR A 247 -21.40 34.56 -37.43
N GLY A 248 -20.49 34.22 -38.34
CA GLY A 248 -20.14 35.11 -39.43
C GLY A 248 -19.41 36.37 -39.01
N ILE A 249 -19.30 37.28 -39.99
CA ILE A 249 -18.54 38.51 -39.88
C ILE A 249 -19.41 39.66 -40.39
N ASN A 250 -19.45 40.76 -39.64
CA ASN A 250 -20.23 41.92 -40.03
C ASN A 250 -19.38 42.88 -40.87
N ARG A 251 -19.89 44.09 -41.12
CA ARG A 251 -19.16 45.02 -41.97
C ARG A 251 -17.95 45.62 -41.26
N SER A 252 -18.01 45.79 -39.95
CA SER A 252 -16.92 46.38 -39.18
C SER A 252 -15.88 45.35 -38.76
N ALA A 253 -15.88 44.16 -39.38
CA ALA A 253 -14.94 43.09 -39.05
C ALA A 253 -15.05 42.66 -37.59
N ILE A 254 -16.23 42.80 -37.00
CA ILE A 254 -16.47 42.39 -35.62
C ILE A 254 -17.04 40.97 -35.67
N ALA A 255 -16.18 39.99 -35.45
CA ALA A 255 -16.61 38.61 -35.43
C ALA A 255 -17.50 38.33 -34.22
N SER A 256 -18.45 37.43 -34.40
CA SER A 256 -19.40 37.07 -33.35
C SER A 256 -19.36 35.58 -33.09
N TYR A 257 -19.53 35.21 -31.83
CA TYR A 257 -19.63 33.82 -31.42
C TYR A 257 -20.90 33.66 -30.60
N LEU A 258 -21.60 32.55 -30.82
CA LEU A 258 -22.78 32.21 -30.03
C LEU A 258 -22.41 31.04 -29.12
N VAL A 259 -22.60 31.23 -27.83
CA VAL A 259 -22.31 30.23 -26.81
C VAL A 259 -23.63 29.79 -26.19
N THR A 260 -23.89 28.48 -26.19
CA THR A 260 -25.20 27.96 -25.81
C THR A 260 -25.04 26.81 -24.84
N LEU A 261 -26.00 26.70 -23.93
CA LEU A 261 -26.04 25.63 -22.92
C LEU A 261 -27.49 25.22 -22.74
N TYR A 262 -27.86 24.03 -23.19
CA TYR A 262 -29.21 23.50 -23.02
C TYR A 262 -29.26 22.69 -21.73
N THR A 263 -30.16 23.08 -20.83
CA THR A 263 -30.16 22.60 -19.45
C THR A 263 -31.57 22.32 -18.99
N SER A 264 -31.72 21.27 -18.20
CA SER A 264 -32.93 21.02 -17.44
C SER A 264 -32.57 20.15 -16.25
N LEU A 265 -33.52 20.01 -15.33
CA LEU A 265 -33.34 19.23 -14.11
C LEU A 265 -34.55 18.33 -13.93
N ALA A 266 -34.30 17.08 -13.55
CA ALA A 266 -35.35 16.08 -13.39
C ALA A 266 -35.34 15.52 -11.97
N VAL A 267 -36.52 15.42 -11.38
CA VAL A 267 -36.72 14.74 -10.10
C VAL A 267 -37.48 13.46 -10.39
N LEU A 268 -36.85 12.32 -10.15
CA LEU A 268 -37.45 11.04 -10.50
C LEU A 268 -38.53 10.64 -9.50
N THR A 269 -38.28 10.86 -8.21
CA THR A 269 -39.26 10.60 -7.17
C THR A 269 -39.40 11.84 -6.30
N ASP A 270 -40.62 12.09 -5.82
CA ASP A 270 -40.89 13.32 -5.08
C ASP A 270 -40.14 13.39 -3.76
N ASP A 271 -39.91 12.24 -3.12
CA ASP A 271 -39.22 12.19 -1.84
C ASP A 271 -37.70 12.28 -1.98
N ALA A 272 -37.20 12.71 -3.14
CA ALA A 272 -35.79 12.96 -3.35
C ALA A 272 -35.40 14.42 -3.09
N LEU A 273 -36.34 15.24 -2.64
CA LEU A 273 -36.13 16.68 -2.57
C LEU A 273 -37.03 17.26 -1.48
N ALA A 274 -36.44 17.97 -0.53
CA ALA A 274 -37.19 18.67 0.50
C ALA A 274 -36.57 20.05 0.71
N VAL A 275 -37.41 20.99 1.12
CA VAL A 275 -37.02 22.38 1.30
C VAL A 275 -37.43 22.84 2.69
N LEU A 276 -36.51 23.46 3.41
CA LEU A 276 -36.79 24.12 4.68
C LEU A 276 -36.95 25.61 4.43
N ASP A 277 -38.11 26.15 4.76
CA ASP A 277 -38.47 27.53 4.48
C ASP A 277 -38.35 28.40 5.71
N GLY A 278 -38.28 29.72 5.47
CA GLY A 278 -38.26 30.70 6.54
C GLY A 278 -37.05 30.64 7.45
N VAL A 279 -35.86 30.50 6.88
CA VAL A 279 -34.64 30.35 7.65
C VAL A 279 -34.06 31.75 7.90
N ALA A 280 -34.13 32.21 9.15
CA ALA A 280 -33.58 33.51 9.50
C ALA A 280 -32.07 33.41 9.70
N VAL A 281 -31.35 34.40 9.19
CA VAL A 281 -29.89 34.36 9.16
C VAL A 281 -29.27 35.49 9.96
N ASP A 282 -30.04 36.20 10.78
CA ASP A 282 -29.54 37.35 11.53
C ASP A 282 -29.98 37.29 12.98
N GLN A 283 -29.84 36.13 13.62
CA GLN A 283 -30.17 35.97 15.02
C GLN A 283 -28.92 35.57 15.79
N PHE A 284 -28.73 36.20 16.95
CA PHE A 284 -27.53 36.03 17.75
C PHE A 284 -27.90 35.79 19.20
N HIS A 285 -27.07 35.02 19.89
CA HIS A 285 -27.28 34.68 21.29
C HIS A 285 -26.39 35.54 22.17
N GLU A 286 -26.86 35.78 23.40
CA GLU A 286 -26.10 36.56 24.37
C GLU A 286 -25.25 35.63 25.23
N TYR A 287 -24.16 36.18 25.74
CA TYR A 287 -23.16 35.43 26.48
C TYR A 287 -22.59 36.34 27.56
N GLN A 288 -21.41 35.99 28.08
CA GLN A 288 -20.71 36.78 29.10
C GLN A 288 -21.50 36.78 30.41
N ALA B 1 40.64 19.58 26.55
CA ALA B 1 40.97 19.37 25.15
C ALA B 1 39.93 19.99 24.24
N ASN B 2 39.40 19.19 23.31
CA ASN B 2 38.37 19.66 22.41
C ASN B 2 37.04 19.82 23.13
N ALA B 3 36.23 20.76 22.66
CA ALA B 3 34.86 20.94 23.10
C ALA B 3 33.94 20.86 21.90
N THR B 4 32.86 20.11 22.02
CA THR B 4 31.86 20.07 20.97
C THR B 4 31.10 21.38 20.96
N LYS B 5 31.04 22.03 19.80
CA LYS B 5 30.46 23.35 19.66
C LYS B 5 29.14 23.28 18.91
N THR B 6 28.47 24.42 18.83
CA THR B 6 27.26 24.59 18.04
C THR B 6 27.45 25.75 17.07
N VAL B 7 26.65 25.73 16.01
CA VAL B 7 26.51 26.90 15.15
C VAL B 7 25.80 27.95 15.99
N PRO B 8 25.98 29.25 15.74
CA PRO B 8 25.36 30.26 16.60
C PRO B 8 23.85 30.14 16.61
N GLN B 9 23.26 30.46 17.76
CA GLN B 9 21.82 30.37 17.97
C GLN B 9 21.19 31.75 17.97
N LEU B 10 20.18 31.94 17.14
CA LEU B 10 19.46 33.20 17.02
C LEU B 10 18.07 33.02 17.60
N SER B 11 17.71 33.85 18.57
CA SER B 11 16.42 33.70 19.23
C SER B 11 15.26 34.25 18.42
N THR B 12 15.53 35.05 17.39
CA THR B 12 14.48 35.63 16.57
C THR B 12 14.10 34.78 15.38
N ILE B 13 14.67 33.58 15.24
CA ILE B 13 14.27 32.69 14.16
C ILE B 13 12.90 32.11 14.48
N THR B 14 11.92 32.41 13.65
CA THR B 14 10.57 31.89 13.77
C THR B 14 10.30 30.87 12.67
N PRO B 15 9.32 29.99 12.88
CA PRO B 15 9.03 28.98 11.85
C PRO B 15 8.63 29.57 10.50
N ARG B 16 8.09 30.78 10.47
CA ARG B 16 7.73 31.47 9.22
C ARG B 16 6.78 30.63 8.37
N PHE B 17 5.64 30.28 8.97
CA PHE B 17 4.66 29.46 8.28
C PHE B 17 4.05 30.19 7.09
N LEU B 18 3.96 31.52 7.16
CA LEU B 18 3.35 32.30 6.09
C LEU B 18 4.15 32.18 4.78
N LEU B 19 5.47 32.08 4.87
CA LEU B 19 6.28 31.93 3.68
C LEU B 19 6.07 30.57 3.01
N HIS B 20 5.51 29.60 3.73
CA HIS B 20 5.20 28.30 3.16
C HIS B 20 3.74 28.15 2.78
N LEU B 21 2.85 28.90 3.43
CA LEU B 21 1.43 28.85 3.13
C LEU B 21 1.07 29.61 1.87
N LEU B 22 1.86 30.63 1.52
CA LEU B 22 1.60 31.43 0.34
C LEU B 22 2.05 30.70 -0.92
N SER B 23 1.47 31.11 -2.04
CA SER B 23 1.91 30.65 -3.36
C SER B 23 2.78 31.73 -3.98
N TRP B 24 3.89 31.33 -4.58
CA TRP B 24 4.91 32.25 -5.04
C TRP B 24 4.98 32.23 -6.57
N VAL B 25 4.84 33.39 -7.18
CA VAL B 25 4.83 33.56 -8.62
C VAL B 25 6.12 34.28 -9.01
N PRO B 26 6.88 33.79 -9.99
CA PRO B 26 8.06 34.51 -10.44
C PRO B 26 7.71 35.67 -11.38
N VAL B 27 8.40 36.78 -11.18
CA VAL B 27 8.23 37.98 -11.99
C VAL B 27 9.57 38.24 -12.67
N GLU B 28 9.60 38.10 -13.99
CA GLU B 28 10.87 38.11 -14.71
C GLU B 28 11.42 39.52 -14.96
N ALA B 29 10.65 40.57 -14.67
CA ALA B 29 11.19 41.91 -14.83
C ALA B 29 10.76 42.85 -13.70
N GLY B 30 10.27 42.31 -12.59
CA GLY B 30 9.94 43.12 -11.43
C GLY B 30 8.59 43.81 -11.48
N ILE B 31 7.80 43.58 -12.53
CA ILE B 31 6.50 44.22 -12.68
C ILE B 31 5.45 43.13 -12.86
N TYR B 32 4.36 43.24 -12.11
CA TYR B 32 3.24 42.30 -12.18
C TYR B 32 1.98 43.11 -12.42
N ARG B 33 1.21 42.71 -13.43
CA ARG B 33 -0.03 43.38 -13.76
C ARG B 33 -1.20 42.44 -13.50
N VAL B 34 -2.20 42.92 -12.78
CA VAL B 34 -3.42 42.17 -12.51
C VAL B 34 -4.56 42.87 -13.22
N ASN B 35 -5.18 42.12 -14.14
CA ASN B 35 -6.27 42.61 -14.95
C ASN B 35 -7.55 42.11 -14.45
N ARG B 36 -8.33 42.99 -13.96
CA ARG B 36 -9.51 42.62 -13.35
C ARG B 36 -10.69 43.16 -14.06
N VAL B 37 -11.75 42.38 -14.33
CA VAL B 37 -12.90 42.81 -15.06
C VAL B 37 -13.71 43.78 -14.30
N VAL B 38 -13.85 44.99 -14.81
CA VAL B 38 -14.50 46.10 -14.17
C VAL B 38 -15.95 46.03 -13.91
N ASN B 39 -16.70 45.51 -14.85
CA ASN B 39 -18.08 45.33 -14.56
C ASN B 39 -18.17 43.89 -14.59
N PRO B 40 -18.51 43.32 -13.47
CA PRO B 40 -18.45 41.87 -13.56
C PRO B 40 -19.75 41.18 -13.89
N TYR B 64 -15.85 42.45 -22.14
CA TYR B 64 -15.34 42.64 -20.79
C TYR B 64 -14.18 43.64 -20.77
N GLU B 65 -14.42 44.81 -20.20
CA GLU B 65 -13.35 45.80 -20.02
C GLU B 65 -12.62 45.51 -18.71
N THR B 66 -11.34 45.87 -18.69
CA THR B 66 -10.47 45.54 -17.56
C THR B 66 -9.71 46.78 -17.11
N HIS B 67 -9.46 46.86 -15.80
CA HIS B 67 -8.63 47.91 -15.23
C HIS B 67 -7.40 47.28 -14.59
N PRO B 68 -6.19 47.65 -15.00
CA PRO B 68 -4.99 47.00 -14.46
C PRO B 68 -4.50 47.60 -13.15
N ARG B 69 -4.01 46.73 -12.27
CA ARG B 69 -3.33 47.12 -11.04
C ARG B 69 -1.92 46.58 -11.12
N GLU B 70 -0.94 47.43 -10.86
CA GLU B 70 0.47 47.09 -11.06
C GLU B 70 1.16 46.86 -9.72
N TYR B 71 1.97 45.80 -9.66
CA TYR B 71 2.77 45.45 -8.50
C TYR B 71 4.23 45.43 -8.92
N THR B 72 5.03 46.33 -8.36
CA THR B 72 6.47 46.34 -8.61
C THR B 72 7.21 45.88 -7.36
N LEU B 73 8.14 44.96 -7.54
CA LEU B 73 8.84 44.34 -6.42
C LEU B 73 9.71 45.35 -5.70
N ARG B 74 9.71 45.28 -4.37
CA ARG B 74 10.49 46.18 -3.53
C ARG B 74 11.61 45.41 -2.87
N SER B 75 12.70 46.12 -2.55
CA SER B 75 13.93 45.49 -2.09
C SER B 75 13.98 45.42 -0.57
N ILE B 76 14.25 44.22 -0.05
CA ILE B 76 14.68 44.02 1.32
C ILE B 76 16.16 43.68 1.25
N SER B 77 16.99 44.52 1.85
CA SER B 77 18.43 44.46 1.64
C SER B 77 19.18 44.66 2.96
N THR B 78 20.39 44.12 3.02
CA THR B 78 21.29 44.34 4.13
C THR B 78 22.72 44.16 3.65
N LEU B 79 23.62 44.99 4.17
CA LEU B 79 25.04 44.92 3.85
C LEU B 79 25.76 44.24 5.00
N LEU B 80 26.47 43.16 4.70
CA LEU B 80 27.18 42.36 5.69
C LEU B 80 28.68 42.58 5.52
N ASP B 81 29.34 43.04 6.57
CA ASP B 81 30.78 43.26 6.56
C ASP B 81 31.43 42.18 7.41
N VAL B 82 32.20 41.30 6.76
CA VAL B 82 32.95 40.26 7.45
C VAL B 82 34.37 40.77 7.67
N HIS B 83 34.86 40.65 8.89
CA HIS B 83 36.14 41.21 9.29
C HIS B 83 37.24 40.15 9.29
N THR B 84 38.47 40.62 9.22
CA THR B 84 39.65 39.79 9.47
C THR B 84 40.02 39.86 10.95
N ARG B 85 39.01 39.62 11.78
CA ARG B 85 39.12 39.74 13.23
C ARG B 85 39.18 38.36 13.86
N VAL B 86 39.23 38.31 15.19
CA VAL B 86 39.50 37.08 15.91
C VAL B 86 38.27 36.17 15.95
N SER B 87 37.21 36.59 16.62
CA SER B 87 35.96 35.84 16.73
C SER B 87 36.23 34.40 17.17
N ASP B 88 36.60 34.25 18.44
CA ASP B 88 37.07 32.96 18.95
C ASP B 88 35.91 31.99 19.16
N LEU B 89 35.12 31.75 18.12
CA LEU B 89 34.12 30.70 18.14
C LEU B 89 34.01 30.00 16.79
N TYR B 90 34.93 30.28 15.87
CA TYR B 90 34.78 29.89 14.48
C TYR B 90 35.91 29.03 13.94
N SER B 91 37.14 29.23 14.41
CA SER B 91 38.28 28.38 14.07
C SER B 91 38.76 28.55 12.64
N SER B 92 38.05 29.32 11.82
CA SER B 92 38.50 29.59 10.46
C SER B 92 37.76 30.81 9.95
N PRO B 93 38.41 31.63 9.11
CA PRO B 93 37.66 32.67 8.40
C PRO B 93 36.55 32.12 7.52
N HIS B 94 36.70 30.89 7.03
CA HIS B 94 35.66 30.29 6.20
C HIS B 94 34.42 29.97 7.00
N ASP B 95 34.58 29.47 8.23
CA ASP B 95 33.42 29.17 9.05
C ASP B 95 32.74 30.44 9.55
N GLN B 96 33.51 31.50 9.78
CA GLN B 96 32.93 32.76 10.20
C GLN B 96 32.01 33.32 9.12
N VAL B 97 32.49 33.33 7.88
CA VAL B 97 31.69 33.85 6.77
C VAL B 97 30.46 32.99 6.53
N THR B 98 30.61 31.66 6.62
CA THR B 98 29.48 30.77 6.41
C THR B 98 28.37 31.04 7.43
N GLN B 99 28.74 31.11 8.71
CA GLN B 99 27.74 31.31 9.75
C GLN B 99 27.12 32.70 9.68
N GLN B 100 27.92 33.72 9.39
CA GLN B 100 27.38 35.06 9.32
C GLN B 100 26.47 35.24 8.11
N LEU B 101 26.79 34.59 6.99
CA LEU B 101 25.86 34.60 5.85
C LEU B 101 24.57 33.89 6.19
N ARG B 102 24.66 32.76 6.90
CA ARG B 102 23.45 32.03 7.28
C ARG B 102 22.54 32.88 8.17
N LEU B 103 23.14 33.54 9.18
CA LEU B 103 22.35 34.38 10.07
C LEU B 103 21.77 35.57 9.33
N THR B 104 22.53 36.17 8.42
CA THR B 104 22.02 37.28 7.64
C THR B 104 20.83 36.87 6.77
N ILE B 105 20.88 35.67 6.20
CA ILE B 105 19.78 35.20 5.37
C ILE B 105 18.55 34.92 6.23
N GLU B 106 18.74 34.35 7.42
CA GLU B 106 17.58 34.13 8.30
C GLU B 106 16.93 35.45 8.68
N THR B 107 17.74 36.46 9.00
CA THR B 107 17.17 37.77 9.33
C THR B 107 16.45 38.39 8.13
N ILE B 108 16.99 38.22 6.93
CA ILE B 108 16.35 38.79 5.75
C ILE B 108 15.00 38.12 5.51
N LYS B 109 14.89 36.81 5.79
CA LYS B 109 13.61 36.14 5.57
C LYS B 109 12.59 36.49 6.65
N GLU B 110 13.05 36.72 7.89
CA GLU B 110 12.14 37.23 8.92
C GLU B 110 11.61 38.60 8.53
N ARG B 111 12.47 39.46 8.00
CA ARG B 111 12.04 40.77 7.54
C ARG B 111 11.05 40.65 6.38
N GLN B 112 11.27 39.67 5.50
CA GLN B 112 10.34 39.47 4.40
C GLN B 112 8.96 39.08 4.90
N GLU B 113 8.90 38.18 5.89
CA GLU B 113 7.60 37.82 6.46
C GLU B 113 6.92 39.02 7.11
N TYR B 114 7.67 39.81 7.88
CA TYR B 114 7.12 41.01 8.49
C TYR B 114 6.56 41.95 7.43
N GLU B 115 7.30 42.16 6.35
CA GLU B 115 6.84 43.06 5.29
C GLU B 115 5.61 42.52 4.58
N LEU B 116 5.55 41.20 4.36
CA LEU B 116 4.38 40.61 3.74
C LEU B 116 3.12 40.84 4.57
N VAL B 117 3.26 40.86 5.91
CA VAL B 117 2.08 41.15 6.72
C VAL B 117 1.85 42.67 6.83
N ASN B 118 2.92 43.46 6.95
CA ASN B 118 2.82 44.79 7.50
C ASN B 118 3.17 45.94 6.56
N ASN B 119 3.51 45.67 5.31
CA ASN B 119 3.94 46.75 4.43
C ASN B 119 2.77 47.69 4.14
N PRO B 120 2.99 49.00 4.15
CA PRO B 120 1.90 49.94 3.87
C PRO B 120 1.40 49.90 2.44
N GLU B 121 2.15 49.31 1.52
CA GLU B 121 1.76 49.26 0.11
C GLU B 121 1.22 47.90 -0.30
N TYR B 122 1.94 46.82 -0.03
CA TYR B 122 1.51 45.50 -0.46
C TYR B 122 1.27 44.52 0.69
N GLY B 123 1.16 45.01 1.92
CA GLY B 123 0.88 44.12 3.03
C GLY B 123 -0.57 43.63 3.02
N LEU B 124 -0.78 42.49 3.67
CA LEU B 124 -2.12 41.92 3.76
C LEU B 124 -3.07 42.86 4.49
N LEU B 125 -2.59 43.49 5.56
CA LEU B 125 -3.45 44.36 6.35
C LEU B 125 -3.81 45.63 5.59
N ALA B 126 -2.95 46.06 4.67
CA ALA B 126 -3.18 47.28 3.91
C ALA B 126 -4.03 47.04 2.67
N GLN B 127 -3.93 45.87 2.06
CA GLN B 127 -4.63 45.60 0.81
C GLN B 127 -6.06 45.12 1.01
N ALA B 128 -6.51 44.99 2.25
CA ALA B 128 -7.90 44.63 2.50
C ALA B 128 -8.79 45.87 2.38
N THR B 129 -9.97 45.68 1.82
CA THR B 129 -10.92 46.74 1.54
C THR B 129 -11.88 46.94 2.71
N PRO B 130 -12.47 48.13 2.83
CA PRO B 130 -13.43 48.36 3.92
C PRO B 130 -14.63 47.42 3.90
N GLU B 131 -15.06 46.98 2.71
CA GLU B 131 -16.18 46.04 2.62
C GLU B 131 -15.79 44.63 3.07
N GLN B 132 -14.49 44.31 3.10
CA GLN B 132 -14.00 43.01 3.51
C GLN B 132 -13.51 43.00 4.96
N THR B 133 -13.70 44.09 5.69
CA THR B 133 -13.19 44.23 7.05
C THR B 133 -14.37 44.33 8.01
N ILE B 134 -14.37 43.49 9.05
CA ILE B 134 -15.45 43.44 10.03
C ILE B 134 -14.84 43.56 11.42
N GLN B 135 -15.70 43.84 12.40
CA GLN B 135 -15.29 44.02 13.78
C GLN B 135 -15.89 42.94 14.66
N THR B 136 -15.24 42.70 15.79
CA THR B 136 -15.76 41.72 16.74
C THR B 136 -17.07 42.22 17.35
N LEU B 137 -17.97 41.26 17.63
CA LEU B 137 -19.25 41.61 18.21
C LEU B 137 -19.10 42.18 19.61
N ALA B 138 -18.22 41.59 20.44
CA ALA B 138 -18.07 42.04 21.81
C ALA B 138 -16.60 42.04 22.27
N GLY B 139 -15.67 42.30 21.36
CA GLY B 139 -14.27 42.38 21.72
C GLY B 139 -13.46 41.11 21.57
N ALA B 140 -13.79 40.09 22.34
CA ALA B 140 -13.03 38.85 22.27
C ALA B 140 -13.37 38.06 21.02
N PRO B 141 -12.41 37.32 20.46
CA PRO B 141 -12.67 36.55 19.23
C PRO B 141 -13.47 35.29 19.54
N THR B 142 -14.73 35.29 19.16
CA THR B 142 -15.62 34.17 19.40
C THR B 142 -15.85 33.39 18.12
N PRO B 143 -16.42 32.19 18.21
CA PRO B 143 -16.76 31.44 17.00
C PRO B 143 -17.69 32.17 16.03
N ASP B 144 -18.57 33.04 16.52
CA ASP B 144 -19.43 33.82 15.62
C ASP B 144 -18.61 34.75 14.72
N ASP B 145 -17.60 35.41 15.29
CA ASP B 145 -16.76 36.31 14.51
C ASP B 145 -15.99 35.56 13.43
N LEU B 146 -15.46 34.39 13.76
CA LEU B 146 -14.77 33.60 12.75
C LEU B 146 -15.74 33.08 11.70
N ASP B 147 -16.97 32.78 12.09
CA ASP B 147 -18.00 32.41 11.11
C ASP B 147 -18.30 33.55 10.14
N ALA B 148 -18.40 34.77 10.65
CA ALA B 148 -18.61 35.93 9.79
C ALA B 148 -17.43 36.12 8.83
N LEU B 149 -16.21 35.97 9.36
CA LEU B 149 -15.04 36.03 8.49
C LEU B 149 -15.13 35.00 7.38
N ILE B 150 -15.59 33.79 7.70
CA ILE B 150 -15.73 32.76 6.68
C ILE B 150 -16.79 33.16 5.66
N THR B 151 -17.86 33.81 6.09
CA THR B 151 -18.84 34.30 5.12
C THR B 151 -18.22 35.27 4.14
N LYS B 152 -17.26 36.07 4.59
CA LYS B 152 -16.64 37.03 3.66
C LYS B 152 -15.68 36.36 2.67
N VAL B 153 -15.08 35.22 3.03
CA VAL B 153 -14.15 34.52 2.15
C VAL B 153 -14.63 33.09 1.89
N TRP B 154 -15.95 32.91 1.75
CA TRP B 154 -16.52 31.58 1.68
C TRP B 154 -16.00 30.74 0.51
N LYS B 155 -15.46 31.34 -0.53
CA LYS B 155 -14.88 30.56 -1.63
C LYS B 155 -13.48 30.11 -1.23
N THR B 156 -13.39 28.91 -0.67
CA THR B 156 -12.16 28.19 -0.36
C THR B 156 -11.21 29.07 0.46
N PRO B 157 -11.48 29.30 1.74
CA PRO B 157 -10.46 29.91 2.60
C PRO B 157 -9.35 28.92 2.89
N ALA B 158 -8.12 29.43 2.95
CA ALA B 158 -6.95 28.58 3.13
C ALA B 158 -6.45 28.53 4.56
N PHE B 159 -6.29 29.68 5.22
CA PHE B 159 -5.81 29.68 6.59
C PHE B 159 -6.23 30.97 7.28
N PHE B 160 -6.26 30.91 8.61
CA PHE B 160 -6.35 32.09 9.46
C PHE B 160 -4.94 32.50 9.87
N LEU B 161 -4.71 33.79 9.97
CA LEU B 161 -3.42 34.32 10.40
C LEU B 161 -3.63 35.28 11.56
N THR B 162 -2.93 35.04 12.67
CA THR B 162 -3.05 35.88 13.84
C THR B 162 -1.83 35.67 14.72
N HIS B 163 -1.72 36.51 15.74
CA HIS B 163 -0.71 36.42 16.78
C HIS B 163 -1.01 35.24 17.70
N PRO B 164 0.02 34.63 18.30
CA PRO B 164 -0.23 33.53 19.24
C PRO B 164 -1.13 33.90 20.41
N LEU B 165 -1.07 35.16 20.86
CA LEU B 165 -2.01 35.62 21.88
C LEU B 165 -3.45 35.53 21.39
N GLY B 166 -3.67 35.86 20.11
CA GLY B 166 -5.00 35.72 19.55
C GLY B 166 -5.46 34.27 19.47
N VAL B 167 -4.53 33.36 19.19
CA VAL B 167 -4.86 31.94 19.21
C VAL B 167 -5.29 31.51 20.59
N ALA B 168 -4.58 31.97 21.63
CA ALA B 168 -4.98 31.63 23.00
C ALA B 168 -6.34 32.22 23.34
N ALA B 169 -6.61 33.45 22.92
CA ALA B 169 -7.89 34.08 23.23
C ALA B 169 -9.05 33.35 22.54
N PHE B 170 -8.86 32.96 21.28
CA PHE B 170 -9.88 32.16 20.60
C PHE B 170 -10.08 30.83 21.29
N GLY B 171 -9.00 30.17 21.70
CA GLY B 171 -9.14 28.91 22.41
C GLY B 171 -9.92 29.04 23.70
N ARG B 172 -9.67 30.12 24.45
CA ARG B 172 -10.42 30.37 25.67
C ARG B 172 -11.90 30.56 25.38
N GLU B 173 -12.23 31.36 24.36
CA GLU B 173 -13.63 31.59 24.06
C GLU B 173 -14.31 30.31 23.59
N CYS B 174 -13.59 29.47 22.86
CA CYS B 174 -14.14 28.18 22.44
C CYS B 174 -14.37 27.26 23.63
N THR B 175 -13.45 27.25 24.59
CA THR B 175 -13.62 26.40 25.76
C THR B 175 -14.80 26.85 26.62
N TYR B 176 -15.01 28.16 26.75
CA TYR B 176 -16.16 28.63 27.53
C TYR B 176 -17.48 28.20 26.90
N ARG B 177 -17.52 28.11 25.58
CA ARG B 177 -18.73 27.71 24.89
C ARG B 177 -18.89 26.20 24.81
N GLY B 178 -17.95 25.44 25.35
CA GLY B 178 -18.04 24.00 25.34
C GLY B 178 -17.71 23.35 24.02
N VAL B 179 -16.97 24.03 23.16
CA VAL B 179 -16.66 23.52 21.83
C VAL B 179 -15.15 23.33 21.70
N PRO B 180 -14.65 22.10 21.65
CA PRO B 180 -13.23 21.88 21.40
C PRO B 180 -12.93 21.80 19.91
N PRO B 181 -12.12 22.71 19.37
CA PRO B 181 -11.74 22.63 17.95
C PRO B 181 -10.66 21.59 17.73
N PRO B 182 -10.71 20.85 16.63
CA PRO B 182 -9.66 19.87 16.33
C PRO B 182 -8.39 20.56 15.89
N THR B 183 -7.33 19.76 15.72
CA THR B 183 -6.06 20.26 15.24
C THR B 183 -5.61 19.46 14.03
N VAL B 184 -4.72 20.06 13.26
CA VAL B 184 -4.17 19.46 12.06
C VAL B 184 -2.65 19.52 12.16
N SER B 185 -1.97 18.60 11.47
CA SER B 185 -0.52 18.54 11.47
C SER B 185 0.00 19.07 10.14
N MET B 186 0.94 20.02 10.20
CA MET B 186 1.44 20.68 9.00
C MET B 186 2.74 21.39 9.31
N TYR B 187 3.77 21.13 8.51
CA TYR B 187 5.11 21.73 8.65
C TYR B 187 5.71 21.47 10.03
N GLY B 188 5.47 20.27 10.56
CA GLY B 188 5.99 19.96 11.89
C GLY B 188 5.32 20.70 13.02
N ALA B 189 4.09 21.15 12.84
CA ALA B 189 3.39 21.94 13.83
C ALA B 189 1.96 21.42 13.96
N GLN B 190 1.29 21.83 15.04
CA GLN B 190 -0.09 21.51 15.29
C GLN B 190 -0.92 22.79 15.24
N PHE B 191 -1.95 22.79 14.41
CA PHE B 191 -2.76 23.99 14.16
C PHE B 191 -4.19 23.74 14.57
N ILE B 192 -4.75 24.67 15.35
CA ILE B 192 -6.19 24.69 15.60
C ILE B 192 -6.91 25.02 14.30
N THR B 193 -7.98 24.28 14.01
CA THR B 193 -8.81 24.52 12.84
C THR B 193 -10.21 24.93 13.28
N TRP B 194 -10.76 25.94 12.62
CA TRP B 194 -12.18 26.27 12.74
C TRP B 194 -12.84 26.03 11.40
N ARG B 195 -13.86 25.17 11.40
CA ARG B 195 -14.54 24.73 10.17
C ARG B 195 -13.54 24.18 9.16
N GLY B 196 -12.53 23.47 9.66
CA GLY B 196 -11.54 22.84 8.82
C GLY B 196 -10.44 23.75 8.33
N ILE B 197 -10.41 25.01 8.74
CA ILE B 197 -9.44 25.98 8.26
C ILE B 197 -8.40 26.19 9.35
N PRO B 198 -7.11 25.95 9.09
CA PRO B 198 -6.09 26.13 10.12
C PRO B 198 -5.99 27.57 10.60
N ILE B 199 -5.71 27.72 11.89
CA ILE B 199 -5.40 29.01 12.49
C ILE B 199 -3.91 29.03 12.77
N VAL B 200 -3.18 29.86 12.04
CA VAL B 200 -1.72 29.83 11.98
C VAL B 200 -1.18 30.98 12.80
N PRO B 201 -0.27 30.74 13.74
CA PRO B 201 0.27 31.84 14.55
C PRO B 201 1.42 32.54 13.85
N SER B 202 1.48 33.85 14.03
CA SER B 202 2.53 34.67 13.46
C SER B 202 2.79 35.83 14.39
N ASP B 203 4.04 36.00 14.83
CA ASP B 203 4.39 37.10 15.72
C ASP B 203 4.55 38.42 14.98
N LYS B 204 4.51 38.43 13.65
CA LYS B 204 4.56 39.67 12.90
C LYS B 204 3.20 40.34 12.81
N VAL B 205 2.13 39.68 13.23
CA VAL B 205 0.80 40.28 13.31
C VAL B 205 0.77 41.18 14.54
N PRO B 206 0.49 42.47 14.38
CA PRO B 206 0.66 43.41 15.49
C PRO B 206 -0.35 43.20 16.61
N VAL B 207 0.08 43.51 17.83
CA VAL B 207 -0.77 43.56 19.01
C VAL B 207 -0.53 44.90 19.68
N GLU B 208 -1.47 45.83 19.53
CA GLU B 208 -1.36 47.16 20.12
C GLU B 208 -2.55 47.39 21.05
N ASP B 209 -2.28 47.89 22.25
CA ASP B 209 -3.30 48.19 23.25
C ASP B 209 -4.10 46.95 23.63
N GLY B 210 -3.50 45.78 23.51
CA GLY B 210 -4.19 44.54 23.80
C GLY B 210 -5.12 44.04 22.71
N THR B 211 -5.05 44.61 21.51
CA THR B 211 -5.90 44.21 20.40
C THR B 211 -5.03 43.74 19.24
N THR B 212 -5.43 42.62 18.64
CA THR B 212 -4.76 42.08 17.46
C THR B 212 -5.78 41.96 16.33
N LYS B 213 -5.38 41.31 15.25
CA LYS B 213 -6.24 41.09 14.09
C LYS B 213 -6.27 39.62 13.73
N PHE B 214 -7.36 39.22 13.09
CA PHE B 214 -7.49 37.93 12.45
C PHE B 214 -7.60 38.17 10.95
N VAL B 215 -6.87 37.39 10.16
CA VAL B 215 -6.84 37.53 8.71
C VAL B 215 -7.21 36.20 8.08
N LEU B 216 -8.21 36.21 7.21
CA LEU B 216 -8.61 35.05 6.43
C LEU B 216 -8.17 35.25 4.99
N VAL B 217 -7.49 34.25 4.43
CA VAL B 217 -6.80 34.38 3.15
C VAL B 217 -7.06 33.15 2.30
N ARG B 218 -7.37 33.36 1.02
CA ARG B 218 -7.32 32.32 0.01
C ARG B 218 -6.12 32.56 -0.88
N THR B 219 -5.27 31.55 -1.04
CA THR B 219 -4.05 31.67 -1.81
C THR B 219 -4.16 30.89 -3.11
N GLY B 220 -3.49 31.39 -4.14
CA GLY B 220 -3.43 30.71 -5.42
C GLY B 220 -3.69 31.64 -6.59
N GLU B 221 -2.99 31.39 -7.69
CA GLU B 221 -3.19 32.17 -8.90
C GLU B 221 -4.28 31.60 -9.80
N GLU B 222 -4.45 30.28 -9.79
CA GLU B 222 -5.46 29.63 -10.61
C GLU B 222 -6.83 29.60 -9.95
N ARG B 223 -6.94 30.14 -8.73
CA ARG B 223 -8.24 30.30 -8.09
C ARG B 223 -8.49 31.76 -7.71
N GLN B 224 -7.76 32.68 -8.33
CA GLN B 224 -7.93 34.12 -8.12
C GLN B 224 -7.76 34.50 -6.65
N GLY B 225 -6.67 34.04 -6.06
CA GLY B 225 -6.40 34.29 -4.66
C GLY B 225 -5.29 35.28 -4.39
N VAL B 226 -4.41 34.95 -3.44
CA VAL B 226 -3.30 35.81 -3.05
C VAL B 226 -2.01 35.09 -3.37
N VAL B 227 -1.09 35.77 -4.05
CA VAL B 227 0.19 35.20 -4.45
C VAL B 227 1.30 36.15 -4.05
N GLY B 228 2.40 35.58 -3.55
CA GLY B 228 3.62 36.34 -3.39
C GLY B 228 4.45 36.37 -4.65
N LEU B 229 5.27 37.41 -4.77
CA LEU B 229 6.03 37.67 -5.99
C LEU B 229 7.52 37.72 -5.68
N PHE B 230 8.32 37.10 -6.55
CA PHE B 230 9.77 37.13 -6.43
C PHE B 230 10.39 37.21 -7.82
N GLN B 231 11.65 37.65 -7.85
CA GLN B 231 12.37 37.84 -9.10
C GLN B 231 13.39 36.73 -9.28
N PRO B 232 13.33 35.97 -10.37
CA PRO B 232 14.32 34.91 -10.60
C PRO B 232 15.51 35.40 -11.41
N GLY B 233 16.51 34.53 -11.51
CA GLY B 233 17.67 34.81 -12.33
C GLY B 233 18.52 35.99 -11.89
N LEU B 234 18.84 36.08 -10.61
CA LEU B 234 19.65 37.16 -10.08
C LEU B 234 21.10 36.70 -9.90
N VAL B 235 21.97 37.68 -9.65
CA VAL B 235 23.38 37.41 -9.39
C VAL B 235 23.53 36.84 -7.99
N GLY B 236 24.23 35.72 -7.89
CA GLY B 236 24.44 35.06 -6.61
C GLY B 236 23.18 34.54 -5.97
N GLU B 237 22.29 33.93 -6.74
CA GLU B 237 21.03 33.45 -6.21
C GLU B 237 21.23 32.20 -5.36
N GLN B 238 20.61 32.18 -4.19
CA GLN B 238 20.60 31.02 -3.32
C GLN B 238 19.19 30.47 -3.10
N ALA B 239 18.25 31.33 -2.75
CA ALA B 239 16.85 31.00 -2.58
C ALA B 239 16.02 31.83 -3.56
N PRO B 240 14.78 31.43 -3.84
CA PRO B 240 13.92 32.24 -4.74
C PRO B 240 13.90 33.72 -4.38
N GLY B 241 14.40 34.55 -5.27
CA GLY B 241 14.45 35.99 -5.06
C GLY B 241 15.58 36.47 -4.20
N LEU B 242 16.41 35.57 -3.67
CA LEU B 242 17.45 35.92 -2.70
C LEU B 242 18.80 35.93 -3.41
N SER B 243 19.51 37.06 -3.31
CA SER B 243 20.77 37.26 -4.00
C SER B 243 21.85 37.62 -3.00
N VAL B 244 23.00 36.96 -3.08
CA VAL B 244 24.18 37.29 -2.30
C VAL B 244 25.27 37.68 -3.28
N ARG B 245 25.83 38.88 -3.10
CA ARG B 245 26.87 39.35 -4.00
C ARG B 245 27.98 40.01 -3.21
N PHE B 246 29.19 39.87 -3.71
CA PHE B 246 30.41 40.30 -3.01
C PHE B 246 30.76 41.69 -3.51
N THR B 247 30.68 42.68 -2.62
CA THR B 247 30.91 44.07 -2.98
C THR B 247 32.33 44.51 -2.61
N GLY B 248 33.30 43.84 -3.19
CA GLY B 248 34.67 44.27 -3.11
C GLY B 248 35.29 44.20 -1.72
N ILE B 249 36.48 44.81 -1.63
CA ILE B 249 37.32 44.77 -0.44
C ILE B 249 37.76 46.19 -0.13
N ASN B 250 37.68 46.58 1.14
CA ASN B 250 38.08 47.91 1.58
C ASN B 250 39.56 47.91 1.98
N ARG B 251 40.01 49.00 2.60
CA ARG B 251 41.42 49.10 2.96
C ARG B 251 41.77 48.21 4.15
N SER B 252 40.84 48.00 5.07
CA SER B 252 41.07 47.19 6.26
C SER B 252 40.84 45.70 6.02
N ALA B 253 40.78 45.27 4.76
CA ALA B 253 40.53 43.88 4.40
C ALA B 253 39.21 43.36 4.96
N ILE B 254 38.24 44.25 5.11
CA ILE B 254 36.91 43.89 5.60
C ILE B 254 36.03 43.66 4.37
N ALA B 255 35.86 42.39 4.00
CA ALA B 255 35.02 42.05 2.86
C ALA B 255 33.56 42.33 3.17
N SER B 256 32.82 42.71 2.14
CA SER B 256 31.40 43.04 2.29
C SER B 256 30.57 42.19 1.33
N TYR B 257 29.39 41.81 1.80
CA TYR B 257 28.41 41.10 0.99
C TYR B 257 27.10 41.84 1.05
N LEU B 258 26.42 41.93 -0.09
CA LEU B 258 25.09 42.52 -0.16
C LEU B 258 24.08 41.40 -0.38
N VAL B 259 23.11 41.30 0.52
CA VAL B 259 22.06 40.29 0.47
C VAL B 259 20.75 40.99 0.19
N THR B 260 20.04 40.56 -0.85
CA THR B 260 18.87 41.27 -1.35
C THR B 260 17.71 40.31 -1.57
N LEU B 261 16.50 40.81 -1.33
CA LEU B 261 15.28 40.03 -1.52
C LEU B 261 14.22 40.98 -2.07
N TYR B 262 13.85 40.81 -3.34
CA TYR B 262 12.81 41.61 -3.97
C TYR B 262 11.46 40.91 -3.79
N THR B 263 10.51 41.61 -3.18
CA THR B 263 9.29 41.00 -2.69
C THR B 263 8.10 41.91 -2.98
N SER B 264 6.97 41.29 -3.31
CA SER B 264 5.69 41.98 -3.33
C SER B 264 4.60 40.92 -3.17
N LEU B 265 3.38 41.39 -2.93
CA LEU B 265 2.22 40.54 -2.73
C LEU B 265 1.08 41.03 -3.60
N ALA B 266 0.37 40.10 -4.23
CA ALA B 266 -0.72 40.43 -5.14
C ALA B 266 -2.01 39.76 -4.69
N VAL B 267 -3.09 40.53 -4.70
CA VAL B 267 -4.44 40.01 -4.46
C VAL B 267 -5.18 40.08 -5.79
N LEU B 268 -5.53 38.92 -6.33
CA LEU B 268 -6.14 38.88 -7.66
C LEU B 268 -7.61 39.29 -7.62
N THR B 269 -8.34 38.87 -6.60
CA THR B 269 -9.72 39.27 -6.40
C THR B 269 -9.88 39.78 -4.97
N ASP B 270 -10.75 40.77 -4.81
CA ASP B 270 -10.89 41.42 -3.50
C ASP B 270 -11.47 40.49 -2.45
N ASP B 271 -12.33 39.55 -2.84
CA ASP B 271 -12.95 38.62 -1.92
C ASP B 271 -12.05 37.45 -1.55
N ALA B 272 -10.75 37.57 -1.81
CA ALA B 272 -9.76 36.57 -1.40
C ALA B 272 -9.12 36.91 -0.06
N LEU B 273 -9.57 37.98 0.59
CA LEU B 273 -8.88 38.51 1.77
C LEU B 273 -9.88 39.26 2.64
N ALA B 274 -9.97 38.88 3.90
CA ALA B 274 -10.81 39.57 4.87
C ALA B 274 -10.06 39.71 6.19
N VAL B 275 -10.36 40.76 6.92
CA VAL B 275 -9.68 41.08 8.17
C VAL B 275 -10.72 41.29 9.26
N LEU B 276 -10.52 40.65 10.40
CA LEU B 276 -11.32 40.88 11.61
C LEU B 276 -10.56 41.82 12.52
N ASP B 277 -11.15 42.96 12.84
CA ASP B 277 -10.51 44.02 13.59
C ASP B 277 -10.98 44.04 15.04
N GLY B 278 -10.19 44.69 15.89
CA GLY B 278 -10.55 44.89 17.28
C GLY B 278 -10.63 43.62 18.11
N VAL B 279 -9.68 42.73 17.95
CA VAL B 279 -9.69 41.44 18.64
C VAL B 279 -8.96 41.59 19.97
N ALA B 280 -9.72 41.55 21.06
CA ALA B 280 -9.14 41.65 22.39
C ALA B 280 -8.57 40.31 22.83
N VAL B 281 -7.39 40.34 23.44
CA VAL B 281 -6.65 39.13 23.76
C VAL B 281 -6.43 38.97 25.26
N ASP B 282 -7.11 39.76 26.09
CA ASP B 282 -6.91 39.71 27.54
C ASP B 282 -8.24 39.67 28.27
N GLN B 283 -9.15 38.80 27.84
CA GLN B 283 -10.43 38.62 28.50
C GLN B 283 -10.55 37.19 29.00
N PHE B 284 -11.04 37.04 30.22
CA PHE B 284 -11.10 35.75 30.89
C PHE B 284 -12.47 35.55 31.51
N HIS B 285 -12.90 34.30 31.58
CA HIS B 285 -14.20 33.94 32.13
C HIS B 285 -14.03 33.40 33.55
N GLU B 286 -15.07 33.59 34.36
CA GLU B 286 -15.06 33.09 35.73
C GLU B 286 -15.68 31.70 35.80
N TYR B 287 -15.26 30.94 36.80
CA TYR B 287 -15.64 29.54 36.95
C TYR B 287 -15.74 29.25 38.44
N GLN B 288 -15.70 27.96 38.80
CA GLN B 288 -15.77 27.52 40.19
C GLN B 288 -17.13 27.82 40.79
N ALA C 1 9.45 -31.00 41.24
CA ALA C 1 10.58 -30.99 40.30
C ALA C 1 11.00 -29.57 39.94
N ASN C 2 11.05 -29.29 38.64
CA ASN C 2 11.41 -27.97 38.19
C ASN C 2 10.27 -26.98 38.42
N ALA C 3 10.63 -25.72 38.62
CA ALA C 3 9.68 -24.62 38.68
C ALA C 3 10.07 -23.57 37.65
N THR C 4 9.09 -23.09 36.91
CA THR C 4 9.36 -21.99 35.97
C THR C 4 9.56 -20.71 36.77
N LYS C 5 10.67 -20.03 36.52
CA LYS C 5 11.07 -18.86 37.28
C LYS C 5 10.92 -17.60 36.42
N THR C 6 11.14 -16.47 37.06
CA THR C 6 11.18 -15.18 36.41
C THR C 6 12.51 -14.50 36.71
N VAL C 7 12.89 -13.56 35.85
CA VAL C 7 13.96 -12.63 36.17
C VAL C 7 13.44 -11.75 37.29
N PRO C 8 14.29 -11.18 38.15
CA PRO C 8 13.79 -10.40 39.28
C PRO C 8 12.95 -9.21 38.81
N GLN C 9 11.95 -8.87 39.62
CA GLN C 9 11.03 -7.79 39.32
C GLN C 9 11.31 -6.59 40.21
N LEU C 10 11.50 -5.43 39.58
CA LEU C 10 11.77 -4.18 40.26
C LEU C 10 10.56 -3.28 40.13
N SER C 11 10.02 -2.83 41.26
CA SER C 11 8.81 -2.02 41.24
C SER C 11 9.07 -0.57 40.86
N THR C 12 10.32 -0.12 40.88
CA THR C 12 10.66 1.25 40.56
C THR C 12 10.97 1.46 39.09
N ILE C 13 10.83 0.44 38.25
CA ILE C 13 11.03 0.62 36.82
C ILE C 13 9.85 1.37 36.24
N THR C 14 10.10 2.55 35.71
CA THR C 14 9.10 3.38 35.07
C THR C 14 9.32 3.39 33.56
N PRO C 15 8.28 3.70 32.77
CA PRO C 15 8.45 3.72 31.32
C PRO C 15 9.51 4.69 30.82
N ARG C 16 9.80 5.76 31.57
CA ARG C 16 10.84 6.73 31.24
C ARG C 16 10.62 7.32 29.84
N PHE C 17 9.44 7.92 29.67
CA PHE C 17 9.10 8.51 28.38
C PHE C 17 9.99 9.70 28.05
N LEU C 18 10.47 10.41 29.06
CA LEU C 18 11.30 11.59 28.83
C LEU C 18 12.61 11.23 28.14
N LEU C 19 13.18 10.07 28.45
CA LEU C 19 14.41 9.65 27.80
C LEU C 19 14.20 9.32 26.33
N HIS C 20 12.96 9.11 25.90
CA HIS C 20 12.65 8.87 24.49
C HIS C 20 12.12 10.10 23.79
N LEU C 21 11.52 11.03 24.53
CA LEU C 21 10.99 12.26 23.96
C LEU C 21 12.08 13.28 23.67
N LEU C 22 13.18 13.23 24.39
CA LEU C 22 14.28 14.16 24.21
C LEU C 22 15.13 13.76 23.00
N SER C 23 15.85 14.74 22.47
CA SER C 23 16.84 14.52 21.43
C SER C 23 18.22 14.50 22.06
N TRP C 24 19.05 13.54 21.67
CA TRP C 24 20.32 13.28 22.33
C TRP C 24 21.47 13.62 21.39
N VAL C 25 22.36 14.49 21.85
CA VAL C 25 23.51 14.96 21.09
C VAL C 25 24.76 14.37 21.72
N PRO C 26 25.66 13.76 20.93
CA PRO C 26 26.91 13.26 21.49
C PRO C 26 27.93 14.37 21.68
N VAL C 27 28.63 14.31 22.82
CA VAL C 27 29.67 15.27 23.17
C VAL C 27 30.96 14.48 23.28
N GLU C 28 31.90 14.73 22.36
CA GLU C 28 33.08 13.89 22.25
C GLU C 28 34.16 14.20 23.28
N ALA C 29 34.03 15.28 24.05
CA ALA C 29 35.00 15.55 25.10
C ALA C 29 34.36 16.06 26.39
N GLY C 30 33.05 15.90 26.54
CA GLY C 30 32.38 16.27 27.77
C GLY C 30 32.05 17.72 27.92
N ILE C 31 32.31 18.56 26.92
CA ILE C 31 32.05 19.98 26.97
C ILE C 31 31.18 20.36 25.78
N TYR C 32 30.11 21.10 26.05
CA TYR C 32 29.18 21.58 25.04
C TYR C 32 29.08 23.08 25.17
N ARG C 33 29.26 23.79 24.07
CA ARG C 33 29.17 25.25 24.06
C ARG C 33 27.98 25.66 23.22
N VAL C 34 27.14 26.54 23.77
CA VAL C 34 25.99 27.10 23.07
C VAL C 34 26.24 28.59 22.87
N ASN C 35 26.29 28.96 21.59
CA ASN C 35 26.54 30.32 21.19
C ASN C 35 25.30 31.00 20.80
N ARG C 36 24.93 31.95 21.57
CA ARG C 36 23.72 32.57 21.37
C ARG C 36 23.89 34.01 21.04
N VAL C 37 23.21 34.56 20.03
CA VAL C 37 23.35 35.92 19.60
C VAL C 37 22.80 36.87 20.60
N VAL C 38 23.64 37.72 21.16
CA VAL C 38 23.33 38.64 22.23
C VAL C 38 22.37 39.74 21.96
N ASN C 39 22.45 40.35 20.81
CA ASN C 39 21.46 41.31 20.50
C ASN C 39 20.81 40.68 19.38
N PRO C 40 19.55 40.37 19.57
CA PRO C 40 19.01 39.63 18.45
C PRO C 40 18.29 40.45 17.41
N TYR C 64 26.95 40.08 14.25
CA TYR C 64 26.28 39.40 15.35
C TYR C 64 27.30 38.92 16.39
N GLU C 65 27.28 39.55 17.56
CA GLU C 65 28.10 39.12 18.67
C GLU C 65 27.40 38.02 19.45
N THR C 66 28.18 37.13 20.04
CA THR C 66 27.64 35.95 20.72
C THR C 66 28.23 35.82 22.11
N HIS C 67 27.43 35.30 23.04
CA HIS C 67 27.89 34.98 24.38
C HIS C 67 27.76 33.48 24.61
N PRO C 68 28.85 32.78 24.94
CA PRO C 68 28.76 31.32 25.08
C PRO C 68 28.31 30.86 26.47
N ARG C 69 27.52 29.79 26.47
CA ARG C 69 27.13 29.09 27.68
C ARG C 69 27.66 27.67 27.59
N GLU C 70 28.35 27.22 28.63
CA GLU C 70 29.05 25.95 28.62
C GLU C 70 28.31 24.90 29.44
N TYR C 71 28.21 23.69 28.88
CA TYR C 71 27.61 22.54 29.54
C TYR C 71 28.65 21.44 29.63
N THR C 72 29.04 21.07 30.84
CA THR C 72 29.96 19.96 31.06
C THR C 72 29.20 18.80 31.67
N LEU C 73 29.41 17.61 31.10
CA LEU C 73 28.65 16.43 31.50
C LEU C 73 29.01 16.01 32.92
N ARG C 74 28.00 15.63 33.69
CA ARG C 74 28.17 15.21 35.06
C ARG C 74 27.91 13.71 35.18
N SER C 75 28.53 13.09 36.17
CA SER C 75 28.53 11.63 36.29
C SER C 75 27.41 11.15 37.19
N ILE C 76 26.64 10.20 36.68
CA ILE C 76 25.75 9.37 37.48
C ILE C 76 26.40 7.99 37.55
N SER C 77 26.75 7.56 38.77
CA SER C 77 27.60 6.41 38.96
C SER C 77 27.10 5.54 40.10
N THR C 78 27.43 4.25 40.03
CA THR C 78 27.16 3.32 41.11
C THR C 78 28.16 2.18 41.03
N LEU C 79 28.59 1.72 42.20
CA LEU C 79 29.52 0.59 42.30
C LEU C 79 28.73 -0.65 42.69
N LEU C 80 28.84 -1.69 41.87
CA LEU C 80 28.12 -2.94 42.06
C LEU C 80 29.10 -4.02 42.49
N ASP C 81 28.86 -4.62 43.65
CA ASP C 81 29.69 -5.69 44.17
C ASP C 81 28.93 -7.00 44.05
N VAL C 82 29.41 -7.89 43.19
CA VAL C 82 28.82 -9.23 43.02
C VAL C 82 29.60 -10.19 43.89
N HIS C 83 28.89 -10.99 44.67
CA HIS C 83 29.50 -11.87 45.65
C HIS C 83 29.58 -13.30 45.13
N THR C 84 30.47 -14.07 45.76
CA THR C 84 30.51 -15.52 45.58
C THR C 84 29.63 -16.19 46.63
N ARG C 85 28.39 -15.70 46.72
CA ARG C 85 27.44 -16.12 47.73
C ARG C 85 26.39 -17.03 47.09
N VAL C 86 25.42 -17.45 47.89
CA VAL C 86 24.48 -18.48 47.47
C VAL C 86 23.42 -17.94 46.52
N SER C 87 22.58 -17.02 46.99
CA SER C 87 21.52 -16.40 46.18
C SER C 87 20.70 -17.46 45.44
N ASP C 88 19.88 -18.18 46.21
CA ASP C 88 19.18 -19.34 45.67
C ASP C 88 18.00 -18.94 44.79
N LEU C 89 18.27 -18.12 43.77
CA LEU C 89 17.28 -17.82 42.75
C LEU C 89 17.92 -17.72 41.37
N TYR C 90 19.19 -18.08 41.22
CA TYR C 90 19.97 -17.77 40.04
C TYR C 90 20.57 -18.98 39.36
N SER C 91 20.93 -20.03 40.10
CA SER C 91 21.38 -21.30 39.54
C SER C 91 22.76 -21.24 38.90
N SER C 92 23.35 -20.04 38.79
CA SER C 92 24.71 -19.91 38.28
C SER C 92 25.25 -18.57 38.69
N PRO C 93 26.56 -18.46 38.95
CA PRO C 93 27.16 -17.13 39.11
C PRO C 93 27.01 -16.26 37.87
N HIS C 94 26.91 -16.86 36.68
CA HIS C 94 26.73 -16.07 35.47
C HIS C 94 25.36 -15.43 35.41
N ASP C 95 24.32 -16.14 35.83
CA ASP C 95 22.98 -15.55 35.83
C ASP C 95 22.83 -14.50 36.92
N GLN C 96 23.51 -14.67 38.04
CA GLN C 96 23.46 -13.66 39.10
C GLN C 96 24.05 -12.35 38.62
N VAL C 97 25.22 -12.39 37.99
CA VAL C 97 25.86 -11.18 37.48
C VAL C 97 25.03 -10.54 36.39
N THR C 98 24.46 -11.34 35.50
CA THR C 98 23.65 -10.80 34.42
C THR C 98 22.44 -10.03 34.97
N GLN C 99 21.72 -10.64 35.90
CA GLN C 99 20.53 -10.00 36.43
C GLN C 99 20.87 -8.77 37.27
N GLN C 100 21.95 -8.85 38.07
CA GLN C 100 22.31 -7.71 38.89
C GLN C 100 22.83 -6.55 38.05
N LEU C 101 23.54 -6.83 36.96
CA LEU C 101 23.91 -5.76 36.03
C LEU C 101 22.68 -5.15 35.38
N ARG C 102 21.70 -5.97 34.99
CA ARG C 102 20.49 -5.43 34.39
C ARG C 102 19.75 -4.50 35.35
N LEU C 103 19.60 -4.93 36.60
CA LEU C 103 18.91 -4.11 37.59
C LEU C 103 19.68 -2.83 37.88
N THR C 104 21.01 -2.92 37.95
CA THR C 104 21.82 -1.74 38.18
C THR C 104 21.67 -0.74 37.03
N ILE C 105 21.60 -1.22 35.80
CA ILE C 105 21.45 -0.32 34.66
C ILE C 105 20.07 0.33 34.67
N GLU C 106 19.03 -0.42 35.02
CA GLU C 106 17.70 0.18 35.12
C GLU C 106 17.66 1.27 36.17
N THR C 107 18.28 1.02 37.33
CA THR C 107 18.33 2.04 38.37
C THR C 107 19.12 3.27 37.92
N ILE C 108 20.21 3.06 37.19
CA ILE C 108 21.00 4.20 36.72
C ILE C 108 20.20 5.04 35.73
N LYS C 109 19.37 4.41 34.91
CA LYS C 109 18.58 5.18 33.94
C LYS C 109 17.43 5.91 34.62
N GLU C 110 16.83 5.31 35.67
CA GLU C 110 15.84 6.04 36.46
C GLU C 110 16.47 7.27 37.12
N ARG C 111 17.67 7.12 37.64
CA ARG C 111 18.36 8.26 38.22
C ARG C 111 18.67 9.32 37.17
N GLN C 112 19.01 8.89 35.96
CA GLN C 112 19.25 9.85 34.89
C GLN C 112 18.00 10.66 34.57
N GLU C 113 16.85 10.01 34.50
CA GLU C 113 15.61 10.74 34.25
C GLU C 113 15.31 11.73 35.38
N TYR C 114 15.47 11.28 36.63
CA TYR C 114 15.27 12.17 37.76
C TYR C 114 16.18 13.40 37.67
N GLU C 115 17.46 13.19 37.35
CA GLU C 115 18.40 14.28 37.25
C GLU C 115 18.06 15.23 36.11
N LEU C 116 17.61 14.68 34.98
CA LEU C 116 17.23 15.53 33.86
C LEU C 116 16.07 16.44 34.23
N VAL C 117 15.17 15.98 35.09
CA VAL C 117 14.09 16.88 35.53
C VAL C 117 14.56 17.78 36.66
N ASN C 118 15.36 17.27 37.60
CA ASN C 118 15.49 17.88 38.92
C ASN C 118 16.87 18.41 39.27
N ASN C 119 17.85 18.32 38.38
CA ASN C 119 19.19 18.75 38.76
C ASN C 119 19.24 20.25 38.99
N PRO C 120 19.91 20.73 40.03
CA PRO C 120 19.97 22.17 40.30
C PRO C 120 20.76 22.94 39.25
N GLU C 121 21.58 22.28 38.43
CA GLU C 121 22.39 22.95 37.44
C GLU C 121 21.82 22.84 36.02
N TYR C 122 21.52 21.63 35.56
CA TYR C 122 21.04 21.44 34.20
C TYR C 122 19.62 20.85 34.13
N GLY C 123 18.87 20.84 35.22
CA GLY C 123 17.52 20.35 35.16
C GLY C 123 16.59 21.29 34.44
N LEU C 124 15.49 20.73 33.93
CA LEU C 124 14.50 21.53 33.22
C LEU C 124 13.88 22.58 34.14
N LEU C 125 13.60 22.20 35.39
CA LEU C 125 12.98 23.14 36.32
C LEU C 125 13.92 24.28 36.70
N ALA C 126 15.22 24.02 36.67
CA ALA C 126 16.21 25.02 37.05
C ALA C 126 16.59 25.93 35.90
N GLN C 127 16.57 25.44 34.67
CA GLN C 127 17.02 26.20 33.52
C GLN C 127 15.94 27.10 32.94
N ALA C 128 14.73 27.07 33.48
CA ALA C 128 13.68 27.98 33.05
C ALA C 128 13.86 29.35 33.67
N THR C 129 13.60 30.39 32.88
CA THR C 129 13.80 31.77 33.26
C THR C 129 12.54 32.35 33.89
N PRO C 130 12.66 33.40 34.71
CA PRO C 130 11.46 34.02 35.30
C PRO C 130 10.47 34.55 34.29
N GLU C 131 10.93 34.99 33.12
CA GLU C 131 10.02 35.46 32.10
C GLU C 131 9.26 34.32 31.41
N GLN C 132 9.76 33.10 31.51
CA GLN C 132 9.12 31.93 30.92
C GLN C 132 8.29 31.14 31.92
N THR C 133 8.15 31.63 33.14
CA THR C 133 7.45 30.92 34.21
C THR C 133 6.18 31.69 34.58
N ILE C 134 5.05 30.98 34.59
CA ILE C 134 3.76 31.58 34.89
C ILE C 134 3.08 30.76 35.99
N GLN C 135 2.05 31.35 36.59
CA GLN C 135 1.32 30.73 37.68
C GLN C 135 -0.12 30.45 37.26
N THR C 136 -0.74 29.49 37.94
CA THR C 136 -2.14 29.18 37.67
C THR C 136 -3.04 30.34 38.08
N LEU C 137 -4.11 30.53 37.32
CA LEU C 137 -5.05 31.61 37.61
C LEU C 137 -5.76 31.39 38.94
N ALA C 138 -6.17 30.15 39.23
CA ALA C 138 -6.92 29.87 40.44
C ALA C 138 -6.51 28.55 41.09
N GLY C 139 -5.26 28.14 40.95
CA GLY C 139 -4.77 26.93 41.60
C GLY C 139 -4.82 25.68 40.75
N ALA C 140 -5.99 25.23 40.38
CA ALA C 140 -6.10 24.01 39.61
C ALA C 140 -5.70 24.24 38.15
N PRO C 141 -5.12 23.23 37.50
CA PRO C 141 -4.69 23.39 36.10
C PRO C 141 -5.87 23.33 35.16
N THR C 142 -6.24 24.47 34.60
CA THR C 142 -7.36 24.59 33.69
C THR C 142 -6.87 24.73 32.26
N PRO C 143 -7.76 24.58 31.28
CA PRO C 143 -7.36 24.82 29.88
C PRO C 143 -6.79 26.21 29.61
N ASP C 144 -7.21 27.24 30.34
CA ASP C 144 -6.64 28.57 30.16
C ASP C 144 -5.16 28.61 30.51
N ASP C 145 -4.77 27.95 31.59
CA ASP C 145 -3.37 27.92 31.99
C ASP C 145 -2.51 27.20 30.96
N LEU C 146 -3.00 26.09 30.42
CA LEU C 146 -2.25 25.39 29.39
C LEU C 146 -2.19 26.21 28.11
N ASP C 147 -3.24 27.00 27.82
CA ASP C 147 -3.20 27.91 26.68
C ASP C 147 -2.14 28.98 26.85
N ALA C 148 -2.03 29.54 28.05
CA ALA C 148 -0.98 30.52 28.34
C ALA C 148 0.41 29.90 28.19
N LEU C 149 0.58 28.68 28.70
CA LEU C 149 1.84 27.98 28.51
C LEU C 149 2.16 27.83 27.03
N ILE C 150 1.15 27.53 26.21
CA ILE C 150 1.38 27.41 24.77
C ILE C 150 1.78 28.75 24.18
N THR C 151 1.20 29.84 24.68
CA THR C 151 1.64 31.15 24.18
C THR C 151 3.11 31.40 24.47
N LYS C 152 3.62 30.86 25.58
CA LYS C 152 5.03 31.09 25.88
C LYS C 152 5.96 30.24 25.01
N VAL C 153 5.51 29.09 24.53
CA VAL C 153 6.33 28.20 23.69
C VAL C 153 5.64 27.95 22.36
N TRP C 154 5.00 28.99 21.80
CA TRP C 154 4.17 28.82 20.61
C TRP C 154 4.93 28.28 19.40
N LYS C 155 6.24 28.41 19.35
CA LYS C 155 7.01 27.85 18.23
C LYS C 155 7.22 26.36 18.49
N THR C 156 6.31 25.54 17.96
CA THR C 156 6.39 24.08 17.92
C THR C 156 6.65 23.52 19.32
N PRO C 157 5.67 23.51 20.21
CA PRO C 157 5.83 22.75 21.45
C PRO C 157 5.74 21.26 21.17
N ALA C 158 6.53 20.48 21.90
CA ALA C 158 6.62 19.04 21.66
C ALA C 158 5.80 18.21 22.63
N PHE C 159 5.91 18.49 23.93
CA PHE C 159 5.13 17.72 24.90
C PHE C 159 4.97 18.53 26.18
N PHE C 160 3.94 18.15 26.95
CA PHE C 160 3.78 18.58 28.32
C PHE C 160 4.38 17.52 29.23
N LEU C 161 4.99 17.94 30.33
CA LEU C 161 5.57 17.03 31.31
C LEU C 161 5.02 17.37 32.69
N THR C 162 4.45 16.38 33.36
CA THR C 162 3.89 16.58 34.69
C THR C 162 3.76 15.24 35.38
N HIS C 163 3.43 15.28 36.65
CA HIS C 163 3.14 14.12 37.47
C HIS C 163 1.78 13.53 37.09
N PRO C 164 1.60 12.22 37.26
CA PRO C 164 0.28 11.62 36.95
C PRO C 164 -0.87 12.23 37.74
N LEU C 165 -0.63 12.69 38.96
CA LEU C 165 -1.65 13.42 39.70
C LEU C 165 -2.06 14.69 38.97
N GLY C 166 -1.08 15.38 38.38
CA GLY C 166 -1.40 16.57 37.59
C GLY C 166 -2.21 16.24 36.35
N VAL C 167 -1.94 15.10 35.72
CA VAL C 167 -2.74 14.66 34.59
C VAL C 167 -4.18 14.43 35.02
N ALA C 168 -4.38 13.79 36.17
CA ALA C 168 -5.74 13.59 36.67
C ALA C 168 -6.43 14.91 36.98
N ALA C 169 -5.71 15.86 37.57
CA ALA C 169 -6.32 17.15 37.90
C ALA C 169 -6.72 17.92 36.65
N PHE C 170 -5.86 17.91 35.63
CA PHE C 170 -6.21 18.54 34.37
C PHE C 170 -7.42 17.86 33.73
N GLY C 171 -7.47 16.52 33.77
CA GLY C 171 -8.62 15.83 33.22
C GLY C 171 -9.91 16.19 33.93
N ARG C 172 -9.86 16.31 35.26
CA ARG C 172 -11.03 16.72 36.01
C ARG C 172 -11.50 18.12 35.60
N GLU C 173 -10.56 19.06 35.49
CA GLU C 173 -10.94 20.42 35.13
C GLU C 173 -11.49 20.47 33.71
N CYS C 174 -10.96 19.65 32.81
CA CYS C 174 -11.50 19.58 31.45
C CYS C 174 -12.90 18.98 31.44
N THR C 175 -13.15 17.97 32.26
CA THR C 175 -14.48 17.37 32.30
C THR C 175 -15.52 18.34 32.87
N TYR C 176 -15.14 19.12 33.89
CA TYR C 176 -16.10 20.09 34.42
C TYR C 176 -16.49 21.13 33.39
N ARG C 177 -15.57 21.49 32.50
CA ARG C 177 -15.84 22.47 31.46
C ARG C 177 -16.54 21.88 30.25
N GLY C 178 -16.79 20.57 30.25
CA GLY C 178 -17.47 19.94 29.14
C GLY C 178 -16.62 19.69 27.93
N VAL C 179 -15.29 19.66 28.09
CA VAL C 179 -14.37 19.49 26.96
C VAL C 179 -13.59 18.20 27.13
N PRO C 180 -13.85 17.18 26.30
CA PRO C 180 -13.03 15.97 26.34
C PRO C 180 -11.82 16.09 25.43
N PRO C 181 -10.60 16.01 25.98
CA PRO C 181 -9.40 16.04 25.14
C PRO C 181 -9.14 14.69 24.50
N PRO C 182 -8.67 14.66 23.26
CA PRO C 182 -8.36 13.39 22.60
C PRO C 182 -7.08 12.80 23.16
N THR C 183 -6.78 11.58 22.72
CA THR C 183 -5.56 10.91 23.12
C THR C 183 -4.78 10.47 21.89
N VAL C 184 -3.49 10.24 22.09
CA VAL C 184 -2.59 9.80 21.04
C VAL C 184 -1.87 8.55 21.52
N SER C 185 -1.43 7.73 20.58
CA SER C 185 -0.71 6.49 20.90
C SER C 185 0.77 6.69 20.61
N MET C 186 1.62 6.38 21.59
CA MET C 186 3.05 6.62 21.45
C MET C 186 3.81 5.82 22.52
N TYR C 187 4.80 5.04 22.08
CA TYR C 187 5.64 4.21 22.96
C TYR C 187 4.80 3.20 23.76
N GLY C 188 3.77 2.66 23.14
CA GLY C 188 2.92 1.72 23.83
C GLY C 188 2.06 2.33 24.92
N ALA C 189 1.77 3.63 24.84
CA ALA C 189 1.02 4.33 25.87
C ALA C 189 -0.04 5.22 25.20
N GLN C 190 -0.98 5.68 26.01
CA GLN C 190 -2.02 6.60 25.57
C GLN C 190 -1.84 7.93 26.29
N PHE C 191 -1.74 9.01 25.53
CA PHE C 191 -1.44 10.33 26.07
C PHE C 191 -2.57 11.29 25.77
N ILE C 192 -3.02 12.00 26.81
CA ILE C 192 -3.93 13.13 26.62
C ILE C 192 -3.19 14.23 25.89
N THR C 193 -3.85 14.83 24.89
CA THR C 193 -3.29 15.94 24.14
C THR C 193 -4.14 17.18 24.37
N TRP C 194 -3.50 18.32 24.57
CA TRP C 194 -4.16 19.61 24.55
C TRP C 194 -3.61 20.42 23.38
N ARG C 195 -4.51 20.82 22.48
CA ARG C 195 -4.15 21.48 21.23
C ARG C 195 -3.12 20.66 20.44
N GLY C 196 -3.30 19.35 20.47
CA GLY C 196 -2.45 18.44 19.73
C GLY C 196 -1.12 18.11 20.38
N ILE C 197 -0.85 18.62 21.57
CA ILE C 197 0.42 18.42 22.26
C ILE C 197 0.22 17.36 23.34
N PRO C 198 0.98 16.27 23.32
CA PRO C 198 0.81 15.23 24.35
C PRO C 198 1.13 15.74 25.74
N ILE C 199 0.39 15.23 26.72
CA ILE C 199 0.67 15.45 28.13
C ILE C 199 1.23 14.16 28.69
N VAL C 200 2.50 14.17 29.05
CA VAL C 200 3.27 12.96 29.35
C VAL C 200 3.45 12.87 30.85
N PRO C 201 3.10 11.74 31.48
CA PRO C 201 3.26 11.63 32.92
C PRO C 201 4.67 11.22 33.32
N SER C 202 5.16 11.78 34.42
CA SER C 202 6.47 11.46 34.94
C SER C 202 6.42 11.58 36.45
N ASP C 203 6.81 10.51 37.15
CA ASP C 203 6.81 10.54 38.61
C ASP C 203 8.02 11.26 39.19
N LYS C 204 8.99 11.65 38.36
CA LYS C 204 10.11 12.44 38.83
C LYS C 204 9.80 13.91 38.94
N VAL C 205 8.64 14.35 38.44
CA VAL C 205 8.17 15.73 38.60
C VAL C 205 7.66 15.86 40.03
N PRO C 206 8.19 16.79 40.82
CA PRO C 206 7.86 16.82 42.26
C PRO C 206 6.43 17.24 42.53
N VAL C 207 5.88 16.71 43.63
CA VAL C 207 4.60 17.12 44.17
C VAL C 207 4.82 17.41 45.65
N GLU C 208 4.86 18.69 46.02
CA GLU C 208 5.06 19.10 47.40
C GLU C 208 3.88 19.95 47.85
N ASP C 209 3.34 19.64 49.03
CA ASP C 209 2.22 20.37 49.62
C ASP C 209 0.98 20.32 48.72
N GLY C 210 0.86 19.26 47.92
CA GLY C 210 -0.25 19.13 47.00
C GLY C 210 -0.14 19.94 45.73
N THR C 211 1.04 20.49 45.43
CA THR C 211 1.26 21.30 44.24
C THR C 211 2.34 20.66 43.38
N THR C 212 2.11 20.59 42.08
CA THR C 212 3.07 20.09 41.12
C THR C 212 3.34 21.18 40.08
N LYS C 213 4.07 20.82 39.02
CA LYS C 213 4.39 21.73 37.94
C LYS C 213 3.98 21.12 36.60
N PHE C 214 3.73 21.99 35.64
CA PHE C 214 3.57 21.63 34.25
C PHE C 214 4.73 22.24 33.47
N VAL C 215 5.35 21.46 32.59
CA VAL C 215 6.49 21.90 31.81
C VAL C 215 6.19 21.72 30.34
N LEU C 216 6.32 22.78 29.56
CA LEU C 216 6.19 22.74 28.11
C LEU C 216 7.57 22.86 27.49
N VAL C 217 7.89 21.95 26.56
CA VAL C 217 9.24 21.80 26.05
C VAL C 217 9.19 21.63 24.53
N ARG C 218 10.08 22.33 23.84
CA ARG C 218 10.39 22.06 22.44
C ARG C 218 11.78 21.41 22.37
N THR C 219 11.87 20.25 21.74
CA THR C 219 13.13 19.51 21.66
C THR C 219 13.68 19.57 20.24
N GLY C 220 15.01 19.54 20.15
CA GLY C 220 15.69 19.49 18.87
C GLY C 220 16.83 20.49 18.78
N GLU C 221 17.89 20.08 18.09
CA GLU C 221 19.02 20.97 17.88
C GLU C 221 18.88 21.81 16.63
N GLU C 222 18.21 21.30 15.60
CA GLU C 222 18.02 22.03 14.35
C GLU C 222 16.82 22.96 14.40
N ARG C 223 16.10 23.00 15.52
CA ARG C 223 15.04 23.99 15.72
C ARG C 223 15.27 24.80 16.98
N GLN C 224 16.51 24.84 17.47
CA GLN C 224 16.90 25.63 18.63
C GLN C 224 16.07 25.28 19.86
N GLY C 225 15.97 23.99 20.15
CA GLY C 225 15.19 23.52 21.27
C GLY C 225 15.99 23.02 22.45
N VAL C 226 15.59 21.88 23.01
CA VAL C 226 16.25 21.29 24.17
C VAL C 226 16.82 19.94 23.75
N VAL C 227 18.08 19.72 24.07
CA VAL C 227 18.78 18.48 23.72
C VAL C 227 19.46 17.93 24.96
N GLY C 228 19.40 16.61 25.12
CA GLY C 228 20.23 15.94 26.09
C GLY C 228 21.60 15.61 25.54
N LEU C 229 22.57 15.48 26.44
CA LEU C 229 23.97 15.31 26.08
C LEU C 229 24.51 14.03 26.68
N PHE C 230 25.30 13.29 25.88
CA PHE C 230 25.95 12.07 26.34
C PHE C 230 27.34 11.98 25.71
N GLN C 231 28.19 11.17 26.33
CA GLN C 231 29.57 11.00 25.89
C GLN C 231 29.73 9.66 25.18
N PRO C 232 30.17 9.62 23.94
CA PRO C 232 30.37 8.34 23.25
C PRO C 232 31.79 7.82 23.41
N GLY C 233 32.00 6.59 22.96
CA GLY C 233 33.32 5.99 22.95
C GLY C 233 33.94 5.77 24.31
N LEU C 234 33.19 5.20 25.24
CA LEU C 234 33.68 4.92 26.58
C LEU C 234 34.09 3.46 26.72
N VAL C 235 34.77 3.16 27.81
CA VAL C 235 35.18 1.79 28.12
C VAL C 235 33.98 1.00 28.59
N GLY C 236 33.76 -0.16 27.99
CA GLY C 236 32.62 -1.00 28.35
C GLY C 236 31.28 -0.39 28.04
N GLU C 237 31.14 0.24 26.88
CA GLU C 237 29.88 0.90 26.54
C GLU C 237 28.82 -0.12 26.18
N GLN C 238 27.61 0.07 26.73
CA GLN C 238 26.45 -0.73 26.40
C GLN C 238 25.34 0.10 25.77
N ALA C 239 24.97 1.21 26.39
CA ALA C 239 24.00 2.16 25.90
C ALA C 239 24.67 3.51 25.72
N PRO C 240 24.07 4.42 24.93
CA PRO C 240 24.65 5.76 24.76
C PRO C 240 25.02 6.42 26.08
N GLY C 241 26.32 6.66 26.28
CA GLY C 241 26.81 7.27 27.49
C GLY C 241 26.97 6.35 28.67
N LEU C 242 26.60 5.08 28.54
CA LEU C 242 26.56 4.13 29.65
C LEU C 242 27.78 3.22 29.56
N SER C 243 28.56 3.17 30.64
CA SER C 243 29.79 2.41 30.68
C SER C 243 29.76 1.44 31.84
N VAL C 244 30.12 0.18 31.57
CA VAL C 244 30.28 -0.84 32.60
C VAL C 244 31.73 -1.29 32.57
N ARG C 245 32.41 -1.20 33.70
CA ARG C 245 33.82 -1.57 33.77
C ARG C 245 34.08 -2.39 35.03
N PHE C 246 35.01 -3.32 34.92
CA PHE C 246 35.29 -4.29 35.96
C PHE C 246 36.45 -3.75 36.79
N THR C 247 36.19 -3.43 38.05
CA THR C 247 37.18 -2.83 38.93
C THR C 247 37.82 -3.89 39.84
N GLY C 248 38.46 -4.87 39.22
CA GLY C 248 39.28 -5.80 39.94
C GLY C 248 38.53 -6.73 40.89
N ILE C 249 39.33 -7.42 41.70
CA ILE C 249 38.87 -8.45 42.62
C ILE C 249 39.49 -8.21 43.99
N ASN C 250 38.67 -8.27 45.03
CA ASN C 250 39.15 -8.06 46.40
C ASN C 250 39.59 -9.39 47.01
N ARG C 251 39.84 -9.40 48.32
CA ARG C 251 40.33 -10.60 48.97
C ARG C 251 39.24 -11.66 49.13
N SER C 252 37.99 -11.24 49.30
CA SER C 252 36.88 -12.15 49.49
C SER C 252 36.28 -12.63 48.18
N ALA C 253 36.99 -12.45 47.06
CA ALA C 253 36.52 -12.85 45.73
C ALA C 253 35.21 -12.17 45.36
N ILE C 254 34.99 -10.96 45.88
CA ILE C 254 33.80 -10.18 45.57
C ILE C 254 34.17 -9.24 44.42
N ALA C 255 33.80 -9.64 43.21
CA ALA C 255 34.06 -8.80 42.04
C ALA C 255 33.21 -7.55 42.08
N SER C 256 33.76 -6.46 41.54
CA SER C 256 33.09 -5.18 41.53
C SER C 256 32.99 -4.65 40.09
N TYR C 257 31.88 -3.99 39.80
CA TYR C 257 31.67 -3.32 38.53
C TYR C 257 31.29 -1.88 38.79
N LEU C 258 31.83 -0.98 37.99
CA LEU C 258 31.46 0.44 38.05
C LEU C 258 30.62 0.76 36.83
N VAL C 259 29.41 1.28 37.07
CA VAL C 259 28.47 1.65 36.01
C VAL C 259 28.32 3.16 36.04
N THR C 260 28.55 3.81 34.90
CA THR C 260 28.64 5.27 34.83
C THR C 260 27.79 5.79 33.69
N LEU C 261 27.22 6.98 33.91
CA LEU C 261 26.39 7.66 32.91
C LEU C 261 26.69 9.15 33.01
N TYR C 262 27.36 9.71 32.01
CA TYR C 262 27.65 11.14 31.97
C TYR C 262 26.53 11.85 31.21
N THR C 263 25.90 12.82 31.88
CA THR C 263 24.65 13.40 31.42
C THR C 263 24.66 14.90 31.62
N SER C 264 24.06 15.62 30.68
CA SER C 264 23.72 17.02 30.85
C SER C 264 22.58 17.34 29.89
N LEU C 265 22.01 18.53 30.08
CA LEU C 265 20.89 19.00 29.28
C LEU C 265 21.17 20.42 28.83
N ALA C 266 20.87 20.71 27.57
CA ALA C 266 21.14 22.01 26.98
C ALA C 266 19.86 22.62 26.44
N VAL C 267 19.65 23.90 26.73
CA VAL C 267 18.56 24.70 26.16
C VAL C 267 19.20 25.70 25.21
N LEU C 268 18.91 25.56 23.91
CA LEU C 268 19.56 26.40 22.91
C LEU C 268 18.98 27.81 22.89
N THR C 269 17.66 27.91 23.02
CA THR C 269 16.99 29.21 23.09
C THR C 269 16.08 29.21 24.31
N ASP C 270 15.94 30.37 24.94
CA ASP C 270 15.20 30.46 26.19
C ASP C 270 13.71 30.19 25.99
N ASP C 271 13.15 30.55 24.84
CA ASP C 271 11.74 30.34 24.55
C ASP C 271 11.41 28.91 24.14
N ALA C 272 12.32 27.97 24.38
CA ALA C 272 12.08 26.56 24.14
C ALA C 272 11.56 25.83 25.39
N LEU C 273 11.33 26.56 26.48
CA LEU C 273 11.04 25.93 27.76
C LEU C 273 10.21 26.90 28.60
N ALA C 274 9.05 26.44 29.08
CA ALA C 274 8.22 27.22 29.98
C ALA C 274 7.69 26.31 31.07
N VAL C 275 7.45 26.89 32.25
CA VAL C 275 7.01 26.15 33.42
C VAL C 275 5.77 26.83 33.99
N LEU C 276 4.75 26.02 34.27
CA LEU C 276 3.55 26.48 34.98
C LEU C 276 3.68 26.07 36.44
N ASP C 277 3.64 27.05 37.33
CA ASP C 277 3.88 26.84 38.75
C ASP C 277 2.57 26.84 39.54
N GLY C 278 2.63 26.29 40.74
CA GLY C 278 1.51 26.31 41.67
C GLY C 278 0.30 25.53 41.21
N VAL C 279 0.50 24.33 40.68
CA VAL C 279 -0.58 23.52 40.13
C VAL C 279 -1.14 22.64 41.25
N ALA C 280 -2.34 22.95 41.71
CA ALA C 280 -2.99 22.17 42.74
C ALA C 280 -3.61 20.92 42.15
N VAL C 281 -3.45 19.78 42.85
CA VAL C 281 -3.85 18.48 42.32
C VAL C 281 -4.92 17.82 43.17
N ASP C 282 -5.54 18.55 44.10
CA ASP C 282 -6.52 17.97 45.02
C ASP C 282 -7.76 18.85 45.11
N GLN C 283 -8.28 19.28 43.96
CA GLN C 283 -9.51 20.08 43.92
C GLN C 283 -10.57 19.33 43.12
N PHE C 284 -11.78 19.33 43.64
CA PHE C 284 -12.88 18.55 43.09
C PHE C 284 -14.13 19.43 42.97
N HIS C 285 -14.94 19.14 41.96
CA HIS C 285 -16.17 19.87 41.71
C HIS C 285 -17.37 19.09 42.22
N GLU C 286 -18.41 19.81 42.61
CA GLU C 286 -19.64 19.20 43.09
C GLU C 286 -20.62 19.01 41.93
N TYR C 287 -21.48 18.00 42.08
CA TYR C 287 -22.40 17.58 41.03
C TYR C 287 -23.69 17.12 41.71
N GLN C 288 -24.50 16.35 40.98
CA GLN C 288 -25.76 15.81 41.49
C GLN C 288 -26.77 16.92 41.73
N ALA D 1 -39.77 -34.38 5.03
CA ALA D 1 -38.51 -35.06 4.74
C ALA D 1 -37.40 -34.61 5.67
N ASN D 2 -36.28 -34.17 5.10
CA ASN D 2 -35.17 -33.69 5.90
C ASN D 2 -35.48 -32.31 6.48
N ALA D 3 -34.90 -32.03 7.64
CA ALA D 3 -34.94 -30.71 8.25
C ALA D 3 -33.50 -30.24 8.49
N THR D 4 -33.23 -28.99 8.14
CA THR D 4 -31.92 -28.42 8.44
C THR D 4 -31.84 -28.16 9.94
N LYS D 5 -30.79 -28.67 10.57
CA LYS D 5 -30.63 -28.61 12.00
C LYS D 5 -29.51 -27.63 12.37
N THR D 6 -29.38 -27.42 13.68
CA THR D 6 -28.29 -26.63 14.24
C THR D 6 -27.55 -27.47 15.28
N VAL D 7 -26.30 -27.08 15.53
CA VAL D 7 -25.58 -27.59 16.69
C VAL D 7 -26.28 -27.01 17.91
N PRO D 8 -26.22 -27.66 19.07
CA PRO D 8 -26.97 -27.16 20.23
C PRO D 8 -26.52 -25.75 20.62
N GLN D 9 -27.48 -24.97 21.12
CA GLN D 9 -27.25 -23.58 21.49
C GLN D 9 -27.22 -23.46 23.01
N LEU D 10 -26.14 -22.87 23.53
CA LEU D 10 -25.95 -22.65 24.95
C LEU D 10 -26.07 -21.16 25.23
N SER D 11 -26.98 -20.78 26.14
CA SER D 11 -27.21 -19.38 26.42
C SER D 11 -26.16 -18.77 27.32
N THR D 12 -25.35 -19.59 28.00
CA THR D 12 -24.33 -19.09 28.90
C THR D 12 -22.98 -18.86 28.23
N ILE D 13 -22.89 -19.03 26.91
CA ILE D 13 -21.65 -18.74 26.21
C ILE D 13 -21.49 -17.23 26.11
N THR D 14 -20.44 -16.71 26.72
CA THR D 14 -20.10 -15.29 26.68
C THR D 14 -18.88 -15.08 25.81
N PRO D 15 -18.68 -13.86 25.30
CA PRO D 15 -17.51 -13.60 24.45
C PRO D 15 -16.18 -13.86 25.14
N ARG D 16 -16.11 -13.77 26.47
CA ARG D 16 -14.90 -14.04 27.24
C ARG D 16 -13.73 -13.21 26.77
N PHE D 17 -13.92 -11.89 26.82
CA PHE D 17 -12.88 -10.96 26.36
C PHE D 17 -11.66 -11.01 27.26
N LEU D 18 -11.84 -11.34 28.54
CA LEU D 18 -10.73 -11.36 29.48
C LEU D 18 -9.71 -12.45 29.12
N LEU D 19 -10.18 -13.57 28.59
CA LEU D 19 -9.26 -14.63 28.18
C LEU D 19 -8.42 -14.23 26.97
N HIS D 20 -8.82 -13.20 26.24
CA HIS D 20 -8.06 -12.69 25.12
C HIS D 20 -7.25 -11.45 25.47
N LEU D 21 -7.68 -10.69 26.46
CA LEU D 21 -6.98 -9.48 26.89
C LEU D 21 -5.77 -9.80 27.73
N LEU D 22 -5.76 -10.94 28.43
CA LEU D 22 -4.66 -11.32 29.29
C LEU D 22 -3.52 -11.90 28.45
N SER D 23 -2.33 -11.86 29.03
CA SER D 23 -1.16 -12.52 28.48
C SER D 23 -0.94 -13.83 29.20
N TRP D 24 -0.66 -14.89 28.45
CA TRP D 24 -0.61 -16.25 28.99
C TRP D 24 0.81 -16.78 28.95
N VAL D 25 1.31 -17.20 30.10
CA VAL D 25 2.67 -17.71 30.27
C VAL D 25 2.58 -19.20 30.53
N PRO D 26 3.33 -20.04 29.82
CA PRO D 26 3.33 -21.47 30.11
C PRO D 26 4.19 -21.81 31.32
N VAL D 27 3.68 -22.72 32.15
CA VAL D 27 4.39 -23.19 33.34
C VAL D 27 4.60 -24.68 33.15
N GLU D 28 5.86 -25.09 33.01
CA GLU D 28 6.17 -26.45 32.60
C GLU D 28 6.10 -27.46 33.74
N ALA D 29 5.92 -27.01 34.99
CA ALA D 29 5.76 -27.96 36.09
C ALA D 29 4.72 -27.51 37.11
N GLY D 30 3.87 -26.56 36.76
CA GLY D 30 2.78 -26.14 37.61
C GLY D 30 3.15 -25.17 38.71
N ILE D 31 4.40 -24.73 38.77
CA ILE D 31 4.86 -23.80 39.80
C ILE D 31 5.47 -22.57 39.12
N TYR D 32 5.05 -21.40 39.57
CA TYR D 32 5.55 -20.13 39.07
C TYR D 32 6.07 -19.32 40.24
N ARG D 33 7.29 -18.82 40.14
CA ARG D 33 7.90 -18.02 41.19
C ARG D 33 8.11 -16.61 40.67
N VAL D 34 7.67 -15.63 41.46
CA VAL D 34 7.84 -14.22 41.15
C VAL D 34 8.78 -13.64 42.20
N ASN D 35 9.93 -13.14 41.70
CA ASN D 35 10.95 -12.56 42.52
C ASN D 35 10.92 -11.11 42.47
N ARG D 36 10.58 -10.53 43.56
CA ARG D 36 10.39 -9.16 43.59
C ARG D 36 11.36 -8.49 44.51
N VAL D 37 12.01 -7.39 44.12
CA VAL D 37 13.00 -6.72 44.90
C VAL D 37 12.40 -6.06 46.08
N VAL D 38 12.80 -6.47 47.27
CA VAL D 38 12.26 -6.03 48.53
C VAL D 38 12.45 -4.62 48.96
N ASN D 39 13.62 -4.08 48.71
CA ASN D 39 13.77 -2.71 48.99
C ASN D 39 13.99 -2.19 47.66
N PRO D 40 13.09 -1.35 47.22
CA PRO D 40 13.30 -0.98 45.84
C PRO D 40 14.08 0.30 45.63
N TYR D 64 20.63 -6.19 45.58
CA TYR D 64 19.17 -6.28 45.58
C TYR D 64 18.70 -7.63 46.14
N GLU D 65 18.10 -7.61 47.32
CA GLU D 65 17.51 -8.80 47.90
C GLU D 65 16.09 -8.97 47.38
N THR D 66 15.64 -10.22 47.29
CA THR D 66 14.36 -10.54 46.70
C THR D 66 13.56 -11.46 47.60
N HIS D 67 12.24 -11.30 47.59
CA HIS D 67 11.33 -12.20 48.30
C HIS D 67 10.45 -12.89 47.30
N PRO D 68 10.43 -14.23 47.25
CA PRO D 68 9.64 -14.93 46.23
C PRO D 68 8.19 -15.15 46.64
N ARG D 69 7.31 -15.03 45.65
CA ARG D 69 5.89 -15.38 45.78
C ARG D 69 5.60 -16.51 44.80
N GLU D 70 4.98 -17.57 45.28
CA GLU D 70 4.78 -18.79 44.50
C GLU D 70 3.34 -18.91 44.05
N TYR D 71 3.15 -19.28 42.78
CA TYR D 71 1.86 -19.53 42.17
C TYR D 71 1.83 -20.97 41.67
N THR D 72 0.97 -21.80 42.25
CA THR D 72 0.78 -23.16 41.80
C THR D 72 -0.58 -23.29 41.11
N LEU D 73 -0.58 -23.89 39.92
CA LEU D 73 -1.79 -23.97 39.11
C LEU D 73 -2.84 -24.85 39.77
N ARG D 74 -4.09 -24.40 39.71
CA ARG D 74 -5.21 -25.12 40.29
C ARG D 74 -6.08 -25.69 39.18
N SER D 75 -6.78 -26.77 39.49
CA SER D 75 -7.51 -27.53 38.48
C SER D 75 -8.97 -27.08 38.40
N ILE D 76 -9.40 -26.79 37.17
CA ILE D 76 -10.81 -26.68 36.82
C ILE D 76 -11.15 -27.93 36.02
N SER D 77 -12.06 -28.75 36.54
CA SER D 77 -12.29 -30.08 36.01
C SER D 77 -13.77 -30.40 35.94
N THR D 78 -14.12 -31.30 35.03
CA THR D 78 -15.47 -31.82 34.93
C THR D 78 -15.43 -33.19 34.29
N LEU D 79 -16.27 -34.09 34.78
CA LEU D 79 -16.37 -35.44 34.24
C LEU D 79 -17.60 -35.52 33.35
N LEU D 80 -17.41 -35.92 32.10
CA LEU D 80 -18.48 -35.99 31.11
C LEU D 80 -18.78 -37.46 30.81
N ASP D 81 -20.01 -37.87 31.02
CA ASP D 81 -20.46 -39.23 30.76
C ASP D 81 -21.34 -39.21 29.52
N VAL D 82 -20.85 -39.82 28.44
CA VAL D 82 -21.62 -39.96 27.21
C VAL D 82 -22.30 -41.32 27.22
N HIS D 83 -23.59 -41.33 26.93
CA HIS D 83 -24.40 -42.53 27.04
C HIS D 83 -24.61 -43.19 25.68
N THR D 84 -24.96 -44.46 25.71
CA THR D 84 -25.45 -45.18 24.53
C THR D 84 -26.98 -45.07 24.47
N ARG D 85 -27.45 -43.83 24.58
CA ARG D 85 -28.86 -43.51 24.65
C ARG D 85 -29.32 -42.93 23.31
N VAL D 86 -30.60 -42.54 23.26
CA VAL D 86 -31.22 -42.18 21.98
C VAL D 86 -30.81 -40.78 21.53
N SER D 87 -31.18 -39.75 22.29
CA SER D 87 -30.84 -38.37 21.99
C SER D 87 -31.17 -38.01 20.53
N ASP D 88 -32.47 -37.91 20.27
CA ASP D 88 -32.95 -37.76 18.90
C ASP D 88 -32.71 -36.35 18.36
N LEU D 89 -31.46 -35.90 18.40
CA LEU D 89 -31.07 -34.66 17.74
C LEU D 89 -29.68 -34.77 17.12
N TYR D 90 -29.10 -35.97 17.08
CA TYR D 90 -27.69 -36.15 16.77
C TYR D 90 -27.42 -37.06 15.59
N SER D 91 -28.25 -38.07 15.38
CA SER D 91 -28.18 -38.94 14.19
C SER D 91 -26.98 -39.88 14.20
N SER D 92 -26.07 -39.74 15.17
CA SER D 92 -24.94 -40.65 15.29
C SER D 92 -24.38 -40.54 16.68
N PRO D 93 -23.86 -41.63 17.24
CA PRO D 93 -23.08 -41.51 18.48
C PRO D 93 -21.86 -40.62 18.33
N HIS D 94 -21.30 -40.52 17.12
CA HIS D 94 -20.13 -39.67 16.91
C HIS D 94 -20.50 -38.19 17.01
N ASP D 95 -21.66 -37.80 16.48
CA ASP D 95 -22.07 -36.41 16.58
C ASP D 95 -22.48 -36.04 17.99
N GLN D 96 -23.04 -36.99 18.74
CA GLN D 96 -23.40 -36.72 20.12
C GLN D 96 -22.17 -36.42 20.96
N VAL D 97 -21.12 -37.25 20.82
CA VAL D 97 -19.90 -37.04 21.58
C VAL D 97 -19.22 -35.74 21.17
N THR D 98 -19.20 -35.44 19.87
CA THR D 98 -18.58 -34.20 19.41
C THR D 98 -19.25 -32.98 20.01
N GLN D 99 -20.57 -32.93 19.96
CA GLN D 99 -21.29 -31.77 20.46
C GLN D 99 -21.18 -31.66 21.99
N GLN D 100 -21.27 -32.79 22.68
CA GLN D 100 -21.18 -32.74 24.14
C GLN D 100 -19.78 -32.37 24.61
N LEU D 101 -18.75 -32.81 23.90
CA LEU D 101 -17.40 -32.34 24.21
C LEU D 101 -17.26 -30.84 23.96
N ARG D 102 -17.83 -30.35 22.87
CA ARG D 102 -17.76 -28.92 22.58
C ARG D 102 -18.44 -28.10 23.68
N LEU D 103 -19.63 -28.52 24.10
CA LEU D 103 -20.34 -27.79 25.15
C LEU D 103 -19.60 -27.87 26.48
N THR D 104 -19.01 -29.03 26.79
CA THR D 104 -18.24 -29.17 28.01
C THR D 104 -17.03 -28.24 28.01
N ILE D 105 -16.37 -28.11 26.87
CA ILE D 105 -15.21 -27.22 26.80
C ILE D 105 -15.62 -25.76 26.93
N GLU D 106 -16.75 -25.37 26.32
CA GLU D 106 -17.22 -24.00 26.50
C GLU D 106 -17.53 -23.70 27.96
N THR D 107 -18.19 -24.64 28.65
CA THR D 107 -18.48 -24.45 30.06
C THR D 107 -17.20 -24.37 30.89
N ILE D 108 -16.20 -25.18 30.56
CA ILE D 108 -14.95 -25.14 31.32
C ILE D 108 -14.25 -23.80 31.13
N LYS D 109 -14.34 -23.21 29.94
CA LYS D 109 -13.69 -21.92 29.72
C LYS D 109 -14.45 -20.78 30.39
N GLU D 110 -15.78 -20.87 30.44
CA GLU D 110 -16.55 -19.90 31.21
C GLU D 110 -16.17 -19.97 32.69
N ARG D 111 -16.01 -21.18 33.22
CA ARG D 111 -15.59 -21.34 34.60
C ARG D 111 -14.19 -20.78 34.82
N GLN D 112 -13.31 -20.95 33.84
CA GLN D 112 -11.97 -20.40 33.95
C GLN D 112 -11.99 -18.88 34.04
N GLU D 113 -12.82 -18.23 33.21
CA GLU D 113 -12.95 -16.78 33.29
C GLU D 113 -13.48 -16.33 34.65
N TYR D 114 -14.53 -17.02 35.13
CA TYR D 114 -15.07 -16.71 36.45
C TYR D 114 -14.00 -16.82 37.53
N GLU D 115 -13.21 -17.89 37.49
CA GLU D 115 -12.18 -18.10 38.50
C GLU D 115 -11.08 -17.05 38.39
N LEU D 116 -10.72 -16.65 37.18
CA LEU D 116 -9.70 -15.62 37.01
C LEU D 116 -10.16 -14.31 37.64
N VAL D 117 -11.46 -14.02 37.60
CA VAL D 117 -11.93 -12.80 38.26
C VAL D 117 -12.12 -13.02 39.76
N ASN D 118 -12.64 -14.19 40.16
CA ASN D 118 -13.28 -14.34 41.46
C ASN D 118 -12.61 -15.31 42.42
N ASN D 119 -11.49 -15.93 42.06
CA ASN D 119 -10.91 -16.93 42.94
C ASN D 119 -10.37 -16.26 44.21
N PRO D 120 -10.60 -16.87 45.38
CA PRO D 120 -10.12 -16.26 46.63
C PRO D 120 -8.61 -16.25 46.76
N GLU D 121 -7.89 -17.03 45.97
CA GLU D 121 -6.44 -17.11 46.06
C GLU D 121 -5.73 -16.33 44.96
N TYR D 122 -6.09 -16.55 43.69
CA TYR D 122 -5.41 -15.89 42.59
C TYR D 122 -6.33 -15.02 41.75
N GLY D 123 -7.52 -14.68 42.23
CA GLY D 123 -8.38 -13.79 41.49
C GLY D 123 -7.90 -12.36 41.51
N LEU D 124 -8.33 -11.61 40.49
CA LEU D 124 -7.95 -10.19 40.40
C LEU D 124 -8.47 -9.41 41.59
N LEU D 125 -9.70 -9.70 42.03
CA LEU D 125 -10.28 -8.95 43.13
C LEU D 125 -9.59 -9.27 44.45
N ALA D 126 -9.02 -10.47 44.57
CA ALA D 126 -8.37 -10.87 45.80
C ALA D 126 -6.91 -10.43 45.87
N GLN D 127 -6.23 -10.34 44.73
CA GLN D 127 -4.82 -10.02 44.70
C GLN D 127 -4.53 -8.54 44.73
N ALA D 128 -5.56 -7.69 44.74
CA ALA D 128 -5.35 -6.26 44.88
C ALA D 128 -5.12 -5.88 46.34
N THR D 129 -4.21 -4.94 46.55
CA THR D 129 -3.78 -4.51 47.86
C THR D 129 -4.63 -3.35 48.36
N PRO D 130 -4.70 -3.14 49.68
CA PRO D 130 -5.47 -2.01 50.21
C PRO D 130 -4.99 -0.66 49.72
N GLU D 131 -3.70 -0.50 49.45
CA GLU D 131 -3.19 0.76 48.93
C GLU D 131 -3.57 0.99 47.48
N GLN D 132 -3.93 -0.06 46.75
CA GLN D 132 -4.34 0.04 45.36
C GLN D 132 -5.85 0.06 45.18
N THR D 133 -6.61 0.11 46.26
CA THR D 133 -8.06 0.05 46.22
C THR D 133 -8.64 1.38 46.70
N ILE D 134 -9.53 1.96 45.90
CA ILE D 134 -10.14 3.24 46.20
C ILE D 134 -11.66 3.11 46.10
N GLN D 135 -12.36 4.10 46.64
CA GLN D 135 -13.81 4.10 46.68
C GLN D 135 -14.35 5.25 45.85
N THR D 136 -15.59 5.11 45.40
CA THR D 136 -16.24 6.17 44.65
C THR D 136 -16.49 7.39 45.54
N LEU D 137 -16.38 8.57 44.94
CA LEU D 137 -16.59 9.81 45.69
C LEU D 137 -18.04 9.94 46.17
N ALA D 138 -19.01 9.58 45.32
CA ALA D 138 -20.41 9.74 45.69
C ALA D 138 -21.27 8.56 45.20
N GLY D 139 -20.71 7.37 45.13
CA GLY D 139 -21.47 6.20 44.75
C GLY D 139 -21.43 5.83 43.28
N ALA D 140 -21.95 6.67 42.42
CA ALA D 140 -21.99 6.35 41.01
C ALA D 140 -20.60 6.53 40.38
N PRO D 141 -20.28 5.71 39.37
CA PRO D 141 -18.96 5.80 38.73
C PRO D 141 -18.88 7.01 37.80
N THR D 142 -18.14 8.01 38.22
CA THR D 142 -17.99 9.25 37.46
C THR D 142 -16.62 9.28 36.80
N PRO D 143 -16.41 10.21 35.86
CA PRO D 143 -15.07 10.37 35.28
C PRO D 143 -13.95 10.67 36.28
N ASP D 144 -14.26 11.34 37.39
CA ASP D 144 -13.24 11.58 38.41
C ASP D 144 -12.73 10.28 39.03
N ASP D 145 -13.64 9.34 39.31
CA ASP D 145 -13.23 8.06 39.88
C ASP D 145 -12.36 7.27 38.93
N LEU D 146 -12.69 7.26 37.65
CA LEU D 146 -11.86 6.57 36.67
C LEU D 146 -10.52 7.27 36.51
N ASP D 147 -10.48 8.59 36.64
CA ASP D 147 -9.22 9.32 36.63
C ASP D 147 -8.33 8.93 37.80
N ALA D 148 -8.93 8.80 38.99
CA ALA D 148 -8.17 8.35 40.16
C ALA D 148 -7.63 6.94 39.96
N LEU D 149 -8.46 6.05 39.41
CA LEU D 149 -8.00 4.72 39.09
C LEU D 149 -6.80 4.76 38.14
N ILE D 150 -6.85 5.66 37.16
CA ILE D 150 -5.72 5.78 36.23
C ILE D 150 -4.47 6.29 36.97
N THR D 151 -4.65 7.19 37.94
CA THR D 151 -3.49 7.61 38.72
C THR D 151 -2.85 6.44 39.45
N LYS D 152 -3.65 5.46 39.87
CA LYS D 152 -3.05 4.32 40.58
C LYS D 152 -2.31 3.36 39.63
N VAL D 153 -2.70 3.29 38.37
CA VAL D 153 -2.07 2.39 37.39
C VAL D 153 -1.53 3.19 36.22
N TRP D 154 -0.99 4.38 36.48
CA TRP D 154 -0.61 5.29 35.40
C TRP D 154 0.44 4.72 34.44
N LYS D 155 1.20 3.72 34.84
CA LYS D 155 2.17 3.10 33.92
C LYS D 155 1.42 2.11 33.03
N THR D 156 0.99 2.59 31.86
CA THR D 156 0.40 1.81 30.78
C THR D 156 -0.74 0.93 31.30
N PRO D 157 -1.90 1.51 31.59
CA PRO D 157 -3.09 0.67 31.84
C PRO D 157 -3.59 0.08 30.52
N ALA D 158 -4.06 -1.16 30.60
CA ALA D 158 -4.48 -1.89 29.40
C ALA D 158 -5.99 -1.87 29.19
N PHE D 159 -6.78 -2.17 30.21
CA PHE D 159 -8.22 -2.18 30.05
C PHE D 159 -8.90 -1.98 31.40
N PHE D 160 -10.14 -1.52 31.35
CA PHE D 160 -11.05 -1.54 32.48
C PHE D 160 -11.90 -2.80 32.40
N LEU D 161 -12.20 -3.38 33.55
CA LEU D 161 -13.05 -4.57 33.62
C LEU D 161 -14.19 -4.32 34.59
N THR D 162 -15.42 -4.51 34.12
CA THR D 162 -16.59 -4.30 34.96
C THR D 162 -17.76 -5.06 34.35
N HIS D 163 -18.86 -5.09 35.09
CA HIS D 163 -20.13 -5.64 34.66
C HIS D 163 -20.79 -4.72 33.64
N PRO D 164 -21.59 -5.26 32.72
CA PRO D 164 -22.30 -4.40 31.76
C PRO D 164 -23.19 -3.35 32.40
N LEU D 165 -23.76 -3.64 33.57
CA LEU D 165 -24.50 -2.63 34.31
C LEU D 165 -23.61 -1.47 34.71
N GLY D 166 -22.37 -1.77 35.10
CA GLY D 166 -21.42 -0.72 35.41
C GLY D 166 -21.05 0.12 34.20
N VAL D 167 -20.97 -0.51 33.03
CA VAL D 167 -20.72 0.23 31.80
C VAL D 167 -21.87 1.19 31.53
N ALA D 168 -23.11 0.74 31.72
CA ALA D 168 -24.26 1.62 31.53
C ALA D 168 -24.24 2.78 32.52
N ALA D 169 -23.90 2.50 33.78
CA ALA D 169 -23.88 3.55 34.80
C ALA D 169 -22.81 4.60 34.49
N PHE D 170 -21.63 4.15 34.07
CA PHE D 170 -20.59 5.10 33.66
C PHE D 170 -21.04 5.92 32.46
N GLY D 171 -21.68 5.29 31.48
CA GLY D 171 -22.17 6.03 30.34
C GLY D 171 -23.19 7.09 30.71
N ARG D 172 -24.08 6.75 31.65
CA ARG D 172 -25.06 7.73 32.12
C ARG D 172 -24.37 8.92 32.79
N GLU D 173 -23.39 8.64 33.66
CA GLU D 173 -22.71 9.73 34.34
C GLU D 173 -21.92 10.59 33.37
N CYS D 174 -21.35 9.98 32.33
CA CYS D 174 -20.65 10.74 31.31
C CYS D 174 -21.61 11.61 30.50
N THR D 175 -22.80 11.09 30.18
CA THR D 175 -23.77 11.87 29.43
C THR D 175 -24.27 13.06 30.24
N TYR D 176 -24.49 12.88 31.55
CA TYR D 176 -24.94 14.01 32.36
C TYR D 176 -23.91 15.12 32.39
N ARG D 177 -22.63 14.79 32.34
CA ARG D 177 -21.57 15.78 32.36
C ARG D 177 -21.28 16.37 30.99
N GLY D 178 -22.00 15.93 29.95
CA GLY D 178 -21.80 16.46 28.63
C GLY D 178 -20.58 15.95 27.91
N VAL D 179 -20.05 14.80 28.32
CA VAL D 179 -18.82 14.26 27.74
C VAL D 179 -19.12 12.93 27.07
N PRO D 180 -19.09 12.85 25.74
CA PRO D 180 -19.24 11.56 25.07
C PRO D 180 -17.91 10.86 24.89
N PRO D 181 -17.73 9.67 25.48
CA PRO D 181 -16.50 8.92 25.29
C PRO D 181 -16.49 8.19 23.96
N PRO D 182 -15.35 8.13 23.28
CA PRO D 182 -15.27 7.41 22.01
C PRO D 182 -15.29 5.90 22.24
N THR D 183 -15.36 5.17 21.13
CA THR D 183 -15.34 3.71 21.19
C THR D 183 -14.23 3.18 20.30
N VAL D 184 -13.82 1.95 20.57
CA VAL D 184 -12.78 1.26 19.82
C VAL D 184 -13.34 -0.09 19.38
N SER D 185 -12.79 -0.62 18.29
CA SER D 185 -13.20 -1.90 17.76
C SER D 185 -12.15 -2.96 18.10
N MET D 186 -12.59 -4.07 18.68
CA MET D 186 -11.66 -5.10 19.14
C MET D 186 -12.42 -6.39 19.39
N TYR D 187 -11.94 -7.49 18.80
CA TYR D 187 -12.53 -8.82 18.93
C TYR D 187 -13.98 -8.85 18.47
N GLY D 188 -14.30 -8.11 17.42
CA GLY D 188 -15.67 -8.05 16.94
C GLY D 188 -16.63 -7.34 17.85
N ALA D 189 -16.14 -6.43 18.69
CA ALA D 189 -16.96 -5.72 19.66
C ALA D 189 -16.61 -4.24 19.64
N GLN D 190 -17.48 -3.44 20.24
CA GLN D 190 -17.27 -2.01 20.40
C GLN D 190 -17.12 -1.69 21.88
N PHE D 191 -16.03 -1.02 22.24
CA PHE D 191 -15.69 -0.75 23.63
C PHE D 191 -15.62 0.74 23.87
N ILE D 192 -16.30 1.20 24.92
CA ILE D 192 -16.12 2.55 25.42
C ILE D 192 -14.71 2.70 25.98
N THR D 193 -14.04 3.79 25.63
CA THR D 193 -12.71 4.08 26.14
C THR D 193 -12.76 5.36 26.98
N TRP D 194 -12.08 5.33 28.12
CA TRP D 194 -11.81 6.53 28.90
C TRP D 194 -10.31 6.79 28.90
N ARG D 195 -9.92 7.97 28.42
CA ARG D 195 -8.52 8.33 28.25
C ARG D 195 -7.79 7.28 27.40
N GLY D 196 -8.48 6.76 26.39
CA GLY D 196 -7.91 5.80 25.48
C GLY D 196 -7.86 4.38 25.97
N ILE D 197 -8.39 4.08 27.15
CA ILE D 197 -8.34 2.76 27.75
C ILE D 197 -9.71 2.11 27.59
N PRO D 198 -9.80 0.94 26.94
CA PRO D 198 -11.10 0.30 26.77
C PRO D 198 -11.75 -0.08 28.10
N ILE D 199 -13.07 0.01 28.14
CA ILE D 199 -13.87 -0.49 29.25
C ILE D 199 -14.58 -1.73 28.77
N VAL D 200 -14.20 -2.87 29.32
CA VAL D 200 -14.56 -4.19 28.80
C VAL D 200 -15.63 -4.78 29.71
N PRO D 201 -16.76 -5.22 29.18
CA PRO D 201 -17.80 -5.80 30.02
C PRO D 201 -17.56 -7.26 30.31
N SER D 202 -17.89 -7.67 31.54
CA SER D 202 -17.75 -9.06 31.96
C SER D 202 -18.84 -9.36 32.97
N ASP D 203 -19.63 -10.40 32.71
CA ASP D 203 -20.70 -10.77 33.62
C ASP D 203 -20.19 -11.55 34.83
N LYS D 204 -18.92 -11.94 34.85
CA LYS D 204 -18.35 -12.60 36.01
C LYS D 204 -17.94 -11.62 37.10
N VAL D 205 -17.95 -10.33 36.82
CA VAL D 205 -17.70 -9.30 37.82
C VAL D 205 -18.96 -9.18 38.68
N PRO D 206 -18.86 -9.37 40.00
CA PRO D 206 -20.07 -9.46 40.81
C PRO D 206 -20.82 -8.14 40.94
N VAL D 207 -22.14 -8.25 41.08
CA VAL D 207 -23.01 -7.12 41.41
C VAL D 207 -23.86 -7.56 42.59
N GLU D 208 -23.54 -7.05 43.78
CA GLU D 208 -24.28 -7.36 45.00
C GLU D 208 -24.83 -6.09 45.60
N ASP D 209 -26.11 -6.11 45.97
CA ASP D 209 -26.79 -4.97 46.59
C ASP D 209 -26.78 -3.75 45.69
N GLY D 210 -26.72 -3.96 44.38
CA GLY D 210 -26.66 -2.86 43.44
C GLY D 210 -25.30 -2.21 43.28
N THR D 211 -24.24 -2.83 43.81
CA THR D 211 -22.89 -2.30 43.72
C THR D 211 -21.99 -3.29 42.99
N THR D 212 -21.18 -2.78 42.06
CA THR D 212 -20.21 -3.57 41.33
C THR D 212 -18.81 -2.97 41.57
N LYS D 213 -17.83 -3.48 40.83
CA LYS D 213 -16.46 -3.00 40.93
C LYS D 213 -15.94 -2.62 39.54
N PHE D 214 -14.97 -1.72 39.53
CA PHE D 214 -14.18 -1.40 38.35
C PHE D 214 -12.75 -1.85 38.62
N VAL D 215 -12.14 -2.52 37.65
CA VAL D 215 -10.79 -3.03 37.79
C VAL D 215 -9.93 -2.48 36.66
N LEU D 216 -8.81 -1.86 37.01
CA LEU D 216 -7.83 -1.39 36.04
C LEU D 216 -6.61 -2.30 36.09
N VAL D 217 -6.18 -2.77 34.92
CA VAL D 217 -5.18 -3.84 34.83
C VAL D 217 -4.17 -3.48 33.75
N ARG D 218 -2.88 -3.67 34.07
CA ARG D 218 -1.82 -3.71 33.08
C ARG D 218 -1.34 -5.15 32.91
N THR D 219 -1.34 -5.63 31.68
CA THR D 219 -0.99 -7.02 31.39
C THR D 219 0.37 -7.08 30.70
N GLY D 220 1.10 -8.16 30.95
CA GLY D 220 2.37 -8.41 30.30
C GLY D 220 3.44 -8.83 31.26
N GLU D 221 4.32 -9.72 30.80
CA GLU D 221 5.45 -10.16 31.62
C GLU D 221 6.67 -9.30 31.44
N GLU D 222 6.86 -8.72 30.26
CA GLU D 222 8.01 -7.87 29.98
C GLU D 222 7.78 -6.43 30.39
N ARG D 223 6.62 -6.11 30.94
CA ARG D 223 6.36 -4.80 31.52
C ARG D 223 5.91 -4.91 32.97
N GLN D 224 6.19 -6.05 33.61
CA GLN D 224 5.89 -6.28 35.02
C GLN D 224 4.40 -6.09 35.31
N GLY D 225 3.55 -6.74 34.51
CA GLY D 225 2.12 -6.62 34.65
C GLY D 225 1.44 -7.84 35.22
N VAL D 226 0.32 -8.23 34.61
CA VAL D 226 -0.48 -9.36 35.05
C VAL D 226 -0.48 -10.40 33.94
N VAL D 227 -0.18 -11.65 34.29
CA VAL D 227 -0.12 -12.74 33.33
C VAL D 227 -0.93 -13.91 33.86
N GLY D 228 -1.67 -14.57 32.96
CA GLY D 228 -2.26 -15.84 33.26
C GLY D 228 -1.31 -16.99 33.04
N LEU D 229 -1.53 -18.09 33.74
CA LEU D 229 -0.64 -19.23 33.74
C LEU D 229 -1.38 -20.48 33.29
N PHE D 230 -0.72 -21.29 32.45
CA PHE D 230 -1.26 -22.55 31.99
C PHE D 230 -0.14 -23.57 31.87
N GLN D 231 -0.53 -24.85 31.88
CA GLN D 231 0.42 -25.95 31.82
C GLN D 231 0.42 -26.58 30.43
N PRO D 232 1.55 -26.63 29.74
CA PRO D 232 1.60 -27.25 28.42
C PRO D 232 1.96 -28.73 28.50
N GLY D 233 1.85 -29.39 27.35
CA GLY D 233 2.26 -30.77 27.22
C GLY D 233 1.47 -31.76 28.06
N LEU D 234 0.15 -31.67 28.03
CA LEU D 234 -0.72 -32.57 28.77
C LEU D 234 -1.26 -33.67 27.86
N VAL D 235 -1.86 -34.67 28.50
CA VAL D 235 -2.48 -35.78 27.78
C VAL D 235 -3.81 -35.29 27.18
N GLY D 236 -3.98 -35.54 25.88
CA GLY D 236 -5.19 -35.13 25.20
C GLY D 236 -5.38 -33.62 25.12
N GLU D 237 -4.31 -32.89 24.84
CA GLU D 237 -4.40 -31.43 24.80
C GLU D 237 -5.12 -30.96 23.54
N GLN D 238 -6.04 -30.02 23.73
CA GLN D 238 -6.75 -29.38 22.63
C GLN D 238 -6.48 -27.88 22.58
N ALA D 239 -6.63 -27.18 23.70
CA ALA D 239 -6.34 -25.77 23.85
C ALA D 239 -5.25 -25.61 24.91
N PRO D 240 -4.57 -24.45 24.95
CA PRO D 240 -3.57 -24.22 25.99
C PRO D 240 -4.06 -24.55 27.39
N GLY D 241 -3.45 -25.55 28.02
CA GLY D 241 -3.82 -25.97 29.35
C GLY D 241 -5.03 -26.87 29.44
N LEU D 242 -5.68 -27.16 28.32
CA LEU D 242 -6.93 -27.89 28.29
C LEU D 242 -6.67 -29.34 27.86
N SER D 243 -7.09 -30.29 28.68
CA SER D 243 -6.83 -31.70 28.47
C SER D 243 -8.14 -32.47 28.45
N VAL D 244 -8.32 -33.32 27.44
CA VAL D 244 -9.45 -34.23 27.36
C VAL D 244 -8.89 -35.64 27.37
N ARG D 245 -9.35 -36.46 28.31
CA ARG D 245 -8.85 -37.82 28.43
C ARG D 245 -10.01 -38.77 28.67
N PHE D 246 -9.88 -39.98 28.14
CA PHE D 246 -10.93 -40.97 28.15
C PHE D 246 -10.72 -41.88 29.34
N THR D 247 -11.65 -41.83 30.29
CA THR D 247 -11.53 -42.59 31.53
C THR D 247 -12.34 -43.88 31.48
N GLY D 248 -12.00 -44.74 30.52
CA GLY D 248 -12.53 -46.08 30.48
C GLY D 248 -14.02 -46.17 30.19
N ILE D 249 -14.53 -47.39 30.38
CA ILE D 249 -15.90 -47.76 30.07
C ILE D 249 -16.49 -48.50 31.26
N ASN D 250 -17.71 -48.15 31.64
CA ASN D 250 -18.38 -48.80 32.77
C ASN D 250 -19.20 -49.99 32.27
N ARG D 251 -20.05 -50.54 33.14
CA ARG D 251 -20.82 -51.73 32.77
C ARG D 251 -21.95 -51.39 31.81
N SER D 252 -22.52 -50.20 31.91
CA SER D 252 -23.63 -49.78 31.07
C SER D 252 -23.18 -49.18 29.74
N ALA D 253 -21.91 -49.38 29.37
CA ALA D 253 -21.35 -48.84 28.12
C ALA D 253 -21.43 -47.32 28.08
N ILE D 254 -21.39 -46.68 29.24
CA ILE D 254 -21.42 -45.22 29.34
C ILE D 254 -19.97 -44.75 29.41
N ALA D 255 -19.42 -44.33 28.27
CA ALA D 255 -18.06 -43.82 28.24
C ALA D 255 -17.96 -42.50 28.99
N SER D 256 -16.81 -42.27 29.59
CA SER D 256 -16.56 -41.06 30.37
C SER D 256 -15.32 -40.35 29.85
N TYR D 257 -15.36 -39.02 29.88
CA TYR D 257 -14.24 -38.18 29.53
C TYR D 257 -13.99 -37.21 30.67
N LEU D 258 -12.72 -36.99 30.98
CA LEU D 258 -12.32 -36.01 31.98
C LEU D 258 -11.69 -34.82 31.26
N VAL D 259 -12.24 -33.64 31.48
CA VAL D 259 -11.78 -32.40 30.87
C VAL D 259 -11.20 -31.52 31.97
N THR D 260 -9.96 -31.09 31.81
CA THR D 260 -9.22 -30.42 32.87
C THR D 260 -8.57 -29.15 32.34
N LEU D 261 -8.49 -28.15 33.21
CA LEU D 261 -7.87 -26.86 32.90
C LEU D 261 -7.13 -26.38 34.14
N TYR D 262 -5.80 -26.39 34.10
CA TYR D 262 -4.98 -25.90 35.21
C TYR D 262 -4.68 -24.43 34.99
N THR D 263 -5.06 -23.60 35.96
CA THR D 263 -5.09 -22.16 35.80
C THR D 263 -4.57 -21.47 37.04
N SER D 264 -3.86 -20.36 36.83
CA SER D 264 -3.53 -19.43 37.90
C SER D 264 -3.26 -18.08 37.27
N LEU D 265 -3.16 -17.06 38.11
CA LEU D 265 -2.93 -15.69 37.69
C LEU D 265 -1.82 -15.10 38.53
N ALA D 266 -0.91 -14.37 37.89
CA ALA D 266 0.24 -13.78 38.57
C ALA D 266 0.27 -12.28 38.36
N VAL D 267 0.52 -11.55 39.44
CA VAL D 267 0.75 -10.10 39.40
C VAL D 267 2.21 -9.89 39.72
N LEU D 268 2.97 -9.37 38.74
CA LEU D 268 4.40 -9.22 38.92
C LEU D 268 4.75 -8.04 39.79
N THR D 269 4.05 -6.92 39.63
CA THR D 269 4.21 -5.74 40.46
C THR D 269 2.86 -5.31 40.98
N ASP D 270 2.84 -4.79 42.21
CA ASP D 270 1.57 -4.46 42.86
C ASP D 270 0.85 -3.32 42.16
N ASP D 271 1.58 -2.38 41.57
CA ASP D 271 0.99 -1.23 40.89
C ASP D 271 0.50 -1.57 39.48
N ALA D 272 0.35 -2.85 39.17
CA ALA D 272 -0.22 -3.29 37.91
C ALA D 272 -1.72 -3.55 38.00
N LEU D 273 -2.33 -3.29 39.17
CA LEU D 273 -3.70 -3.70 39.42
C LEU D 273 -4.31 -2.76 40.45
N ALA D 274 -5.45 -2.16 40.12
CA ALA D 274 -6.19 -1.32 41.05
C ALA D 274 -7.67 -1.62 40.91
N VAL D 275 -8.41 -1.44 42.01
CA VAL D 275 -9.82 -1.76 42.08
C VAL D 275 -10.58 -0.55 42.61
N LEU D 276 -11.65 -0.18 41.94
CA LEU D 276 -12.58 0.83 42.40
C LEU D 276 -13.78 0.15 43.04
N ASP D 277 -14.02 0.44 44.31
CA ASP D 277 -15.04 -0.25 45.10
C ASP D 277 -16.28 0.63 45.26
N GLY D 278 -17.38 -0.02 45.61
CA GLY D 278 -18.63 0.68 45.91
C GLY D 278 -19.25 1.41 44.74
N VAL D 279 -19.29 0.78 43.58
CA VAL D 279 -19.80 1.42 42.36
C VAL D 279 -21.29 1.13 42.26
N ALA D 280 -22.10 2.17 42.47
CA ALA D 280 -23.55 2.04 42.36
C ALA D 280 -23.99 2.08 40.90
N VAL D 281 -24.91 1.20 40.54
CA VAL D 281 -25.31 1.02 39.15
C VAL D 281 -26.77 1.35 38.91
N ASP D 282 -27.44 1.97 39.87
CA ASP D 282 -28.87 2.26 39.77
C ASP D 282 -29.18 3.70 40.16
N GLN D 283 -28.41 4.64 39.64
CA GLN D 283 -28.63 6.06 39.89
C GLN D 283 -28.92 6.78 38.58
N PHE D 284 -29.92 7.65 38.59
CA PHE D 284 -30.40 8.31 37.39
C PHE D 284 -30.56 9.80 37.66
N HIS D 285 -30.36 10.59 36.62
CA HIS D 285 -30.48 12.04 36.70
C HIS D 285 -31.80 12.50 36.13
N GLU D 286 -32.29 13.62 36.65
CA GLU D 286 -33.53 14.21 36.17
C GLU D 286 -33.27 15.22 35.07
N TYR D 287 -34.25 15.39 34.19
CA TYR D 287 -34.13 16.22 33.00
C TYR D 287 -35.49 16.88 32.75
N GLN D 288 -35.69 17.35 31.52
CA GLN D 288 -36.95 17.98 31.11
C GLN D 288 -37.16 19.31 31.84
N ALA E 1 -38.92 14.21 -32.42
CA ALA E 1 -38.37 12.90 -32.79
C ALA E 1 -38.31 11.97 -31.58
N ASN E 2 -37.13 11.41 -31.33
CA ASN E 2 -36.95 10.52 -30.19
C ASN E 2 -36.94 11.30 -28.89
N ALA E 3 -37.39 10.66 -27.82
CA ALA E 3 -37.28 11.18 -26.47
C ALA E 3 -36.54 10.18 -25.61
N THR E 4 -35.59 10.66 -24.82
CA THR E 4 -34.91 9.79 -23.87
C THR E 4 -35.87 9.45 -22.73
N LYS E 5 -36.04 8.17 -22.47
CA LYS E 5 -37.00 7.68 -21.49
C LYS E 5 -36.30 7.15 -20.26
N THR E 6 -37.09 6.81 -19.26
CA THR E 6 -36.63 6.15 -18.06
C THR E 6 -37.40 4.85 -17.85
N VAL E 7 -36.80 3.94 -17.10
CA VAL E 7 -37.52 2.79 -16.58
C VAL E 7 -38.53 3.34 -15.58
N PRO E 8 -39.65 2.67 -15.33
CA PRO E 8 -40.66 3.23 -14.43
C PRO E 8 -40.12 3.46 -13.03
N GLN E 9 -40.61 4.51 -12.39
CA GLN E 9 -40.17 4.90 -11.06
C GLN E 9 -41.23 4.55 -10.03
N LEU E 10 -40.82 3.82 -9.00
CA LEU E 10 -41.69 3.39 -7.91
C LEU E 10 -41.31 4.16 -6.65
N SER E 11 -42.27 4.86 -6.06
CA SER E 11 -41.98 5.68 -4.89
C SER E 11 -41.86 4.86 -3.60
N THR E 12 -42.30 3.62 -3.60
CA THR E 12 -42.26 2.79 -2.41
C THR E 12 -40.98 1.96 -2.31
N ILE E 13 -40.03 2.15 -3.23
CA ILE E 13 -38.75 1.45 -3.12
C ILE E 13 -37.94 2.09 -2.01
N THR E 14 -37.64 1.33 -0.97
CA THR E 14 -36.82 1.76 0.15
C THR E 14 -35.46 1.07 0.10
N PRO E 15 -34.44 1.65 0.73
CA PRO E 15 -33.12 1.02 0.70
C PRO E 15 -33.07 -0.38 1.27
N ARG E 16 -33.99 -0.73 2.18
CA ARG E 16 -34.10 -2.07 2.75
C ARG E 16 -32.78 -2.51 3.39
N PHE E 17 -32.32 -1.70 4.35
CA PHE E 17 -31.07 -1.98 5.03
C PHE E 17 -31.15 -3.26 5.85
N LEU E 18 -32.34 -3.60 6.35
CA LEU E 18 -32.49 -4.78 7.20
C LEU E 18 -32.19 -6.07 6.42
N LEU E 19 -32.52 -6.10 5.13
CA LEU E 19 -32.22 -7.28 4.33
C LEU E 19 -30.73 -7.47 4.10
N HIS E 20 -29.93 -6.42 4.31
CA HIS E 20 -28.48 -6.52 4.21
C HIS E 20 -27.79 -6.66 5.55
N LEU E 21 -28.42 -6.18 6.62
CA LEU E 21 -27.86 -6.28 7.96
C LEU E 21 -28.02 -7.66 8.56
N LEU E 22 -29.03 -8.41 8.14
CA LEU E 22 -29.29 -9.74 8.65
C LEU E 22 -28.36 -10.75 7.99
N SER E 23 -28.17 -11.87 8.69
CA SER E 23 -27.46 -13.02 8.15
C SER E 23 -28.47 -14.04 7.67
N TRP E 24 -28.24 -14.61 6.50
CA TRP E 24 -29.22 -15.45 5.82
C TRP E 24 -28.71 -16.89 5.76
N VAL E 25 -29.51 -17.81 6.28
CA VAL E 25 -29.18 -19.23 6.35
C VAL E 25 -30.08 -19.96 5.36
N PRO E 26 -29.54 -20.82 4.50
CA PRO E 26 -30.40 -21.61 3.60
C PRO E 26 -31.00 -22.81 4.31
N VAL E 27 -32.28 -23.05 4.02
CA VAL E 27 -33.02 -24.17 4.57
C VAL E 27 -33.43 -25.05 3.39
N GLU E 28 -32.88 -26.25 3.32
CA GLU E 28 -33.02 -27.07 2.13
C GLU E 28 -34.35 -27.82 2.06
N ALA E 29 -35.17 -27.79 3.12
CA ALA E 29 -36.48 -28.41 3.03
C ALA E 29 -37.57 -27.58 3.73
N GLY E 30 -37.31 -26.31 4.01
CA GLY E 30 -38.31 -25.44 4.57
C GLY E 30 -38.52 -25.54 6.06
N ILE E 31 -37.75 -26.37 6.76
CA ILE E 31 -37.87 -26.57 8.20
C ILE E 31 -36.53 -26.28 8.85
N TYR E 32 -36.55 -25.47 9.90
CA TYR E 32 -35.36 -25.12 10.67
C TYR E 32 -35.63 -25.46 12.13
N ARG E 33 -34.72 -26.19 12.74
CA ARG E 33 -34.84 -26.58 14.14
C ARG E 33 -33.73 -25.90 14.94
N VAL E 34 -34.11 -25.27 16.04
CA VAL E 34 -33.17 -24.62 16.95
C VAL E 34 -33.22 -25.38 18.26
N ASN E 35 -32.06 -25.95 18.61
CA ASN E 35 -31.91 -26.73 19.82
C ASN E 35 -31.24 -25.96 20.88
N ARG E 36 -31.97 -25.68 21.88
CA ARG E 36 -31.49 -24.86 22.87
C ARG E 36 -31.38 -25.57 24.18
N VAL E 37 -30.29 -25.45 24.94
CA VAL E 37 -30.09 -26.15 26.17
C VAL E 37 -30.97 -25.63 27.24
N VAL E 38 -31.84 -26.48 27.76
CA VAL E 38 -32.86 -26.14 28.72
C VAL E 38 -32.45 -25.71 30.08
N ASN E 39 -31.45 -26.34 30.64
CA ASN E 39 -30.98 -25.87 31.87
C ASN E 39 -29.65 -25.44 31.51
N PRO E 40 -29.41 -24.16 31.63
CA PRO E 40 -28.10 -23.79 31.12
C PRO E 40 -27.00 -23.75 32.13
N TYR E 64 -26.55 -32.38 28.94
CA TYR E 64 -27.32 -31.22 28.49
C TYR E 64 -28.55 -31.64 27.71
N GLU E 65 -29.72 -31.44 28.30
CA GLU E 65 -30.97 -31.70 27.60
C GLU E 65 -31.39 -30.47 26.80
N THR E 66 -32.09 -30.70 25.69
CA THR E 66 -32.43 -29.63 24.76
C THR E 66 -33.90 -29.67 24.42
N HIS E 67 -34.49 -28.50 24.20
CA HIS E 67 -35.86 -28.38 23.73
C HIS E 67 -35.87 -27.73 22.37
N PRO E 68 -36.42 -28.37 21.34
CA PRO E 68 -36.37 -27.79 19.98
C PRO E 68 -37.50 -26.80 19.70
N ARG E 69 -37.15 -25.75 18.96
CA ARG E 69 -38.10 -24.80 18.42
C ARG E 69 -38.01 -24.86 16.90
N GLU E 70 -39.16 -25.00 16.24
CA GLU E 70 -39.21 -25.23 14.81
C GLU E 70 -39.65 -23.98 14.06
N TYR E 71 -38.95 -23.68 12.96
CA TYR E 71 -39.27 -22.57 12.07
C TYR E 71 -39.53 -23.13 10.68
N THR E 72 -40.76 -22.99 10.20
CA THR E 72 -41.13 -23.39 8.85
C THR E 72 -41.35 -22.15 7.99
N LEU E 73 -40.73 -22.13 6.81
CA LEU E 73 -40.75 -20.96 5.95
C LEU E 73 -42.16 -20.70 5.43
N ARG E 74 -42.54 -19.44 5.40
CA ARG E 74 -43.85 -19.01 4.94
C ARG E 74 -43.71 -18.27 3.61
N SER E 75 -44.77 -18.32 2.81
CA SER E 75 -44.72 -17.83 1.43
C SER E 75 -45.18 -16.38 1.35
N ILE E 76 -44.36 -15.56 0.71
CA ILE E 76 -44.75 -14.23 0.22
C ILE E 76 -44.87 -14.38 -1.30
N SER E 77 -46.07 -14.16 -1.82
CA SER E 77 -46.38 -14.50 -3.20
C SER E 77 -47.22 -13.41 -3.86
N THR E 78 -47.10 -13.32 -5.18
CA THR E 78 -47.94 -12.44 -5.98
C THR E 78 -48.04 -13.00 -7.39
N LEU E 79 -49.22 -12.88 -7.98
CA LEU E 79 -49.47 -13.32 -9.34
C LEU E 79 -49.46 -12.10 -10.25
N LEU E 80 -48.61 -12.14 -11.27
CA LEU E 80 -48.43 -11.03 -12.21
C LEU E 80 -49.00 -11.44 -13.56
N ASP E 81 -49.96 -10.67 -14.05
CA ASP E 81 -50.59 -10.90 -15.35
C ASP E 81 -50.09 -9.85 -16.32
N VAL E 82 -49.32 -10.27 -17.31
CA VAL E 82 -48.84 -9.39 -18.37
C VAL E 82 -49.79 -9.50 -19.55
N HIS E 83 -50.21 -8.36 -20.07
CA HIS E 83 -51.24 -8.31 -21.11
C HIS E 83 -50.62 -8.11 -22.48
N THR E 84 -51.38 -8.47 -23.50
CA THR E 84 -51.05 -8.10 -24.88
C THR E 84 -51.72 -6.76 -25.24
N ARG E 85 -51.49 -5.79 -24.36
CA ARG E 85 -52.11 -4.48 -24.45
C ARG E 85 -51.09 -3.46 -24.94
N VAL E 86 -51.52 -2.20 -25.01
CA VAL E 86 -50.72 -1.17 -25.68
C VAL E 86 -49.56 -0.69 -24.80
N SER E 87 -49.86 -0.08 -23.66
CA SER E 87 -48.85 0.41 -22.73
C SER E 87 -47.78 1.24 -23.44
N ASP E 88 -48.18 2.44 -23.85
CA ASP E 88 -47.33 3.26 -24.70
C ASP E 88 -46.19 3.91 -23.92
N LEU E 89 -45.40 3.08 -23.23
CA LEU E 89 -44.17 3.55 -22.62
C LEU E 89 -43.06 2.51 -22.73
N TYR E 90 -43.27 1.44 -23.49
CA TYR E 90 -42.41 0.27 -23.46
C TYR E 90 -41.80 -0.11 -24.79
N SER E 91 -42.50 0.14 -25.90
CA SER E 91 -41.96 -0.05 -27.26
C SER E 91 -41.77 -1.51 -27.64
N SER E 92 -41.99 -2.44 -26.71
CA SER E 92 -41.92 -3.86 -27.04
C SER E 92 -42.63 -4.64 -25.95
N PRO E 93 -43.26 -5.76 -26.29
CA PRO E 93 -43.74 -6.66 -25.24
C PRO E 93 -42.62 -7.20 -24.36
N HIS E 94 -41.41 -7.29 -24.89
CA HIS E 94 -40.29 -7.78 -24.08
C HIS E 94 -39.90 -6.77 -23.01
N ASP E 95 -39.90 -5.48 -23.34
CA ASP E 95 -39.57 -4.46 -22.34
C ASP E 95 -40.67 -4.32 -21.30
N GLN E 96 -41.93 -4.51 -21.70
CA GLN E 96 -43.03 -4.44 -20.75
C GLN E 96 -42.89 -5.54 -19.69
N VAL E 97 -42.63 -6.78 -20.13
CA VAL E 97 -42.49 -7.88 -19.19
C VAL E 97 -41.27 -7.69 -18.30
N THR E 98 -40.16 -7.22 -18.87
CA THR E 98 -38.96 -7.00 -18.07
C THR E 98 -39.22 -6.00 -16.95
N GLN E 99 -39.81 -4.87 -17.28
CA GLN E 99 -40.03 -3.82 -16.29
C GLN E 99 -41.07 -4.26 -15.25
N GLN E 100 -42.13 -4.94 -15.69
CA GLN E 100 -43.14 -5.36 -14.74
C GLN E 100 -42.64 -6.46 -13.81
N LEU E 101 -41.78 -7.35 -14.32
CA LEU E 101 -41.14 -8.31 -13.43
C LEU E 101 -40.22 -7.62 -12.43
N ARG E 102 -39.47 -6.61 -12.87
CA ARG E 102 -38.60 -5.88 -11.96
C ARG E 102 -39.39 -5.20 -10.84
N LEU E 103 -40.49 -4.54 -11.21
CA LEU E 103 -41.30 -3.86 -10.21
C LEU E 103 -41.95 -4.85 -9.26
N THR E 104 -42.41 -6.00 -9.79
CA THR E 104 -42.99 -7.03 -8.95
C THR E 104 -41.99 -7.57 -7.94
N ILE E 105 -40.74 -7.75 -8.37
CA ILE E 105 -39.71 -8.25 -7.46
C ILE E 105 -39.38 -7.22 -6.39
N GLU E 106 -39.31 -5.94 -6.76
CA GLU E 106 -39.08 -4.91 -5.74
C GLU E 106 -40.20 -4.89 -4.70
N THR E 107 -41.45 -4.99 -5.16
CA THR E 107 -42.57 -5.02 -4.21
C THR E 107 -42.51 -6.26 -3.32
N ILE E 108 -42.11 -7.41 -3.87
CA ILE E 108 -42.04 -8.62 -3.07
C ILE E 108 -40.96 -8.48 -1.99
N LYS E 109 -39.86 -7.80 -2.31
CA LYS E 109 -38.79 -7.65 -1.31
C LYS E 109 -39.18 -6.62 -0.25
N GLU E 110 -39.92 -5.58 -0.62
CA GLU E 110 -40.45 -4.67 0.39
C GLU E 110 -41.40 -5.40 1.34
N ARG E 111 -42.25 -6.26 0.79
CA ARG E 111 -43.13 -7.05 1.64
C ARG E 111 -42.35 -7.99 2.53
N GLN E 112 -41.25 -8.55 2.03
CA GLN E 112 -40.42 -9.42 2.86
C GLN E 112 -39.83 -8.66 4.04
N GLU E 113 -39.35 -7.44 3.80
CA GLU E 113 -38.83 -6.64 4.92
C GLU E 113 -39.91 -6.33 5.93
N TYR E 114 -41.10 -5.93 5.45
CA TYR E 114 -42.21 -5.67 6.36
C TYR E 114 -42.53 -6.89 7.21
N GLU E 115 -42.58 -8.07 6.58
CA GLU E 115 -42.90 -9.30 7.31
C GLU E 115 -41.82 -9.65 8.31
N LEU E 116 -40.55 -9.43 7.95
CA LEU E 116 -39.47 -9.71 8.89
C LEU E 116 -39.58 -8.85 10.14
N VAL E 117 -40.07 -7.62 9.99
CA VAL E 117 -40.27 -6.81 11.20
C VAL E 117 -41.58 -7.14 11.89
N ASN E 118 -42.65 -7.40 11.13
CA ASN E 118 -44.00 -7.29 11.65
C ASN E 118 -44.82 -8.57 11.69
N ASN E 119 -44.26 -9.70 11.29
CA ASN E 119 -45.06 -10.93 11.24
C ASN E 119 -45.46 -11.36 12.65
N PRO E 120 -46.71 -11.78 12.85
CA PRO E 120 -47.14 -12.20 14.19
C PRO E 120 -46.47 -13.49 14.67
N GLU E 121 -45.86 -14.26 13.78
CA GLU E 121 -45.23 -15.53 14.15
C GLU E 121 -43.72 -15.43 14.24
N TYR E 122 -43.05 -14.92 13.20
CA TYR E 122 -41.60 -14.86 13.19
C TYR E 122 -41.05 -13.45 13.10
N GLY E 123 -41.86 -12.43 13.35
CA GLY E 123 -41.34 -11.08 13.33
C GLY E 123 -40.48 -10.76 14.53
N LEU E 124 -39.61 -9.76 14.37
CA LEU E 124 -38.73 -9.36 15.46
C LEU E 124 -39.53 -8.85 16.65
N LEU E 125 -40.58 -8.09 16.38
CA LEU E 125 -41.38 -7.52 17.47
C LEU E 125 -42.16 -8.60 18.22
N ALA E 126 -42.49 -9.69 17.56
CA ALA E 126 -43.26 -10.76 18.17
C ALA E 126 -42.39 -11.76 18.91
N GLN E 127 -41.16 -11.99 18.45
CA GLN E 127 -40.29 -12.99 19.04
C GLN E 127 -39.51 -12.49 20.23
N ALA E 128 -39.66 -11.23 20.61
CA ALA E 128 -39.04 -10.73 21.82
C ALA E 128 -39.85 -11.11 23.05
N THR E 129 -39.13 -11.45 24.12
CA THR E 129 -39.71 -11.94 25.36
C THR E 129 -39.99 -10.79 26.31
N PRO E 130 -40.92 -10.97 27.25
CA PRO E 130 -41.19 -9.90 28.23
C PRO E 130 -40.00 -9.50 29.07
N GLU E 131 -39.08 -10.43 29.34
CA GLU E 131 -37.88 -10.10 30.10
C GLU E 131 -36.89 -9.28 29.29
N GLN E 132 -36.98 -9.31 27.97
CA GLN E 132 -36.11 -8.56 27.08
C GLN E 132 -36.72 -7.25 26.60
N THR E 133 -37.88 -6.88 27.11
CA THR E 133 -38.61 -5.69 26.66
C THR E 133 -38.68 -4.69 27.80
N ILE E 134 -38.26 -3.45 27.53
CA ILE E 134 -38.23 -2.39 28.52
C ILE E 134 -38.98 -1.18 27.96
N GLN E 135 -39.30 -0.25 28.85
CA GLN E 135 -40.05 0.95 28.51
C GLN E 135 -39.18 2.19 28.73
N THR E 136 -39.54 3.26 28.02
CA THR E 136 -38.83 4.52 28.20
C THR E 136 -39.09 5.10 29.59
N LEU E 137 -38.05 5.75 30.14
CA LEU E 137 -38.18 6.34 31.46
C LEU E 137 -39.20 7.48 31.48
N ALA E 138 -39.20 8.33 30.45
CA ALA E 138 -40.11 9.47 30.42
C ALA E 138 -40.70 9.73 29.04
N GLY E 139 -40.90 8.69 28.24
CA GLY E 139 -41.51 8.84 26.94
C GLY E 139 -40.56 9.00 25.77
N ALA E 140 -39.80 10.08 25.74
CA ALA E 140 -38.90 10.31 24.63
C ALA E 140 -37.66 9.43 24.72
N PRO E 141 -37.11 9.01 23.58
CA PRO E 141 -35.94 8.13 23.59
C PRO E 141 -34.67 8.91 23.95
N THR E 142 -34.17 8.69 25.15
CA THR E 142 -32.99 9.37 25.64
C THR E 142 -31.79 8.43 25.61
N PRO E 143 -30.59 8.96 25.78
CA PRO E 143 -29.41 8.08 25.88
C PRO E 143 -29.47 7.05 27.00
N ASP E 144 -30.15 7.34 28.12
CA ASP E 144 -30.29 6.35 29.18
C ASP E 144 -31.07 5.12 28.72
N ASP E 145 -32.15 5.33 27.95
CA ASP E 145 -32.93 4.22 27.46
C ASP E 145 -32.13 3.34 26.50
N LEU E 146 -31.35 3.96 25.61
CA LEU E 146 -30.51 3.17 24.71
C LEU E 146 -29.41 2.46 25.48
N ASP E 147 -28.92 3.05 26.57
CA ASP E 147 -27.95 2.37 27.42
C ASP E 147 -28.56 1.14 28.08
N ALA E 148 -29.79 1.24 28.56
CA ALA E 148 -30.48 0.09 29.14
C ALA E 148 -30.68 -1.00 28.09
N LEU E 149 -31.08 -0.60 26.88
CA LEU E 149 -31.20 -1.57 25.79
C LEU E 149 -29.88 -2.29 25.56
N ILE E 150 -28.77 -1.55 25.62
CA ILE E 150 -27.47 -2.18 25.43
C ILE E 150 -27.17 -3.15 26.57
N THR E 151 -27.58 -2.81 27.79
CA THR E 151 -27.41 -3.77 28.89
C THR E 151 -28.14 -5.07 28.62
N LYS E 152 -29.29 -5.01 27.94
CA LYS E 152 -30.01 -6.25 27.68
C LYS E 152 -29.36 -7.09 26.58
N VAL E 153 -28.65 -6.47 25.64
CA VAL E 153 -28.01 -7.19 24.54
C VAL E 153 -26.51 -6.93 24.55
N TRP E 154 -25.91 -6.85 25.74
CA TRP E 154 -24.51 -6.44 25.86
C TRP E 154 -23.53 -7.33 25.11
N LYS E 155 -23.88 -8.58 24.79
CA LYS E 155 -22.99 -9.43 24.02
C LYS E 155 -23.14 -9.07 22.54
N THR E 156 -22.27 -8.18 22.08
CA THR E 156 -22.10 -7.80 20.68
C THR E 156 -23.43 -7.42 20.05
N PRO E 157 -23.98 -6.24 20.36
CA PRO E 157 -25.12 -5.74 19.58
C PRO E 157 -24.66 -5.29 18.21
N ALA E 158 -25.50 -5.53 17.20
CA ALA E 158 -25.14 -5.23 15.82
C ALA E 158 -25.72 -3.92 15.31
N PHE E 159 -27.02 -3.69 15.52
CA PHE E 159 -27.61 -2.45 15.05
C PHE E 159 -28.87 -2.14 15.85
N PHE E 160 -29.25 -0.87 15.84
CA PHE E 160 -30.56 -0.42 16.29
C PHE E 160 -31.48 -0.33 15.09
N LEU E 161 -32.74 -0.66 15.27
CA LEU E 161 -33.74 -0.57 14.21
C LEU E 161 -34.93 0.25 14.70
N THR E 162 -35.28 1.29 13.96
CA THR E 162 -36.39 2.15 14.33
C THR E 162 -36.85 2.90 13.09
N HIS E 163 -37.97 3.59 13.24
CA HIS E 163 -38.54 4.48 12.25
C HIS E 163 -37.70 5.75 12.14
N PRO E 164 -37.65 6.39 10.96
CA PRO E 164 -36.91 7.65 10.84
C PRO E 164 -37.37 8.74 11.80
N LEU E 165 -38.66 8.77 12.13
CA LEU E 165 -39.14 9.70 13.16
C LEU E 165 -38.46 9.42 14.50
N GLY E 166 -38.27 8.15 14.83
CA GLY E 166 -37.56 7.81 16.06
C GLY E 166 -36.11 8.24 16.04
N VAL E 167 -35.47 8.15 14.87
CA VAL E 167 -34.11 8.64 14.73
C VAL E 167 -34.05 10.14 14.99
N ALA E 168 -35.01 10.88 14.45
CA ALA E 168 -35.05 12.32 14.70
C ALA E 168 -35.29 12.63 16.18
N ALA E 169 -36.18 11.88 16.83
CA ALA E 169 -36.45 12.12 18.24
C ALA E 169 -35.23 11.84 19.11
N PHE E 170 -34.52 10.75 18.82
CA PHE E 170 -33.28 10.46 19.54
C PHE E 170 -32.25 11.55 19.31
N GLY E 171 -32.11 12.03 18.07
CA GLY E 171 -31.18 13.10 17.80
C GLY E 171 -31.51 14.37 18.56
N ARG E 172 -32.80 14.69 18.66
CA ARG E 172 -33.20 15.86 19.43
C ARG E 172 -32.83 15.71 20.90
N GLU E 173 -33.11 14.54 21.47
CA GLU E 173 -32.81 14.34 22.89
C GLU E 173 -31.30 14.36 23.13
N CYS E 174 -30.52 13.86 22.19
CA CYS E 174 -29.07 13.93 22.31
C CYS E 174 -28.56 15.36 22.22
N THR E 175 -29.15 16.17 21.33
CA THR E 175 -28.73 17.57 21.21
C THR E 175 -29.07 18.36 22.47
N TYR E 176 -30.23 18.10 23.08
CA TYR E 176 -30.56 18.82 24.31
C TYR E 176 -29.58 18.51 25.42
N ARG E 177 -29.05 17.30 25.46
CA ARG E 177 -28.10 16.91 26.48
C ARG E 177 -26.67 17.33 26.16
N GLY E 178 -26.45 17.97 25.01
CA GLY E 178 -25.13 18.42 24.65
C GLY E 178 -24.21 17.35 24.14
N VAL E 179 -24.75 16.22 23.67
CA VAL E 179 -23.94 15.09 23.21
C VAL E 179 -24.18 14.86 21.73
N PRO E 180 -23.21 15.14 20.86
CA PRO E 180 -23.35 14.80 19.45
C PRO E 180 -22.87 13.39 19.16
N PRO E 181 -23.74 12.51 18.69
CA PRO E 181 -23.31 11.15 18.31
C PRO E 181 -22.63 11.14 16.95
N PRO E 182 -21.59 10.33 16.79
CA PRO E 182 -20.91 10.25 15.49
C PRO E 182 -21.77 9.46 14.49
N THR E 183 -21.30 9.44 13.25
CA THR E 183 -21.97 8.68 12.20
C THR E 183 -20.98 7.73 11.55
N VAL E 184 -21.53 6.71 10.89
CA VAL E 184 -20.75 5.70 10.19
C VAL E 184 -21.29 5.61 8.77
N SER E 185 -20.45 5.18 7.85
CA SER E 185 -20.82 5.01 6.45
C SER E 185 -21.01 3.54 6.14
N MET E 186 -22.16 3.20 5.55
CA MET E 186 -22.48 1.80 5.30
C MET E 186 -23.62 1.72 4.29
N TYR E 187 -23.42 0.93 3.23
CA TYR E 187 -24.41 0.72 2.16
C TYR E 187 -24.80 2.03 1.49
N GLY E 188 -23.85 2.94 1.32
CA GLY E 188 -24.15 4.22 0.72
C GLY E 188 -24.99 5.14 1.57
N ALA E 189 -24.97 4.96 2.89
CA ALA E 189 -25.79 5.74 3.80
C ALA E 189 -24.95 6.19 4.99
N GLN E 190 -25.49 7.15 5.73
CA GLN E 190 -24.86 7.65 6.95
C GLN E 190 -25.75 7.30 8.13
N PHE E 191 -25.18 6.63 9.13
CA PHE E 191 -25.93 6.12 10.26
C PHE E 191 -25.42 6.74 11.56
N ILE E 192 -26.34 7.25 12.37
CA ILE E 192 -26.02 7.65 13.73
C ILE E 192 -25.67 6.41 14.54
N THR E 193 -24.60 6.49 15.31
CA THR E 193 -24.18 5.40 16.19
C THR E 193 -24.28 5.85 17.64
N TRP E 194 -24.79 4.97 18.49
CA TRP E 194 -24.72 5.15 19.94
C TRP E 194 -23.85 4.04 20.52
N ARG E 195 -22.78 4.42 21.20
CA ARG E 195 -21.78 3.49 21.72
C ARG E 195 -21.25 2.58 20.61
N GLY E 196 -21.07 3.16 19.43
CA GLY E 196 -20.53 2.46 18.29
C GLY E 196 -21.50 1.57 17.53
N ILE E 197 -22.78 1.57 17.91
CA ILE E 197 -23.78 0.70 17.30
C ILE E 197 -24.63 1.55 16.37
N PRO E 198 -24.72 1.22 15.07
CA PRO E 198 -25.52 2.02 14.15
C PRO E 198 -26.99 2.02 14.51
N ILE E 199 -27.64 3.15 14.27
CA ILE E 199 -29.09 3.28 14.38
C ILE E 199 -29.64 3.37 12.97
N VAL E 200 -30.36 2.35 12.56
CA VAL E 200 -30.74 2.13 11.17
C VAL E 200 -32.21 2.48 11.00
N PRO E 201 -32.57 3.34 10.06
CA PRO E 201 -33.98 3.70 9.87
C PRO E 201 -34.72 2.69 9.02
N SER E 202 -35.97 2.44 9.38
CA SER E 202 -36.82 1.52 8.65
C SER E 202 -38.26 2.01 8.76
N ASP E 203 -38.92 2.22 7.63
CA ASP E 203 -40.30 2.67 7.63
C ASP E 203 -41.29 1.56 7.91
N LYS E 204 -40.84 0.30 7.96
CA LYS E 204 -41.71 -0.80 8.32
C LYS E 204 -41.89 -0.94 9.82
N VAL E 205 -41.12 -0.21 10.62
CA VAL E 205 -41.29 -0.16 12.06
C VAL E 205 -42.50 0.71 12.37
N PRO E 206 -43.52 0.20 13.05
CA PRO E 206 -44.78 0.93 13.17
C PRO E 206 -44.66 2.17 14.05
N VAL E 207 -45.47 3.17 13.72
CA VAL E 207 -45.66 4.37 14.53
C VAL E 207 -47.16 4.55 14.73
N GLU E 208 -47.65 4.22 15.91
CA GLU E 208 -49.07 4.36 16.23
C GLU E 208 -49.24 5.30 17.42
N ASP E 209 -50.17 6.24 17.30
CA ASP E 209 -50.46 7.22 18.36
C ASP E 209 -49.24 8.04 18.73
N GLY E 210 -48.33 8.23 17.78
CA GLY E 210 -47.11 8.98 18.04
C GLY E 210 -46.03 8.21 18.77
N THR E 211 -46.16 6.89 18.90
CA THR E 211 -45.18 6.06 19.60
C THR E 211 -44.64 5.02 18.64
N THR E 212 -43.32 4.84 18.66
CA THR E 212 -42.63 3.83 17.86
C THR E 212 -41.85 2.91 18.81
N LYS E 213 -41.02 2.05 18.23
CA LYS E 213 -40.19 1.12 19.00
C LYS E 213 -38.74 1.25 18.56
N PHE E 214 -37.86 0.89 19.47
CA PHE E 214 -36.44 0.70 19.20
C PHE E 214 -36.12 -0.78 19.39
N VAL E 215 -35.38 -1.36 18.45
CA VAL E 215 -35.04 -2.77 18.50
C VAL E 215 -33.53 -2.91 18.44
N LEU E 216 -32.95 -3.62 19.39
CA LEU E 216 -31.54 -3.95 19.41
C LEU E 216 -31.37 -5.43 19.07
N VAL E 217 -30.49 -5.71 18.11
CA VAL E 217 -30.39 -7.03 17.51
C VAL E 217 -28.92 -7.42 17.37
N ARG E 218 -28.60 -8.66 17.76
CA ARG E 218 -27.34 -9.30 17.40
C ARG E 218 -27.62 -10.36 16.34
N THR E 219 -26.91 -10.28 15.21
CA THR E 219 -27.12 -11.19 14.10
C THR E 219 -25.95 -12.16 13.97
N GLY E 220 -26.26 -13.36 13.50
CA GLY E 220 -25.25 -14.37 13.24
C GLY E 220 -25.61 -15.72 13.80
N GLU E 221 -25.23 -16.78 13.07
CA GLU E 221 -25.47 -18.13 13.53
C GLU E 221 -24.34 -18.68 14.38
N GLU E 222 -23.12 -18.24 14.13
CA GLU E 222 -21.96 -18.69 14.88
C GLU E 222 -21.74 -17.89 16.16
N ARG E 223 -22.59 -16.91 16.44
CA ARG E 223 -22.57 -16.20 17.71
C ARG E 223 -23.93 -16.26 18.40
N GLN E 224 -24.77 -17.23 18.02
CA GLN E 224 -26.07 -17.46 18.63
C GLN E 224 -26.95 -16.21 18.57
N GLY E 225 -27.06 -15.63 17.38
CA GLY E 225 -27.83 -14.41 17.19
C GLY E 225 -29.13 -14.60 16.44
N VAL E 226 -29.42 -13.72 15.50
CA VAL E 226 -30.65 -13.73 14.71
C VAL E 226 -30.26 -13.96 13.26
N VAL E 227 -30.92 -14.91 12.62
CA VAL E 227 -30.66 -15.27 11.23
C VAL E 227 -31.98 -15.30 10.47
N GLY E 228 -31.96 -14.79 9.24
CA GLY E 228 -33.05 -15.01 8.32
C GLY E 228 -32.90 -16.31 7.56
N LEU E 229 -34.04 -16.85 7.12
CA LEU E 229 -34.09 -18.16 6.49
C LEU E 229 -34.68 -18.05 5.08
N PHE E 230 -34.07 -18.78 4.14
CA PHE E 230 -34.57 -18.84 2.78
C PHE E 230 -34.36 -20.24 2.23
N GLN E 231 -35.12 -20.56 1.17
CA GLN E 231 -35.10 -21.87 0.56
C GLN E 231 -34.33 -21.81 -0.75
N PRO E 232 -33.28 -22.60 -0.93
CA PRO E 232 -32.54 -22.60 -2.19
C PRO E 232 -33.06 -23.66 -3.16
N GLY E 233 -32.55 -23.59 -4.39
CA GLY E 233 -32.87 -24.59 -5.39
C GLY E 233 -34.32 -24.64 -5.82
N LEU E 234 -34.91 -23.49 -6.11
CA LEU E 234 -36.30 -23.42 -6.55
C LEU E 234 -36.39 -23.28 -8.07
N VAL E 235 -37.60 -23.44 -8.58
CA VAL E 235 -37.85 -23.29 -10.01
C VAL E 235 -37.86 -21.80 -10.35
N GLY E 236 -37.09 -21.43 -11.37
CA GLY E 236 -36.99 -20.05 -11.79
C GLY E 236 -36.37 -19.13 -10.77
N GLU E 237 -35.30 -19.57 -10.12
CA GLU E 237 -34.68 -18.78 -9.07
C GLU E 237 -33.90 -17.61 -9.68
N GLN E 238 -34.09 -16.43 -9.09
CA GLN E 238 -33.33 -15.24 -9.46
C GLN E 238 -32.50 -14.70 -8.31
N ALA E 239 -33.11 -14.53 -7.15
CA ALA E 239 -32.45 -14.11 -5.92
C ALA E 239 -32.62 -15.19 -4.87
N PRO E 240 -31.80 -15.19 -3.80
CA PRO E 240 -31.98 -16.19 -2.74
C PRO E 240 -33.40 -16.31 -2.24
N GLY E 241 -34.01 -17.48 -2.45
CA GLY E 241 -35.38 -17.72 -2.04
C GLY E 241 -36.44 -17.19 -2.97
N LEU E 242 -36.06 -16.50 -4.05
CA LEU E 242 -37.00 -15.83 -4.93
C LEU E 242 -37.17 -16.65 -6.20
N SER E 243 -38.41 -16.99 -6.52
CA SER E 243 -38.74 -17.85 -7.64
C SER E 243 -39.72 -17.14 -8.57
N VAL E 244 -39.43 -17.15 -9.86
CA VAL E 244 -40.34 -16.65 -10.88
C VAL E 244 -40.69 -17.82 -11.79
N ARG E 245 -41.98 -18.09 -11.94
CA ARG E 245 -42.42 -19.20 -12.76
C ARG E 245 -43.60 -18.78 -13.62
N PHE E 246 -43.67 -19.36 -14.81
CA PHE E 246 -44.64 -18.97 -15.83
C PHE E 246 -45.83 -19.92 -15.72
N THR E 247 -46.98 -19.37 -15.34
CA THR E 247 -48.18 -20.17 -15.11
C THR E 247 -49.12 -20.12 -16.31
N GLY E 248 -48.60 -20.58 -17.45
CA GLY E 248 -49.44 -20.79 -18.61
C GLY E 248 -50.00 -19.53 -19.25
N ILE E 249 -50.93 -19.77 -20.17
CA ILE E 249 -51.54 -18.74 -20.99
C ILE E 249 -53.05 -18.93 -20.97
N ASN E 250 -53.80 -17.85 -20.77
CA ASN E 250 -55.26 -17.90 -20.74
C ASN E 250 -55.83 -17.68 -22.14
N ARG E 251 -57.14 -17.49 -22.24
CA ARG E 251 -57.76 -17.34 -23.55
C ARG E 251 -57.46 -15.99 -24.18
N SER E 252 -57.30 -14.95 -23.36
CA SER E 252 -57.05 -13.60 -23.86
C SER E 252 -55.57 -13.33 -24.11
N ALA E 253 -54.74 -14.38 -24.17
CA ALA E 253 -53.30 -14.26 -24.38
C ALA E 253 -52.63 -13.42 -23.29
N ILE E 254 -53.20 -13.43 -22.09
CA ILE E 254 -52.64 -12.72 -20.95
C ILE E 254 -51.76 -13.71 -20.17
N ALA E 255 -50.46 -13.65 -20.42
CA ALA E 255 -49.52 -14.51 -19.71
C ALA E 255 -49.45 -14.13 -18.24
N SER E 256 -49.23 -15.14 -17.41
CA SER E 256 -49.15 -14.94 -15.97
C SER E 256 -47.83 -15.47 -15.43
N TYR E 257 -47.29 -14.79 -14.43
CA TYR E 257 -46.10 -15.22 -13.73
C TYR E 257 -46.40 -15.25 -12.24
N LEU E 258 -45.90 -16.26 -11.56
CA LEU E 258 -46.00 -16.36 -10.11
C LEU E 258 -44.63 -16.10 -9.51
N VAL E 259 -44.56 -15.12 -8.63
CA VAL E 259 -43.32 -14.73 -7.95
C VAL E 259 -43.47 -15.06 -6.47
N THR E 260 -42.53 -15.82 -5.94
CA THR E 260 -42.66 -16.38 -4.60
C THR E 260 -41.38 -16.15 -3.81
N LEU E 261 -41.54 -15.94 -2.50
CA LEU E 261 -40.43 -15.74 -1.57
C LEU E 261 -40.78 -16.44 -0.26
N TYR E 262 -40.10 -17.54 0.04
CA TYR E 262 -40.30 -18.26 1.30
C TYR E 262 -39.33 -17.72 2.34
N THR E 263 -39.88 -17.25 3.46
CA THR E 263 -39.14 -16.46 4.42
C THR E 263 -39.50 -16.88 5.84
N SER E 264 -38.51 -16.87 6.72
CA SER E 264 -38.73 -16.95 8.15
C SER E 264 -37.52 -16.35 8.85
N LEU E 265 -37.65 -16.14 10.14
CA LEU E 265 -36.62 -15.54 10.97
C LEU E 265 -36.44 -16.39 12.23
N ALA E 266 -35.18 -16.61 12.61
CA ALA E 266 -34.85 -17.45 13.75
C ALA E 266 -34.03 -16.66 14.75
N VAL E 267 -34.38 -16.79 16.04
CA VAL E 267 -33.60 -16.25 17.15
C VAL E 267 -33.01 -17.43 17.88
N LEU E 268 -31.67 -17.55 17.85
CA LEU E 268 -31.02 -18.71 18.43
C LEU E 268 -30.97 -18.63 19.95
N THR E 269 -30.72 -17.46 20.51
CA THR E 269 -30.73 -17.23 21.93
C THR E 269 -31.61 -16.03 22.23
N ASP E 270 -32.30 -16.08 23.38
CA ASP E 270 -33.28 -15.04 23.70
C ASP E 270 -32.61 -13.68 23.94
N ASP E 271 -31.39 -13.67 24.47
CA ASP E 271 -30.68 -12.43 24.75
C ASP E 271 -30.02 -11.83 23.52
N ALA E 272 -30.43 -12.26 22.32
CA ALA E 272 -29.96 -11.68 21.07
C ALA E 272 -30.90 -10.59 20.56
N LEU E 273 -31.95 -10.25 21.31
CA LEU E 273 -33.01 -9.39 20.81
C LEU E 273 -33.68 -8.69 21.98
N ALA E 274 -33.73 -7.36 21.94
CA ALA E 274 -34.42 -6.58 22.94
C ALA E 274 -35.20 -5.46 22.26
N VAL E 275 -36.30 -5.05 22.88
CA VAL E 275 -37.20 -4.06 22.31
C VAL E 275 -37.45 -2.98 23.36
N LEU E 276 -37.31 -1.72 22.94
CA LEU E 276 -37.68 -0.57 23.77
C LEU E 276 -39.06 -0.08 23.33
N ASP E 277 -40.00 -0.08 24.26
CA ASP E 277 -41.39 0.23 23.97
C ASP E 277 -41.74 1.64 24.41
N GLY E 278 -42.84 2.15 23.86
CA GLY E 278 -43.38 3.44 24.25
C GLY E 278 -42.50 4.62 23.92
N VAL E 279 -41.92 4.66 22.73
CA VAL E 279 -40.99 5.70 22.33
C VAL E 279 -41.79 6.82 21.67
N ALA E 280 -41.89 7.95 22.37
CA ALA E 280 -42.60 9.12 21.83
C ALA E 280 -41.70 9.88 20.87
N VAL E 281 -42.29 10.30 19.74
CA VAL E 281 -41.53 10.90 18.66
C VAL E 281 -41.94 12.34 18.38
N ASP E 282 -42.72 12.96 19.26
CA ASP E 282 -43.22 14.31 19.05
C ASP E 282 -43.04 15.18 20.29
N GLN E 283 -41.84 15.14 20.87
CA GLN E 283 -41.52 15.96 22.03
C GLN E 283 -40.37 16.89 21.69
N PHE E 284 -40.51 18.16 22.09
CA PHE E 284 -39.55 19.20 21.73
C PHE E 284 -39.17 20.00 22.96
N HIS E 285 -37.95 20.50 22.97
CA HIS E 285 -37.43 21.29 24.07
C HIS E 285 -37.47 22.77 23.73
N GLU E 286 -37.60 23.60 24.76
CA GLU E 286 -37.61 25.04 24.59
C GLU E 286 -36.20 25.61 24.74
N TYR E 287 -35.98 26.74 24.09
CA TYR E 287 -34.66 27.36 24.00
C TYR E 287 -34.86 28.88 23.99
N GLN E 288 -33.83 29.60 23.54
CA GLN E 288 -33.88 31.07 23.44
C GLN E 288 -33.94 31.70 24.82
N ALA F 1 8.03 -42.29 29.96
CA ALA F 1 6.76 -41.65 30.27
C ALA F 1 5.94 -41.40 29.01
N ASN F 2 5.52 -40.15 28.82
CA ASN F 2 4.75 -39.80 27.64
C ASN F 2 5.65 -39.74 26.41
N ALA F 3 5.06 -40.04 25.26
CA ALA F 3 5.71 -39.87 23.96
C ALA F 3 4.85 -38.96 23.10
N THR F 4 5.48 -38.00 22.44
CA THR F 4 4.77 -37.16 21.49
C THR F 4 4.45 -37.97 20.25
N LYS F 5 3.18 -38.00 19.87
CA LYS F 5 2.70 -38.83 18.77
C LYS F 5 2.35 -37.97 17.57
N THR F 6 2.02 -38.64 16.47
CA THR F 6 1.51 -38.02 15.26
C THR F 6 0.18 -38.63 14.90
N VAL F 7 -0.60 -37.89 14.13
CA VAL F 7 -1.77 -38.45 13.45
C VAL F 7 -1.23 -39.42 12.41
N PRO F 8 -1.98 -40.45 12.01
CA PRO F 8 -1.42 -41.43 11.07
C PRO F 8 -1.03 -40.78 9.75
N GLN F 9 0.03 -41.33 9.14
CA GLN F 9 0.58 -40.81 7.90
C GLN F 9 0.22 -41.74 6.76
N LEU F 10 -0.37 -41.17 5.71
CA LEU F 10 -0.77 -41.90 4.51
C LEU F 10 0.13 -41.48 3.36
N SER F 11 0.79 -42.46 2.73
CA SER F 11 1.73 -42.15 1.67
C SER F 11 1.04 -41.84 0.34
N THR F 12 -0.24 -42.17 0.20
CA THR F 12 -0.95 -41.93 -1.05
C THR F 12 -1.64 -40.58 -1.09
N ILE F 13 -1.46 -39.73 -0.08
CA ILE F 13 -2.02 -38.39 -0.12
C ILE F 13 -1.22 -37.55 -1.10
N THR F 14 -1.86 -37.09 -2.16
CA THR F 14 -1.26 -36.22 -3.15
C THR F 14 -1.82 -34.82 -3.03
N PRO F 15 -1.10 -33.81 -3.52
CA PRO F 15 -1.60 -32.43 -3.42
C PRO F 15 -2.95 -32.20 -4.10
N ARG F 16 -3.30 -33.00 -5.11
CA ARG F 16 -4.59 -32.93 -5.79
C ARG F 16 -4.84 -31.52 -6.34
N PHE F 17 -3.92 -31.07 -7.19
CA PHE F 17 -4.03 -29.74 -7.76
C PHE F 17 -5.22 -29.62 -8.70
N LEU F 18 -5.63 -30.73 -9.33
CA LEU F 18 -6.75 -30.69 -10.27
C LEU F 18 -8.06 -30.34 -9.58
N LEU F 19 -8.24 -30.78 -8.34
CA LEU F 19 -9.45 -30.44 -7.60
C LEU F 19 -9.51 -28.96 -7.25
N HIS F 20 -8.39 -28.25 -7.31
CA HIS F 20 -8.37 -26.81 -7.07
C HIS F 20 -8.33 -26.00 -8.35
N LEU F 21 -7.81 -26.57 -9.43
CA LEU F 21 -7.74 -25.89 -10.71
C LEU F 21 -9.08 -25.87 -11.44
N LEU F 22 -9.94 -26.84 -11.17
CA LEU F 22 -11.24 -26.92 -11.81
C LEU F 22 -12.22 -25.95 -11.15
N SER F 23 -13.26 -25.60 -11.91
CA SER F 23 -14.38 -24.83 -11.41
C SER F 23 -15.52 -25.78 -11.11
N TRP F 24 -16.17 -25.59 -9.96
CA TRP F 24 -17.16 -26.54 -9.46
C TRP F 24 -18.54 -25.91 -9.46
N VAL F 25 -19.48 -26.57 -10.12
CA VAL F 25 -20.85 -26.09 -10.27
C VAL F 25 -21.75 -27.00 -9.44
N PRO F 26 -22.63 -26.45 -8.60
CA PRO F 26 -23.56 -27.30 -7.85
C PRO F 26 -24.74 -27.73 -8.72
N VAL F 27 -25.13 -28.99 -8.55
CA VAL F 27 -26.25 -29.58 -9.26
C VAL F 27 -27.26 -30.00 -8.21
N GLU F 28 -28.42 -29.34 -8.17
CA GLU F 28 -29.35 -29.51 -7.08
C GLU F 28 -30.21 -30.76 -7.19
N ALA F 29 -30.15 -31.48 -8.31
CA ALA F 29 -30.90 -32.73 -8.40
C ALA F 29 -30.12 -33.82 -9.12
N GLY F 30 -28.82 -33.67 -9.28
CA GLY F 30 -27.98 -34.71 -9.86
C GLY F 30 -27.97 -34.77 -11.37
N ILE F 31 -28.66 -33.85 -12.05
CA ILE F 31 -28.74 -33.85 -13.51
C ILE F 31 -28.28 -32.48 -14.00
N TYR F 32 -27.39 -32.50 -14.98
CA TYR F 32 -26.87 -31.29 -15.61
C TYR F 32 -27.09 -31.39 -17.10
N ARG F 33 -27.70 -30.36 -17.69
CA ARG F 33 -27.95 -30.33 -19.12
C ARG F 33 -27.13 -29.23 -19.75
N VAL F 34 -26.42 -29.57 -20.83
CA VAL F 34 -25.63 -28.62 -21.60
C VAL F 34 -26.27 -28.49 -22.97
N ASN F 35 -26.70 -27.25 -23.26
CA ASN F 35 -27.35 -26.91 -24.49
C ASN F 35 -26.44 -26.25 -25.42
N ARG F 36 -26.13 -26.91 -26.47
CA ARG F 36 -25.19 -26.42 -27.34
C ARG F 36 -25.77 -26.14 -28.68
N VAL F 37 -25.49 -25.00 -29.32
CA VAL F 37 -26.05 -24.63 -30.58
C VAL F 37 -25.52 -25.46 -31.68
N VAL F 38 -26.39 -26.20 -32.35
CA VAL F 38 -26.07 -27.16 -33.37
C VAL F 38 -25.49 -26.68 -34.65
N ASN F 39 -25.97 -25.58 -35.16
CA ASN F 39 -25.34 -25.06 -36.30
C ASN F 39 -24.84 -23.80 -35.78
N PRO F 40 -23.54 -23.68 -35.78
CA PRO F 40 -23.11 -22.47 -35.12
C PRO F 40 -22.87 -21.29 -36.03
N TYR F 64 -31.67 -20.28 -33.49
CA TYR F 64 -30.63 -21.19 -33.03
C TYR F 64 -31.23 -22.44 -32.40
N GLU F 65 -31.09 -23.57 -33.08
CA GLU F 65 -31.51 -24.86 -32.53
C GLU F 65 -30.40 -25.44 -31.67
N THR F 66 -30.79 -26.21 -30.66
CA THR F 66 -29.84 -26.73 -29.68
C THR F 66 -30.04 -28.22 -29.50
N HIS F 67 -28.95 -28.94 -29.22
CA HIS F 67 -28.99 -30.35 -28.89
C HIS F 67 -28.46 -30.54 -27.48
N PRO F 68 -29.24 -31.11 -26.55
CA PRO F 68 -28.78 -31.23 -25.17
C PRO F 68 -27.93 -32.47 -24.91
N ARG F 69 -26.93 -32.29 -24.05
CA ARG F 69 -26.11 -33.37 -23.53
C ARG F 69 -26.30 -33.40 -22.02
N GLU F 70 -26.59 -34.58 -21.48
CA GLU F 70 -26.96 -34.73 -20.08
C GLU F 70 -25.81 -35.36 -19.29
N TYR F 71 -25.57 -34.79 -18.11
CA TYR F 71 -24.57 -35.28 -17.16
C TYR F 71 -25.27 -35.62 -15.86
N THR F 72 -25.27 -36.89 -15.48
CA THR F 72 -25.82 -37.32 -14.20
C THR F 72 -24.69 -37.74 -13.28
N LEU F 73 -24.72 -37.23 -12.05
CA LEU F 73 -23.64 -37.44 -11.09
C LEU F 73 -23.55 -38.90 -10.69
N ARG F 74 -22.33 -39.40 -10.59
CA ARG F 74 -22.06 -40.78 -10.23
C ARG F 74 -21.44 -40.83 -8.84
N SER F 75 -21.65 -41.94 -8.15
CA SER F 75 -21.28 -42.06 -6.74
C SER F 75 -19.89 -42.66 -6.58
N ILE F 76 -19.05 -41.98 -5.81
CA ILE F 76 -17.83 -42.54 -5.25
C ILE F 76 -18.10 -42.78 -3.76
N SER F 77 -18.04 -44.04 -3.34
CA SER F 77 -18.53 -44.42 -2.03
C SER F 77 -17.58 -45.41 -1.37
N THR F 78 -17.61 -45.42 -0.04
CA THR F 78 -16.87 -46.41 0.75
C THR F 78 -17.56 -46.57 2.09
N LEU F 79 -17.60 -47.80 2.57
CA LEU F 79 -18.18 -48.12 3.87
C LEU F 79 -17.05 -48.31 4.87
N LEU F 80 -17.10 -47.55 5.96
CA LEU F 80 -16.06 -47.56 7.00
C LEU F 80 -16.64 -48.20 8.25
N ASP F 81 -16.01 -49.27 8.71
CA ASP F 81 -16.41 -49.98 9.93
C ASP F 81 -15.40 -49.67 11.02
N VAL F 82 -15.84 -48.95 12.04
CA VAL F 82 -15.01 -48.65 13.21
C VAL F 82 -15.32 -49.68 14.28
N HIS F 83 -14.27 -50.26 14.84
CA HIS F 83 -14.40 -51.37 15.78
C HIS F 83 -14.26 -50.88 17.22
N THR F 84 -14.78 -51.70 18.14
CA THR F 84 -14.51 -51.53 19.57
C THR F 84 -13.27 -52.34 19.96
N ARG F 85 -12.21 -52.14 19.20
CA ARG F 85 -10.97 -52.89 19.32
C ARG F 85 -9.91 -52.02 19.99
N VAL F 86 -8.71 -52.56 20.12
CA VAL F 86 -7.67 -51.94 20.94
C VAL F 86 -7.03 -50.76 20.22
N SER F 87 -6.33 -51.01 19.11
CA SER F 87 -5.69 -49.97 18.31
C SER F 87 -4.83 -49.06 19.18
N ASP F 88 -3.70 -49.61 19.65
CA ASP F 88 -2.89 -48.92 20.64
C ASP F 88 -2.08 -47.78 20.03
N LEU F 89 -2.77 -46.86 19.36
CA LEU F 89 -2.14 -45.63 18.89
C LEU F 89 -3.08 -44.45 19.02
N TYR F 90 -4.23 -44.60 19.67
CA TYR F 90 -5.32 -43.64 19.62
C TYR F 90 -5.75 -43.12 20.98
N SER F 91 -5.67 -43.93 22.04
CA SER F 91 -5.92 -43.49 23.40
C SER F 91 -7.39 -43.20 23.70
N SER F 92 -8.25 -43.24 22.68
CA SER F 92 -9.67 -43.07 22.90
C SER F 92 -10.41 -43.59 21.69
N PRO F 93 -11.61 -44.15 21.88
CA PRO F 93 -12.46 -44.45 20.72
C PRO F 93 -12.82 -43.22 19.91
N HIS F 94 -12.85 -42.04 20.53
CA HIS F 94 -13.16 -40.82 19.80
C HIS F 94 -12.03 -40.43 18.86
N ASP F 95 -10.78 -40.59 19.28
CA ASP F 95 -9.66 -40.28 18.40
C ASP F 95 -9.52 -41.29 17.28
N GLN F 96 -9.86 -42.55 17.54
CA GLN F 96 -9.81 -43.56 16.50
C GLN F 96 -10.79 -43.24 15.38
N VAL F 97 -12.03 -42.89 15.74
CA VAL F 97 -13.03 -42.57 14.74
C VAL F 97 -12.65 -41.31 13.98
N THR F 98 -12.14 -40.30 14.68
CA THR F 98 -11.74 -39.06 14.02
C THR F 98 -10.67 -39.31 12.96
N GLN F 99 -9.63 -40.04 13.33
CA GLN F 99 -8.53 -40.28 12.40
C GLN F 99 -8.96 -41.17 11.25
N GLN F 100 -9.77 -42.19 11.53
CA GLN F 100 -10.19 -43.08 10.46
C GLN F 100 -11.16 -42.40 9.50
N LEU F 101 -12.01 -41.51 10.00
CA LEU F 101 -12.83 -40.70 9.11
C LEU F 101 -11.97 -39.77 8.25
N ARG F 102 -10.94 -39.16 8.85
CA ARG F 102 -10.06 -38.28 8.08
C ARG F 102 -9.36 -39.04 6.95
N LEU F 103 -8.83 -40.22 7.26
CA LEU F 103 -8.14 -41.01 6.25
C LEU F 103 -9.11 -41.49 5.17
N THR F 104 -10.33 -41.86 5.56
CA THR F 104 -11.32 -42.28 4.59
C THR F 104 -11.68 -41.14 3.64
N ILE F 105 -11.79 -39.92 4.16
CA ILE F 105 -12.11 -38.78 3.32
C ILE F 105 -10.97 -38.46 2.37
N GLU F 106 -9.73 -38.54 2.85
CA GLU F 106 -8.60 -38.33 1.95
C GLU F 106 -8.57 -39.34 0.81
N THR F 107 -8.83 -40.62 1.13
CA THR F 107 -8.88 -41.64 0.09
C THR F 107 -10.02 -41.38 -0.89
N ILE F 108 -11.18 -40.94 -0.39
CA ILE F 108 -12.30 -40.67 -1.29
C ILE F 108 -11.97 -39.52 -2.24
N LYS F 109 -11.22 -38.52 -1.77
CA LYS F 109 -10.89 -37.40 -2.65
C LYS F 109 -9.82 -37.79 -3.66
N GLU F 110 -8.88 -38.65 -3.27
CA GLU F 110 -7.93 -39.19 -4.25
C GLU F 110 -8.65 -39.96 -5.34
N ARG F 111 -9.64 -40.77 -4.94
CA ARG F 111 -10.43 -41.51 -5.92
C ARG F 111 -11.22 -40.56 -6.83
N GLN F 112 -11.71 -39.47 -6.26
CA GLN F 112 -12.42 -38.48 -7.08
C GLN F 112 -11.51 -37.88 -8.14
N GLU F 113 -10.29 -37.53 -7.76
CA GLU F 113 -9.35 -36.99 -8.75
C GLU F 113 -9.04 -38.02 -9.84
N TYR F 114 -8.80 -39.27 -9.44
CA TYR F 114 -8.56 -40.32 -10.42
C TYR F 114 -9.72 -40.45 -11.39
N GLU F 115 -10.95 -40.44 -10.87
CA GLU F 115 -12.13 -40.58 -11.71
C GLU F 115 -12.30 -39.38 -12.64
N LEU F 116 -12.01 -38.18 -12.15
CA LEU F 116 -12.11 -37.00 -13.00
C LEU F 116 -11.15 -37.09 -14.17
N VAL F 117 -9.98 -37.71 -13.99
CA VAL F 117 -9.08 -37.87 -15.13
C VAL F 117 -9.48 -39.09 -15.97
N ASN F 118 -9.89 -40.18 -15.34
CA ASN F 118 -9.86 -41.50 -15.97
C ASN F 118 -11.20 -42.17 -16.19
N ASN F 119 -12.31 -41.54 -15.82
CA ASN F 119 -13.59 -42.23 -15.95
C ASN F 119 -13.93 -42.46 -17.42
N PRO F 120 -14.45 -43.64 -17.78
CA PRO F 120 -14.79 -43.90 -19.17
C PRO F 120 -15.95 -43.08 -19.69
N GLU F 121 -16.75 -42.48 -18.81
CA GLU F 121 -17.92 -41.71 -19.22
C GLU F 121 -17.68 -40.20 -19.16
N TYR F 122 -17.21 -39.68 -18.03
CA TYR F 122 -17.03 -38.25 -17.88
C TYR F 122 -15.57 -37.84 -17.63
N GLY F 123 -14.61 -38.72 -17.86
CA GLY F 123 -13.23 -38.34 -17.69
C GLY F 123 -12.75 -37.41 -18.78
N LEU F 124 -11.69 -36.66 -18.46
CA LEU F 124 -11.11 -35.73 -19.43
C LEU F 124 -10.56 -36.47 -20.64
N LEU F 125 -9.93 -37.62 -20.41
CA LEU F 125 -9.35 -38.38 -21.52
C LEU F 125 -10.41 -38.97 -22.42
N ALA F 126 -11.59 -39.26 -21.88
CA ALA F 126 -12.67 -39.86 -22.64
C ALA F 126 -13.51 -38.83 -23.38
N GLN F 127 -13.66 -37.64 -22.83
CA GLN F 127 -14.54 -36.63 -23.40
C GLN F 127 -13.86 -35.80 -24.49
N ALA F 128 -12.58 -36.04 -24.77
CA ALA F 128 -11.92 -35.37 -25.87
C ALA F 128 -12.27 -36.02 -27.20
N THR F 129 -12.45 -35.19 -28.22
CA THR F 129 -12.88 -35.61 -29.54
C THR F 129 -11.69 -35.92 -30.42
N PRO F 130 -11.86 -36.74 -31.46
CA PRO F 130 -10.74 -37.04 -32.37
C PRO F 130 -10.16 -35.81 -33.06
N GLU F 131 -10.98 -34.79 -33.32
CA GLU F 131 -10.47 -33.56 -33.93
C GLU F 131 -9.65 -32.73 -32.96
N GLN F 132 -9.80 -32.95 -31.66
CA GLN F 132 -9.05 -32.22 -30.64
C GLN F 132 -7.86 -33.00 -30.12
N THR F 133 -7.55 -34.14 -30.71
CA THR F 133 -6.48 -35.01 -30.23
C THR F 133 -5.38 -35.08 -31.30
N ILE F 134 -4.14 -34.82 -30.88
CA ILE F 134 -2.99 -34.80 -31.77
C ILE F 134 -1.90 -35.71 -31.20
N GLN F 135 -0.94 -36.02 -32.04
CA GLN F 135 0.16 -36.92 -31.67
C GLN F 135 1.48 -36.16 -31.71
N THR F 136 2.46 -36.67 -30.96
CA THR F 136 3.78 -36.08 -30.97
C THR F 136 4.45 -36.27 -32.32
N LEU F 137 5.24 -35.27 -32.72
CA LEU F 137 5.94 -35.33 -33.99
C LEU F 137 6.97 -36.46 -34.02
N ALA F 138 7.72 -36.64 -32.93
CA ALA F 138 8.77 -37.64 -32.90
C ALA F 138 8.86 -38.37 -31.55
N GLY F 139 7.73 -38.53 -30.86
CA GLY F 139 7.71 -39.27 -29.62
C GLY F 139 7.86 -38.44 -28.36
N ALA F 140 8.99 -37.80 -28.18
CA ALA F 140 9.21 -37.03 -26.97
C ALA F 140 8.44 -35.70 -27.02
N PRO F 141 7.98 -35.20 -25.87
CA PRO F 141 7.22 -33.96 -25.84
C PRO F 141 8.12 -32.75 -26.01
N THR F 142 8.07 -32.13 -27.17
CA THR F 142 8.88 -30.97 -27.49
C THR F 142 8.05 -29.70 -27.44
N PRO F 143 8.71 -28.54 -27.44
CA PRO F 143 7.94 -27.28 -27.50
C PRO F 143 7.01 -27.14 -28.71
N ASP F 144 7.34 -27.76 -29.84
CA ASP F 144 6.44 -27.71 -31.00
C ASP F 144 5.11 -28.41 -30.71
N ASP F 145 5.15 -29.55 -30.03
CA ASP F 145 3.93 -30.28 -29.70
C ASP F 145 3.06 -29.48 -28.74
N LEU F 146 3.66 -28.84 -27.75
CA LEU F 146 2.87 -28.02 -26.84
C LEU F 146 2.33 -26.79 -27.55
N ASP F 147 3.06 -26.25 -28.54
CA ASP F 147 2.54 -25.16 -29.35
C ASP F 147 1.32 -25.58 -30.16
N ALA F 148 1.37 -26.78 -30.74
CA ALA F 148 0.21 -27.30 -31.46
C ALA F 148 -0.98 -27.49 -30.54
N LEU F 149 -0.74 -28.03 -29.34
CA LEU F 149 -1.80 -28.14 -28.35
C LEU F 149 -2.42 -26.78 -28.06
N ILE F 150 -1.58 -25.74 -27.95
CA ILE F 150 -2.10 -24.40 -27.70
C ILE F 150 -2.93 -23.92 -28.87
N THR F 151 -2.53 -24.27 -30.10
CA THR F 151 -3.37 -23.89 -31.24
C THR F 151 -4.75 -24.52 -31.16
N LYS F 152 -4.85 -25.73 -30.58
CA LYS F 152 -6.17 -26.35 -30.49
C LYS F 152 -7.04 -25.72 -29.40
N VAL F 153 -6.45 -25.14 -28.35
CA VAL F 153 -7.20 -24.53 -27.26
C VAL F 153 -6.81 -23.07 -27.10
N TRP F 154 -6.58 -22.37 -28.22
CA TRP F 154 -6.03 -21.02 -28.19
C TRP F 154 -6.90 -20.03 -27.42
N LYS F 155 -8.18 -20.29 -27.24
CA LYS F 155 -9.03 -19.39 -26.45
C LYS F 155 -8.81 -19.69 -24.97
N THR F 156 -7.89 -18.96 -24.36
CA THR F 156 -7.61 -18.94 -22.92
C THR F 156 -7.41 -20.36 -22.39
N PRO F 157 -6.28 -20.99 -22.66
CA PRO F 157 -5.95 -22.23 -21.95
C PRO F 157 -5.57 -21.94 -20.51
N ALA F 158 -5.97 -22.83 -19.61
CA ALA F 158 -5.77 -22.63 -18.18
C ALA F 158 -4.57 -23.37 -17.62
N PHE F 159 -4.44 -24.66 -17.94
CA PHE F 159 -3.29 -25.41 -17.43
C PHE F 159 -3.04 -26.62 -18.32
N PHE F 160 -1.81 -27.11 -18.24
CA PHE F 160 -1.44 -28.42 -18.77
C PHE F 160 -1.53 -29.44 -17.65
N LEU F 161 -1.96 -30.66 -17.98
CA LEU F 161 -2.06 -31.74 -17.02
C LEU F 161 -1.31 -32.96 -17.55
N THR F 162 -0.37 -33.47 -16.76
CA THR F 162 0.42 -34.62 -17.16
C THR F 162 1.02 -35.26 -15.92
N HIS F 163 1.61 -36.42 -16.11
CA HIS F 163 2.36 -37.15 -15.11
C HIS F 163 3.69 -36.45 -14.82
N PRO F 164 4.21 -36.57 -13.60
CA PRO F 164 5.52 -35.96 -13.31
C PRO F 164 6.65 -36.45 -14.22
N LEU F 165 6.59 -37.69 -14.67
CA LEU F 165 7.56 -38.17 -15.66
C LEU F 165 7.47 -37.36 -16.95
N GLY F 166 6.25 -37.02 -17.36
CA GLY F 166 6.08 -36.18 -18.54
C GLY F 166 6.63 -34.79 -18.34
N VAL F 167 6.50 -34.24 -17.13
CA VAL F 167 7.10 -32.95 -16.83
C VAL F 167 8.62 -33.02 -16.96
N ALA F 168 9.23 -34.09 -16.45
CA ALA F 168 10.67 -34.25 -16.59
C ALA F 168 11.08 -34.38 -18.06
N ALA F 169 10.31 -35.13 -18.85
CA ALA F 169 10.65 -35.31 -20.26
C ALA F 169 10.56 -34.00 -21.03
N PHE F 170 9.51 -33.21 -20.76
CA PHE F 170 9.40 -31.91 -21.38
C PHE F 170 10.56 -30.99 -20.98
N GLY F 171 10.92 -31.02 -19.69
CA GLY F 171 12.05 -30.22 -19.25
C GLY F 171 13.35 -30.60 -19.93
N ARG F 172 13.57 -31.90 -20.12
CA ARG F 172 14.76 -32.35 -20.84
C ARG F 172 14.77 -31.84 -22.27
N GLU F 173 13.64 -31.96 -22.96
CA GLU F 173 13.58 -31.51 -24.35
C GLU F 173 13.77 -30.00 -24.45
N CYS F 174 13.25 -29.26 -23.48
CA CYS F 174 13.46 -27.81 -23.46
C CYS F 174 14.93 -27.46 -23.20
N THR F 175 15.59 -28.20 -22.32
CA THR F 175 17.00 -27.92 -22.05
C THR F 175 17.87 -28.23 -23.26
N TYR F 176 17.57 -29.30 -24.00
CA TYR F 176 18.36 -29.60 -25.19
C TYR F 176 18.24 -28.50 -26.23
N ARG F 177 17.09 -27.86 -26.31
CA ARG F 177 16.87 -26.78 -27.28
C ARG F 177 17.39 -25.45 -26.79
N GLY F 178 17.94 -25.38 -25.57
CA GLY F 178 18.47 -24.14 -25.06
C GLY F 178 17.44 -23.17 -24.55
N VAL F 179 16.25 -23.64 -24.23
CA VAL F 179 15.15 -22.77 -23.79
C VAL F 179 14.76 -23.11 -22.36
N PRO F 180 15.05 -22.24 -21.39
CA PRO F 180 14.59 -22.48 -20.02
C PRO F 180 13.20 -21.88 -19.80
N PRO F 181 12.21 -22.71 -19.48
CA PRO F 181 10.87 -22.19 -19.18
C PRO F 181 10.79 -21.62 -17.77
N PRO F 182 10.08 -20.52 -17.57
CA PRO F 182 9.92 -19.96 -16.22
C PRO F 182 8.99 -20.81 -15.38
N THR F 183 8.90 -20.45 -14.10
CA THR F 183 8.00 -21.14 -13.19
C THR F 183 7.08 -20.12 -12.52
N VAL F 184 5.97 -20.63 -12.01
CA VAL F 184 4.98 -19.82 -11.31
C VAL F 184 4.71 -20.46 -9.95
N SER F 185 4.27 -19.66 -9.00
CA SER F 185 3.96 -20.13 -7.65
C SER F 185 2.45 -20.20 -7.49
N MET F 186 1.95 -21.36 -7.04
CA MET F 186 0.52 -21.57 -6.93
C MET F 186 0.25 -22.77 -6.04
N TYR F 187 -0.61 -22.59 -5.04
CA TYR F 187 -1.00 -23.64 -4.08
C TYR F 187 0.21 -24.22 -3.34
N GLY F 188 1.17 -23.37 -3.02
CA GLY F 188 2.37 -23.84 -2.35
C GLY F 188 3.27 -24.70 -3.20
N ALA F 189 3.22 -24.55 -4.52
CA ALA F 189 4.00 -25.36 -5.44
C ALA F 189 4.63 -24.47 -6.50
N GLN F 190 5.59 -25.03 -7.21
CA GLN F 190 6.25 -24.36 -8.33
C GLN F 190 5.93 -25.10 -9.61
N PHE F 191 5.40 -24.39 -10.59
CA PHE F 191 4.93 -24.98 -11.84
C PHE F 191 5.71 -24.42 -13.02
N ILE F 192 6.21 -25.32 -13.86
CA ILE F 192 6.74 -24.93 -15.16
C ILE F 192 5.61 -24.38 -16.03
N THR F 193 5.86 -23.26 -16.70
CA THR F 193 4.90 -22.67 -17.61
C THR F 193 5.47 -22.69 -19.02
N TRP F 194 4.62 -23.04 -19.99
CA TRP F 194 4.93 -22.86 -21.40
C TRP F 194 3.95 -21.85 -21.99
N ARG F 195 4.49 -20.76 -22.54
CA ARG F 195 3.70 -19.64 -23.02
C ARG F 195 2.75 -19.12 -21.95
N GLY F 196 3.24 -19.10 -20.71
CA GLY F 196 2.48 -18.59 -19.59
C GLY F 196 1.46 -19.53 -19.00
N ILE F 197 1.36 -20.76 -19.50
CA ILE F 197 0.36 -21.73 -19.05
C ILE F 197 1.05 -22.73 -18.13
N PRO F 198 0.60 -22.89 -16.89
CA PRO F 198 1.25 -23.85 -15.98
C PRO F 198 1.14 -25.28 -16.48
N ILE F 199 2.19 -26.05 -16.21
CA ILE F 199 2.20 -27.48 -16.45
C ILE F 199 2.11 -28.16 -15.09
N VAL F 200 0.99 -28.82 -14.83
CA VAL F 200 0.62 -29.28 -13.50
C VAL F 200 0.83 -30.79 -13.44
N PRO F 201 1.57 -31.31 -12.47
CA PRO F 201 1.78 -32.76 -12.40
C PRO F 201 0.64 -33.48 -11.69
N SER F 202 0.31 -34.66 -12.19
CA SER F 202 -0.74 -35.48 -11.61
C SER F 202 -0.37 -36.94 -11.82
N ASP F 203 -0.33 -37.71 -10.74
CA ASP F 203 0.00 -39.13 -10.84
C ASP F 203 -1.17 -39.98 -11.30
N LYS F 204 -2.37 -39.40 -11.40
CA LYS F 204 -3.51 -40.13 -11.93
C LYS F 204 -3.53 -40.16 -13.45
N VAL F 205 -2.67 -39.40 -14.11
CA VAL F 205 -2.51 -39.45 -15.56
C VAL F 205 -1.73 -40.71 -15.89
N PRO F 206 -2.27 -41.61 -16.71
CA PRO F 206 -1.63 -42.93 -16.90
C PRO F 206 -0.32 -42.85 -17.65
N VAL F 207 0.57 -43.78 -17.33
CA VAL F 207 1.81 -44.01 -18.06
C VAL F 207 1.88 -45.50 -18.37
N GLU F 208 1.62 -45.86 -19.62
CA GLU F 208 1.66 -47.25 -20.06
C GLU F 208 2.67 -47.40 -21.17
N ASP F 209 3.52 -48.42 -21.07
CA ASP F 209 4.55 -48.72 -22.06
C ASP F 209 5.51 -47.56 -22.26
N GLY F 210 5.70 -46.74 -21.22
CA GLY F 210 6.56 -45.60 -21.29
C GLY F 210 5.97 -44.38 -21.98
N THR F 211 4.66 -44.38 -22.23
CA THR F 211 3.98 -43.28 -22.89
C THR F 211 2.91 -42.70 -21.98
N THR F 212 2.85 -41.38 -21.89
CA THR F 212 1.84 -40.67 -21.12
C THR F 212 1.08 -39.73 -22.06
N LYS F 213 0.25 -38.87 -21.47
CA LYS F 213 -0.53 -37.90 -22.23
C LYS F 213 -0.31 -36.51 -21.65
N PHE F 214 -0.51 -35.51 -22.50
CA PHE F 214 -0.59 -34.12 -22.11
C PHE F 214 -2.01 -33.65 -22.40
N VAL F 215 -2.61 -32.94 -21.45
CA VAL F 215 -3.98 -32.46 -21.56
C VAL F 215 -3.99 -30.95 -21.38
N LEU F 216 -4.55 -30.23 -22.33
CA LEU F 216 -4.75 -28.79 -22.24
C LEU F 216 -6.22 -28.51 -22.00
N VAL F 217 -6.53 -27.69 -20.99
CA VAL F 217 -7.88 -27.52 -20.50
C VAL F 217 -8.15 -26.03 -20.26
N ARG F 218 -9.31 -25.56 -20.70
CA ARG F 218 -9.87 -24.28 -20.28
C ARG F 218 -11.03 -24.54 -19.33
N THR F 219 -10.99 -23.95 -18.15
CA THR F 219 -12.01 -24.17 -17.14
C THR F 219 -12.88 -22.92 -16.97
N GLY F 220 -14.15 -23.15 -16.63
CA GLY F 220 -15.08 -22.07 -16.37
C GLY F 220 -16.41 -22.26 -17.06
N GLU F 221 -17.47 -21.84 -16.38
CA GLU F 221 -18.80 -21.91 -16.97
C GLU F 221 -19.16 -20.66 -17.75
N GLU F 222 -18.64 -19.50 -17.35
CA GLU F 222 -18.92 -18.25 -18.03
C GLU F 222 -18.00 -18.01 -19.22
N ARG F 223 -17.08 -18.92 -19.49
CA ARG F 223 -16.26 -18.86 -20.69
C ARG F 223 -16.39 -20.15 -21.51
N GLN F 224 -17.45 -20.91 -21.28
CA GLN F 224 -17.74 -22.14 -22.03
C GLN F 224 -16.58 -23.13 -21.95
N GLY F 225 -16.12 -23.39 -20.74
CA GLY F 225 -15.00 -24.29 -20.53
C GLY F 225 -15.37 -25.63 -19.92
N VAL F 226 -14.60 -26.07 -18.94
CA VAL F 226 -14.79 -27.36 -18.28
C VAL F 226 -15.11 -27.09 -16.81
N VAL F 227 -16.18 -27.70 -16.32
CA VAL F 227 -16.62 -27.52 -14.94
C VAL F 227 -16.84 -28.89 -14.31
N GLY F 228 -16.44 -29.03 -13.05
CA GLY F 228 -16.83 -30.17 -12.27
C GLY F 228 -18.18 -29.97 -11.60
N LEU F 229 -18.85 -31.07 -11.30
CA LEU F 229 -20.21 -31.05 -10.79
C LEU F 229 -20.28 -31.77 -9.45
N PHE F 230 -21.03 -31.18 -8.50
CA PHE F 230 -21.25 -31.78 -7.20
C PHE F 230 -22.68 -31.50 -6.75
N GLN F 231 -23.15 -32.29 -5.80
CA GLN F 231 -24.51 -32.20 -5.29
C GLN F 231 -24.50 -31.56 -3.92
N PRO F 232 -25.20 -30.45 -3.70
CA PRO F 232 -25.25 -29.83 -2.38
C PRO F 232 -26.43 -30.33 -1.56
N GLY F 233 -26.43 -29.93 -0.29
CA GLY F 233 -27.53 -30.24 0.60
C GLY F 233 -27.75 -31.71 0.89
N LEU F 234 -26.68 -32.44 1.21
CA LEU F 234 -26.78 -33.85 1.53
C LEU F 234 -26.78 -34.07 3.03
N VAL F 235 -27.10 -35.30 3.42
CA VAL F 235 -27.09 -35.70 4.82
C VAL F 235 -25.65 -35.87 5.29
N GLY F 236 -25.30 -35.24 6.39
CA GLY F 236 -23.96 -35.32 6.93
C GLY F 236 -22.90 -34.69 6.05
N GLU F 237 -23.19 -33.54 5.47
CA GLU F 237 -22.25 -32.91 4.55
C GLU F 237 -21.08 -32.30 5.31
N GLN F 238 -19.87 -32.54 4.82
CA GLN F 238 -18.65 -31.94 5.35
C GLN F 238 -17.95 -31.07 4.32
N ALA F 239 -17.72 -31.59 3.13
CA ALA F 239 -17.15 -30.88 2.01
C ALA F 239 -18.15 -30.86 0.86
N PRO F 240 -17.98 -29.95 -0.13
CA PRO F 240 -18.89 -29.93 -1.28
C PRO F 240 -19.09 -31.30 -1.91
N GLY F 241 -20.32 -31.81 -1.86
CA GLY F 241 -20.65 -33.10 -2.40
C GLY F 241 -20.30 -34.28 -1.54
N LEU F 242 -19.68 -34.06 -0.39
CA LEU F 242 -19.17 -35.14 0.46
C LEU F 242 -20.11 -35.34 1.64
N SER F 243 -20.59 -36.56 1.82
CA SER F 243 -21.57 -36.90 2.83
C SER F 243 -21.03 -38.02 3.70
N VAL F 244 -21.12 -37.84 5.01
CA VAL F 244 -20.80 -38.88 5.99
C VAL F 244 -22.07 -39.20 6.76
N ARG F 245 -22.47 -40.46 6.77
CA ARG F 245 -23.70 -40.86 7.45
C ARG F 245 -23.45 -42.15 8.23
N PHE F 246 -24.14 -42.26 9.36
CA PHE F 246 -23.93 -43.34 10.31
C PHE F 246 -24.96 -44.43 10.01
N THR F 247 -24.48 -45.59 9.57
CA THR F 247 -25.37 -46.68 9.17
C THR F 247 -25.51 -47.72 10.29
N GLY F 248 -26.01 -47.25 11.42
CA GLY F 248 -26.41 -48.16 12.48
C GLY F 248 -25.26 -48.90 13.16
N ILE F 249 -25.66 -49.88 13.96
CA ILE F 249 -24.77 -50.65 14.81
C ILE F 249 -25.08 -52.13 14.63
N ASN F 250 -24.06 -52.96 14.46
CA ASN F 250 -24.24 -54.40 14.28
C ASN F 250 -24.19 -55.10 15.64
N ARG F 251 -24.14 -56.43 15.63
CA ARG F 251 -24.16 -57.18 16.88
C ARG F 251 -22.84 -57.07 17.64
N SER F 252 -21.73 -56.94 16.93
CA SER F 252 -20.41 -56.85 17.55
C SER F 252 -20.04 -55.43 17.96
N ALA F 253 -21.01 -54.52 18.02
CA ALA F 253 -20.78 -53.12 18.36
C ALA F 253 -19.79 -52.44 17.41
N ILE F 254 -19.75 -52.89 16.16
CA ILE F 254 -18.88 -52.32 15.15
C ILE F 254 -19.72 -51.29 14.38
N ALA F 255 -19.57 -50.02 14.75
CA ALA F 255 -20.28 -48.95 14.06
C ALA F 255 -19.76 -48.79 12.64
N SER F 256 -20.67 -48.40 11.75
CA SER F 256 -20.34 -48.22 10.35
C SER F 256 -20.70 -46.81 9.90
N TYR F 257 -19.89 -46.26 9.01
CA TYR F 257 -20.15 -44.97 8.38
C TYR F 257 -20.07 -45.14 6.88
N LEU F 258 -20.97 -44.49 6.17
CA LEU F 258 -20.96 -44.46 4.71
C LEU F 258 -20.52 -43.07 4.27
N VAL F 259 -19.46 -43.01 3.48
CA VAL F 259 -18.90 -41.77 2.96
C VAL F 259 -19.11 -41.76 1.45
N THR F 260 -19.74 -40.71 0.94
CA THR F 260 -20.19 -40.66 -0.45
C THR F 260 -19.77 -39.35 -1.09
N LEU F 261 -19.47 -39.42 -2.39
CA LEU F 261 -19.09 -38.26 -3.18
C LEU F 261 -19.70 -38.43 -4.57
N TYR F 262 -20.70 -37.62 -4.90
CA TYR F 262 -21.33 -37.65 -6.22
C TYR F 262 -20.62 -36.65 -7.13
N THR F 263 -20.10 -37.15 -8.25
CA THR F 263 -19.16 -36.39 -9.07
C THR F 263 -19.48 -36.60 -10.54
N SER F 264 -19.31 -35.54 -11.33
CA SER F 264 -19.29 -35.62 -12.78
C SER F 264 -18.51 -34.43 -13.30
N LEU F 265 -18.20 -34.47 -14.59
CA LEU F 265 -17.44 -33.43 -15.27
C LEU F 265 -18.15 -33.05 -16.55
N ALA F 266 -18.24 -31.76 -16.84
CA ALA F 266 -18.93 -31.25 -18.01
C ALA F 266 -18.00 -30.42 -18.87
N VAL F 267 -18.04 -30.66 -20.17
CA VAL F 267 -17.34 -29.84 -21.17
C VAL F 267 -18.40 -29.07 -21.93
N LEU F 268 -18.39 -27.74 -21.79
CA LEU F 268 -19.44 -26.93 -22.40
C LEU F 268 -19.23 -26.76 -23.90
N THR F 269 -17.98 -26.58 -24.32
CA THR F 269 -17.64 -26.49 -25.73
C THR F 269 -16.49 -27.45 -26.01
N ASP F 270 -16.50 -28.03 -27.21
CA ASP F 270 -15.53 -29.07 -27.54
C ASP F 270 -14.11 -28.53 -27.61
N ASP F 271 -13.93 -27.27 -28.02
CA ASP F 271 -12.63 -26.66 -28.13
C ASP F 271 -12.07 -26.18 -26.80
N ALA F 272 -12.64 -26.63 -25.69
CA ALA F 272 -12.12 -26.34 -24.36
C ALA F 272 -11.18 -27.42 -23.84
N LEU F 273 -10.88 -28.43 -24.66
CA LEU F 273 -10.16 -29.60 -24.20
C LEU F 273 -9.42 -30.23 -25.37
N ALA F 274 -8.11 -30.41 -25.23
CA ALA F 274 -7.30 -31.09 -26.23
C ALA F 274 -6.33 -32.03 -25.52
N VAL F 275 -5.97 -33.11 -26.21
CA VAL F 275 -5.11 -34.15 -25.66
C VAL F 275 -3.97 -34.40 -26.64
N LEU F 276 -2.74 -34.42 -26.11
CA LEU F 276 -1.56 -34.83 -26.87
C LEU F 276 -1.24 -36.27 -26.53
N ASP F 277 -1.23 -37.14 -27.53
CA ASP F 277 -1.08 -38.57 -27.36
C ASP F 277 0.34 -39.02 -27.71
N GLY F 278 0.69 -40.21 -27.22
CA GLY F 278 1.95 -40.84 -27.55
C GLY F 278 3.18 -40.10 -27.06
N VAL F 279 3.15 -39.64 -25.81
CA VAL F 279 4.24 -38.84 -25.25
C VAL F 279 5.23 -39.80 -24.58
N ALA F 280 6.40 -39.96 -25.19
CA ALA F 280 7.44 -40.81 -24.63
C ALA F 280 8.19 -40.08 -23.53
N VAL F 281 8.46 -40.79 -22.44
CA VAL F 281 9.03 -40.19 -21.24
C VAL F 281 10.40 -40.76 -20.89
N ASP F 282 11.01 -41.52 -21.79
CA ASP F 282 12.30 -42.17 -21.52
C ASP F 282 13.28 -41.97 -22.66
N GLN F 283 13.41 -40.73 -23.13
CA GLN F 283 14.35 -40.39 -24.19
C GLN F 283 15.34 -39.36 -23.66
N PHE F 284 16.62 -39.58 -23.97
CA PHE F 284 17.70 -38.77 -23.45
C PHE F 284 18.64 -38.37 -24.57
N HIS F 285 19.25 -37.20 -24.42
CA HIS F 285 20.18 -36.67 -25.41
C HIS F 285 21.61 -36.87 -24.95
N GLU F 286 22.51 -36.99 -25.92
CA GLU F 286 23.93 -37.15 -25.64
C GLU F 286 24.63 -35.81 -25.60
N TYR F 287 25.71 -35.74 -24.84
CA TYR F 287 26.44 -34.51 -24.58
C TYR F 287 27.92 -34.86 -24.48
N GLN F 288 28.69 -33.96 -23.88
CA GLN F 288 30.13 -34.15 -23.67
C GLN F 288 30.89 -34.15 -24.99
N ALA G 1 46.87 4.61 23.89
CA ALA G 1 45.78 4.60 24.86
C ALA G 1 44.84 3.42 24.62
N ASN G 2 43.55 3.72 24.48
CA ASN G 2 42.57 2.68 24.23
C ASN G 2 42.67 2.18 22.79
N ALA G 3 42.32 0.92 22.59
CA ALA G 3 42.17 0.33 21.26
C ALA G 3 40.78 -0.25 21.13
N THR G 4 40.14 0.04 20.00
CA THR G 4 38.84 -0.57 19.72
C THR G 4 39.04 -2.05 19.40
N LYS G 5 38.32 -2.91 20.11
CA LYS G 5 38.49 -4.34 20.01
C LYS G 5 37.29 -4.97 19.30
N THR G 6 37.41 -6.26 19.04
CA THR G 6 36.33 -7.07 18.50
C THR G 6 36.07 -8.26 19.43
N VAL G 7 34.86 -8.80 19.33
CA VAL G 7 34.57 -10.10 19.92
C VAL G 7 35.38 -11.12 19.13
N PRO G 8 35.75 -12.26 19.71
CA PRO G 8 36.60 -13.20 18.98
C PRO G 8 35.93 -13.69 17.70
N GLN G 9 36.75 -13.94 16.69
CA GLN G 9 36.30 -14.36 15.37
C GLN G 9 36.59 -15.85 15.17
N LEU G 10 35.56 -16.60 14.82
CA LEU G 10 35.66 -18.04 14.57
C LEU G 10 35.48 -18.28 13.08
N SER G 11 36.46 -18.94 12.45
CA SER G 11 36.41 -19.16 11.02
C SER G 11 35.47 -20.29 10.63
N THR G 12 35.06 -21.13 11.56
CA THR G 12 34.19 -22.26 11.27
C THR G 12 32.71 -21.92 11.40
N ILE G 13 32.36 -20.66 11.66
CA ILE G 13 30.96 -20.28 11.70
C ILE G 13 30.42 -20.23 10.27
N THR G 14 29.45 -21.07 9.98
CA THR G 14 28.80 -21.11 8.68
C THR G 14 27.38 -20.56 8.81
N PRO G 15 26.79 -20.11 7.70
CA PRO G 15 25.42 -19.57 7.77
C PRO G 15 24.39 -20.55 8.29
N ARG G 16 24.60 -21.85 8.13
CA ARG G 16 23.71 -22.90 8.64
C ARG G 16 22.30 -22.72 8.13
N PHE G 17 22.18 -22.71 6.79
CA PHE G 17 20.87 -22.53 6.17
C PHE G 17 19.94 -23.69 6.45
N LEU G 18 20.48 -24.89 6.65
CA LEU G 18 19.66 -26.07 6.88
C LEU G 18 18.88 -25.96 8.19
N LEU G 19 19.46 -25.33 9.21
CA LEU G 19 18.75 -25.15 10.47
C LEU G 19 17.59 -24.18 10.34
N HIS G 20 17.55 -23.37 9.29
CA HIS G 20 16.44 -22.47 9.04
C HIS G 20 15.47 -23.00 8.00
N LEU G 21 15.93 -23.86 7.10
CA LEU G 21 15.08 -24.44 6.07
C LEU G 21 14.20 -25.55 6.61
N LEU G 22 14.63 -26.23 7.68
CA LEU G 22 13.88 -27.32 8.27
C LEU G 22 12.75 -26.79 9.13
N SER G 23 11.75 -27.63 9.34
CA SER G 23 10.67 -27.37 10.27
C SER G 23 10.95 -28.13 11.57
N TRP G 24 10.76 -27.47 12.70
CA TRP G 24 11.17 -28.00 14.00
C TRP G 24 9.94 -28.30 14.85
N VAL G 25 9.84 -29.54 15.30
CA VAL G 25 8.72 -30.02 16.10
C VAL G 25 9.23 -30.26 17.52
N PRO G 26 8.54 -29.75 18.55
CA PRO G 26 8.96 -30.03 19.92
C PRO G 26 8.50 -31.41 20.38
N VAL G 27 9.39 -32.09 21.10
CA VAL G 27 9.12 -33.41 21.66
C VAL G 27 9.23 -33.28 23.16
N GLU G 28 8.10 -33.44 23.85
CA GLU G 28 8.05 -33.12 25.27
C GLU G 28 8.62 -34.21 26.17
N ALA G 29 8.96 -35.38 25.62
CA ALA G 29 9.60 -36.40 26.45
C ALA G 29 10.71 -37.15 25.72
N GLY G 30 11.20 -36.61 24.61
CA GLY G 30 12.32 -37.18 23.91
C GLY G 30 12.00 -38.33 22.99
N ILE G 31 10.73 -38.70 22.84
CA ILE G 31 10.31 -39.80 21.99
C ILE G 31 9.29 -39.29 20.98
N TYR G 32 9.51 -39.63 19.72
CA TYR G 32 8.62 -39.26 18.63
C TYR G 32 8.21 -40.52 17.89
N ARG G 33 6.91 -40.71 17.70
CA ARG G 33 6.39 -41.88 17.01
C ARG G 33 5.74 -41.43 15.71
N VAL G 34 6.10 -42.09 14.62
CA VAL G 34 5.53 -41.83 13.31
C VAL G 34 4.75 -43.07 12.89
N ASN G 35 3.43 -42.85 12.71
CA ASN G 35 2.52 -43.90 12.34
C ASN G 35 2.19 -43.85 10.92
N ARG G 36 2.63 -44.82 10.21
CA ARG G 36 2.48 -44.81 8.85
C ARG G 36 1.63 -45.92 8.37
N VAL G 37 0.65 -45.71 7.47
CA VAL G 37 -0.26 -46.70 7.00
C VAL G 37 0.42 -47.71 6.16
N VAL G 38 0.43 -48.96 6.58
CA VAL G 38 1.12 -50.05 5.95
C VAL G 38 0.70 -50.51 4.62
N ASN G 39 -0.59 -50.56 4.37
CA ASN G 39 -0.99 -50.86 3.05
C ASN G 39 -1.63 -49.63 2.67
N PRO G 40 -1.08 -48.99 1.68
CA PRO G 40 -1.69 -47.69 1.44
C PRO G 40 -2.78 -47.67 0.40
N TYR G 64 -7.42 -49.19 8.22
CA TYR G 64 -6.02 -48.84 7.97
C TYR G 64 -5.13 -49.26 9.13
N GLU G 65 -4.29 -50.27 8.91
CA GLU G 65 -3.32 -50.69 9.90
C GLU G 65 -2.06 -49.85 9.76
N THR G 66 -1.37 -49.65 10.88
CA THR G 66 -0.21 -48.77 10.92
C THR G 66 0.97 -49.46 11.58
N HIS G 67 2.18 -49.14 11.12
CA HIS G 67 3.41 -49.61 11.74
C HIS G 67 4.18 -48.42 12.27
N PRO G 68 4.50 -48.37 13.57
CA PRO G 68 5.18 -47.19 14.12
C PRO G 68 6.70 -47.24 13.97
N ARG G 69 7.27 -46.07 13.71
CA ARG G 69 8.72 -45.86 13.72
C ARG G 69 9.03 -44.84 14.80
N GLU G 70 9.98 -45.16 15.66
CA GLU G 70 10.28 -44.35 16.84
C GLU G 70 11.57 -43.56 16.65
N TYR G 71 11.52 -42.29 17.04
CA TYR G 71 12.69 -41.39 17.01
C TYR G 71 12.93 -40.90 18.43
N THR G 72 14.07 -41.26 19.01
CA THR G 72 14.48 -40.77 20.31
C THR G 72 15.63 -39.78 20.16
N LEU G 73 15.50 -38.62 20.81
CA LEU G 73 16.46 -37.54 20.66
C LEU G 73 17.82 -37.94 21.22
N ARG G 74 18.88 -37.58 20.51
CA ARG G 74 20.24 -37.87 20.92
C ARG G 74 20.94 -36.59 21.32
N SER G 75 21.93 -36.72 22.20
CA SER G 75 22.57 -35.57 22.82
C SER G 75 23.81 -35.14 22.05
N ILE G 76 23.87 -33.85 21.74
CA ILE G 76 25.09 -33.17 21.32
C ILE G 76 25.53 -32.32 22.50
N SER G 77 26.69 -32.59 23.05
CA SER G 77 27.10 -32.03 24.33
C SER G 77 28.56 -31.61 24.30
N THR G 78 28.89 -30.63 25.14
CA THR G 78 30.27 -30.22 25.34
C THR G 78 30.40 -29.61 26.73
N LEU G 79 31.53 -29.87 27.38
CA LEU G 79 31.82 -29.34 28.69
C LEU G 79 32.80 -28.18 28.53
N LEU G 80 32.42 -27.01 29.03
CA LEU G 80 33.21 -25.79 28.91
C LEU G 80 33.78 -25.43 30.28
N ASP G 81 35.09 -25.34 30.39
CA ASP G 81 35.78 -24.98 31.62
C ASP G 81 36.31 -23.56 31.47
N VAL G 82 35.75 -22.64 32.24
CA VAL G 82 36.23 -21.25 32.26
C VAL G 82 37.19 -21.10 33.42
N HIS G 83 38.34 -20.51 33.15
CA HIS G 83 39.42 -20.42 34.13
C HIS G 83 39.46 -19.05 34.78
N THR G 84 40.10 -19.00 35.94
CA THR G 84 40.46 -17.74 36.59
C THR G 84 41.86 -17.31 36.13
N ARG G 85 42.03 -17.29 34.81
CA ARG G 85 43.31 -17.02 34.18
C ARG G 85 43.29 -15.63 33.58
N VAL G 86 44.39 -15.27 32.91
CA VAL G 86 44.60 -13.89 32.49
C VAL G 86 43.77 -13.54 31.25
N SER G 87 44.05 -14.20 30.12
CA SER G 87 43.32 -13.98 28.86
C SER G 87 43.22 -12.49 28.53
N ASP G 88 44.36 -11.92 28.14
CA ASP G 88 44.46 -10.48 27.97
C ASP G 88 43.77 -10.01 26.68
N LEU G 89 42.49 -10.35 26.53
CA LEU G 89 41.67 -9.80 25.45
C LEU G 89 40.25 -9.54 25.92
N TYR G 90 39.98 -9.63 27.21
CA TYR G 90 38.62 -9.67 27.72
C TYR G 90 38.31 -8.59 28.75
N SER G 91 39.29 -8.18 29.56
CA SER G 91 39.15 -7.05 30.48
C SER G 91 38.24 -7.34 31.66
N SER G 92 37.58 -8.50 31.69
CA SER G 92 36.77 -8.88 32.83
C SER G 92 36.52 -10.37 32.78
N PRO G 93 36.42 -11.03 33.92
CA PRO G 93 35.95 -12.42 33.92
C PRO G 93 34.55 -12.58 33.35
N HIS G 94 33.72 -11.53 33.45
CA HIS G 94 32.37 -11.61 32.90
C HIS G 94 32.38 -11.61 31.38
N ASP G 95 33.26 -10.83 30.76
CA ASP G 95 33.33 -10.83 29.31
C ASP G 95 33.96 -12.10 28.77
N GLN G 96 34.89 -12.68 29.52
CA GLN G 96 35.49 -13.94 29.11
C GLN G 96 34.45 -15.05 29.05
N VAL G 97 33.63 -15.16 30.10
CA VAL G 97 32.60 -16.20 30.14
C VAL G 97 31.56 -15.96 29.06
N THR G 98 31.16 -14.71 28.84
CA THR G 98 30.17 -14.40 27.82
C THR G 98 30.65 -14.83 26.44
N GLN G 99 31.88 -14.46 26.08
CA GLN G 99 32.40 -14.78 24.76
C GLN G 99 32.62 -16.28 24.61
N GLN G 100 33.13 -16.94 25.64
CA GLN G 100 33.37 -18.37 25.53
C GLN G 100 32.07 -19.17 25.46
N LEU G 101 31.04 -18.72 26.17
CA LEU G 101 29.73 -19.35 26.00
C LEU G 101 29.18 -19.15 24.60
N ARG G 102 29.35 -17.94 24.05
CA ARG G 102 28.88 -17.68 22.69
C ARG G 102 29.58 -18.58 21.67
N LEU G 103 30.90 -18.71 21.79
CA LEU G 103 31.63 -19.56 20.85
C LEU G 103 31.27 -21.03 21.03
N THR G 104 31.06 -21.46 22.28
CA THR G 104 30.65 -22.84 22.52
C THR G 104 29.29 -23.13 21.90
N ILE G 105 28.37 -22.18 21.98
CA ILE G 105 27.05 -22.38 21.40
C ILE G 105 27.11 -22.42 19.88
N GLU G 106 27.94 -21.56 19.27
CA GLU G 106 28.10 -21.62 17.82
C GLU G 106 28.67 -22.96 17.38
N THR G 107 29.67 -23.48 18.10
CA THR G 107 30.22 -24.78 17.76
C THR G 107 29.19 -25.89 17.94
N ILE G 108 28.36 -25.81 18.98
CA ILE G 108 27.35 -26.84 19.18
C ILE G 108 26.33 -26.83 18.05
N LYS G 109 26.00 -25.65 17.53
CA LYS G 109 25.02 -25.59 16.44
C LYS G 109 25.62 -26.06 15.12
N GLU G 110 26.91 -25.79 14.89
CA GLU G 110 27.58 -26.36 13.72
C GLU G 110 27.59 -27.89 13.80
N ARG G 111 27.85 -28.44 14.98
CA ARG G 111 27.81 -29.88 15.16
C ARG G 111 26.40 -30.42 14.93
N GLN G 112 25.38 -29.68 15.35
CA GLN G 112 24.02 -30.10 15.11
C GLN G 112 23.70 -30.19 13.63
N GLU G 113 24.14 -29.19 12.86
CA GLU G 113 23.92 -29.24 11.41
C GLU G 113 24.64 -30.43 10.78
N TYR G 114 25.90 -30.65 11.18
CA TYR G 114 26.64 -31.80 10.68
C TYR G 114 25.91 -33.09 10.97
N GLU G 115 25.41 -33.25 12.20
CA GLU G 115 24.72 -34.48 12.58
C GLU G 115 23.41 -34.64 11.82
N LEU G 116 22.69 -33.55 11.59
CA LEU G 116 21.45 -33.63 10.82
C LEU G 116 21.71 -34.13 9.41
N VAL G 117 22.86 -33.77 8.83
CA VAL G 117 23.15 -34.31 7.50
C VAL G 117 23.75 -35.72 7.59
N ASN G 118 24.61 -35.98 8.59
CA ASN G 118 25.55 -37.09 8.51
C ASN G 118 25.37 -38.18 9.55
N ASN G 119 24.38 -38.10 10.43
CA ASN G 119 24.27 -39.10 11.49
C ASN G 119 23.91 -40.46 10.89
N PRO G 120 24.53 -41.54 11.36
CA PRO G 120 24.22 -42.86 10.81
C PRO G 120 22.83 -43.36 11.14
N GLU G 121 22.15 -42.76 12.11
CA GLU G 121 20.82 -43.19 12.52
C GLU G 121 19.72 -42.29 11.99
N TYR G 122 19.81 -40.97 12.19
CA TYR G 122 18.76 -40.06 11.77
C TYR G 122 19.22 -39.03 10.76
N GLY G 123 20.37 -39.22 10.13
CA GLY G 123 20.80 -38.29 9.11
C GLY G 123 20.01 -38.42 7.83
N LEU G 124 20.00 -37.34 7.05
CA LEU G 124 19.29 -37.34 5.78
C LEU G 124 19.87 -38.36 4.82
N LEU G 125 21.19 -38.49 4.79
CA LEU G 125 21.83 -39.43 3.87
C LEU G 125 21.56 -40.88 4.26
N ALA G 126 21.34 -41.14 5.55
CA ALA G 126 21.09 -42.49 6.03
C ALA G 126 19.63 -42.89 5.94
N GLN G 127 18.71 -41.95 6.07
CA GLN G 127 17.29 -42.26 6.09
C GLN G 127 16.67 -42.36 4.71
N ALA G 128 17.44 -42.12 3.65
CA ALA G 128 16.94 -42.31 2.30
C ALA G 128 16.97 -43.78 1.91
N THR G 129 15.93 -44.20 1.19
CA THR G 129 15.73 -45.58 0.80
C THR G 129 16.37 -45.86 -0.55
N PRO G 130 16.69 -47.13 -0.84
CA PRO G 130 17.27 -47.46 -2.16
C PRO G 130 16.39 -47.10 -3.33
N GLU G 131 15.06 -47.14 -3.17
CA GLU G 131 14.16 -46.76 -4.24
C GLU G 131 14.13 -45.26 -4.47
N GLN G 132 14.56 -44.47 -3.49
CA GLN G 132 14.59 -43.02 -3.61
C GLN G 132 15.97 -42.48 -3.96
N THR G 133 16.93 -43.35 -4.25
CA THR G 133 18.30 -42.97 -4.53
C THR G 133 18.64 -43.29 -5.98
N ILE G 134 19.16 -42.30 -6.70
CA ILE G 134 19.49 -42.45 -8.10
C ILE G 134 20.94 -42.00 -8.32
N GLN G 135 21.49 -42.36 -9.47
CA GLN G 135 22.86 -42.04 -9.82
C GLN G 135 22.91 -41.10 -11.02
N THR G 136 24.01 -40.38 -11.14
CA THR G 136 24.19 -39.49 -12.28
C THR G 136 24.34 -40.30 -13.57
N LEU G 137 23.81 -39.74 -14.66
CA LEU G 137 23.90 -40.42 -15.95
C LEU G 137 25.34 -40.54 -16.44
N ALA G 138 26.14 -39.48 -16.27
CA ALA G 138 27.51 -39.51 -16.77
C ALA G 138 28.49 -38.83 -15.80
N GLY G 139 28.23 -38.89 -14.51
CA GLY G 139 29.14 -38.34 -13.52
C GLY G 139 28.85 -36.93 -13.06
N ALA G 140 28.94 -35.97 -13.96
CA ALA G 140 28.72 -34.58 -13.58
C ALA G 140 27.23 -34.30 -13.39
N PRO G 141 26.87 -33.40 -12.47
CA PRO G 141 25.47 -33.09 -12.21
C PRO G 141 24.89 -32.21 -13.32
N THR G 142 24.05 -32.79 -14.15
CA THR G 142 23.44 -32.09 -15.26
C THR G 142 21.99 -31.79 -14.95
N PRO G 143 21.35 -30.92 -15.75
CA PRO G 143 19.91 -30.67 -15.56
C PRO G 143 19.02 -31.91 -15.64
N ASP G 144 19.41 -32.92 -16.43
CA ASP G 144 18.62 -34.16 -16.49
C ASP G 144 18.59 -34.87 -15.13
N ASP G 145 19.74 -34.93 -14.45
CA ASP G 145 19.80 -35.58 -13.15
C ASP G 145 18.94 -34.86 -12.12
N LEU G 146 18.97 -33.54 -12.12
CA LEU G 146 18.11 -32.79 -11.20
C LEU G 146 16.65 -32.95 -11.56
N ASP G 147 16.33 -33.09 -12.85
CA ASP G 147 14.96 -33.38 -13.26
C ASP G 147 14.49 -34.74 -12.73
N ALA G 148 15.35 -35.74 -12.82
CA ALA G 148 15.02 -37.06 -12.27
C ALA G 148 14.80 -36.99 -10.77
N LEU G 149 15.67 -36.26 -10.06
CA LEU G 149 15.47 -36.06 -8.64
C LEU G 149 14.12 -35.43 -8.36
N ILE G 150 13.72 -34.46 -9.19
CA ILE G 150 12.41 -33.83 -8.99
C ILE G 150 11.29 -34.83 -9.22
N THR G 151 11.46 -35.74 -10.20
CA THR G 151 10.44 -36.77 -10.39
C THR G 151 10.29 -37.64 -9.15
N LYS G 152 11.38 -37.86 -8.40
CA LYS G 152 11.25 -38.68 -7.19
C LYS G 152 10.57 -37.94 -6.04
N VAL G 153 10.66 -36.62 -5.99
CA VAL G 153 10.05 -35.83 -4.92
C VAL G 153 9.08 -34.81 -5.50
N TRP G 154 8.34 -35.20 -6.54
CA TRP G 154 7.51 -34.24 -7.28
C TRP G 154 6.44 -33.56 -6.43
N LYS G 155 6.05 -34.13 -5.29
CA LYS G 155 5.08 -33.46 -4.42
C LYS G 155 5.81 -32.42 -3.59
N THR G 156 5.83 -31.18 -4.08
CA THR G 156 6.32 -29.99 -3.40
C THR G 156 7.73 -30.22 -2.84
N PRO G 157 8.75 -30.23 -3.69
CA PRO G 157 10.13 -30.18 -3.17
C PRO G 157 10.44 -28.79 -2.63
N ALA G 158 11.20 -28.75 -1.54
CA ALA G 158 11.49 -27.49 -0.87
C ALA G 158 12.86 -26.92 -1.22
N PHE G 159 13.91 -27.73 -1.17
CA PHE G 159 15.23 -27.23 -1.49
C PHE G 159 16.14 -28.37 -1.92
N PHE G 160 17.19 -28.02 -2.65
CA PHE G 160 18.31 -28.90 -2.91
C PHE G 160 19.40 -28.62 -1.87
N LEU G 161 20.09 -29.67 -1.44
CA LEU G 161 21.19 -29.54 -0.48
C LEU G 161 22.43 -30.20 -1.05
N THR G 162 23.53 -29.46 -1.12
CA THR G 162 24.77 -29.99 -1.64
C THR G 162 25.92 -29.12 -1.15
N HIS G 163 27.13 -29.58 -1.41
CA HIS G 163 28.36 -28.86 -1.14
C HIS G 163 28.53 -27.71 -2.14
N PRO G 164 29.20 -26.62 -1.73
CA PRO G 164 29.44 -25.53 -2.69
C PRO G 164 30.18 -25.94 -3.95
N LEU G 165 31.06 -26.93 -3.87
CA LEU G 165 31.69 -27.48 -5.06
C LEU G 165 30.66 -28.07 -6.00
N GLY G 166 29.65 -28.75 -5.45
CA GLY G 166 28.58 -29.28 -6.27
C GLY G 166 27.75 -28.20 -6.93
N VAL G 167 27.55 -27.08 -6.23
CA VAL G 167 26.86 -25.94 -6.82
C VAL G 167 27.65 -25.41 -8.01
N ALA G 168 28.96 -25.29 -7.86
CA ALA G 168 29.79 -24.83 -8.98
C ALA G 168 29.74 -25.80 -10.15
N ALA G 169 29.77 -27.11 -9.87
CA ALA G 169 29.74 -28.10 -10.94
C ALA G 169 28.41 -28.06 -11.70
N PHE G 170 27.30 -27.93 -10.97
CA PHE G 170 26.01 -27.78 -11.63
C PHE G 170 25.95 -26.51 -12.46
N GLY G 171 26.48 -25.40 -11.94
CA GLY G 171 26.50 -24.18 -12.71
C GLY G 171 27.30 -24.30 -13.99
N ARG G 172 28.43 -25.00 -13.92
CA ARG G 172 29.22 -25.23 -15.12
C ARG G 172 28.45 -26.04 -16.16
N GLU G 173 27.80 -27.11 -15.72
CA GLU G 173 27.05 -27.94 -16.66
C GLU G 173 25.87 -27.18 -17.25
N CYS G 174 25.24 -26.32 -16.46
CA CYS G 174 24.17 -25.48 -16.99
C CYS G 174 24.67 -24.47 -18.01
N THR G 175 25.85 -23.88 -17.76
CA THR G 175 26.40 -22.92 -18.71
C THR G 175 26.78 -23.59 -20.02
N TYR G 176 27.34 -24.81 -19.97
CA TYR G 176 27.67 -25.50 -21.21
C TYR G 176 26.44 -25.77 -22.07
N ARG G 177 25.30 -26.02 -21.43
CA ARG G 177 24.08 -26.30 -22.14
C ARG G 177 23.35 -25.03 -22.58
N GLY G 178 23.89 -23.85 -22.26
CA GLY G 178 23.27 -22.62 -22.66
C GLY G 178 22.07 -22.21 -21.84
N VAL G 179 21.94 -22.73 -20.62
CA VAL G 179 20.77 -22.46 -19.78
C VAL G 179 21.22 -21.73 -18.52
N PRO G 180 20.90 -20.45 -18.36
CA PRO G 180 21.20 -19.76 -17.10
C PRO G 180 20.07 -19.91 -16.10
N PRO G 181 20.32 -20.53 -14.94
CA PRO G 181 19.29 -20.63 -13.91
C PRO G 181 19.15 -19.34 -13.13
N PRO G 182 17.93 -18.96 -12.77
CA PRO G 182 17.73 -17.74 -11.98
C PRO G 182 18.18 -17.95 -10.53
N THR G 183 18.16 -16.87 -9.77
CA THR G 183 18.50 -16.92 -8.36
C THR G 183 17.36 -16.32 -7.53
N VAL G 184 17.33 -16.69 -6.26
CA VAL G 184 16.35 -16.20 -5.31
C VAL G 184 17.09 -15.65 -4.10
N SER G 185 16.45 -14.72 -3.40
CA SER G 185 17.02 -14.10 -2.22
C SER G 185 16.36 -14.68 -0.96
N MET G 186 17.17 -15.14 -0.02
CA MET G 186 16.65 -15.81 1.17
C MET G 186 17.73 -15.87 2.23
N TYR G 187 17.40 -15.41 3.45
CA TYR G 187 18.31 -15.39 4.60
C TYR G 187 19.58 -14.60 4.31
N GLY G 188 19.45 -13.51 3.57
CA GLY G 188 20.61 -12.71 3.23
C GLY G 188 21.57 -13.37 2.26
N ALA G 189 21.08 -14.30 1.44
CA ALA G 189 21.91 -15.05 0.51
C ALA G 189 21.23 -15.11 -0.84
N GLN G 190 21.99 -15.49 -1.86
CA GLN G 190 21.50 -15.69 -3.21
C GLN G 190 21.62 -17.16 -3.57
N PHE G 191 20.51 -17.77 -3.98
CA PHE G 191 20.45 -19.20 -4.24
C PHE G 191 20.09 -19.46 -5.69
N ILE G 192 20.86 -20.32 -6.35
CA ILE G 192 20.48 -20.84 -7.65
C ILE G 192 19.25 -21.72 -7.50
N THR G 193 18.27 -21.54 -8.38
CA THR G 193 17.07 -22.36 -8.39
C THR G 193 17.01 -23.17 -9.68
N TRP G 194 16.63 -24.43 -9.57
CA TRP G 194 16.28 -25.26 -10.71
C TRP G 194 14.81 -25.61 -10.62
N ARG G 195 14.04 -25.25 -11.64
CA ARG G 195 12.59 -25.40 -11.66
C ARG G 195 11.95 -24.75 -10.43
N GLY G 196 12.50 -23.61 -10.03
CA GLY G 196 11.98 -22.86 -8.90
C GLY G 196 12.39 -23.35 -7.54
N ILE G 197 13.23 -24.37 -7.45
CA ILE G 197 13.64 -24.96 -6.18
C ILE G 197 15.04 -24.48 -5.85
N PRO G 198 15.26 -23.83 -4.71
CA PRO G 198 16.60 -23.35 -4.38
C PRO G 198 17.61 -24.48 -4.22
N ILE G 199 18.85 -24.21 -4.63
CA ILE G 199 19.98 -25.09 -4.40
C ILE G 199 20.83 -24.46 -3.32
N VAL G 200 20.87 -25.09 -2.16
CA VAL G 200 21.41 -24.50 -0.94
C VAL G 200 22.76 -25.13 -0.66
N PRO G 201 23.82 -24.34 -0.46
CA PRO G 201 25.13 -24.91 -0.19
C PRO G 201 25.32 -25.24 1.28
N SER G 202 26.01 -26.36 1.52
CA SER G 202 26.30 -26.80 2.88
C SER G 202 27.64 -27.52 2.86
N ASP G 203 28.57 -27.08 3.70
CA ASP G 203 29.88 -27.71 3.76
C ASP G 203 29.87 -29.00 4.57
N LYS G 204 28.77 -29.32 5.24
CA LYS G 204 28.65 -30.58 5.95
C LYS G 204 28.29 -31.75 5.04
N VAL G 205 27.93 -31.47 3.79
CA VAL G 205 27.68 -32.51 2.79
C VAL G 205 29.03 -33.04 2.33
N PRO G 206 29.29 -34.34 2.47
CA PRO G 206 30.64 -34.85 2.23
C PRO G 206 31.06 -34.79 0.77
N VAL G 207 32.36 -34.62 0.56
CA VAL G 207 32.99 -34.72 -0.75
C VAL G 207 34.17 -35.67 -0.60
N GLU G 208 34.03 -36.90 -1.08
CA GLU G 208 35.08 -37.91 -1.02
C GLU G 208 35.44 -38.36 -2.42
N ASP G 209 36.73 -38.42 -2.71
CA ASP G 209 37.24 -38.85 -4.01
C ASP G 209 36.73 -37.99 -5.15
N GLY G 210 36.42 -36.73 -4.85
CA GLY G 210 35.89 -35.83 -5.85
C GLY G 210 34.41 -36.00 -6.16
N THR G 211 33.69 -36.76 -5.33
CA THR G 211 32.27 -37.00 -5.54
C THR G 211 31.48 -36.51 -4.33
N THR G 212 30.39 -35.80 -4.59
CA THR G 212 29.48 -35.32 -3.55
C THR G 212 28.08 -35.89 -3.82
N LYS G 213 27.11 -35.40 -3.06
CA LYS G 213 25.72 -35.82 -3.21
C LYS G 213 24.82 -34.59 -3.38
N PHE G 214 23.69 -34.82 -4.03
CA PHE G 214 22.60 -33.87 -4.09
C PHE G 214 21.42 -34.47 -3.34
N VAL G 215 20.77 -33.67 -2.49
CA VAL G 215 19.65 -34.13 -1.69
C VAL G 215 18.45 -33.23 -1.97
N LEU G 216 17.32 -33.83 -2.32
CA LEU G 216 16.07 -33.13 -2.51
C LEU G 216 15.14 -33.48 -1.33
N VAL G 217 14.58 -32.45 -0.71
CA VAL G 217 13.87 -32.59 0.56
C VAL G 217 12.58 -31.79 0.50
N ARG G 218 11.49 -32.39 0.97
CA ARG G 218 10.26 -31.69 1.31
C ARG G 218 10.12 -31.64 2.83
N THR G 219 9.95 -30.44 3.37
CA THR G 219 9.88 -30.25 4.81
C THR G 219 8.45 -29.90 5.23
N GLY G 220 8.08 -30.32 6.43
CA GLY G 220 6.79 -29.99 7.00
C GLY G 220 6.10 -31.18 7.60
N GLU G 221 5.38 -30.94 8.70
CA GLU G 221 4.62 -32.01 9.34
C GLU G 221 3.21 -32.12 8.80
N GLU G 222 2.62 -31.02 8.35
CA GLU G 222 1.27 -31.01 7.81
C GLU G 222 1.24 -31.37 6.33
N ARG G 223 2.38 -31.62 5.72
CA ARG G 223 2.45 -32.13 4.35
C ARG G 223 3.24 -33.43 4.27
N GLN G 224 3.39 -34.11 5.41
CA GLN G 224 4.06 -35.41 5.48
C GLN G 224 5.49 -35.34 4.94
N GLY G 225 6.25 -34.36 5.42
CA GLY G 225 7.60 -34.15 4.96
C GLY G 225 8.67 -34.54 5.96
N VAL G 226 9.68 -33.69 6.11
CA VAL G 226 10.81 -33.93 7.00
C VAL G 226 10.80 -32.85 8.07
N VAL G 227 10.89 -33.25 9.33
CA VAL G 227 10.87 -32.34 10.47
C VAL G 227 12.04 -32.66 11.38
N GLY G 228 12.68 -31.60 11.90
CA GLY G 228 13.62 -31.76 12.98
C GLY G 228 12.94 -31.77 14.33
N LEU G 229 13.58 -32.40 15.30
CA LEU G 229 13.01 -32.60 16.63
C LEU G 229 13.90 -31.99 17.69
N PHE G 230 13.27 -31.33 18.67
CA PHE G 230 13.98 -30.76 19.80
C PHE G 230 13.14 -30.91 21.06
N GLN G 231 13.81 -30.82 22.21
CA GLN G 231 13.17 -30.99 23.50
C GLN G 231 12.99 -29.65 24.19
N PRO G 232 11.78 -29.24 24.54
CA PRO G 232 11.58 -27.97 25.23
C PRO G 232 11.61 -28.13 26.74
N GLY G 233 11.60 -26.99 27.43
CA GLY G 233 11.51 -26.97 28.87
C GLY G 233 12.69 -27.59 29.60
N LEU G 234 13.91 -27.24 29.20
CA LEU G 234 15.11 -27.76 29.84
C LEU G 234 15.68 -26.74 30.83
N VAL G 235 16.63 -27.22 31.63
CA VAL G 235 17.31 -26.37 32.60
C VAL G 235 18.30 -25.47 31.86
N GLY G 236 18.23 -24.17 32.12
CA GLY G 236 19.11 -23.21 31.48
C GLY G 236 18.91 -23.10 29.99
N GLU G 237 17.66 -23.08 29.54
CA GLU G 237 17.39 -23.02 28.11
C GLU G 237 17.67 -21.63 27.55
N GLN G 238 18.36 -21.59 26.42
CA GLN G 238 18.61 -20.36 25.69
C GLN G 238 17.99 -20.37 24.30
N ALA G 239 18.23 -21.41 23.53
CA ALA G 239 17.65 -21.64 22.21
C ALA G 239 16.83 -22.93 22.25
N PRO G 240 15.93 -23.13 21.28
CA PRO G 240 15.16 -24.38 21.23
C PRO G 240 16.03 -25.62 21.35
N GLY G 241 15.84 -26.38 22.43
CA GLY G 241 16.60 -27.59 22.67
C GLY G 241 17.97 -27.38 23.26
N LEU G 242 18.39 -26.14 23.46
CA LEU G 242 19.75 -25.81 23.89
C LEU G 242 19.74 -25.46 25.37
N SER G 243 20.55 -26.15 26.15
CA SER G 243 20.59 -26.01 27.59
C SER G 243 22.01 -25.67 28.03
N VAL G 244 22.15 -24.65 28.88
CA VAL G 244 23.41 -24.30 29.50
C VAL G 244 23.22 -24.44 31.01
N ARG G 245 24.07 -25.25 31.64
CA ARG G 245 23.95 -25.48 33.07
C ARG G 245 25.32 -25.44 33.71
N PHE G 246 25.36 -24.96 34.95
CA PHE G 246 26.60 -24.70 35.67
C PHE G 246 26.90 -25.92 36.53
N THR G 247 27.98 -26.62 36.22
CA THR G 247 28.34 -27.86 36.91
C THR G 247 29.40 -27.60 37.97
N GLY G 248 29.06 -26.76 38.94
CA GLY G 248 29.87 -26.59 40.12
C GLY G 248 31.23 -25.96 39.89
N ILE G 249 32.05 -26.02 40.93
CA ILE G 249 33.35 -25.37 41.00
C ILE G 249 34.36 -26.40 41.52
N ASN G 250 35.52 -26.49 40.86
CA ASN G 250 36.56 -27.42 41.28
C ASN G 250 37.51 -26.74 42.27
N ARG G 251 38.64 -27.38 42.57
CA ARG G 251 39.56 -26.84 43.56
C ARG G 251 40.32 -25.63 43.02
N SER G 252 40.61 -25.60 41.72
CA SER G 252 41.36 -24.51 41.11
C SER G 252 40.48 -23.34 40.71
N ALA G 253 39.25 -23.27 41.22
CA ALA G 253 38.29 -22.20 40.90
C ALA G 253 38.00 -22.14 39.40
N ILE G 254 38.08 -23.28 38.72
CA ILE G 254 37.78 -23.36 37.29
C ILE G 254 36.32 -23.78 37.17
N ALA G 255 35.44 -22.80 36.95
CA ALA G 255 34.02 -23.09 36.78
C ALA G 255 33.79 -23.85 35.47
N SER G 256 32.79 -24.71 35.48
CA SER G 256 32.45 -25.53 34.32
C SER G 256 30.98 -25.32 33.95
N TYR G 257 30.72 -25.33 32.65
CA TYR G 257 29.37 -25.27 32.11
C TYR G 257 29.17 -26.44 31.16
N LEU G 258 28.00 -27.04 31.22
CA LEU G 258 27.61 -28.11 30.31
C LEU G 258 26.58 -27.55 29.34
N VAL G 259 26.86 -27.64 28.05
CA VAL G 259 25.99 -27.16 26.99
C VAL G 259 25.49 -28.37 26.21
N THR G 260 24.17 -28.50 26.08
CA THR G 260 23.56 -29.71 25.54
C THR G 260 22.52 -29.36 24.49
N LEU G 261 22.41 -30.21 23.49
CA LEU G 261 21.45 -30.06 22.40
C LEU G 261 20.93 -31.44 22.04
N TYR G 262 19.66 -31.73 22.36
CA TYR G 262 19.03 -33.00 22.01
C TYR G 262 18.34 -32.85 20.66
N THR G 263 18.73 -33.71 19.72
CA THR G 263 18.38 -33.53 18.31
C THR G 263 18.01 -34.87 17.69
N SER G 264 17.03 -34.84 16.80
CA SER G 264 16.75 -35.96 15.91
C SER G 264 16.02 -35.41 14.71
N LEU G 265 15.88 -36.25 13.68
CA LEU G 265 15.23 -35.90 12.43
C LEU G 265 14.24 -36.98 12.06
N ALA G 266 13.06 -36.58 11.61
CA ALA G 266 11.99 -37.51 11.26
C ALA G 266 11.57 -37.31 9.82
N VAL G 267 11.41 -38.43 9.11
CA VAL G 267 10.84 -38.44 7.76
C VAL G 267 9.47 -39.09 7.86
N LEU G 268 8.41 -38.33 7.60
CA LEU G 268 7.06 -38.84 7.78
C LEU G 268 6.66 -39.78 6.66
N THR G 269 7.03 -39.44 5.42
CA THR G 269 6.77 -40.30 4.27
C THR G 269 8.07 -40.48 3.50
N ASP G 270 8.24 -41.67 2.92
CA ASP G 270 9.51 -42.00 2.27
C ASP G 270 9.76 -41.15 1.03
N ASP G 271 8.71 -40.75 0.33
CA ASP G 271 8.83 -39.95 -0.88
C ASP G 271 9.05 -38.47 -0.59
N ALA G 272 9.43 -38.12 0.63
CA ALA G 272 9.78 -36.76 1.00
C ALA G 272 11.28 -36.50 0.90
N LEU G 273 12.05 -37.48 0.44
CA LEU G 273 13.50 -37.40 0.51
C LEU G 273 14.09 -38.25 -0.61
N ALA G 274 14.95 -37.67 -1.44
CA ALA G 274 15.66 -38.39 -2.47
C ALA G 274 17.10 -37.90 -2.51
N VAL G 275 18.01 -38.79 -2.92
CA VAL G 275 19.44 -38.52 -2.93
C VAL G 275 19.98 -38.86 -4.32
N LEU G 276 20.75 -37.95 -4.90
CA LEU G 276 21.49 -38.19 -6.13
C LEU G 276 22.93 -38.52 -5.77
N ASP G 277 23.39 -39.69 -6.18
CA ASP G 277 24.69 -40.21 -5.79
C ASP G 277 25.69 -40.07 -6.94
N GLY G 278 26.97 -40.15 -6.59
CA GLY G 278 28.05 -40.15 -7.57
C GLY G 278 28.19 -38.86 -8.36
N VAL G 279 28.10 -37.72 -7.69
CA VAL G 279 28.15 -36.42 -8.36
C VAL G 279 29.60 -35.97 -8.42
N ALA G 280 30.17 -35.97 -9.63
CA ALA G 280 31.54 -35.53 -9.83
C ALA G 280 31.60 -34.00 -9.89
N VAL G 281 32.60 -33.43 -9.23
CA VAL G 281 32.70 -31.99 -9.06
C VAL G 281 33.94 -31.40 -9.71
N ASP G 282 34.65 -32.18 -10.53
CA ASP G 282 35.91 -31.73 -11.13
C ASP G 282 35.94 -32.04 -12.62
N GLN G 283 34.87 -31.73 -13.33
CA GLN G 283 34.80 -31.92 -14.78
C GLN G 283 34.59 -30.58 -15.46
N PHE G 284 35.33 -30.35 -16.54
CA PHE G 284 35.35 -29.07 -17.22
C PHE G 284 35.21 -29.29 -18.72
N HIS G 285 34.59 -28.32 -19.39
CA HIS G 285 34.37 -28.38 -20.83
C HIS G 285 35.38 -27.51 -21.55
N GLU G 286 35.69 -27.89 -22.79
CA GLU G 286 36.61 -27.14 -23.61
C GLU G 286 35.87 -26.13 -24.47
N TYR G 287 36.55 -25.04 -24.82
CA TYR G 287 35.96 -23.92 -25.52
C TYR G 287 37.03 -23.35 -26.47
N GLN G 288 36.83 -22.11 -26.90
CA GLN G 288 37.77 -21.41 -27.79
C GLN G 288 37.82 -22.07 -29.16
N ALA H 1 25.81 40.76 -20.99
CA ALA H 1 25.51 40.99 -19.57
C ALA H 1 25.96 39.81 -18.71
N ASN H 2 25.03 39.27 -17.92
CA ASN H 2 25.34 38.13 -17.08
C ASN H 2 25.45 36.86 -17.91
N ALA H 3 26.27 35.93 -17.45
CA ALA H 3 26.36 34.59 -18.01
C ALA H 3 26.11 33.58 -16.91
N THR H 4 25.27 32.59 -17.20
CA THR H 4 25.06 31.50 -16.25
C THR H 4 26.30 30.63 -16.21
N LYS H 5 26.84 30.41 -15.02
CA LYS H 5 28.08 29.69 -14.82
C LYS H 5 27.83 28.33 -14.22
N THR H 6 28.91 27.54 -14.12
CA THR H 6 28.90 26.27 -13.44
C THR H 6 29.98 26.25 -12.37
N VAL H 7 29.80 25.37 -11.39
CA VAL H 7 30.88 25.05 -10.47
C VAL H 7 31.94 24.31 -11.29
N PRO H 8 33.21 24.34 -10.91
CA PRO H 8 34.23 23.71 -11.75
C PRO H 8 33.99 22.22 -11.92
N GLN H 9 34.36 21.71 -13.09
CA GLN H 9 34.15 20.31 -13.44
C GLN H 9 35.48 19.57 -13.41
N LEU H 10 35.51 18.47 -12.66
CA LEU H 10 36.68 17.62 -12.51
C LEU H 10 36.42 16.31 -13.24
N SER H 11 37.30 15.96 -14.17
CA SER H 11 37.10 14.76 -14.97
C SER H 11 37.48 13.48 -14.22
N THR H 12 38.21 13.58 -13.11
CA THR H 12 38.63 12.42 -12.36
C THR H 12 37.64 12.01 -11.27
N ILE H 13 36.49 12.68 -11.18
CA ILE H 13 35.48 12.27 -10.21
C ILE H 13 34.82 10.99 -10.71
N THR H 14 34.96 9.92 -9.96
CA THR H 14 34.33 8.64 -10.26
C THR H 14 33.21 8.37 -9.28
N PRO H 15 32.26 7.50 -9.63
CA PRO H 15 31.15 7.21 -8.71
C PRO H 15 31.57 6.65 -7.37
N ARG H 16 32.73 5.99 -7.30
CA ARG H 16 33.29 5.46 -6.05
C ARG H 16 32.29 4.53 -5.35
N PHE H 17 31.90 3.48 -6.08
CA PHE H 17 30.94 2.52 -5.56
C PHE H 17 31.51 1.74 -4.38
N LEU H 18 32.82 1.54 -4.36
CA LEU H 18 33.44 0.76 -3.29
C LEU H 18 33.30 1.44 -1.93
N LEU H 19 33.31 2.77 -1.90
CA LEU H 19 33.13 3.48 -0.64
C LEU H 19 31.71 3.35 -0.10
N HIS H 20 30.76 2.94 -0.95
CA HIS H 20 29.39 2.71 -0.51
C HIS H 20 29.08 1.23 -0.29
N LEU H 21 29.81 0.35 -0.96
CA LEU H 21 29.62 -1.09 -0.81
C LEU H 21 30.23 -1.63 0.46
N LEU H 22 31.27 -0.97 0.97
CA LEU H 22 31.94 -1.41 2.18
C LEU H 22 31.16 -1.00 3.41
N SER H 23 31.41 -1.72 4.50
CA SER H 23 30.89 -1.37 5.81
C SER H 23 31.98 -0.65 6.61
N TRP H 24 31.62 0.43 7.27
CA TRP H 24 32.59 1.32 7.91
C TRP H 24 32.44 1.26 9.43
N VAL H 25 33.53 0.95 10.10
CA VAL H 25 33.58 0.80 11.55
C VAL H 25 34.37 1.97 12.11
N PRO H 26 33.86 2.68 13.11
CA PRO H 26 34.65 3.76 13.74
C PRO H 26 35.67 3.21 14.71
N VAL H 27 36.87 3.80 14.68
CA VAL H 27 37.97 3.45 15.56
C VAL H 27 38.29 4.69 16.39
N GLU H 28 38.03 4.62 17.68
CA GLU H 28 38.09 5.81 18.52
C GLU H 28 39.50 6.20 18.94
N ALA H 29 40.52 5.37 18.66
CA ALA H 29 41.88 5.76 18.96
C ALA H 29 42.88 5.35 17.87
N GLY H 30 42.39 5.01 16.68
CA GLY H 30 43.26 4.71 15.57
C GLY H 30 43.82 3.31 15.54
N ILE H 31 43.44 2.44 16.49
CA ILE H 31 43.95 1.08 16.56
C ILE H 31 42.77 0.12 16.55
N TYR H 32 42.84 -0.89 15.70
CA TYR H 32 41.81 -1.92 15.60
C TYR H 32 42.48 -3.27 15.78
N ARG H 33 41.94 -4.09 16.67
CA ARG H 33 42.47 -5.41 16.94
C ARG H 33 41.45 -6.45 16.50
N VAL H 34 41.91 -7.44 15.72
CA VAL H 34 41.08 -8.54 15.27
C VAL H 34 41.61 -9.81 15.92
N ASN H 35 40.73 -10.43 16.72
CA ASN H 35 41.06 -11.63 17.44
C ASN H 35 40.49 -12.81 16.80
N ARG H 36 41.35 -13.62 16.30
CA ARG H 36 40.93 -14.70 15.55
C ARG H 36 41.30 -15.99 16.19
N VAL H 37 40.41 -16.99 16.29
CA VAL H 37 40.67 -18.23 16.94
C VAL H 37 41.63 -19.06 16.18
N VAL H 38 42.77 -19.36 16.76
CA VAL H 38 43.87 -20.05 16.14
C VAL H 38 43.71 -21.46 15.75
N ASN H 39 43.04 -22.25 16.57
CA ASN H 39 42.77 -23.56 16.13
C ASN H 39 41.33 -23.52 16.05
N PRO H 40 40.82 -23.70 14.86
CA PRO H 40 39.39 -23.51 14.84
C PRO H 40 38.56 -24.76 14.99
N TYR H 64 39.45 -21.76 23.66
CA TYR H 64 39.81 -21.15 22.38
C TYR H 64 40.89 -20.09 22.55
N GLU H 65 42.09 -20.38 22.05
CA GLU H 65 43.16 -19.41 22.05
C GLU H 65 43.07 -18.54 20.80
N THR H 66 43.53 -17.29 20.92
CA THR H 66 43.38 -16.30 19.86
C THR H 66 44.71 -15.62 19.58
N HIS H 67 44.93 -15.27 18.31
CA HIS H 67 46.09 -14.49 17.91
C HIS H 67 45.63 -13.16 17.35
N PRO H 68 46.06 -12.02 17.90
CA PRO H 68 45.55 -10.73 17.42
C PRO H 68 46.32 -10.19 16.22
N ARG H 69 45.57 -9.55 15.33
CA ARG H 69 46.11 -8.79 14.21
C ARG H 69 45.69 -7.34 14.38
N GLU H 70 46.65 -6.43 14.29
CA GLU H 70 46.42 -5.02 14.58
C GLU H 70 46.37 -4.19 13.31
N TYR H 71 45.39 -3.29 13.25
CA TYR H 71 45.21 -2.35 12.14
C TYR H 71 45.27 -0.94 12.70
N THR H 72 46.29 -0.19 12.30
CA THR H 72 46.41 1.21 12.67
C THR H 72 46.13 2.11 11.47
N LEU H 73 45.26 3.11 11.67
CA LEU H 73 44.81 3.95 10.58
C LEU H 73 45.96 4.79 10.03
N ARG H 74 46.01 4.90 8.70
CA ARG H 74 47.03 5.67 8.02
C ARG H 74 46.42 6.93 7.41
N SER H 75 47.24 7.96 7.25
CA SER H 75 46.76 9.27 6.86
C SER H 75 46.83 9.47 5.36
N ILE H 76 45.71 9.89 4.79
CA ILE H 76 45.65 10.47 3.44
C ILE H 76 45.44 11.96 3.63
N SER H 77 46.41 12.76 3.17
CA SER H 77 46.46 14.17 3.52
C SER H 77 46.83 15.00 2.30
N THR H 78 46.40 16.27 2.32
CA THR H 78 46.79 17.24 1.31
C THR H 78 46.69 18.63 1.91
N LEU H 79 47.64 19.49 1.55
CA LEU H 79 47.67 20.88 2.00
C LEU H 79 47.16 21.75 0.87
N LEU H 80 46.12 22.54 1.16
CA LEU H 80 45.48 23.41 0.18
C LEU H 80 45.80 24.85 0.52
N ASP H 81 46.41 25.56 -0.42
CA ASP H 81 46.75 26.97 -0.27
C ASP H 81 45.80 27.79 -1.13
N VAL H 82 44.95 28.57 -0.48
CA VAL H 82 44.04 29.49 -1.16
C VAL H 82 44.69 30.86 -1.21
N HIS H 83 44.70 31.47 -2.39
CA HIS H 83 45.41 32.72 -2.61
C HIS H 83 44.46 33.90 -2.59
N THR H 84 45.03 35.08 -2.36
CA THR H 84 44.31 36.34 -2.56
C THR H 84 44.54 36.84 -3.99
N ARG H 85 44.29 35.94 -4.94
CA ARG H 85 44.56 36.17 -6.35
C ARG H 85 43.23 36.41 -7.07
N VAL H 86 43.31 36.57 -8.39
CA VAL H 86 42.17 37.03 -9.17
C VAL H 86 41.16 35.91 -9.40
N SER H 87 41.56 34.87 -10.14
CA SER H 87 40.70 33.72 -10.43
C SER H 87 39.33 34.15 -10.96
N ASP H 88 39.33 34.66 -12.19
CA ASP H 88 38.14 35.27 -12.74
C ASP H 88 37.09 34.25 -13.15
N LEU H 89 36.70 33.39 -12.20
CA LEU H 89 35.57 32.50 -12.41
C LEU H 89 34.75 32.34 -11.13
N TYR H 90 35.02 33.13 -10.11
CA TYR H 90 34.49 32.89 -8.76
C TYR H 90 33.70 34.05 -8.18
N SER H 91 34.04 35.29 -8.52
CA SER H 91 33.27 36.47 -8.14
C SER H 91 33.36 36.81 -6.66
N SER H 92 33.99 35.96 -5.85
CA SER H 92 34.19 36.26 -4.44
C SER H 92 35.29 35.37 -3.91
N PRO H 93 36.08 35.85 -2.95
CA PRO H 93 36.99 34.94 -2.24
C PRO H 93 36.27 33.82 -1.51
N HIS H 94 35.02 34.05 -1.11
CA HIS H 94 34.27 33.00 -0.42
C HIS H 94 33.91 31.86 -1.37
N ASP H 95 33.53 32.18 -2.61
CA ASP H 95 33.21 31.13 -3.57
C ASP H 95 34.45 30.38 -4.03
N GLN H 96 35.59 31.07 -4.11
CA GLN H 96 36.83 30.41 -4.49
C GLN H 96 37.21 29.35 -3.45
N VAL H 97 37.16 29.71 -2.16
CA VAL H 97 37.50 28.77 -1.11
C VAL H 97 36.53 27.62 -1.07
N THR H 98 35.24 27.90 -1.23
CA THR H 98 34.22 26.85 -1.21
C THR H 98 34.49 25.82 -2.30
N GLN H 99 34.70 26.28 -3.52
CA GLN H 99 34.89 25.36 -4.65
C GLN H 99 36.21 24.61 -4.52
N GLN H 100 37.27 25.29 -4.08
CA GLN H 100 38.55 24.60 -3.97
C GLN H 100 38.55 23.59 -2.83
N LEU H 101 37.84 23.87 -1.74
CA LEU H 101 37.67 22.85 -0.71
C LEU H 101 36.87 21.66 -1.22
N ARG H 102 35.82 21.91 -2.00
CA ARG H 102 35.03 20.82 -2.56
C ARG H 102 35.88 19.92 -3.47
N LEU H 103 36.67 20.54 -4.34
CA LEU H 103 37.51 19.76 -5.25
C LEU H 103 38.57 19.00 -4.49
N THR H 104 39.16 19.62 -3.45
CA THR H 104 40.15 18.94 -2.63
C THR H 104 39.56 17.73 -1.93
N ILE H 105 38.33 17.85 -1.45
CA ILE H 105 37.69 16.71 -0.77
C ILE H 105 37.38 15.60 -1.76
N GLU H 106 36.93 15.94 -2.97
CA GLU H 106 36.70 14.90 -3.97
C GLU H 106 37.99 14.15 -4.31
N THR H 107 39.09 14.89 -4.47
CA THR H 107 40.37 14.25 -4.75
C THR H 107 40.81 13.36 -3.59
N ILE H 108 40.59 13.81 -2.35
CA ILE H 108 40.99 13.01 -1.20
C ILE H 108 40.19 11.71 -1.15
N LYS H 109 38.91 11.75 -1.53
CA LYS H 109 38.10 10.52 -1.49
C LYS H 109 38.47 9.58 -2.63
N GLU H 110 38.83 10.12 -3.80
CA GLU H 110 39.35 9.27 -4.86
C GLU H 110 40.64 8.57 -4.42
N ARG H 111 41.52 9.31 -3.75
CA ARG H 111 42.74 8.70 -3.24
C ARG H 111 42.44 7.64 -2.19
N GLN H 112 41.41 7.87 -1.37
CA GLN H 112 41.03 6.86 -0.39
C GLN H 112 40.56 5.58 -1.05
N GLU H 113 39.76 5.69 -2.11
CA GLU H 113 39.34 4.49 -2.82
C GLU H 113 40.52 3.76 -3.44
N TYR H 114 41.44 4.51 -4.08
CA TYR H 114 42.63 3.89 -4.64
C TYR H 114 43.43 3.15 -3.58
N GLU H 115 43.61 3.76 -2.40
CA GLU H 115 44.37 3.14 -1.33
C GLU H 115 43.67 1.90 -0.79
N LEU H 116 42.33 1.95 -0.68
CA LEU H 116 41.60 0.78 -0.22
C LEU H 116 41.79 -0.41 -1.15
N VAL H 117 41.93 -0.15 -2.45
CA VAL H 117 42.20 -1.28 -3.36
C VAL H 117 43.67 -1.63 -3.37
N ASN H 118 44.57 -0.64 -3.33
CA ASN H 118 45.93 -0.83 -3.78
C ASN H 118 47.02 -0.66 -2.73
N ASN H 119 46.67 -0.41 -1.47
CA ASN H 119 47.71 -0.17 -0.47
C ASN H 119 48.51 -1.45 -0.22
N PRO H 120 49.84 -1.34 -0.12
CA PRO H 120 50.65 -2.55 0.13
C PRO H 120 50.44 -3.17 1.50
N GLU H 121 49.85 -2.44 2.44
CA GLU H 121 49.64 -2.95 3.80
C GLU H 121 48.21 -3.40 4.05
N TYR H 122 47.22 -2.55 3.77
CA TYR H 122 45.83 -2.89 4.05
C TYR H 122 44.95 -2.93 2.81
N GLY H 123 45.53 -2.98 1.61
CA GLY H 123 44.71 -3.08 0.43
C GLY H 123 44.11 -4.46 0.25
N LEU H 124 43.01 -4.51 -0.51
CA LEU H 124 42.34 -5.78 -0.76
C LEU H 124 43.24 -6.74 -1.51
N LEU H 125 44.00 -6.23 -2.48
CA LEU H 125 44.86 -7.10 -3.27
C LEU H 125 46.02 -7.63 -2.45
N ALA H 126 46.45 -6.91 -1.42
CA ALA H 126 47.58 -7.33 -0.60
C ALA H 126 47.16 -8.25 0.53
N GLN H 127 45.95 -8.10 1.06
CA GLN H 127 45.51 -8.87 2.20
C GLN H 127 44.93 -10.22 1.83
N ALA H 128 44.86 -10.55 0.55
CA ALA H 128 44.43 -11.88 0.12
C ALA H 128 45.56 -12.88 0.25
N THR H 129 45.22 -14.08 0.68
CA THR H 129 46.16 -15.15 0.96
C THR H 129 46.38 -16.02 -0.28
N PRO H 130 47.52 -16.71 -0.37
CA PRO H 130 47.75 -17.59 -1.52
C PRO H 130 46.72 -18.69 -1.69
N GLU H 131 46.14 -19.17 -0.59
CA GLU H 131 45.10 -20.20 -0.67
C GLU H 131 43.79 -19.64 -1.19
N GLN H 132 43.58 -18.33 -1.11
CA GLN H 132 42.37 -17.69 -1.58
C GLN H 132 42.53 -17.07 -2.97
N THR H 133 43.65 -17.29 -3.63
CA THR H 133 43.95 -16.68 -4.93
C THR H 133 44.03 -17.77 -5.98
N ILE H 134 43.29 -17.61 -7.07
CA ILE H 134 43.22 -18.57 -8.16
C ILE H 134 43.52 -17.85 -9.47
N GLN H 135 43.80 -18.65 -10.51
CA GLN H 135 44.15 -18.14 -11.82
C GLN H 135 43.09 -18.56 -12.83
N THR H 136 43.00 -17.79 -13.91
CA THR H 136 42.07 -18.12 -14.99
C THR H 136 42.50 -19.42 -15.68
N LEU H 137 41.50 -20.19 -16.11
CA LEU H 137 41.77 -21.45 -16.78
C LEU H 137 42.47 -21.23 -18.13
N ALA H 138 42.04 -20.22 -18.90
CA ALA H 138 42.62 -19.99 -20.21
C ALA H 138 42.78 -18.51 -20.52
N GLY H 139 43.04 -17.68 -19.52
CA GLY H 139 43.28 -16.26 -19.73
C GLY H 139 42.08 -15.36 -19.60
N ALA H 140 41.09 -15.52 -20.46
CA ALA H 140 39.93 -14.65 -20.42
C ALA H 140 39.00 -15.03 -19.28
N PRO H 141 38.31 -14.05 -18.68
CA PRO H 141 37.41 -14.35 -17.56
C PRO H 141 36.12 -15.00 -18.04
N THR H 142 35.98 -16.27 -17.79
CA THR H 142 34.81 -17.04 -18.19
C THR H 142 33.91 -17.31 -17.00
N PRO H 143 32.67 -17.75 -17.24
CA PRO H 143 31.80 -18.13 -16.13
C PRO H 143 32.37 -19.20 -15.20
N ASP H 144 33.20 -20.12 -15.71
CA ASP H 144 33.81 -21.11 -14.84
C ASP H 144 34.73 -20.48 -13.81
N ASP H 145 35.52 -19.48 -14.21
CA ASP H 145 36.42 -18.82 -13.28
C ASP H 145 35.65 -18.07 -12.19
N LEU H 146 34.56 -17.40 -12.56
CA LEU H 146 33.74 -16.73 -11.56
C LEU H 146 33.06 -17.73 -10.64
N ASP H 147 32.69 -18.90 -11.17
CA ASP H 147 32.15 -19.97 -10.33
C ASP H 147 33.17 -20.46 -9.31
N ALA H 148 34.42 -20.64 -9.74
CA ALA H 148 35.47 -21.02 -8.81
C ALA H 148 35.68 -19.96 -7.73
N LEU H 149 35.69 -18.69 -8.14
CA LEU H 149 35.77 -17.61 -7.17
C LEU H 149 34.65 -17.70 -6.15
N ILE H 150 33.44 -18.02 -6.61
CA ILE H 150 32.32 -18.15 -5.69
C ILE H 150 32.54 -19.32 -4.74
N THR H 151 33.12 -20.41 -5.23
CA THR H 151 33.43 -21.53 -4.33
C THR H 151 34.37 -21.09 -3.22
N LYS H 152 35.29 -20.16 -3.51
CA LYS H 152 36.21 -19.72 -2.45
C LYS H 152 35.54 -18.81 -1.42
N VAL H 153 34.50 -18.07 -1.80
CA VAL H 153 33.81 -17.15 -0.89
C VAL H 153 32.33 -17.51 -0.80
N TRP H 154 32.02 -18.82 -0.80
CA TRP H 154 30.64 -19.28 -0.89
C TRP H 154 29.74 -18.78 0.25
N LYS H 155 30.31 -18.39 1.39
CA LYS H 155 29.49 -17.84 2.47
C LYS H 155 29.21 -16.37 2.17
N THR H 156 28.07 -16.13 1.53
CA THR H 156 27.48 -14.81 1.28
C THR H 156 28.51 -13.88 0.63
N PRO H 157 28.82 -14.05 -0.64
CA PRO H 157 29.60 -13.03 -1.35
C PRO H 157 28.74 -11.80 -1.61
N ALA H 158 29.35 -10.62 -1.51
CA ALA H 158 28.62 -9.37 -1.64
C ALA H 158 28.74 -8.74 -3.02
N PHE H 159 29.95 -8.63 -3.56
CA PHE H 159 30.11 -8.04 -4.88
C PHE H 159 31.41 -8.51 -5.50
N PHE H 160 31.46 -8.41 -6.83
CA PHE H 160 32.69 -8.54 -7.60
C PHE H 160 33.25 -7.15 -7.83
N LEU H 161 34.57 -7.03 -7.81
CA LEU H 161 35.25 -5.76 -8.07
C LEU H 161 36.28 -5.96 -9.17
N THR H 162 36.20 -5.14 -10.22
CA THR H 162 37.13 -5.24 -11.33
C THR H 162 37.10 -3.93 -12.10
N HIS H 163 38.03 -3.81 -13.04
CA HIS H 163 38.11 -2.71 -13.97
C HIS H 163 36.99 -2.80 -15.01
N PRO H 164 36.52 -1.67 -15.55
CA PRO H 164 35.49 -1.73 -16.59
C PRO H 164 35.89 -2.56 -17.82
N LEU H 165 37.18 -2.57 -18.16
CA LEU H 165 37.65 -3.46 -19.23
C LEU H 165 37.39 -4.92 -18.88
N GLY H 166 37.58 -5.28 -17.62
CA GLY H 166 37.28 -6.64 -17.19
C GLY H 166 35.80 -6.97 -17.27
N VAL H 167 34.95 -5.98 -16.98
CA VAL H 167 33.52 -6.17 -17.13
C VAL H 167 33.16 -6.44 -18.58
N ALA H 168 33.77 -5.69 -19.50
CA ALA H 168 33.52 -5.93 -20.92
C ALA H 168 34.02 -7.30 -21.35
N ALA H 169 35.18 -7.73 -20.87
CA ALA H 169 35.72 -9.03 -21.25
C ALA H 169 34.83 -10.17 -20.74
N PHE H 170 34.36 -10.05 -19.50
CA PHE H 170 33.42 -11.04 -18.98
C PHE H 170 32.14 -11.07 -19.79
N GLY H 171 31.61 -9.90 -20.14
CA GLY H 171 30.40 -9.86 -20.95
C GLY H 171 30.59 -10.52 -22.31
N ARG H 172 31.74 -10.30 -22.93
CA ARG H 172 32.03 -10.96 -24.20
C ARG H 172 32.06 -12.47 -24.05
N GLU H 173 32.73 -12.96 -23.01
CA GLU H 173 32.82 -14.42 -22.82
C GLU H 173 31.45 -15.01 -22.52
N CYS H 174 30.62 -14.27 -21.79
CA CYS H 174 29.26 -14.74 -21.53
C CYS H 174 28.42 -14.77 -22.80
N THR H 175 28.58 -13.77 -23.66
CA THR H 175 27.82 -13.76 -24.92
C THR H 175 28.24 -14.90 -25.84
N TYR H 176 29.53 -15.21 -25.90
CA TYR H 176 29.97 -16.32 -26.74
C TYR H 176 29.37 -17.64 -26.28
N ARG H 177 29.17 -17.80 -24.97
CA ARG H 177 28.60 -19.03 -24.43
C ARG H 177 27.08 -19.05 -24.49
N GLY H 178 26.45 -17.99 -25.00
CA GLY H 178 25.01 -17.95 -25.11
C GLY H 178 24.29 -17.68 -23.82
N VAL H 179 24.95 -17.09 -22.84
CA VAL H 179 24.36 -16.84 -21.52
C VAL H 179 24.29 -15.35 -21.26
N PRO H 180 23.11 -14.74 -21.27
CA PRO H 180 23.00 -13.32 -20.88
C PRO H 180 22.81 -13.16 -19.39
N PRO H 181 23.74 -12.49 -18.71
CA PRO H 181 23.57 -12.23 -17.27
C PRO H 181 22.62 -11.07 -17.02
N PRO H 182 21.78 -11.16 -15.99
CA PRO H 182 20.87 -10.06 -15.68
C PRO H 182 21.63 -8.89 -15.05
N THR H 183 20.90 -7.79 -14.85
CA THR H 183 21.47 -6.61 -14.21
C THR H 183 20.62 -6.21 -13.03
N VAL H 184 21.23 -5.45 -12.13
CA VAL H 184 20.57 -4.94 -10.93
C VAL H 184 20.77 -3.44 -10.88
N SER H 185 19.87 -2.75 -10.22
CA SER H 185 19.93 -1.30 -10.07
C SER H 185 20.39 -0.95 -8.66
N MET H 186 21.42 -0.11 -8.55
CA MET H 186 22.00 0.21 -7.26
C MET H 186 22.86 1.47 -7.39
N TYR H 187 22.61 2.45 -6.51
CA TYR H 187 23.34 3.72 -6.49
C TYR H 187 23.25 4.47 -7.82
N GLY H 188 22.09 4.40 -8.46
CA GLY H 188 21.93 5.06 -9.74
C GLY H 188 22.71 4.43 -10.87
N ALA H 189 23.04 3.15 -10.77
CA ALA H 189 23.83 2.46 -11.77
C ALA H 189 23.21 1.11 -12.08
N GLN H 190 23.65 0.51 -13.17
CA GLN H 190 23.23 -0.82 -13.59
C GLN H 190 24.43 -1.76 -13.52
N PHE H 191 24.28 -2.87 -12.79
CA PHE H 191 25.37 -3.79 -12.54
C PHE H 191 25.04 -5.16 -13.10
N ILE H 192 25.98 -5.73 -13.86
CA ILE H 192 25.90 -7.14 -14.24
C ILE H 192 26.04 -8.00 -13.00
N THR H 193 25.20 -9.02 -12.87
CA THR H 193 25.26 -9.97 -11.77
C THR H 193 25.58 -11.35 -12.31
N TRP H 194 26.48 -12.06 -11.63
CA TRP H 194 26.70 -13.48 -11.86
C TRP H 194 26.29 -14.24 -10.61
N ARG H 195 25.34 -15.16 -10.77
CA ARG H 195 24.74 -15.90 -9.67
C ARG H 195 24.20 -14.96 -8.61
N GLY H 196 23.62 -13.84 -9.06
CA GLY H 196 23.01 -12.87 -8.18
C GLY H 196 23.96 -11.90 -7.50
N ILE H 197 25.26 -11.97 -7.81
CA ILE H 197 26.26 -11.14 -7.18
C ILE H 197 26.65 -10.02 -8.14
N PRO H 198 26.51 -8.75 -7.76
CA PRO H 198 26.86 -7.66 -8.68
C PRO H 198 28.34 -7.65 -9.04
N ILE H 199 28.62 -7.26 -10.28
CA ILE H 199 29.98 -7.04 -10.74
C ILE H 199 30.15 -5.53 -10.88
N VAL H 200 30.98 -4.96 -10.02
CA VAL H 200 31.07 -3.51 -9.83
C VAL H 200 32.34 -3.01 -10.49
N PRO H 201 32.25 -2.01 -11.36
CA PRO H 201 33.45 -1.49 -12.03
C PRO H 201 34.19 -0.48 -11.17
N SER H 202 35.52 -0.54 -11.24
CA SER H 202 36.37 0.39 -10.50
C SER H 202 37.64 0.61 -11.31
N ASP H 203 37.94 1.87 -11.61
CA ASP H 203 39.14 2.20 -12.37
C ASP H 203 40.40 2.17 -11.53
N LYS H 204 40.28 2.01 -10.21
CA LYS H 204 41.45 1.87 -9.36
C LYS H 204 42.00 0.45 -9.35
N VAL H 205 41.29 -0.51 -9.93
CA VAL H 205 41.77 -1.87 -10.10
C VAL H 205 42.78 -1.88 -11.24
N PRO H 206 44.02 -2.30 -11.01
CA PRO H 206 45.06 -2.12 -12.03
C PRO H 206 44.85 -3.00 -13.25
N VAL H 207 45.31 -2.48 -14.39
CA VAL H 207 45.39 -3.23 -15.64
C VAL H 207 46.80 -3.06 -16.18
N GLU H 208 47.62 -4.10 -16.05
CA GLU H 208 49.00 -4.06 -16.52
C GLU H 208 49.20 -5.18 -17.54
N ASP H 209 49.83 -4.84 -18.67
CA ASP H 209 50.12 -5.80 -19.74
C ASP H 209 48.85 -6.45 -20.29
N GLY H 210 47.73 -5.75 -20.20
CA GLY H 210 46.47 -6.29 -20.66
C GLY H 210 45.80 -7.26 -19.70
N THR H 211 46.27 -7.34 -18.46
CA THR H 211 45.71 -8.25 -17.47
C THR H 211 45.22 -7.46 -16.27
N THR H 212 44.02 -7.79 -15.80
CA THR H 212 43.43 -7.19 -14.61
C THR H 212 43.13 -8.29 -13.59
N LYS H 213 42.42 -7.92 -12.53
CA LYS H 213 42.04 -8.86 -11.48
C LYS H 213 40.54 -8.79 -11.24
N PHE H 214 40.00 -9.89 -10.73
CA PHE H 214 38.65 -9.95 -10.22
C PHE H 214 38.75 -10.22 -8.71
N VAL H 215 37.97 -9.48 -7.92
CA VAL H 215 37.99 -9.61 -6.47
C VAL H 215 36.58 -9.91 -5.99
N LEU H 216 36.44 -10.98 -5.21
CA LEU H 216 35.18 -11.33 -4.57
C LEU H 216 35.30 -11.04 -3.08
N VAL H 217 34.31 -10.32 -2.54
CA VAL H 217 34.39 -9.76 -1.20
C VAL H 217 33.07 -9.97 -0.47
N ARG H 218 33.15 -10.42 0.78
CA ARG H 218 32.03 -10.37 1.72
C ARG H 218 32.30 -9.28 2.73
N THR H 219 31.36 -8.35 2.89
CA THR H 219 31.51 -7.22 3.79
C THR H 219 30.62 -7.38 5.00
N GLY H 220 31.08 -6.85 6.13
CA GLY H 220 30.30 -6.84 7.35
C GLY H 220 31.10 -7.29 8.55
N GLU H 221 30.82 -6.67 9.70
CA GLU H 221 31.48 -7.06 10.94
C GLU H 221 30.74 -8.16 11.68
N GLU H 222 29.42 -8.20 11.55
CA GLU H 222 28.61 -9.22 12.22
C GLU H 222 28.52 -10.51 11.42
N ARG H 223 29.15 -10.57 10.26
CA ARG H 223 29.26 -11.81 9.50
C ARG H 223 30.71 -12.16 9.20
N GLN H 224 31.64 -11.58 9.97
CA GLN H 224 33.07 -11.86 9.86
C GLN H 224 33.59 -11.60 8.44
N GLY H 225 33.28 -10.41 7.92
CA GLY H 225 33.67 -10.05 6.58
C GLY H 225 34.77 -9.02 6.50
N VAL H 226 34.59 -8.03 5.62
CA VAL H 226 35.58 -6.97 5.41
C VAL H 226 34.94 -5.65 5.79
N VAL H 227 35.64 -4.88 6.60
CA VAL H 227 35.16 -3.59 7.08
C VAL H 227 36.23 -2.54 6.86
N GLY H 228 35.81 -1.35 6.43
CA GLY H 228 36.68 -0.20 6.44
C GLY H 228 36.67 0.51 7.78
N LEU H 229 37.76 1.21 8.07
CA LEU H 229 37.99 1.83 9.36
C LEU H 229 38.18 3.33 9.20
N PHE H 230 37.57 4.10 10.10
CA PHE H 230 37.73 5.55 10.13
C PHE H 230 37.75 6.04 11.57
N GLN H 231 38.29 7.24 11.76
CA GLN H 231 38.44 7.83 13.07
C GLN H 231 37.40 8.92 13.27
N PRO H 232 36.55 8.85 14.29
CA PRO H 232 35.57 9.90 14.53
C PRO H 232 36.09 10.97 15.49
N GLY H 233 35.30 12.03 15.61
CA GLY H 233 35.61 13.08 16.56
C GLY H 233 36.90 13.85 16.30
N LEU H 234 37.11 14.27 15.07
CA LEU H 234 38.30 15.02 14.70
C LEU H 234 37.99 16.52 14.62
N VAL H 235 39.06 17.31 14.53
CA VAL H 235 38.93 18.75 14.40
C VAL H 235 38.51 19.08 12.99
N GLY H 236 37.46 19.89 12.87
CA GLY H 236 36.94 20.28 11.56
C GLY H 236 36.36 19.14 10.76
N GLU H 237 35.61 18.24 11.39
CA GLU H 237 35.08 17.08 10.71
C GLU H 237 33.92 17.49 9.79
N GLN H 238 33.96 16.96 8.57
CA GLN H 238 32.87 17.14 7.61
C GLN H 238 32.22 15.82 7.21
N ALA H 239 33.02 14.84 6.83
CA ALA H 239 32.59 13.49 6.51
C ALA H 239 33.26 12.51 7.47
N PRO H 240 32.73 11.28 7.60
CA PRO H 240 33.38 10.29 8.47
C PRO H 240 34.87 10.15 8.22
N GLY H 241 35.68 10.49 9.22
CA GLY H 241 37.12 10.42 9.13
C GLY H 241 37.77 11.58 8.42
N LEU H 242 37.00 12.54 7.90
CA LEU H 242 37.52 13.62 7.08
C LEU H 242 37.58 14.89 7.91
N SER H 243 38.76 15.49 7.96
CA SER H 243 39.02 16.67 8.79
C SER H 243 39.56 17.80 7.92
N VAL H 244 39.00 18.98 8.08
CA VAL H 244 39.49 20.19 7.44
C VAL H 244 39.89 21.16 8.54
N ARG H 245 41.14 21.61 8.51
CA ARG H 245 41.63 22.51 9.54
C ARG H 245 42.44 23.63 8.91
N PHE H 246 42.37 24.81 9.51
CA PHE H 246 42.96 26.02 8.97
C PHE H 246 44.33 26.20 9.61
N THR H 247 45.38 26.10 8.79
CA THR H 247 46.75 26.16 9.28
C THR H 247 47.34 27.56 9.08
N GLY H 248 46.70 28.54 9.70
CA GLY H 248 47.27 29.87 9.79
C GLY H 248 47.36 30.62 8.47
N ILE H 249 48.07 31.74 8.54
CA ILE H 249 48.21 32.69 7.44
C ILE H 249 49.69 33.02 7.28
N ASN H 250 50.19 33.01 6.04
CA ASN H 250 51.58 33.32 5.75
C ASN H 250 51.74 34.82 5.50
N ARG H 251 52.91 35.23 5.00
CA ARG H 251 53.16 36.65 4.78
C ARG H 251 52.40 37.19 3.57
N SER H 252 52.19 36.36 2.55
CA SER H 252 51.51 36.78 1.34
C SER H 252 50.00 36.67 1.43
N ALA H 253 49.46 36.53 2.65
CA ALA H 253 48.02 36.38 2.88
C ALA H 253 47.45 35.18 2.15
N ILE H 254 48.26 34.13 1.97
CA ILE H 254 47.82 32.90 1.33
C ILE H 254 47.41 31.94 2.46
N ALA H 255 46.11 31.86 2.71
CA ALA H 255 45.59 30.96 3.73
C ALA H 255 45.78 29.51 3.30
N SER H 256 46.00 28.64 4.27
CA SER H 256 46.21 27.23 4.03
C SER H 256 45.22 26.40 4.81
N TYR H 257 44.78 25.30 4.22
CA TYR H 257 43.92 24.33 4.87
C TYR H 257 44.56 22.96 4.74
N LEU H 258 44.48 22.17 5.80
CA LEU H 258 44.94 20.79 5.80
C LEU H 258 43.73 19.88 5.83
N VAL H 259 43.63 19.01 4.84
CA VAL H 259 42.53 18.06 4.71
C VAL H 259 43.09 16.66 4.91
N THR H 260 42.50 15.91 5.85
CA THR H 260 43.07 14.64 6.28
C THR H 260 41.99 13.56 6.30
N LEU H 261 42.40 12.33 6.00
CA LEU H 261 41.52 11.17 6.00
C LEU H 261 42.32 9.99 6.53
N TYR H 262 42.00 9.53 7.74
CA TYR H 262 42.66 8.36 8.32
C TYR H 262 41.86 7.11 7.96
N THR H 263 42.52 6.16 7.32
CA THR H 263 41.86 5.04 6.66
C THR H 263 42.63 3.75 6.91
N SER H 264 41.90 2.66 7.08
CA SER H 264 42.45 1.32 7.03
C SER H 264 41.33 0.36 6.68
N LEU H 265 41.71 -0.87 6.37
CA LEU H 265 40.78 -1.92 5.98
C LEU H 265 41.10 -3.18 6.78
N ALA H 266 40.06 -3.85 7.26
CA ALA H 266 40.21 -5.04 8.09
C ALA H 266 39.48 -6.21 7.46
N VAL H 267 40.14 -7.37 7.43
CA VAL H 267 39.54 -8.63 7.02
C VAL H 267 39.42 -9.49 8.27
N LEU H 268 38.19 -9.78 8.69
CA LEU H 268 37.98 -10.50 9.94
C LEU H 268 38.28 -11.99 9.79
N THR H 269 37.88 -12.58 8.67
CA THR H 269 38.17 -13.97 8.37
C THR H 269 38.78 -14.06 6.98
N ASP H 270 39.71 -14.99 6.81
CA ASP H 270 40.46 -15.07 5.55
C ASP H 270 39.56 -15.47 4.38
N ASP H 271 38.53 -16.27 4.62
CA ASP H 271 37.63 -16.72 3.57
C ASP H 271 36.58 -15.68 3.20
N ALA H 272 36.79 -14.42 3.59
CA ALA H 272 35.92 -13.32 3.20
C ALA H 272 36.43 -12.59 1.96
N LEU H 273 37.51 -13.07 1.35
CA LEU H 273 38.20 -12.33 0.29
C LEU H 273 38.92 -13.32 -0.61
N ALA H 274 38.64 -13.26 -1.90
CA ALA H 274 39.34 -14.08 -2.89
C ALA H 274 39.66 -13.22 -4.11
N VAL H 275 40.74 -13.56 -4.80
CA VAL H 275 41.22 -12.81 -5.94
C VAL H 275 41.44 -13.76 -7.11
N LEU H 276 40.91 -13.39 -8.28
CA LEU H 276 41.18 -14.10 -9.52
C LEU H 276 42.26 -13.35 -10.29
N ASP H 277 43.36 -14.03 -10.57
CA ASP H 277 44.54 -13.41 -11.17
C ASP H 277 44.63 -13.76 -12.65
N GLY H 278 45.42 -12.96 -13.36
CA GLY H 278 45.71 -13.20 -14.76
C GLY H 278 44.52 -13.10 -15.69
N VAL H 279 43.70 -12.08 -15.53
CA VAL H 279 42.47 -11.91 -16.30
C VAL H 279 42.81 -11.09 -17.54
N ALA H 280 42.79 -11.74 -18.69
CA ALA H 280 43.06 -11.05 -19.96
C ALA H 280 41.81 -10.32 -20.44
N VAL H 281 42.00 -9.09 -20.92
CA VAL H 281 40.89 -8.22 -21.27
C VAL H 281 40.87 -7.86 -22.75
N ASP H 282 41.66 -8.53 -23.57
CA ASP H 282 41.76 -8.20 -24.99
C ASP H 282 41.67 -9.45 -25.86
N GLN H 283 40.70 -10.30 -25.58
CA GLN H 283 40.46 -11.50 -26.38
C GLN H 283 39.07 -11.44 -26.99
N PHE H 284 38.99 -11.80 -28.27
CA PHE H 284 37.76 -11.67 -29.04
C PHE H 284 37.49 -12.97 -29.80
N HIS H 285 36.22 -13.26 -30.01
CA HIS H 285 35.80 -14.47 -30.71
C HIS H 285 35.39 -14.13 -32.13
N GLU H 286 35.56 -15.10 -33.03
CA GLU H 286 35.19 -14.93 -34.42
C GLU H 286 33.76 -15.40 -34.66
N TYR H 287 33.13 -14.82 -35.67
CA TYR H 287 31.72 -15.05 -35.96
C TYR H 287 31.54 -15.00 -37.48
N GLN H 288 30.30 -14.80 -37.93
CA GLN H 288 29.97 -14.70 -39.35
C GLN H 288 30.21 -16.03 -40.06
N ALA I 1 -25.94 15.94 -42.51
CA ALA I 1 -25.93 16.99 -41.48
C ALA I 1 -24.52 17.24 -40.97
N ASN I 2 -24.35 17.16 -39.65
CA ASN I 2 -23.04 17.36 -39.06
C ASN I 2 -22.14 16.16 -39.31
N ALA I 3 -20.84 16.41 -39.39
CA ALA I 3 -19.83 15.37 -39.44
C ALA I 3 -18.84 15.58 -38.30
N THR I 4 -18.52 14.50 -37.61
CA THR I 4 -17.49 14.58 -36.57
C THR I 4 -16.12 14.73 -37.23
N LYS I 5 -15.38 15.75 -36.83
CA LYS I 5 -14.11 16.09 -37.46
C LYS I 5 -12.96 15.76 -36.52
N THR I 6 -11.75 15.92 -37.05
CA THR I 6 -10.52 15.79 -36.29
C THR I 6 -9.70 17.07 -36.43
N VAL I 7 -8.83 17.29 -35.46
CA VAL I 7 -7.78 18.29 -35.60
C VAL I 7 -6.85 17.79 -36.69
N PRO I 8 -6.14 18.65 -37.41
CA PRO I 8 -5.31 18.17 -38.52
C PRO I 8 -4.24 17.20 -38.04
N GLN I 9 -3.91 16.23 -38.90
CA GLN I 9 -2.96 15.18 -38.60
C GLN I 9 -1.66 15.43 -39.36
N LEU I 10 -0.55 15.46 -38.63
CA LEU I 10 0.78 15.67 -39.18
C LEU I 10 1.56 14.37 -39.09
N SER I 11 2.06 13.89 -40.22
CA SER I 11 2.75 12.61 -40.24
C SER I 11 4.18 12.70 -39.72
N THR I 12 4.73 13.91 -39.60
CA THR I 12 6.10 14.09 -39.15
C THR I 12 6.21 14.26 -37.64
N ILE I 13 5.10 14.14 -36.89
CA ILE I 13 5.17 14.21 -35.44
C ILE I 13 5.77 12.91 -34.91
N THR I 14 6.91 13.01 -34.27
CA THR I 14 7.59 11.89 -33.65
C THR I 14 7.49 11.98 -32.15
N PRO I 15 7.65 10.86 -31.43
CA PRO I 15 7.55 10.91 -29.96
C PRO I 15 8.56 11.82 -29.30
N ARG I 16 9.71 12.07 -29.93
CA ARG I 16 10.74 12.99 -29.43
C ARG I 16 11.18 12.60 -28.02
N PHE I 17 11.66 11.37 -27.91
CA PHE I 17 12.10 10.86 -26.61
C PHE I 17 13.33 11.60 -26.10
N LEU I 18 14.16 12.11 -27.01
CA LEU I 18 15.39 12.80 -26.61
C LEU I 18 15.08 14.08 -25.84
N LEU I 19 14.00 14.77 -26.18
CA LEU I 19 13.63 15.98 -25.46
C LEU I 19 13.17 15.68 -24.04
N HIS I 20 12.80 14.44 -23.75
CA HIS I 20 12.42 14.03 -22.41
C HIS I 20 13.54 13.34 -21.65
N LEU I 21 14.47 12.71 -22.36
CA LEU I 21 15.60 12.03 -21.74
C LEU I 21 16.68 12.99 -21.28
N LEU I 22 16.78 14.15 -21.90
CA LEU I 22 17.78 15.14 -21.55
C LEU I 22 17.35 15.92 -20.31
N SER I 23 18.34 16.50 -19.63
CA SER I 23 18.12 17.41 -18.52
C SER I 23 18.27 18.84 -19.04
N TRP I 24 17.36 19.71 -18.65
CA TRP I 24 17.27 21.05 -19.21
C TRP I 24 17.61 22.09 -18.16
N VAL I 25 18.59 22.93 -18.46
CA VAL I 25 19.09 23.96 -17.56
C VAL I 25 18.67 25.31 -18.11
N PRO I 26 18.07 26.19 -17.30
CA PRO I 26 17.73 27.54 -17.79
C PRO I 26 18.94 28.45 -17.80
N VAL I 27 19.04 29.25 -18.87
CA VAL I 27 20.11 30.22 -19.04
C VAL I 27 19.45 31.59 -19.10
N GLU I 28 19.70 32.42 -18.09
CA GLU I 28 18.96 33.66 -17.94
C GLU I 28 19.44 34.78 -18.84
N ALA I 29 20.57 34.61 -19.54
CA ALA I 29 21.01 35.64 -20.47
C ALA I 29 21.59 35.06 -21.76
N GLY I 30 21.32 33.79 -22.05
CA GLY I 30 21.73 33.19 -23.29
C GLY I 30 23.18 32.73 -23.36
N ILE I 31 23.93 32.84 -22.27
CA ILE I 31 25.33 32.45 -22.23
C ILE I 31 25.52 31.45 -21.11
N TYR I 32 26.19 30.35 -21.40
CA TYR I 32 26.50 29.30 -20.44
C TYR I 32 27.99 29.06 -20.46
N ARG I 33 28.62 29.09 -19.29
CA ARG I 33 30.06 28.87 -19.17
C ARG I 33 30.28 27.57 -18.41
N VAL I 34 31.13 26.71 -18.96
CA VAL I 34 31.53 25.46 -18.33
C VAL I 34 33.00 25.55 -17.99
N ASN I 35 33.27 25.46 -16.69
CA ASN I 35 34.60 25.55 -16.15
C ASN I 35 35.14 24.23 -15.82
N ARG I 36 36.12 23.84 -16.55
CA ARG I 36 36.62 22.56 -16.40
C ARG I 36 38.03 22.56 -15.94
N VAL I 37 38.43 21.75 -14.95
CA VAL I 37 39.75 21.74 -14.41
C VAL I 37 40.73 21.19 -15.39
N VAL I 38 41.71 21.98 -15.79
CA VAL I 38 42.68 21.67 -16.80
C VAL I 38 43.67 20.59 -16.54
N ASN I 39 44.18 20.53 -15.34
CA ASN I 39 45.02 19.43 -15.05
C ASN I 39 44.24 18.75 -14.04
N PRO I 40 43.83 17.55 -14.36
CA PRO I 40 42.96 16.98 -13.36
C PRO I 40 43.62 16.11 -12.32
N TYR I 64 43.72 24.47 -8.45
CA TYR I 64 43.08 23.97 -9.65
C TYR I 64 42.79 25.10 -10.63
N GLU I 65 43.50 25.12 -11.75
CA GLU I 65 43.25 26.08 -12.81
C GLU I 65 42.17 25.54 -13.74
N THR I 66 41.40 26.45 -14.33
CA THR I 66 40.25 26.08 -15.14
C THR I 66 40.29 26.79 -16.48
N HIS I 67 39.78 26.12 -17.51
CA HIS I 67 39.63 26.71 -18.83
C HIS I 67 38.15 26.75 -19.19
N PRO I 68 37.56 27.91 -19.48
CA PRO I 68 36.13 27.98 -19.75
C PRO I 68 35.76 27.69 -21.19
N ARG I 69 34.64 27.00 -21.36
CA ARG I 69 34.00 26.78 -22.65
C ARG I 69 32.64 27.43 -22.62
N GLU I 70 32.34 28.25 -23.63
CA GLU I 70 31.13 29.06 -23.65
C GLU I 70 30.11 28.48 -24.62
N TYR I 71 28.85 28.46 -24.17
CA TYR I 71 27.71 28.02 -24.98
C TYR I 71 26.72 29.16 -25.05
N THR I 72 26.49 29.68 -26.25
CA THR I 72 25.50 30.71 -26.47
C THR I 72 24.32 30.12 -27.26
N LEU I 73 23.11 30.39 -26.76
CA LEU I 73 21.91 29.79 -27.32
C LEU I 73 21.66 30.29 -28.73
N ARG I 74 21.26 29.38 -29.61
CA ARG I 74 20.97 29.71 -31.00
C ARG I 74 19.47 29.60 -31.26
N SER I 75 19.00 30.36 -32.23
CA SER I 75 17.56 30.51 -32.47
C SER I 75 17.06 29.51 -33.51
N ILE I 76 16.01 28.79 -33.14
CA ILE I 76 15.17 28.05 -34.08
C ILE I 76 13.88 28.83 -34.21
N SER I 77 13.60 29.31 -35.42
CA SER I 77 12.53 30.28 -35.61
C SER I 77 11.72 29.96 -36.87
N THR I 78 10.47 30.40 -36.88
CA THR I 78 9.62 30.31 -38.05
C THR I 78 8.55 31.40 -37.97
N LEU I 79 8.24 31.97 -39.13
CA LEU I 79 7.21 33.00 -39.24
C LEU I 79 5.96 32.37 -39.79
N LEU I 80 4.85 32.51 -39.05
CA LEU I 80 3.57 31.92 -39.41
C LEU I 80 2.61 33.03 -39.83
N ASP I 81 2.10 32.95 -41.05
CA ASP I 81 1.15 33.92 -41.58
C ASP I 81 -0.22 33.26 -41.63
N VAL I 82 -1.14 33.76 -40.80
CA VAL I 82 -2.52 33.28 -40.80
C VAL I 82 -3.34 34.22 -41.67
N HIS I 83 -4.13 33.65 -42.57
CA HIS I 83 -4.86 34.41 -43.56
C HIS I 83 -6.31 34.59 -43.16
N THR I 84 -6.95 35.60 -43.76
CA THR I 84 -8.40 35.75 -43.69
C THR I 84 -9.05 35.03 -44.86
N ARG I 85 -8.67 33.78 -45.03
CA ARG I 85 -9.07 32.94 -46.15
C ARG I 85 -10.12 31.93 -45.68
N VAL I 86 -10.54 31.07 -46.60
CA VAL I 86 -11.69 30.20 -46.36
C VAL I 86 -11.32 29.03 -45.46
N SER I 87 -10.44 28.13 -45.93
CA SER I 87 -10.00 26.97 -45.17
C SER I 87 -11.18 26.19 -44.59
N ASP I 88 -11.89 25.52 -45.49
CA ASP I 88 -13.15 24.88 -45.10
C ASP I 88 -12.92 23.59 -44.30
N LEU I 89 -12.18 23.71 -43.20
CA LEU I 89 -12.06 22.61 -42.25
C LEU I 89 -12.03 23.12 -40.81
N TYR I 90 -12.29 24.40 -40.60
CA TYR I 90 -12.03 25.05 -39.32
C TYR I 90 -13.24 25.71 -38.68
N SER I 91 -14.18 26.22 -39.47
CA SER I 91 -15.45 26.74 -38.98
C SER I 91 -15.32 28.05 -38.22
N SER I 92 -14.10 28.52 -37.97
CA SER I 92 -13.90 29.81 -37.32
C SER I 92 -12.48 30.26 -37.57
N PRO I 93 -12.24 31.56 -37.70
CA PRO I 93 -10.86 32.05 -37.69
C PRO I 93 -10.12 31.72 -36.41
N HIS I 94 -10.82 31.58 -35.29
CA HIS I 94 -10.16 31.24 -34.04
C HIS I 94 -9.64 29.80 -34.05
N ASP I 95 -10.40 28.87 -34.62
CA ASP I 95 -9.94 27.49 -34.69
C ASP I 95 -8.81 27.33 -35.70
N GLN I 96 -8.82 28.11 -36.77
CA GLN I 96 -7.74 28.06 -37.74
C GLN I 96 -6.42 28.48 -37.11
N VAL I 97 -6.43 29.59 -36.37
CA VAL I 97 -5.21 30.08 -35.73
C VAL I 97 -4.73 29.10 -34.66
N THR I 98 -5.66 28.54 -33.89
CA THR I 98 -5.29 27.58 -32.85
C THR I 98 -4.58 26.38 -33.44
N GLN I 99 -5.16 25.78 -34.47
CA GLN I 99 -4.57 24.58 -35.07
C GLN I 99 -3.26 24.89 -35.77
N GLN I 100 -3.17 26.02 -36.46
CA GLN I 100 -1.94 26.34 -37.16
C GLN I 100 -0.82 26.68 -36.19
N LEU I 101 -1.13 27.32 -35.06
CA LEU I 101 -0.12 27.52 -34.02
C LEU I 101 0.33 26.19 -33.44
N ARG I 102 -0.61 25.26 -33.20
CA ARG I 102 -0.23 23.96 -32.67
C ARG I 102 0.71 23.22 -33.62
N LEU I 103 0.38 23.22 -34.91
CA LEU I 103 1.22 22.53 -35.88
C LEU I 103 2.58 23.19 -36.00
N THR I 104 2.62 24.53 -35.95
CA THR I 104 3.88 25.25 -36.01
C THR I 104 4.76 24.92 -34.82
N ILE I 105 4.16 24.79 -33.64
CA ILE I 105 4.94 24.45 -32.44
C ILE I 105 5.47 23.03 -32.53
N GLU I 106 4.66 22.09 -33.03
CA GLU I 106 5.16 20.72 -33.19
C GLU I 106 6.34 20.67 -34.16
N THR I 107 6.24 21.40 -35.27
CA THR I 107 7.35 21.44 -36.22
C THR I 107 8.60 22.07 -35.60
N ILE I 108 8.42 23.11 -34.79
CA ILE I 108 9.57 23.76 -34.16
C ILE I 108 10.26 22.80 -33.19
N LYS I 109 9.49 21.97 -32.49
CA LYS I 109 10.10 21.03 -31.55
C LYS I 109 10.78 19.88 -32.27
N GLU I 110 10.23 19.44 -33.40
CA GLU I 110 10.93 18.44 -34.22
C GLU I 110 12.26 19.00 -34.71
N ARG I 111 12.26 20.26 -35.15
CA ARG I 111 13.51 20.88 -35.57
C ARG I 111 14.50 21.00 -34.42
N GLN I 112 14.00 21.28 -33.21
CA GLN I 112 14.88 21.35 -32.05
C GLN I 112 15.55 20.01 -31.78
N GLU I 113 14.78 18.92 -31.86
CA GLU I 113 15.38 17.60 -31.68
C GLU I 113 16.44 17.31 -32.73
N TYR I 114 16.12 17.61 -34.00
CA TYR I 114 17.09 17.42 -35.07
C TYR I 114 18.37 18.20 -34.81
N GLU I 115 18.24 19.45 -34.39
CA GLU I 115 19.41 20.29 -34.12
C GLU I 115 20.21 19.77 -32.93
N LEU I 116 19.53 19.28 -31.90
CA LEU I 116 20.24 18.73 -30.75
C LEU I 116 21.08 17.52 -31.16
N VAL I 117 20.62 16.74 -32.13
CA VAL I 117 21.46 15.63 -32.58
C VAL I 117 22.50 16.10 -33.59
N ASN I 118 22.15 17.01 -34.49
CA ASN I 118 22.87 17.19 -35.74
C ASN I 118 23.54 18.54 -35.93
N ASN I 119 23.47 19.46 -34.97
CA ASN I 119 24.03 20.77 -35.18
C ASN I 119 25.56 20.70 -35.28
N PRO I 120 26.17 21.41 -36.22
CA PRO I 120 27.63 21.36 -36.36
C PRO I 120 28.39 21.98 -35.19
N GLU I 121 27.72 22.79 -34.36
CA GLU I 121 28.37 23.45 -33.24
C GLU I 121 28.08 22.79 -31.91
N TYR I 122 26.81 22.55 -31.57
CA TYR I 122 26.46 21.97 -30.28
C TYR I 122 25.75 20.64 -30.39
N GLY I 123 25.78 19.98 -31.54
CA GLY I 123 25.17 18.67 -31.64
C GLY I 123 25.95 17.60 -30.92
N LEU I 124 25.25 16.52 -30.57
CA LEU I 124 25.90 15.40 -29.89
C LEU I 124 26.97 14.77 -30.77
N LEU I 125 26.69 14.64 -32.06
CA LEU I 125 27.65 14.00 -32.96
C LEU I 125 28.88 14.86 -33.17
N ALA I 126 28.75 16.17 -33.05
CA ALA I 126 29.86 17.09 -33.26
C ALA I 126 30.70 17.28 -32.01
N GLN I 127 30.09 17.21 -30.83
CA GLN I 127 30.80 17.49 -29.59
C GLN I 127 31.54 16.29 -29.03
N ALA I 128 31.45 15.14 -29.68
CA ALA I 128 32.22 13.98 -29.26
C ALA I 128 33.66 14.08 -29.76
N THR I 129 34.59 13.66 -28.92
CA THR I 129 36.02 13.75 -29.16
C THR I 129 36.54 12.51 -29.86
N PRO I 130 37.66 12.60 -30.58
CA PRO I 130 38.22 11.40 -31.22
C PRO I 130 38.57 10.28 -30.26
N GLU I 131 38.95 10.59 -29.03
CA GLU I 131 39.26 9.57 -28.05
C GLU I 131 38.00 8.87 -27.53
N GLN I 132 36.84 9.49 -27.68
CA GLN I 132 35.57 8.91 -27.25
C GLN I 132 34.80 8.25 -28.38
N THR I 133 35.38 8.15 -29.56
CA THR I 133 34.71 7.62 -30.74
C THR I 133 35.39 6.32 -31.17
N ILE I 134 34.60 5.27 -31.33
CA ILE I 134 35.10 3.95 -31.70
C ILE I 134 34.33 3.45 -32.92
N GLN I 135 34.87 2.41 -33.55
CA GLN I 135 34.30 1.83 -34.75
C GLN I 135 33.86 0.40 -34.48
N THR I 136 32.91 -0.07 -35.28
CA THR I 136 32.47 -1.45 -35.17
C THR I 136 33.57 -2.42 -35.58
N LEU I 137 33.60 -3.56 -34.89
CA LEU I 137 34.62 -4.57 -35.18
C LEU I 137 34.46 -5.15 -36.58
N ALA I 138 33.22 -5.42 -37.00
CA ALA I 138 32.98 -6.03 -38.31
C ALA I 138 31.76 -5.45 -39.01
N GLY I 139 31.46 -4.18 -38.80
CA GLY I 139 30.36 -3.53 -39.49
C GLY I 139 29.04 -3.53 -38.75
N ALA I 140 28.46 -4.69 -38.52
CA ALA I 140 27.16 -4.75 -37.87
C ALA I 140 27.29 -4.49 -36.37
N PRO I 141 26.28 -3.87 -35.75
CA PRO I 141 26.35 -3.57 -34.31
C PRO I 141 26.11 -4.82 -33.49
N THR I 142 27.17 -5.34 -32.88
CA THR I 142 27.11 -6.53 -32.06
C THR I 142 27.17 -6.17 -30.59
N PRO I 143 26.86 -7.12 -29.70
CA PRO I 143 27.00 -6.86 -28.26
C PRO I 143 28.40 -6.46 -27.83
N ASP I 144 29.46 -6.92 -28.51
CA ASP I 144 30.82 -6.48 -28.17
C ASP I 144 31.01 -4.99 -28.38
N ASP I 145 30.48 -4.45 -29.48
CA ASP I 145 30.60 -3.02 -29.75
C ASP I 145 29.88 -2.19 -28.71
N LEU I 146 28.68 -2.61 -28.30
CA LEU I 146 27.96 -1.89 -27.27
C LEU I 146 28.67 -2.01 -25.92
N ASP I 147 29.33 -3.15 -25.67
CA ASP I 147 30.14 -3.29 -24.46
C ASP I 147 31.31 -2.31 -24.45
N ALA I 148 31.98 -2.16 -25.59
CA ALA I 148 33.07 -1.19 -25.70
C ALA I 148 32.56 0.24 -25.48
N LEU I 149 31.42 0.55 -26.07
CA LEU I 149 30.81 1.85 -25.82
C LEU I 149 30.56 2.07 -24.34
N ILE I 150 30.10 1.03 -23.64
CA ILE I 150 29.87 1.15 -22.20
C ILE I 150 31.19 1.38 -21.46
N THR I 151 32.26 0.74 -21.92
CA THR I 151 33.56 1.00 -21.30
C THR I 151 33.96 2.47 -21.43
N LYS I 152 33.57 3.12 -22.53
CA LYS I 152 33.94 4.52 -22.67
C LYS I 152 33.10 5.45 -21.79
N VAL I 153 31.86 5.07 -21.46
CA VAL I 153 30.99 5.89 -20.63
C VAL I 153 30.57 5.13 -19.37
N TRP I 154 31.48 4.35 -18.80
CA TRP I 154 31.15 3.44 -17.70
C TRP I 154 30.57 4.15 -16.48
N LYS I 155 30.80 5.44 -16.29
CA LYS I 155 30.21 6.15 -15.16
C LYS I 155 28.79 6.53 -15.53
N THR I 156 27.84 5.66 -15.14
CA THR I 156 26.40 5.87 -15.21
C THR I 156 25.99 6.30 -16.62
N PRO I 157 25.98 5.40 -17.60
CA PRO I 157 25.33 5.72 -18.87
C PRO I 157 23.82 5.75 -18.72
N ALA I 158 23.18 6.68 -19.43
CA ALA I 158 21.74 6.88 -19.31
C ALA I 158 20.94 6.21 -20.42
N PHE I 159 21.33 6.40 -21.68
CA PHE I 159 20.59 5.78 -22.77
C PHE I 159 21.48 5.66 -23.99
N PHE I 160 21.10 4.73 -24.87
CA PHE I 160 21.64 4.65 -26.22
C PHE I 160 20.71 5.41 -27.16
N LEU I 161 21.28 6.07 -28.16
CA LEU I 161 20.50 6.80 -29.15
C LEU I 161 20.92 6.34 -30.53
N THR I 162 19.94 5.92 -31.34
CA THR I 162 20.22 5.45 -32.69
C THR I 162 18.93 5.52 -33.50
N HIS I 163 19.06 5.29 -34.78
CA HIS I 163 17.96 5.17 -35.72
C HIS I 163 17.22 3.85 -35.50
N PRO I 164 15.91 3.80 -35.79
CA PRO I 164 15.18 2.53 -35.65
C PRO I 164 15.76 1.39 -36.49
N LEU I 165 16.34 1.69 -37.65
CA LEU I 165 17.04 0.67 -38.41
C LEU I 165 18.20 0.09 -37.62
N GLY I 166 18.93 0.94 -36.89
CA GLY I 166 20.00 0.45 -36.05
C GLY I 166 19.51 -0.43 -34.91
N VAL I 167 18.34 -0.10 -34.36
CA VAL I 167 17.74 -0.95 -33.34
C VAL I 167 17.42 -2.32 -33.90
N ALA I 168 16.87 -2.37 -35.13
CA ALA I 168 16.59 -3.65 -35.75
C ALA I 168 17.87 -4.44 -36.02
N ALA I 169 18.92 -3.76 -36.47
CA ALA I 169 20.18 -4.46 -36.75
C ALA I 169 20.81 -5.03 -35.48
N PHE I 170 20.78 -4.26 -34.39
CA PHE I 170 21.26 -4.78 -33.12
C PHE I 170 20.43 -5.96 -32.65
N GLY I 171 19.10 -5.88 -32.80
CA GLY I 171 18.26 -7.01 -32.41
C GLY I 171 18.57 -8.26 -33.20
N ARG I 172 18.82 -8.11 -34.51
CA ARG I 172 19.19 -9.25 -35.32
C ARG I 172 20.50 -9.88 -34.85
N GLU I 173 21.51 -9.04 -34.58
CA GLU I 173 22.79 -9.57 -34.14
C GLU I 173 22.67 -10.25 -32.78
N CYS I 174 21.82 -9.72 -31.91
CA CYS I 174 21.58 -10.36 -30.61
C CYS I 174 20.88 -11.69 -30.77
N THR I 175 19.91 -11.78 -31.69
CA THR I 175 19.21 -13.04 -31.90
C THR I 175 20.13 -14.11 -32.47
N TYR I 176 21.03 -13.73 -33.39
CA TYR I 176 21.96 -14.72 -33.93
C TYR I 176 22.87 -15.29 -32.85
N ARG I 177 23.22 -14.49 -31.86
CA ARG I 177 24.08 -14.94 -30.77
C ARG I 177 23.32 -15.67 -29.68
N GLY I 178 22.01 -15.80 -29.81
CA GLY I 178 21.22 -16.51 -28.82
C GLY I 178 20.95 -15.73 -27.56
N VAL I 179 21.04 -14.41 -27.61
CA VAL I 179 20.85 -13.57 -26.42
C VAL I 179 19.65 -12.66 -26.62
N PRO I 180 18.56 -12.89 -25.90
CA PRO I 180 17.42 -11.96 -25.96
C PRO I 180 17.55 -10.84 -24.94
N PRO I 181 17.64 -9.59 -25.39
CA PRO I 181 17.70 -8.46 -24.45
C PRO I 181 16.32 -8.12 -23.89
N PRO I 182 16.23 -7.77 -22.61
CA PRO I 182 14.93 -7.39 -22.04
C PRO I 182 14.51 -6.02 -22.53
N THR I 183 13.28 -5.65 -22.17
CA THR I 183 12.75 -4.33 -22.51
C THR I 183 12.28 -3.62 -21.24
N VAL I 184 12.18 -2.31 -21.35
CA VAL I 184 11.73 -1.46 -20.26
C VAL I 184 10.60 -0.59 -20.77
N SER I 185 9.73 -0.15 -19.88
CA SER I 185 8.60 0.71 -20.22
C SER I 185 8.89 2.14 -19.78
N MET I 186 8.74 3.09 -20.70
CA MET I 186 9.09 4.47 -20.42
C MET I 186 8.46 5.38 -21.47
N TYR I 187 7.73 6.40 -21.02
CA TYR I 187 7.05 7.39 -21.87
C TYR I 187 6.06 6.72 -22.82
N GLY I 188 5.37 5.69 -22.35
CA GLY I 188 4.44 4.99 -23.19
C GLY I 188 5.06 4.18 -24.30
N ALA I 189 6.31 3.76 -24.14
CA ALA I 189 7.04 3.03 -25.16
C ALA I 189 7.77 1.85 -24.53
N GLN I 190 8.21 0.93 -25.38
CA GLN I 190 9.00 -0.22 -24.97
C GLN I 190 10.40 -0.11 -25.56
N PHE I 191 11.41 -0.17 -24.71
CA PHE I 191 12.79 0.05 -25.11
C PHE I 191 13.62 -1.19 -24.84
N ILE I 192 14.38 -1.62 -25.85
CA ILE I 192 15.40 -2.64 -25.65
C ILE I 192 16.50 -2.07 -24.77
N THR I 193 16.94 -2.86 -23.80
CA THR I 193 18.04 -2.47 -22.91
C THR I 193 19.22 -3.42 -23.11
N TRP I 194 20.41 -2.86 -23.17
CA TRP I 194 21.65 -3.63 -23.10
C TRP I 194 22.38 -3.27 -21.82
N ARG I 195 22.62 -4.26 -20.97
CA ARG I 195 23.21 -4.07 -19.65
C ARG I 195 22.41 -3.05 -18.84
N GLY I 196 21.09 -3.10 -18.99
CA GLY I 196 20.19 -2.23 -18.26
C GLY I 196 20.05 -0.83 -18.80
N ILE I 197 20.67 -0.52 -19.93
CA ILE I 197 20.65 0.82 -20.51
C ILE I 197 19.68 0.82 -21.68
N PRO I 198 18.65 1.66 -21.69
CA PRO I 198 17.70 1.68 -22.81
C PRO I 198 18.35 2.07 -24.12
N ILE I 199 17.87 1.47 -25.20
CA ILE I 199 18.25 1.84 -26.56
C ILE I 199 17.05 2.55 -27.16
N VAL I 200 17.21 3.84 -27.40
CA VAL I 200 16.11 4.75 -27.73
C VAL I 200 16.16 5.06 -29.22
N PRO I 201 15.07 4.87 -29.96
CA PRO I 201 15.09 5.16 -31.40
C PRO I 201 14.84 6.63 -31.69
N SER I 202 15.53 7.14 -32.69
CA SER I 202 15.39 8.52 -33.12
C SER I 202 15.63 8.58 -34.62
N ASP I 203 14.66 9.13 -35.36
CA ASP I 203 14.82 9.25 -36.80
C ASP I 203 15.69 10.42 -37.21
N LYS I 204 16.08 11.27 -36.27
CA LYS I 204 17.00 12.36 -36.57
C LYS I 204 18.45 11.91 -36.60
N VAL I 205 18.74 10.69 -36.16
CA VAL I 205 20.08 10.10 -36.26
C VAL I 205 20.30 9.70 -37.72
N PRO I 206 21.33 10.22 -38.38
CA PRO I 206 21.45 10.00 -39.83
C PRO I 206 21.77 8.56 -40.19
N VAL I 207 21.30 8.16 -41.37
CA VAL I 207 21.64 6.89 -41.99
C VAL I 207 22.08 7.21 -43.42
N GLU I 208 23.38 7.16 -43.68
CA GLU I 208 23.94 7.42 -45.00
C GLU I 208 24.71 6.21 -45.48
N ASP I 209 24.46 5.81 -46.73
CA ASP I 209 25.14 4.68 -47.35
C ASP I 209 24.90 3.38 -46.57
N GLY I 210 23.77 3.29 -45.88
CA GLY I 210 23.48 2.13 -45.08
C GLY I 210 24.17 2.06 -43.74
N THR I 211 24.79 3.15 -43.30
CA THR I 211 25.51 3.19 -42.02
C THR I 211 24.90 4.26 -41.13
N THR I 212 24.70 3.92 -39.86
CA THR I 212 24.19 4.84 -38.86
C THR I 212 25.20 4.93 -37.72
N LYS I 213 24.82 5.59 -36.63
CA LYS I 213 25.65 5.74 -35.46
C LYS I 213 24.90 5.29 -34.22
N PHE I 214 25.66 4.88 -33.22
CA PHE I 214 25.15 4.64 -31.87
C PHE I 214 25.80 5.67 -30.95
N VAL I 215 25.00 6.28 -30.08
CA VAL I 215 25.47 7.32 -29.18
C VAL I 215 25.13 6.91 -27.75
N LEU I 216 26.13 6.88 -26.88
CA LEU I 216 25.94 6.63 -25.46
C LEU I 216 26.14 7.94 -24.70
N VAL I 217 25.18 8.26 -23.83
CA VAL I 217 25.09 9.58 -23.22
C VAL I 217 24.78 9.42 -21.73
N ARG I 218 25.50 10.18 -20.90
CA ARG I 218 25.12 10.40 -19.51
C ARG I 218 24.61 11.82 -19.36
N THR I 219 23.40 11.98 -18.82
CA THR I 219 22.77 13.28 -18.68
C THR I 219 22.74 13.72 -17.23
N GLY I 220 22.83 15.02 -17.02
CA GLY I 220 22.73 15.60 -15.69
C GLY I 220 23.80 16.63 -15.42
N GLU I 221 23.43 17.66 -14.67
CA GLU I 221 24.39 18.70 -14.29
C GLU I 221 25.11 18.37 -12.99
N GLU I 222 24.45 17.67 -12.08
CA GLU I 222 25.05 17.31 -10.79
C GLU I 222 25.87 16.03 -10.87
N ARG I 223 25.95 15.41 -12.04
CA ARG I 223 26.85 14.28 -12.26
C ARG I 223 27.79 14.53 -13.42
N GLN I 224 27.98 15.81 -13.80
CA GLN I 224 28.90 16.21 -14.85
C GLN I 224 28.59 15.51 -16.18
N GLY I 225 27.33 15.57 -16.58
CA GLY I 225 26.89 14.92 -17.80
C GLY I 225 26.57 15.87 -18.94
N VAL I 226 25.46 15.62 -19.62
CA VAL I 226 25.02 16.42 -20.76
C VAL I 226 23.70 17.07 -20.41
N VAL I 227 23.61 18.38 -20.62
CA VAL I 227 22.42 19.16 -20.32
C VAL I 227 22.04 19.99 -21.53
N GLY I 228 20.73 20.06 -21.80
CA GLY I 228 20.22 21.03 -22.74
C GLY I 228 19.97 22.38 -22.09
N LEU I 229 20.00 23.42 -22.92
CA LEU I 229 19.92 24.80 -22.44
C LEU I 229 18.75 25.51 -23.09
N PHE I 230 18.02 26.29 -22.29
CA PHE I 230 16.90 27.09 -22.78
C PHE I 230 16.87 28.42 -22.04
N GLN I 231 16.19 29.39 -22.64
CA GLN I 231 16.11 30.73 -22.09
C GLN I 231 14.73 30.96 -21.50
N PRO I 232 14.61 31.31 -20.22
CA PRO I 232 13.31 31.56 -19.62
C PRO I 232 12.93 33.04 -19.69
N GLY I 233 11.68 33.32 -19.32
CA GLY I 233 11.20 34.69 -19.25
C GLY I 233 11.16 35.44 -20.57
N LEU I 234 10.60 34.82 -21.60
CA LEU I 234 10.48 35.44 -22.91
C LEU I 234 9.08 35.99 -23.13
N VAL I 235 8.94 36.79 -24.18
CA VAL I 235 7.65 37.35 -24.55
C VAL I 235 6.80 36.27 -25.20
N GLY I 236 5.57 36.10 -24.71
CA GLY I 236 4.67 35.09 -25.24
C GLY I 236 5.13 33.67 -25.00
N GLU I 237 5.65 33.38 -23.81
CA GLU I 237 6.17 32.04 -23.53
C GLU I 237 5.03 31.05 -23.34
N GLN I 238 5.17 29.88 -23.98
CA GLN I 238 4.24 28.78 -23.83
C GLN I 238 4.91 27.55 -23.24
N ALA I 239 6.03 27.13 -23.79
CA ALA I 239 6.85 26.03 -23.32
C ALA I 239 8.24 26.57 -22.97
N PRO I 240 9.02 25.82 -22.17
CA PRO I 240 10.38 26.26 -21.84
C PRO I 240 11.19 26.67 -23.07
N GLY I 241 11.55 27.95 -23.13
CA GLY I 241 12.31 28.48 -24.24
C GLY I 241 11.51 28.82 -25.47
N LEU I 242 10.21 28.56 -25.47
CA LEU I 242 9.37 28.71 -26.65
C LEU I 242 8.55 29.98 -26.53
N SER I 243 8.66 30.85 -27.54
CA SER I 243 8.03 32.16 -27.52
C SER I 243 7.15 32.31 -28.77
N VAL I 244 5.91 32.76 -28.56
CA VAL I 244 5.01 33.10 -29.65
C VAL I 244 4.68 34.58 -29.52
N ARG I 245 4.93 35.33 -30.59
CA ARG I 245 4.69 36.77 -30.55
C ARG I 245 4.01 37.21 -31.84
N PHE I 246 3.16 38.21 -31.72
CA PHE I 246 2.31 38.66 -32.82
C PHE I 246 3.02 39.84 -33.50
N THR I 247 3.42 39.65 -34.74
CA THR I 247 4.18 40.65 -35.48
C THR I 247 3.28 41.46 -36.41
N GLY I 248 2.29 42.13 -35.81
CA GLY I 248 1.51 43.10 -36.53
C GLY I 248 0.60 42.52 -37.62
N ILE I 249 0.05 43.43 -38.41
CA ILE I 249 -0.93 43.14 -39.44
C ILE I 249 -0.50 43.85 -40.72
N ASN I 250 -0.56 43.13 -41.84
CA ASN I 250 -0.18 43.70 -43.14
C ASN I 250 -1.41 44.31 -43.81
N ARG I 251 -1.27 44.67 -45.09
CA ARG I 251 -2.38 45.32 -45.79
C ARG I 251 -3.50 44.36 -46.12
N SER I 252 -3.18 43.08 -46.38
CA SER I 252 -4.17 42.08 -46.74
C SER I 252 -4.82 41.42 -45.53
N ALA I 253 -4.67 42.02 -44.33
CA ALA I 253 -5.22 41.48 -43.10
C ALA I 253 -4.68 40.08 -42.79
N ILE I 254 -3.46 39.80 -43.23
CA ILE I 254 -2.82 38.52 -42.97
C ILE I 254 -1.96 38.70 -41.72
N ALA I 255 -2.48 38.28 -40.57
CA ALA I 255 -1.74 38.37 -39.32
C ALA I 255 -0.56 37.40 -39.34
N SER I 256 0.52 37.80 -38.67
CA SER I 256 1.74 37.02 -38.61
C SER I 256 2.12 36.75 -37.16
N TYR I 257 2.66 35.57 -36.92
CA TYR I 257 3.18 35.19 -35.62
C TYR I 257 4.61 34.70 -35.79
N LEU I 258 5.48 35.09 -34.88
CA LEU I 258 6.85 34.60 -34.86
C LEU I 258 7.00 33.63 -33.69
N VAL I 259 7.43 32.41 -33.99
CA VAL I 259 7.63 31.35 -33.00
C VAL I 259 9.12 31.07 -32.92
N THR I 260 9.68 31.13 -31.72
CA THR I 260 11.12 31.08 -31.53
C THR I 260 11.47 30.09 -30.43
N LEU I 261 12.62 29.44 -30.59
CA LEU I 261 13.14 28.48 -29.63
C LEU I 261 14.65 28.64 -29.57
N TYR I 262 15.18 29.16 -28.48
CA TYR I 262 16.62 29.32 -28.29
C TYR I 262 17.16 28.08 -27.59
N THR I 263 18.13 27.42 -28.23
CA THR I 263 18.54 26.09 -27.84
C THR I 263 20.06 25.97 -27.92
N SER I 264 20.64 25.23 -26.98
CA SER I 264 22.01 24.78 -27.06
C SER I 264 22.16 23.54 -26.19
N LEU I 265 23.29 22.88 -26.33
CA LEU I 265 23.60 21.65 -25.61
C LEU I 265 24.99 21.77 -25.01
N ALA I 266 25.14 21.35 -23.77
CA ALA I 266 26.41 21.44 -23.05
C ALA I 266 26.86 20.06 -22.59
N VAL I 267 28.14 19.76 -22.79
CA VAL I 267 28.77 18.57 -22.25
C VAL I 267 29.74 19.03 -21.17
N LEU I 268 29.47 18.64 -19.93
CA LEU I 268 30.27 19.14 -18.80
C LEU I 268 31.61 18.41 -18.72
N THR I 269 31.62 17.11 -18.96
CA THR I 269 32.85 16.33 -18.99
C THR I 269 32.88 15.52 -20.28
N ASP I 270 34.08 15.34 -20.82
CA ASP I 270 34.21 14.68 -22.12
C ASP I 270 33.79 13.22 -22.08
N ASP I 271 34.00 12.55 -20.95
CA ASP I 271 33.65 11.14 -20.82
C ASP I 271 32.17 10.92 -20.55
N ALA I 272 31.34 11.92 -20.79
CA ALA I 272 29.89 11.78 -20.68
C ALA I 272 29.24 11.44 -22.03
N LEU I 273 30.02 11.24 -23.07
CA LEU I 273 29.50 11.11 -24.42
C LEU I 273 30.46 10.27 -25.25
N ALA I 274 29.95 9.21 -25.87
CA ALA I 274 30.74 8.39 -26.78
C ALA I 274 29.88 8.03 -27.98
N VAL I 275 30.54 7.83 -29.11
CA VAL I 275 29.87 7.56 -30.38
C VAL I 275 30.48 6.31 -31.00
N LEU I 276 29.63 5.39 -31.43
CA LEU I 276 30.03 4.23 -32.21
C LEU I 276 29.77 4.51 -33.69
N ASP I 277 30.81 4.46 -34.49
CA ASP I 277 30.75 4.83 -35.90
C ASP I 277 30.72 3.59 -36.79
N GLY I 278 30.27 3.81 -38.03
CA GLY I 278 30.28 2.77 -39.04
C GLY I 278 29.37 1.59 -38.76
N VAL I 279 28.14 1.86 -38.31
CA VAL I 279 27.20 0.82 -37.93
C VAL I 279 26.37 0.44 -39.16
N ALA I 280 26.62 -0.75 -39.70
CA ALA I 280 25.87 -1.23 -40.85
C ALA I 280 24.53 -1.78 -40.42
N VAL I 281 23.48 -1.46 -41.18
CA VAL I 281 22.11 -1.77 -40.81
C VAL I 281 21.44 -2.71 -41.81
N ASP I 282 22.19 -3.31 -42.72
CA ASP I 282 21.62 -4.16 -43.75
C ASP I 282 22.38 -5.47 -43.89
N GLN I 283 22.67 -6.12 -42.77
CA GLN I 283 23.35 -7.40 -42.77
C GLN I 283 22.45 -8.45 -42.13
N PHE I 284 22.38 -9.62 -42.76
CA PHE I 284 21.48 -10.67 -42.36
C PHE I 284 22.22 -12.00 -42.29
N HIS I 285 21.77 -12.87 -41.40
CA HIS I 285 22.37 -14.18 -41.19
C HIS I 285 21.54 -15.25 -41.87
N GLU I 286 22.21 -16.33 -42.28
CA GLU I 286 21.54 -17.45 -42.91
C GLU I 286 21.15 -18.49 -41.87
N TYR I 287 20.10 -19.25 -42.18
CA TYR I 287 19.51 -20.20 -41.26
C TYR I 287 19.00 -21.39 -42.08
N GLN I 288 18.10 -22.17 -41.48
CA GLN I 288 17.49 -23.33 -42.15
C GLN I 288 18.54 -24.41 -42.40
N ALA J 1 -36.85 -35.49 -11.09
CA ALA J 1 -37.44 -34.21 -10.74
C ALA J 1 -36.81 -33.07 -11.54
N ASN J 2 -36.34 -32.05 -10.82
CA ASN J 2 -35.69 -30.93 -11.47
C ASN J 2 -34.30 -31.30 -11.97
N ALA J 3 -33.88 -30.65 -13.05
CA ALA J 3 -32.52 -30.76 -13.56
C ALA J 3 -31.91 -29.37 -13.64
N THR J 4 -30.68 -29.24 -13.16
CA THR J 4 -29.97 -27.96 -13.29
C THR J 4 -29.57 -27.78 -14.75
N LYS J 5 -29.95 -26.64 -15.33
CA LYS J 5 -29.74 -26.36 -16.74
C LYS J 5 -28.66 -25.32 -16.92
N THR J 6 -28.31 -25.09 -18.18
CA THR J 6 -27.40 -24.04 -18.59
C THR J 6 -28.07 -23.14 -19.61
N VAL J 7 -27.56 -21.92 -19.72
CA VAL J 7 -27.91 -21.05 -20.84
C VAL J 7 -27.29 -21.70 -22.07
N PRO J 8 -27.84 -21.49 -23.27
CA PRO J 8 -27.29 -22.18 -24.45
C PRO J 8 -25.83 -21.83 -24.68
N GLN J 9 -25.09 -22.81 -25.20
CA GLN J 9 -23.66 -22.67 -25.45
C GLN J 9 -23.41 -22.53 -26.94
N LEU J 10 -22.69 -21.48 -27.31
CA LEU J 10 -22.33 -21.19 -28.69
C LEU J 10 -20.84 -21.42 -28.87
N SER J 11 -20.47 -22.28 -29.82
CA SER J 11 -19.07 -22.61 -30.01
C SER J 11 -18.29 -21.54 -30.76
N THR J 12 -18.98 -20.61 -31.42
CA THR J 12 -18.32 -19.56 -32.18
C THR J 12 -18.03 -18.31 -31.38
N ILE J 13 -18.31 -18.31 -30.07
CA ILE J 13 -17.97 -17.17 -29.24
C ILE J 13 -16.47 -17.16 -29.01
N THR J 14 -15.82 -16.11 -29.48
CA THR J 14 -14.39 -15.91 -29.30
C THR J 14 -14.14 -14.78 -28.32
N PRO J 15 -12.96 -14.74 -27.69
CA PRO J 15 -12.68 -13.67 -26.72
C PRO J 15 -12.76 -12.27 -27.31
N ARG J 16 -12.55 -12.10 -28.62
CA ARG J 16 -12.67 -10.81 -29.30
C ARG J 16 -11.76 -9.76 -28.64
N PHE J 17 -10.47 -10.07 -28.61
CA PHE J 17 -9.51 -9.16 -28.00
C PHE J 17 -9.38 -7.87 -28.78
N LEU J 18 -9.60 -7.91 -30.10
CA LEU J 18 -9.45 -6.73 -30.93
C LEU J 18 -10.48 -5.65 -30.56
N LEU J 19 -11.67 -6.05 -30.16
CA LEU J 19 -12.68 -5.08 -29.76
C LEU J 19 -12.32 -4.39 -28.45
N HIS J 20 -11.40 -4.94 -27.67
CA HIS J 20 -10.92 -4.32 -26.45
C HIS J 20 -9.59 -3.60 -26.63
N LEU J 21 -8.79 -4.02 -27.60
CA LEU J 21 -7.51 -3.40 -27.87
C LEU J 21 -7.64 -2.09 -28.62
N LEU J 22 -8.71 -1.93 -29.40
CA LEU J 22 -8.93 -0.73 -30.17
C LEU J 22 -9.47 0.38 -29.29
N SER J 23 -9.28 1.61 -29.76
CA SER J 23 -9.88 2.79 -29.14
C SER J 23 -11.11 3.19 -29.95
N TRP J 24 -12.20 3.50 -29.27
CA TRP J 24 -13.49 3.72 -29.89
C TRP J 24 -13.91 5.18 -29.77
N VAL J 25 -14.19 5.80 -30.90
CA VAL J 25 -14.56 7.21 -30.99
C VAL J 25 -16.03 7.28 -31.37
N PRO J 26 -16.86 8.04 -30.66
CA PRO J 26 -18.26 8.19 -31.06
C PRO J 26 -18.42 9.19 -32.21
N VAL J 27 -19.29 8.83 -33.15
CA VAL J 27 -19.60 9.66 -34.30
C VAL J 27 -21.08 10.00 -34.21
N GLU J 28 -21.39 11.29 -33.98
CA GLU J 28 -22.75 11.68 -33.67
C GLU J 28 -23.66 11.79 -34.88
N ALA J 29 -23.12 11.68 -36.10
CA ALA J 29 -23.99 11.71 -37.27
C ALA J 29 -23.53 10.72 -38.35
N GLY J 30 -22.69 9.75 -38.00
CA GLY J 30 -22.30 8.72 -38.92
C GLY J 30 -21.21 9.08 -39.90
N ILE J 31 -20.65 10.28 -39.81
CA ILE J 31 -19.61 10.74 -40.73
C ILE J 31 -18.40 11.17 -39.90
N TYR J 32 -17.23 10.70 -40.30
CA TYR J 32 -15.97 11.03 -39.65
C TYR J 32 -15.02 11.57 -40.71
N ARG J 33 -14.44 12.73 -40.45
CA ARG J 33 -13.50 13.35 -41.36
C ARG J 33 -12.12 13.37 -40.73
N VAL J 34 -11.12 12.92 -41.48
CA VAL J 34 -9.73 12.94 -41.05
C VAL J 34 -8.98 13.90 -41.95
N ASN J 35 -8.44 14.95 -41.31
CA ASN J 35 -7.71 15.99 -41.99
C ASN J 35 -6.26 15.81 -41.83
N ARG J 36 -5.63 15.52 -42.90
CA ARG J 36 -4.29 15.22 -42.84
C ARG J 36 -3.46 16.18 -43.61
N VAL J 37 -2.35 16.70 -43.07
CA VAL J 37 -1.54 17.69 -43.71
C VAL J 37 -0.83 17.13 -44.89
N VAL J 38 -1.09 17.66 -46.07
CA VAL J 38 -0.59 17.19 -47.33
C VAL J 38 0.85 17.29 -47.62
N ASN J 39 1.47 18.37 -47.24
CA ASN J 39 2.87 18.43 -47.39
C ASN J 39 3.29 18.48 -46.01
N PRO J 40 4.00 17.47 -45.60
CA PRO J 40 4.27 17.55 -44.17
C PRO J 40 5.58 18.18 -43.79
N TYR J 64 -0.31 25.26 -43.65
CA TYR J 64 -0.52 23.83 -43.80
C TYR J 64 -1.84 23.54 -44.49
N GLU J 65 -1.77 23.03 -45.72
CA GLU J 65 -2.96 22.60 -46.44
C GLU J 65 -3.29 21.15 -46.07
N THR J 66 -4.58 20.83 -46.12
CA THR J 66 -5.05 19.53 -45.67
C THR J 66 -5.96 18.91 -46.71
N HIS J 67 -5.91 17.57 -46.81
CA HIS J 67 -6.81 16.83 -47.67
C HIS J 67 -7.68 15.91 -46.81
N PRO J 68 -9.01 16.01 -46.86
CA PRO J 68 -9.85 15.21 -45.98
C PRO J 68 -10.16 13.82 -46.53
N ARG J 69 -10.20 12.85 -45.63
CA ARG J 69 -10.65 11.50 -45.91
C ARG J 69 -11.88 11.23 -45.05
N GLU J 70 -12.95 10.75 -45.66
CA GLU J 70 -14.23 10.60 -45.00
C GLU J 70 -14.52 9.14 -44.69
N TYR J 71 -15.02 8.89 -43.48
CA TYR J 71 -15.42 7.57 -43.01
C TYR J 71 -16.89 7.63 -42.63
N THR J 72 -17.73 6.90 -43.35
CA THR J 72 -19.15 6.80 -43.02
C THR J 72 -19.45 5.40 -42.48
N LEU J 73 -20.15 5.35 -41.35
CA LEU J 73 -20.40 4.10 -40.65
C LEU J 73 -21.30 3.19 -41.47
N ARG J 74 -20.97 1.91 -41.49
CA ARG J 74 -21.73 0.91 -42.22
C ARG J 74 -22.45 -0.01 -41.25
N SER J 75 -23.57 -0.57 -41.71
CA SER J 75 -24.47 -1.31 -40.83
C SER J 75 -24.15 -2.80 -40.84
N ILE J 76 -24.00 -3.36 -39.65
CA ILE J 76 -24.03 -4.80 -39.42
C ILE J 76 -25.37 -5.09 -38.75
N SER J 77 -26.22 -5.87 -39.41
CA SER J 77 -27.60 -6.01 -39.00
C SER J 77 -28.05 -7.47 -39.10
N THR J 78 -29.05 -7.82 -38.29
CA THR J 78 -29.70 -9.11 -38.36
C THR J 78 -31.11 -8.99 -37.83
N LEU J 79 -32.04 -9.71 -38.46
CA LEU J 79 -33.44 -9.73 -38.04
C LEU J 79 -33.69 -11.03 -37.28
N LEU J 80 -34.17 -10.90 -36.05
CA LEU J 80 -34.41 -12.03 -35.17
C LEU J 80 -35.92 -12.21 -35.01
N ASP J 81 -36.42 -13.40 -35.37
CA ASP J 81 -37.83 -13.74 -35.25
C ASP J 81 -37.99 -14.71 -34.09
N VAL J 82 -38.65 -14.26 -33.03
CA VAL J 82 -38.96 -15.11 -31.89
C VAL J 82 -40.36 -15.66 -32.07
N HIS J 83 -40.51 -16.97 -31.90
CA HIS J 83 -41.76 -17.66 -32.17
C HIS J 83 -42.54 -17.92 -30.89
N THR J 84 -43.84 -18.15 -31.06
CA THR J 84 -44.69 -18.67 -29.99
C THR J 84 -44.71 -20.20 -30.05
N ARG J 85 -43.51 -20.77 -30.10
CA ARG J 85 -43.31 -22.19 -30.28
C ARG J 85 -42.89 -22.82 -28.95
N VAL J 86 -42.61 -24.12 -28.98
CA VAL J 86 -42.41 -24.89 -27.76
C VAL J 86 -41.04 -24.64 -27.15
N SER J 87 -39.97 -25.03 -27.86
CA SER J 87 -38.59 -24.84 -27.41
C SER J 87 -38.40 -25.33 -25.98
N ASP J 88 -38.42 -26.66 -25.83
CA ASP J 88 -38.43 -27.26 -24.49
C ASP J 88 -37.06 -27.19 -23.83
N LEU J 89 -36.51 -25.99 -23.72
CA LEU J 89 -35.30 -25.77 -22.93
C LEU J 89 -35.34 -24.44 -22.20
N TYR J 90 -36.49 -23.75 -22.21
CA TYR J 90 -36.57 -22.36 -21.78
C TYR J 90 -37.56 -22.11 -20.66
N SER J 91 -38.65 -22.86 -20.60
CA SER J 91 -39.61 -22.80 -19.49
C SER J 91 -40.44 -21.52 -19.45
N SER J 92 -40.14 -20.56 -20.33
CA SER J 92 -40.95 -19.35 -20.41
C SER J 92 -40.66 -18.68 -21.74
N PRO J 93 -41.65 -18.02 -22.33
CA PRO J 93 -41.36 -17.15 -23.48
C PRO J 93 -40.40 -16.03 -23.14
N HIS J 94 -40.35 -15.58 -21.89
CA HIS J 94 -39.43 -14.53 -21.50
C HIS J 94 -37.98 -15.02 -21.53
N ASP J 95 -37.74 -16.25 -21.08
CA ASP J 95 -36.38 -16.78 -21.10
C ASP J 95 -35.92 -17.10 -22.51
N GLN J 96 -36.85 -17.51 -23.38
CA GLN J 96 -36.50 -17.77 -24.77
C GLN J 96 -36.03 -16.50 -25.46
N VAL J 97 -36.77 -15.41 -25.30
CA VAL J 97 -36.40 -14.14 -25.92
C VAL J 97 -35.08 -13.62 -25.35
N THR J 98 -34.89 -13.74 -24.03
CA THR J 98 -33.66 -13.28 -23.42
C THR J 98 -32.44 -14.00 -23.99
N GLN J 99 -32.51 -15.33 -24.05
CA GLN J 99 -31.37 -16.10 -24.53
C GLN J 99 -31.13 -15.87 -26.01
N GLN J 100 -32.20 -15.79 -26.80
CA GLN J 100 -32.02 -15.60 -28.23
C GLN J 100 -31.49 -14.20 -28.55
N LEU J 101 -31.90 -13.19 -27.79
CA LEU J 101 -31.29 -11.87 -27.94
C LEU J 101 -29.82 -11.89 -27.56
N ARG J 102 -29.46 -12.59 -26.48
CA ARG J 102 -28.06 -12.68 -26.08
C ARG J 102 -27.21 -13.33 -27.17
N LEU J 103 -27.69 -14.44 -27.73
CA LEU J 103 -26.95 -15.13 -28.78
C LEU J 103 -26.85 -14.27 -30.03
N THR J 104 -27.92 -13.57 -30.38
CA THR J 104 -27.89 -12.68 -31.53
C THR J 104 -26.88 -11.57 -31.36
N ILE J 105 -26.78 -11.02 -30.15
CA ILE J 105 -25.81 -9.95 -29.90
C ILE J 105 -24.39 -10.48 -29.97
N GLU J 106 -24.15 -11.69 -29.43
CA GLU J 106 -22.81 -12.27 -29.54
C GLU J 106 -22.41 -12.48 -31.00
N THR J 107 -23.34 -12.99 -31.81
CA THR J 107 -23.04 -13.18 -33.23
C THR J 107 -22.79 -11.84 -33.93
N ILE J 108 -23.54 -10.80 -33.57
CA ILE J 108 -23.34 -9.50 -34.20
C ILE J 108 -21.96 -8.94 -33.86
N LYS J 109 -21.48 -9.20 -32.63
CA LYS J 109 -20.17 -8.68 -32.26
C LYS J 109 -19.04 -9.48 -32.90
N GLU J 110 -19.24 -10.79 -33.08
CA GLU J 110 -18.27 -11.57 -33.85
C GLU J 110 -18.18 -11.07 -35.28
N ARG J 111 -19.33 -10.76 -35.88
CA ARG J 111 -19.33 -10.21 -37.24
C ARG J 111 -18.64 -8.86 -37.28
N GLN J 112 -18.81 -8.05 -36.22
CA GLN J 112 -18.14 -6.75 -36.18
C GLN J 112 -16.64 -6.92 -36.15
N GLU J 113 -16.13 -7.86 -35.36
CA GLU J 113 -14.69 -8.11 -35.33
C GLU J 113 -14.19 -8.58 -36.70
N TYR J 114 -14.91 -9.50 -37.33
CA TYR J 114 -14.53 -9.97 -38.66
C TYR J 114 -14.47 -8.80 -39.64
N GLU J 115 -15.47 -7.92 -39.61
CA GLU J 115 -15.50 -6.79 -40.53
C GLU J 115 -14.37 -5.81 -40.25
N LEU J 116 -14.05 -5.58 -38.98
CA LEU J 116 -12.95 -4.69 -38.65
C LEU J 116 -11.63 -5.21 -39.20
N VAL J 117 -11.45 -6.53 -39.26
CA VAL J 117 -10.23 -7.04 -39.86
C VAL J 117 -10.34 -7.10 -41.39
N ASN J 118 -11.51 -7.47 -41.92
CA ASN J 118 -11.60 -7.97 -43.28
C ASN J 118 -12.43 -7.15 -44.25
N ASN J 119 -12.97 -6.02 -43.84
CA ASN J 119 -13.84 -5.26 -44.74
C ASN J 119 -13.02 -4.70 -45.91
N PRO J 120 -13.55 -4.77 -47.13
CA PRO J 120 -12.80 -4.24 -48.28
C PRO J 120 -12.65 -2.73 -48.28
N GLU J 121 -13.44 -2.01 -47.48
CA GLU J 121 -13.38 -0.55 -47.44
C GLU J 121 -12.64 -0.02 -46.22
N TYR J 122 -13.00 -0.45 -45.02
CA TYR J 122 -12.38 0.07 -43.81
C TYR J 122 -11.66 -1.00 -42.99
N GLY J 123 -11.38 -2.17 -43.56
CA GLY J 123 -10.65 -3.17 -42.82
C GLY J 123 -9.17 -2.82 -42.68
N LEU J 124 -8.55 -3.40 -41.65
CA LEU J 124 -7.13 -3.16 -41.42
C LEU J 124 -6.29 -3.65 -42.59
N LEU J 125 -6.64 -4.80 -43.15
CA LEU J 125 -5.86 -5.36 -44.24
C LEU J 125 -6.00 -4.54 -45.52
N ALA J 126 -7.12 -3.85 -45.68
CA ALA J 126 -7.37 -3.06 -46.88
C ALA J 126 -6.80 -1.65 -46.77
N GLN J 127 -6.75 -1.09 -45.58
CA GLN J 127 -6.32 0.29 -45.40
C GLN J 127 -4.82 0.44 -45.28
N ALA J 128 -4.07 -0.65 -45.32
CA ALA J 128 -2.62 -0.58 -45.33
C ALA J 128 -2.10 -0.25 -46.72
N THR J 129 -1.07 0.58 -46.78
CA THR J 129 -0.49 1.08 -48.01
C THR J 129 0.63 0.18 -48.49
N PRO J 130 0.93 0.20 -49.79
CA PRO J 130 2.04 -0.63 -50.30
C PRO J 130 3.39 -0.32 -49.66
N GLU J 131 3.63 0.93 -49.27
CA GLU J 131 4.88 1.29 -48.60
C GLU J 131 4.95 0.76 -47.18
N GLN J 132 3.81 0.43 -46.57
CA GLN J 132 3.76 -0.09 -45.22
C GLN J 132 3.64 -1.61 -45.18
N THR J 133 3.72 -2.28 -46.32
CA THR J 133 3.53 -3.72 -46.41
C THR J 133 4.84 -4.37 -46.84
N ILE J 134 5.28 -5.38 -46.08
CA ILE J 134 6.53 -6.08 -46.33
C ILE J 134 6.25 -7.58 -46.38
N GLN J 135 7.22 -8.32 -46.91
CA GLN J 135 7.11 -9.76 -47.07
C GLN J 135 8.14 -10.47 -46.21
N THR J 136 7.85 -11.73 -45.89
CA THR J 136 8.79 -12.52 -45.12
C THR J 136 10.05 -12.81 -45.93
N LEU J 137 11.19 -12.86 -45.24
CA LEU J 137 12.45 -13.12 -45.90
C LEU J 137 12.50 -14.52 -46.50
N ALA J 138 12.00 -15.52 -45.77
CA ALA J 138 12.06 -16.90 -46.25
C ALA J 138 10.79 -17.69 -45.94
N GLY J 139 9.64 -17.03 -45.91
CA GLY J 139 8.38 -17.72 -45.69
C GLY J 139 7.89 -17.76 -44.26
N ALA J 140 8.61 -18.43 -43.39
CA ALA J 140 8.18 -18.54 -42.01
C ALA J 140 8.40 -17.24 -41.25
N PRO J 141 7.54 -16.93 -40.28
CA PRO J 141 7.69 -15.68 -39.51
C PRO J 141 8.80 -15.79 -38.49
N THR J 142 9.91 -15.12 -38.76
CA THR J 142 11.08 -15.14 -37.90
C THR J 142 11.17 -13.84 -37.12
N PRO J 143 12.03 -13.80 -36.09
CA PRO J 143 12.25 -12.53 -35.38
C PRO J 143 12.72 -11.37 -36.25
N ASP J 144 13.46 -11.63 -37.33
CA ASP J 144 13.87 -10.56 -38.24
C ASP J 144 12.68 -9.89 -38.90
N ASP J 145 11.69 -10.67 -39.33
CA ASP J 145 10.51 -10.11 -39.97
C ASP J 145 9.71 -9.24 -39.00
N LEU J 146 9.57 -9.69 -37.76
CA LEU J 146 8.87 -8.89 -36.77
C LEU J 146 9.65 -7.62 -36.43
N ASP J 147 10.99 -7.71 -36.46
CA ASP J 147 11.82 -6.51 -36.27
C ASP J 147 11.60 -5.50 -37.39
N ALA J 148 11.53 -5.98 -38.63
CA ALA J 148 11.25 -5.09 -39.76
C ALA J 148 9.87 -4.45 -39.62
N LEU J 149 8.87 -5.24 -39.22
CA LEU J 149 7.56 -4.68 -38.96
C LEU J 149 7.63 -3.58 -37.92
N ILE J 150 8.43 -3.79 -36.87
CA ILE J 150 8.57 -2.75 -35.84
C ILE J 150 9.23 -1.51 -36.41
N THR J 151 10.19 -1.68 -37.32
CA THR J 151 10.78 -0.50 -37.96
C THR J 151 9.73 0.30 -38.72
N LYS J 152 8.73 -0.36 -39.29
CA LYS J 152 7.71 0.39 -40.02
C LYS J 152 6.74 1.13 -39.10
N VAL J 153 6.52 0.64 -37.87
CA VAL J 153 5.61 1.27 -36.93
C VAL J 153 6.34 1.63 -35.64
N TRP J 154 7.59 2.09 -35.76
CA TRP J 154 8.44 2.29 -34.59
C TRP J 154 7.87 3.29 -33.58
N LYS J 155 6.98 4.19 -33.98
CA LYS J 155 6.36 5.12 -33.04
C LYS J 155 5.25 4.40 -32.30
N THR J 156 5.58 3.83 -31.14
CA THR J 156 4.66 3.23 -30.18
C THR J 156 3.74 2.21 -30.86
N PRO J 157 4.24 1.03 -31.22
CA PRO J 157 3.33 -0.04 -31.62
C PRO J 157 2.59 -0.60 -30.42
N ALA J 158 1.32 -0.95 -30.63
CA ALA J 158 0.47 -1.40 -29.54
C ALA J 158 0.34 -2.91 -29.46
N PHE J 159 0.06 -3.58 -30.57
CA PHE J 159 -0.07 -5.03 -30.55
C PHE J 159 0.17 -5.60 -31.94
N PHE J 160 0.52 -6.89 -31.95
CA PHE J 160 0.53 -7.69 -33.17
C PHE J 160 -0.80 -8.43 -33.26
N LEU J 161 -1.31 -8.58 -34.48
CA LEU J 161 -2.55 -9.30 -34.71
C LEU J 161 -2.32 -10.38 -35.76
N THR J 162 -2.66 -11.62 -35.42
CA THR J 162 -2.47 -12.73 -36.34
C THR J 162 -3.38 -13.88 -35.90
N HIS J 163 -3.44 -14.90 -36.74
CA HIS J 163 -4.13 -16.14 -36.49
C HIS J 163 -3.36 -16.97 -35.46
N PRO J 164 -4.04 -17.79 -34.65
CA PRO J 164 -3.32 -18.65 -33.69
C PRO J 164 -2.29 -19.57 -34.34
N LEU J 165 -2.54 -20.02 -35.57
CA LEU J 165 -1.53 -20.79 -36.29
C LEU J 165 -0.27 -19.97 -36.51
N GLY J 166 -0.43 -18.67 -36.81
CA GLY J 166 0.73 -17.82 -36.96
C GLY J 166 1.49 -17.63 -35.65
N VAL J 167 0.76 -17.58 -34.53
CA VAL J 167 1.41 -17.51 -33.23
C VAL J 167 2.25 -18.76 -32.99
N ALA J 168 1.71 -19.93 -33.33
CA ALA J 168 2.48 -21.16 -33.17
C ALA J 168 3.71 -21.18 -34.07
N ALA J 169 3.57 -20.70 -35.31
CA ALA J 169 4.70 -20.69 -36.24
C ALA J 169 5.80 -19.75 -35.76
N PHE J 170 5.42 -18.58 -35.27
CA PHE J 170 6.41 -17.67 -34.69
C PHE J 170 7.09 -18.28 -33.48
N GLY J 171 6.32 -18.95 -32.61
CA GLY J 171 6.92 -19.60 -31.46
C GLY J 171 7.92 -20.67 -31.85
N ARG J 172 7.59 -21.45 -32.88
CA ARG J 172 8.53 -22.46 -33.36
C ARG J 172 9.82 -21.83 -33.87
N GLU J 173 9.70 -20.77 -34.66
CA GLU J 173 10.89 -20.13 -35.20
C GLU J 173 11.73 -19.51 -34.09
N CYS J 174 11.08 -18.97 -33.06
CA CYS J 174 11.81 -18.44 -31.92
C CYS J 174 12.53 -19.53 -31.14
N THR J 175 11.88 -20.69 -30.97
CA THR J 175 12.52 -21.79 -30.25
C THR J 175 13.72 -22.33 -31.01
N TYR J 176 13.64 -22.42 -32.35
CA TYR J 176 14.78 -22.90 -33.10
C TYR J 176 15.98 -21.97 -32.95
N ARG J 177 15.75 -20.69 -32.81
CA ARG J 177 16.83 -19.72 -32.66
C ARG J 177 17.32 -19.61 -31.23
N GLY J 178 16.73 -20.36 -30.30
CA GLY J 178 17.17 -20.33 -28.92
C GLY J 178 16.70 -19.12 -28.13
N VAL J 179 15.64 -18.45 -28.58
CA VAL J 179 15.16 -17.24 -27.94
C VAL J 179 13.74 -17.47 -27.40
N PRO J 180 13.55 -17.55 -26.09
CA PRO J 180 12.20 -17.64 -25.53
C PRO J 180 11.60 -16.27 -25.29
N PRO J 181 10.50 -15.94 -25.95
CA PRO J 181 9.84 -14.65 -25.71
C PRO J 181 9.00 -14.69 -24.44
N PRO J 182 8.98 -13.61 -23.67
CA PRO J 182 8.16 -13.57 -22.45
C PRO J 182 6.68 -13.44 -22.80
N THR J 183 5.84 -13.53 -21.78
CA THR J 183 4.41 -13.37 -21.93
C THR J 183 3.91 -12.30 -20.99
N VAL J 184 2.74 -11.76 -21.33
CA VAL J 184 2.07 -10.73 -20.54
C VAL J 184 0.66 -11.19 -20.26
N SER J 185 0.08 -10.69 -19.17
CA SER J 185 -1.28 -11.02 -18.77
C SER J 185 -2.21 -9.86 -19.09
N MET J 186 -3.30 -10.15 -19.80
CA MET J 186 -4.20 -9.09 -20.26
C MET J 186 -5.53 -9.71 -20.67
N TYR J 187 -6.62 -9.17 -20.13
CA TYR J 187 -8.00 -9.63 -20.41
C TYR J 187 -8.18 -11.11 -20.10
N GLY J 188 -7.55 -11.57 -19.02
CA GLY J 188 -7.66 -12.98 -18.67
C GLY J 188 -6.94 -13.92 -19.61
N ALA J 189 -5.93 -13.45 -20.32
CA ALA J 189 -5.22 -14.25 -21.30
C ALA J 189 -3.72 -14.03 -21.14
N GLN J 190 -2.94 -14.92 -21.75
CA GLN J 190 -1.50 -14.84 -21.77
C GLN J 190 -1.04 -14.60 -23.21
N PHE J 191 -0.26 -13.54 -23.40
CA PHE J 191 0.16 -13.11 -24.74
C PHE J 191 1.67 -13.16 -24.86
N ILE J 192 2.15 -13.79 -25.92
CA ILE J 192 3.56 -13.68 -26.29
C ILE J 192 3.86 -12.25 -26.71
N THR J 193 4.98 -11.72 -26.22
CA THR J 193 5.43 -10.38 -26.58
C THR J 193 6.76 -10.47 -27.33
N TRP J 194 6.88 -9.70 -28.40
CA TRP J 194 8.16 -9.49 -29.06
C TRP J 194 8.55 -8.02 -28.90
N ARG J 195 9.71 -7.78 -28.30
CA ARG J 195 10.17 -6.43 -27.97
C ARG J 195 9.12 -5.69 -27.14
N GLY J 196 8.46 -6.41 -26.24
CA GLY J 196 7.48 -5.83 -25.35
C GLY J 196 6.11 -5.62 -25.95
N ILE J 197 5.88 -6.01 -27.20
CA ILE J 197 4.62 -5.79 -27.89
C ILE J 197 3.84 -7.09 -27.91
N PRO J 198 2.62 -7.14 -27.37
CA PRO J 198 1.85 -8.39 -27.36
C PRO J 198 1.53 -8.88 -28.76
N ILE J 199 1.52 -10.20 -28.92
CA ILE J 199 1.07 -10.86 -30.14
C ILE J 199 -0.28 -11.49 -29.82
N VAL J 200 -1.33 -10.95 -30.42
CA VAL J 200 -2.72 -11.24 -30.04
C VAL J 200 -3.32 -12.17 -31.09
N PRO J 201 -3.89 -13.30 -30.69
CA PRO J 201 -4.47 -14.22 -31.67
C PRO J 201 -5.89 -13.82 -32.06
N SER J 202 -6.22 -14.00 -33.33
CA SER J 202 -7.54 -13.69 -33.84
C SER J 202 -7.84 -14.66 -34.97
N ASP J 203 -8.96 -15.38 -34.87
CA ASP J 203 -9.34 -16.33 -35.91
C ASP J 203 -9.98 -15.66 -37.11
N LYS J 204 -10.26 -14.35 -37.04
CA LYS J 204 -10.77 -13.63 -38.20
C LYS J 204 -9.67 -13.22 -39.16
N VAL J 205 -8.41 -13.38 -38.79
CA VAL J 205 -7.27 -13.14 -39.68
C VAL J 205 -7.19 -14.33 -40.63
N PRO J 206 -7.26 -14.11 -41.95
CA PRO J 206 -7.38 -15.23 -42.88
C PRO J 206 -6.12 -16.07 -42.97
N VAL J 207 -6.32 -17.36 -43.24
CA VAL J 207 -5.26 -18.30 -43.56
C VAL J 207 -5.65 -19.01 -44.85
N GLU J 208 -5.02 -18.64 -45.95
CA GLU J 208 -5.30 -19.24 -47.25
C GLU J 208 -4.02 -19.86 -47.80
N ASP J 209 -4.13 -21.09 -48.29
CA ASP J 209 -3.00 -21.81 -48.88
C ASP J 209 -1.85 -21.99 -47.88
N GLY J 210 -2.17 -22.02 -46.60
CA GLY J 210 -1.16 -22.14 -45.57
C GLY J 210 -0.43 -20.86 -45.24
N THR J 211 -0.90 -19.72 -45.71
CA THR J 211 -0.26 -18.43 -45.45
C THR J 211 -1.23 -17.51 -44.73
N THR J 212 -0.73 -16.83 -43.70
CA THR J 212 -1.50 -15.84 -42.95
C THR J 212 -0.77 -14.50 -43.02
N LYS J 213 -1.25 -13.55 -42.22
CA LYS J 213 -0.66 -12.22 -42.16
C LYS J 213 -0.35 -11.86 -40.71
N PHE J 214 0.62 -10.98 -40.54
CA PHE J 214 0.91 -10.32 -39.27
C PHE J 214 0.60 -8.84 -39.45
N VAL J 215 -0.09 -8.24 -38.48
CA VAL J 215 -0.48 -6.84 -38.53
C VAL J 215 0.04 -6.15 -37.28
N LEU J 216 0.78 -5.06 -37.48
CA LEU J 216 1.25 -4.21 -36.40
C LEU J 216 0.45 -2.92 -36.41
N VAL J 217 -0.08 -2.53 -35.25
CA VAL J 217 -1.06 -1.46 -35.14
C VAL J 217 -0.71 -0.57 -33.96
N ARG J 218 -0.77 0.75 -34.17
CA ARG J 218 -0.80 1.72 -33.08
C ARG J 218 -2.20 2.30 -32.99
N THR J 219 -2.80 2.25 -31.81
CA THR J 219 -4.16 2.71 -31.59
C THR J 219 -4.17 4.00 -30.79
N GLY J 220 -5.16 4.84 -31.06
CA GLY J 220 -5.34 6.07 -30.32
C GLY J 220 -5.60 7.27 -31.21
N GLU J 221 -6.45 8.17 -30.74
CA GLU J 221 -6.72 9.39 -31.48
C GLU J 221 -5.76 10.52 -31.13
N GLU J 222 -5.30 10.56 -29.89
CA GLU J 222 -4.38 11.59 -29.44
C GLU J 222 -2.92 11.26 -29.76
N ARG J 223 -2.66 10.12 -30.39
CA ARG J 223 -1.32 9.80 -30.88
C ARG J 223 -1.36 9.48 -32.37
N GLN J 224 -2.41 9.92 -33.08
CA GLN J 224 -2.54 9.76 -34.52
C GLN J 224 -2.45 8.29 -34.93
N GLY J 225 -3.23 7.45 -34.26
CA GLY J 225 -3.22 6.03 -34.52
C GLY J 225 -4.44 5.51 -35.24
N VAL J 226 -4.97 4.38 -34.77
CA VAL J 226 -6.13 3.73 -35.37
C VAL J 226 -7.26 3.73 -34.35
N VAL J 227 -8.45 4.18 -34.76
CA VAL J 227 -9.61 4.26 -33.89
C VAL J 227 -10.79 3.59 -34.57
N GLY J 228 -11.57 2.85 -33.81
CA GLY J 228 -12.87 2.41 -34.26
C GLY J 228 -13.95 3.43 -34.03
N LEU J 229 -15.00 3.36 -34.84
CA LEU J 229 -16.06 4.36 -34.85
C LEU J 229 -17.40 3.70 -34.57
N PHE J 230 -18.21 4.36 -33.74
CA PHE J 230 -19.56 3.89 -33.43
C PHE J 230 -20.49 5.10 -33.29
N GLN J 231 -21.78 4.82 -33.43
CA GLN J 231 -22.80 5.86 -33.37
C GLN J 231 -23.54 5.80 -32.05
N PRO J 232 -23.56 6.88 -31.26
CA PRO J 232 -24.29 6.86 -29.99
C PRO J 232 -25.71 7.37 -30.14
N GLY J 233 -26.47 7.22 -29.06
CA GLY J 233 -27.83 7.74 -29.02
C GLY J 233 -28.81 7.12 -30.00
N LEU J 234 -28.83 5.80 -30.07
CA LEU J 234 -29.73 5.08 -30.96
C LEU J 234 -30.94 4.56 -30.20
N VAL J 235 -31.94 4.11 -30.96
CA VAL J 235 -33.14 3.53 -30.38
C VAL J 235 -32.83 2.13 -29.88
N GLY J 236 -33.20 1.87 -28.63
CA GLY J 236 -32.95 0.58 -28.01
C GLY J 236 -31.48 0.25 -27.84
N GLU J 237 -30.68 1.22 -27.42
CA GLU J 237 -29.26 1.00 -27.26
C GLU J 237 -28.95 0.13 -26.05
N GLN J 238 -28.08 -0.86 -26.25
CA GLN J 238 -27.59 -1.71 -25.17
C GLN J 238 -26.09 -1.58 -24.97
N ALA J 239 -25.32 -1.70 -26.04
CA ALA J 239 -23.88 -1.53 -26.06
C ALA J 239 -23.53 -0.38 -27.00
N PRO J 240 -22.32 0.19 -26.89
CA PRO J 240 -21.92 1.27 -27.81
C PRO J 240 -22.17 0.92 -29.28
N GLY J 241 -23.05 1.67 -29.92
CA GLY J 241 -23.37 1.45 -31.31
C GLY J 241 -24.37 0.34 -31.57
N LEU J 242 -24.81 -0.37 -30.54
CA LEU J 242 -25.66 -1.55 -30.70
C LEU J 242 -27.09 -1.19 -30.35
N SER J 243 -28.01 -1.46 -31.27
CA SER J 243 -29.40 -1.09 -31.15
C SER J 243 -30.28 -2.31 -31.31
N VAL J 244 -31.22 -2.51 -30.39
CA VAL J 244 -32.23 -3.55 -30.48
C VAL J 244 -33.58 -2.86 -30.55
N ARG J 245 -34.36 -3.17 -31.60
CA ARG J 245 -35.65 -2.54 -31.78
C ARG J 245 -36.68 -3.58 -32.19
N PHE J 246 -37.90 -3.38 -31.74
CA PHE J 246 -38.98 -4.34 -31.92
C PHE J 246 -39.78 -3.95 -33.17
N THR J 247 -39.72 -4.79 -34.19
CA THR J 247 -40.36 -4.50 -35.48
C THR J 247 -41.71 -5.20 -35.59
N GLY J 248 -42.60 -4.86 -34.67
CA GLY J 248 -43.99 -5.27 -34.79
C GLY J 248 -44.22 -6.76 -34.64
N ILE J 249 -45.46 -7.14 -34.98
CA ILE J 249 -45.98 -8.49 -34.80
C ILE J 249 -46.66 -8.90 -36.10
N ASN J 250 -46.38 -10.11 -36.58
CA ASN J 250 -46.98 -10.62 -37.80
C ASN J 250 -48.27 -11.38 -37.47
N ARG J 251 -48.83 -12.09 -38.46
CA ARG J 251 -50.09 -12.78 -38.25
C ARG J 251 -49.93 -14.01 -37.37
N SER J 252 -48.78 -14.68 -37.44
CA SER J 252 -48.55 -15.90 -36.67
C SER J 252 -48.02 -15.61 -35.26
N ALA J 253 -48.15 -14.37 -34.80
CA ALA J 253 -47.67 -13.95 -33.47
C ALA J 253 -46.17 -14.18 -33.31
N ILE J 254 -45.43 -14.10 -34.41
CA ILE J 254 -43.98 -14.26 -34.39
C ILE J 254 -43.39 -12.86 -34.30
N ALA J 255 -43.02 -12.44 -33.09
CA ALA J 255 -42.40 -11.14 -32.88
C ALA J 255 -41.01 -11.11 -33.51
N SER J 256 -40.64 -9.93 -34.00
CA SER J 256 -39.36 -9.73 -34.65
C SER J 256 -38.58 -8.61 -33.97
N TYR J 257 -37.27 -8.77 -33.90
CA TYR J 257 -36.38 -7.75 -33.38
C TYR J 257 -35.29 -7.50 -34.42
N LEU J 258 -34.94 -6.24 -34.60
CA LEU J 258 -33.84 -5.85 -35.47
C LEU J 258 -32.67 -5.39 -34.60
N VAL J 259 -31.53 -6.03 -34.79
CA VAL J 259 -30.31 -5.73 -34.05
C VAL J 259 -29.30 -5.15 -35.02
N THR J 260 -28.78 -3.97 -34.71
CA THR J 260 -27.95 -3.21 -35.64
C THR J 260 -26.68 -2.72 -34.95
N LEU J 261 -25.60 -2.66 -35.73
CA LEU J 261 -24.31 -2.18 -35.26
C LEU J 261 -23.66 -1.39 -36.39
N TYR J 262 -23.57 -0.08 -36.23
CA TYR J 262 -22.92 0.78 -37.22
C TYR J 262 -21.45 0.93 -36.86
N THR J 263 -20.58 0.56 -37.79
CA THR J 263 -19.16 0.38 -37.52
C THR J 263 -18.32 0.94 -38.66
N SER J 264 -17.18 1.53 -38.30
CA SER J 264 -16.15 1.86 -39.26
C SER J 264 -14.83 1.96 -38.50
N LEU J 265 -13.74 2.02 -39.25
CA LEU J 265 -12.40 2.10 -38.70
C LEU J 265 -11.64 3.22 -39.40
N ALA J 266 -10.89 4.00 -38.62
CA ALA J 266 -10.16 5.15 -39.14
C ALA J 266 -8.68 5.01 -38.82
N VAL J 267 -7.84 5.28 -39.81
CA VAL J 267 -6.39 5.37 -39.63
C VAL J 267 -6.02 6.84 -39.80
N LEU J 268 -5.53 7.45 -38.72
CA LEU J 268 -5.26 8.89 -38.75
C LEU J 268 -3.96 9.19 -39.50
N THR J 269 -2.93 8.37 -39.31
CA THR J 269 -1.69 8.51 -40.03
C THR J 269 -1.32 7.16 -40.64
N ASP J 270 -0.70 7.21 -41.81
CA ASP J 270 -0.42 5.98 -42.56
C ASP J 270 0.59 5.09 -41.84
N ASP J 271 1.53 5.68 -41.11
CA ASP J 271 2.56 4.94 -40.40
C ASP J 271 2.07 4.36 -39.08
N ALA J 272 0.76 4.30 -38.87
CA ALA J 272 0.17 3.66 -37.71
C ALA J 272 -0.21 2.21 -37.96
N LEU J 273 0.10 1.68 -39.14
CA LEU J 273 -0.40 0.38 -39.56
C LEU J 273 0.57 -0.23 -40.57
N ALA J 274 1.04 -1.43 -40.29
CA ALA J 274 1.88 -2.17 -41.21
C ALA J 274 1.45 -3.63 -41.24
N VAL J 275 1.66 -4.27 -42.37
CA VAL J 275 1.23 -5.65 -42.59
C VAL J 275 2.41 -6.46 -43.11
N LEU J 276 2.64 -7.62 -42.50
CA LEU J 276 3.60 -8.59 -42.98
C LEU J 276 2.88 -9.67 -43.76
N ASP J 277 3.24 -9.83 -45.03
CA ASP J 277 2.56 -10.72 -45.96
C ASP J 277 3.34 -12.02 -46.16
N GLY J 278 2.63 -13.02 -46.66
CA GLY J 278 3.24 -14.29 -47.02
C GLY J 278 3.82 -15.07 -45.85
N VAL J 279 3.10 -15.15 -44.75
CA VAL J 279 3.57 -15.81 -43.54
C VAL J 279 3.16 -17.28 -43.60
N ALA J 280 4.14 -18.16 -43.79
CA ALA J 280 3.87 -19.59 -43.83
C ALA J 280 3.75 -20.14 -42.42
N VAL J 281 2.77 -21.02 -42.21
CA VAL J 281 2.44 -21.51 -40.89
C VAL J 281 2.62 -23.02 -40.76
N ASP J 282 3.27 -23.67 -41.72
CA ASP J 282 3.43 -25.11 -41.72
C ASP J 282 4.86 -25.51 -42.03
N GLN J 283 5.82 -24.88 -41.37
CA GLN J 283 7.23 -25.21 -41.53
C GLN J 283 7.80 -25.66 -40.20
N PHE J 284 8.58 -26.74 -40.23
CA PHE J 284 9.10 -27.38 -39.04
C PHE J 284 10.58 -27.64 -39.20
N HIS J 285 11.30 -27.62 -38.08
CA HIS J 285 12.74 -27.85 -38.07
C HIS J 285 13.03 -29.26 -37.58
N GLU J 286 14.16 -29.79 -38.05
CA GLU J 286 14.59 -31.12 -37.65
C GLU J 286 15.51 -31.05 -36.45
N TYR J 287 15.54 -32.12 -35.66
CA TYR J 287 16.26 -32.17 -34.40
C TYR J 287 16.78 -33.60 -34.22
N GLN J 288 17.13 -33.95 -32.98
CA GLN J 288 17.61 -35.29 -32.65
C GLN J 288 18.97 -35.55 -33.28
#